data_8H9P
#
_entry.id   8H9P
#
_cell.length_a   1.00
_cell.length_b   1.00
_cell.length_c   1.00
_cell.angle_alpha   90.00
_cell.angle_beta   90.00
_cell.angle_gamma   90.00
#
_symmetry.space_group_name_H-M   'P 1'
#
loop_
_entity.id
_entity.type
_entity.pdbx_description
1 polymer 'ATP synthase subunit alpha, mitochondrial'
2 polymer 'ATP synthase subunit beta, mitochondrial'
3 polymer 'ATP synthase subunit gamma, mitochondrial'
4 polymer 'ATP synthase subunit O, mitochondrial'
5 non-polymer "ADENOSINE-5'-TRIPHOSPHATE"
6 non-polymer 'MAGNESIUM ION'
7 non-polymer "ADENOSINE-5'-DIPHOSPHATE"
#
loop_
_entity_poly.entity_id
_entity_poly.type
_entity_poly.pdbx_seq_one_letter_code
_entity_poly.pdbx_strand_id
1 'polypeptide(L)'
;QKTGTAEMSSILEERILGADTSVDLEETGRVLSIGDGIARVHGLRNVQAEEMVEFSSGLKGMSLNLEPDNVGVVVFGNDK
LIKEGDIVKRTGAIVDVPVGEELLGRVVDALGNAIDGKGPIGSKTRRRVGLKAPGIIPRISVREPMQTGIKAVDSLVPIG
RGQRELIIGDRQTGKTSIAIDTIINQKRFNDGSDEKKKLYCIYVAIGQKRSTVAQLVKRLTDADAMKYTIVVSATASDAA
PLQYLAPYSGCSMGEYFRDNGKHALIIYDDLSKQAVAYRQMSLLLRRPPGREAYPGDVFYLHSRLLERAAKMNDAFGGGS
LTALPVIETQAGDVSAYIPTNVISITDGQIFLETELFYKGIRPAINVGLSVSRVGSAAQTRAMKQVAGTMKLELAQYREV
AAFAQFGSDLDAATQQLLSRGVRLTELLKQGQYSPMAIEEQVAVIYAGVRGYLDKLEPSKITKFENAFLSHVVSQHQALL
GTIRADGKISEQSDAKLKEIVTNFLAGFEA
;
A,B,C
2 'polypeptide(L)'
;AQTSPSPKAGAATGRIVAVIGAVVDVQFDEGLPPILNALEVQGRETRLVLEVAQHLGESTVRTIAMDGTEGLVRGQKVLD
SGAPIKIPVGPETLGRIMNVIGEPIDERGPIKTKQFAPIHAEAPEFMEMSVEQEILVTGIKVVDLLAPYAKGGKIGLFGG
AGVGKTVLIMELINNVAKAHGGYSVFAGVGERTREGNDLYHEMIESGVINLKDATSKVALVYGQMNEPPGARARVALTGL
TVAEYFRDQEGQDVLLFIDNIFRFTQAGSEVSALLGRIPSAVGYQPTLATDMGTMQERITTTKKGSITSVQAIYVPADDL
TDPAPATTFAHLDATTVLSRAIAELGIYPAVDPLDSTSRIMDPNIVGSEHYDVARGVQKILQDYKSLQDIIAILGMDELS
EEDKLTVSRARKIQRFLSQPFQVAEVFTGHMGKLVPLKETIKGFQQILAGEYDHLPEQAFYMVGPIEEAVAKADKLAEEH
SS
;
E,F,D
3 'polypeptide(L)'
;ATLKDITRRLKSIKNIQKITKSMKMVAAAKYARAERELKPARIYGLGSLALYEKADIKGPEDKKKHLLIGVSSDRGLCGA
IHSSIAKQMKSEVATLTAAGKEVMLVGIGDKIRGILYRTHSDQFLVAFKEVGRKPPTFGDASVIALELLNSGYEFDEGSI
IFNKFRSVISYKTEEKPIFSLNTVASADSMSIYDDIDADVLQNYQEYNLANIIYYSLKESTTSEQSARMTAMDNASKNAS
EMIDKLTLTFNRTRQAVITKELIEIISGAAALD
;
G
4 'polypeptide(L)'
;FAKLVRPPVQVYGIEGRYATALYSAASKQNKLEQVEKELLRVAQILKEPKVAASVLNPYVKRSIKVKSLNDITAKERFSP
LTTNLINLLAENGRLSNTQGVVSAFSTMMSVHRGEVPCTVTSASPLEEATLSELKTVLKSFLSQGQVLKLEAKTDPSILG
GMIVRIGEKYVDMSVKTKIQKLGRAMREIV
;
O
#
loop_
_chem_comp.id
_chem_comp.type
_chem_comp.name
_chem_comp.formula
ADP non-polymer ADENOSINE-5'-DIPHOSPHATE 'C10 H15 N5 O10 P2'
ATP non-polymer ADENOSINE-5'-TRIPHOSPHATE 'C10 H16 N5 O13 P3'
MG non-polymer 'MAGNESIUM ION' 'Mg 2'
#
# COMPACT_ATOMS: atom_id res chain seq x y z
N ASP A 24 47.36 -30.93 1.99
CA ASP A 24 46.01 -30.50 2.36
C ASP A 24 45.95 -28.99 2.59
N LEU A 25 46.14 -28.22 1.52
CA LEU A 25 46.08 -26.76 1.58
C LEU A 25 44.80 -26.28 0.90
N GLU A 26 44.06 -25.42 1.60
CA GLU A 26 42.80 -24.90 1.10
C GLU A 26 42.85 -23.38 1.12
N GLU A 27 42.34 -22.76 0.06
CA GLU A 27 42.23 -21.31 -0.02
C GLU A 27 41.18 -20.84 0.97
N THR A 28 41.51 -19.84 1.77
CA THR A 28 40.69 -19.47 2.91
C THR A 28 40.36 -17.98 2.88
N GLY A 29 39.69 -17.56 3.95
CA GLY A 29 39.39 -16.16 4.18
C GLY A 29 39.11 -15.92 5.65
N ARG A 30 39.06 -14.66 6.02
CA ARG A 30 38.75 -14.25 7.39
C ARG A 30 37.29 -13.81 7.46
N VAL A 31 36.77 -13.74 8.68
CA VAL A 31 35.39 -13.27 8.87
C VAL A 31 35.44 -11.80 9.29
N LEU A 32 35.03 -10.91 8.38
CA LEU A 32 34.94 -9.50 8.71
C LEU A 32 33.80 -9.25 9.69
N SER A 33 32.74 -10.04 9.60
CA SER A 33 31.57 -9.88 10.45
C SER A 33 30.74 -11.14 10.37
N ILE A 34 30.00 -11.41 11.44
CA ILE A 34 29.18 -12.60 11.57
C ILE A 34 27.88 -12.20 12.23
N GLY A 35 26.81 -12.97 11.98
CA GLY A 35 25.56 -12.72 12.66
C GLY A 35 24.33 -12.87 11.79
N ASP A 36 23.22 -13.28 12.40
CA ASP A 36 21.92 -13.37 11.74
C ASP A 36 21.96 -14.33 10.56
N GLY A 37 22.93 -15.25 10.56
CA GLY A 37 23.09 -16.16 9.45
C GLY A 37 23.89 -15.61 8.29
N ILE A 38 24.43 -14.40 8.41
CA ILE A 38 25.12 -13.71 7.32
C ILE A 38 26.53 -13.38 7.78
N ALA A 39 27.52 -13.97 7.12
CA ALA A 39 28.92 -13.73 7.42
C ALA A 39 29.57 -13.02 6.24
N ARG A 40 30.18 -11.87 6.50
CA ARG A 40 31.04 -11.23 5.52
C ARG A 40 32.42 -11.85 5.64
N VAL A 41 33.02 -12.21 4.51
CA VAL A 41 34.28 -12.93 4.49
C VAL A 41 35.27 -12.16 3.61
N HIS A 42 36.35 -11.69 4.23
CA HIS A 42 37.43 -11.06 3.51
C HIS A 42 38.37 -12.10 2.93
N GLY A 43 38.67 -11.95 1.65
CA GLY A 43 39.50 -12.91 0.96
C GLY A 43 38.68 -13.77 0.02
N LEU A 44 39.04 -15.05 -0.08
CA LEU A 44 38.33 -16.01 -0.93
C LEU A 44 38.29 -15.52 -2.38
N ARG A 45 39.43 -15.04 -2.87
CA ARG A 45 39.48 -14.40 -4.18
C ARG A 45 39.16 -15.36 -5.31
N ASN A 46 38.93 -16.64 -5.02
CA ASN A 46 38.59 -17.62 -6.05
C ASN A 46 37.31 -18.38 -5.73
N VAL A 47 36.56 -17.96 -4.72
CA VAL A 47 35.31 -18.63 -4.40
C VAL A 47 34.31 -18.39 -5.52
N GLN A 48 33.44 -19.37 -5.74
CA GLN A 48 32.40 -19.29 -6.75
C GLN A 48 31.09 -18.82 -6.13
N ALA A 49 30.23 -18.27 -6.97
CA ALA A 49 28.87 -17.97 -6.54
C ALA A 49 28.12 -19.26 -6.30
N GLU A 50 27.41 -19.33 -5.17
CA GLU A 50 26.66 -20.52 -4.76
C GLU A 50 27.58 -21.70 -4.44
N GLU A 51 28.80 -21.41 -4.01
CA GLU A 51 29.75 -22.45 -3.63
C GLU A 51 29.63 -22.72 -2.14
N MET A 52 29.87 -23.98 -1.76
CA MET A 52 29.84 -24.36 -0.35
C MET A 52 31.20 -24.11 0.28
N VAL A 53 31.22 -23.24 1.28
CA VAL A 53 32.39 -22.99 2.11
C VAL A 53 32.22 -23.77 3.40
N GLU A 54 33.34 -23.96 4.10
CA GLU A 54 33.37 -24.76 5.33
C GLU A 54 34.16 -23.99 6.37
N PHE A 55 33.53 -23.70 7.51
CA PHE A 55 34.15 -22.91 8.56
C PHE A 55 35.09 -23.77 9.40
N SER A 56 35.54 -23.20 10.52
CA SER A 56 36.38 -23.93 11.45
C SER A 56 35.56 -24.81 12.40
N SER A 57 34.41 -24.32 12.85
CA SER A 57 33.57 -25.07 13.77
C SER A 57 32.95 -26.31 13.15
N GLY A 58 33.23 -26.59 11.89
CA GLY A 58 32.58 -27.66 11.18
C GLY A 58 31.35 -27.24 10.39
N LEU A 59 30.82 -26.05 10.66
CA LEU A 59 29.64 -25.57 9.96
C LEU A 59 29.94 -25.33 8.48
N LYS A 60 28.95 -25.58 7.65
CA LYS A 60 29.03 -25.27 6.23
C LYS A 60 28.29 -23.97 5.93
N GLY A 61 28.45 -23.50 4.70
CA GLY A 61 27.76 -22.29 4.28
C GLY A 61 27.79 -22.17 2.78
N MET A 62 26.99 -21.23 2.27
CA MET A 62 26.91 -20.98 0.85
C MET A 62 27.28 -19.53 0.58
N SER A 63 28.23 -19.32 -0.33
CA SER A 63 28.65 -17.98 -0.70
C SER A 63 27.68 -17.45 -1.74
N LEU A 64 26.80 -16.55 -1.32
CA LEU A 64 25.76 -16.01 -2.19
C LEU A 64 26.15 -14.69 -2.85
N ASN A 65 26.70 -13.75 -2.09
CA ASN A 65 27.08 -12.46 -2.62
C ASN A 65 28.58 -12.45 -2.90
N LEU A 66 28.96 -12.12 -4.12
CA LEU A 66 30.36 -11.91 -4.46
C LEU A 66 30.54 -10.44 -4.75
N GLU A 67 31.23 -9.73 -3.86
CA GLU A 67 31.43 -8.31 -3.97
C GLU A 67 32.91 -8.00 -4.11
N PRO A 68 33.27 -6.83 -4.64
CA PRO A 68 34.69 -6.53 -4.89
C PRO A 68 35.59 -6.68 -3.68
N ASP A 69 35.09 -6.43 -2.46
CA ASP A 69 35.94 -6.43 -1.29
C ASP A 69 35.68 -7.56 -0.31
N ASN A 70 34.55 -8.28 -0.43
CA ASN A 70 34.23 -9.33 0.51
C ASN A 70 33.20 -10.26 -0.11
N VAL A 71 32.88 -11.32 0.61
CA VAL A 71 31.91 -12.33 0.17
C VAL A 71 30.83 -12.45 1.23
N GLY A 72 29.59 -12.29 0.81
CA GLY A 72 28.45 -12.53 1.69
C GLY A 72 28.05 -13.98 1.67
N VAL A 73 28.30 -14.68 2.78
CA VAL A 73 28.06 -16.11 2.92
C VAL A 73 26.88 -16.31 3.84
N VAL A 74 26.02 -17.25 3.51
CA VAL A 74 24.95 -17.67 4.39
C VAL A 74 25.37 -18.97 5.07
N VAL A 75 25.11 -19.09 6.37
CA VAL A 75 25.63 -20.20 7.16
C VAL A 75 24.51 -21.20 7.41
N PHE A 76 24.79 -22.48 7.16
CA PHE A 76 23.83 -23.55 7.38
C PHE A 76 23.98 -24.12 8.79
N GLY A 77 23.64 -23.28 9.76
CA GLY A 77 23.75 -23.63 11.17
C GLY A 77 23.45 -22.42 12.02
N ASN A 78 24.01 -22.42 13.23
CA ASN A 78 23.84 -21.32 14.17
C ASN A 78 25.11 -20.47 14.17
N ASP A 79 24.93 -19.16 14.27
CA ASP A 79 26.04 -18.23 14.19
C ASP A 79 26.75 -18.02 15.52
N LYS A 80 26.53 -18.90 16.50
CA LYS A 80 27.22 -18.76 17.78
C LYS A 80 28.57 -19.44 17.79
N LEU A 81 28.85 -20.31 16.82
CA LEU A 81 30.11 -21.02 16.76
C LEU A 81 31.18 -20.28 15.97
N ILE A 82 30.86 -19.11 15.43
CA ILE A 82 31.80 -18.32 14.65
C ILE A 82 32.00 -16.98 15.35
N LYS A 83 33.25 -16.55 15.46
CA LYS A 83 33.59 -15.22 15.95
C LYS A 83 34.38 -14.50 14.86
N GLU A 84 34.67 -13.23 15.13
CA GLU A 84 35.47 -12.43 14.20
C GLU A 84 36.82 -13.09 13.96
N GLY A 85 37.38 -12.86 12.78
CA GLY A 85 38.66 -13.41 12.43
C GLY A 85 38.67 -14.92 12.24
N ASP A 86 37.52 -15.58 12.33
CA ASP A 86 37.48 -17.03 12.17
C ASP A 86 37.83 -17.42 10.74
N ILE A 87 38.59 -18.49 10.61
CA ILE A 87 39.04 -18.96 9.31
C ILE A 87 37.89 -19.65 8.58
N VAL A 88 37.73 -19.33 7.30
CA VAL A 88 36.70 -19.92 6.46
C VAL A 88 37.40 -20.58 5.28
N LYS A 89 37.26 -21.90 5.17
CA LYS A 89 37.89 -22.65 4.09
C LYS A 89 36.94 -22.81 2.92
N ARG A 90 37.51 -23.01 1.75
CA ARG A 90 36.72 -23.40 0.59
C ARG A 90 36.43 -24.91 0.63
N THR A 91 35.62 -25.35 -0.31
CA THR A 91 35.47 -26.77 -0.62
C THR A 91 35.59 -27.07 -2.10
N GLY A 92 35.29 -26.11 -2.97
CA GLY A 92 35.44 -26.30 -4.40
C GLY A 92 34.23 -26.83 -5.11
N ALA A 93 33.09 -26.92 -4.44
CA ALA A 93 31.90 -27.52 -5.02
C ALA A 93 30.68 -26.63 -4.81
N ILE A 94 29.83 -26.59 -5.84
CA ILE A 94 28.49 -26.02 -5.68
C ILE A 94 27.76 -26.82 -4.60
N VAL A 95 26.88 -26.12 -3.87
CA VAL A 95 26.11 -26.78 -2.80
C VAL A 95 25.37 -27.97 -3.39
N ASP A 96 25.66 -29.15 -2.86
CA ASP A 96 25.02 -30.37 -3.31
C ASP A 96 24.68 -31.23 -2.10
N VAL A 97 23.78 -32.18 -2.31
CA VAL A 97 23.32 -33.06 -1.23
C VAL A 97 23.37 -34.51 -1.72
N PRO A 98 23.56 -35.48 -0.83
CA PRO A 98 23.63 -36.87 -1.28
C PRO A 98 22.26 -37.39 -1.64
N VAL A 99 22.20 -38.15 -2.74
CA VAL A 99 20.95 -38.73 -3.21
C VAL A 99 21.15 -40.24 -3.36
N GLY A 100 20.05 -40.94 -3.54
CA GLY A 100 20.07 -42.38 -3.70
C GLY A 100 18.95 -43.05 -2.94
N GLU A 101 18.84 -44.37 -3.07
CA GLU A 101 17.81 -45.11 -2.34
C GLU A 101 18.18 -45.29 -0.88
N GLU A 102 19.41 -44.94 -0.49
CA GLU A 102 19.84 -45.06 0.90
C GLU A 102 19.19 -44.02 1.81
N LEU A 103 18.42 -43.10 1.24
CA LEU A 103 17.72 -42.06 2.00
C LEU A 103 16.35 -42.50 2.47
N LEU A 104 15.74 -43.49 1.81
CA LEU A 104 14.37 -43.87 2.10
C LEU A 104 14.25 -44.38 3.53
N GLY A 105 13.34 -43.76 4.28
CA GLY A 105 13.13 -44.14 5.67
C GLY A 105 13.83 -43.26 6.67
N ARG A 106 14.69 -42.36 6.24
CA ARG A 106 15.47 -41.51 7.13
C ARG A 106 14.81 -40.15 7.28
N VAL A 107 15.20 -39.44 8.34
CA VAL A 107 14.86 -38.04 8.52
C VAL A 107 16.15 -37.25 8.48
N VAL A 108 16.29 -36.38 7.47
CA VAL A 108 17.51 -35.61 7.27
C VAL A 108 17.18 -34.14 7.41
N ASP A 109 18.23 -33.33 7.54
CA ASP A 109 18.09 -31.89 7.53
C ASP A 109 18.25 -31.38 6.10
N ALA A 110 18.36 -30.07 5.93
CA ALA A 110 18.39 -29.49 4.59
C ALA A 110 19.63 -29.88 3.81
N LEU A 111 20.65 -30.44 4.46
CA LEU A 111 21.89 -30.78 3.80
C LEU A 111 22.12 -32.28 3.69
N GLY A 112 21.14 -33.09 4.07
CA GLY A 112 21.28 -34.53 3.96
C GLY A 112 21.80 -35.23 5.20
N ASN A 113 22.24 -34.49 6.20
CA ASN A 113 22.77 -35.10 7.41
C ASN A 113 21.65 -35.65 8.27
N ALA A 114 21.71 -36.95 8.54
CA ALA A 114 20.61 -37.64 9.20
C ALA A 114 20.43 -37.14 10.62
N ILE A 115 19.21 -36.76 10.97
CA ILE A 115 18.86 -36.33 12.31
C ILE A 115 17.93 -37.30 13.00
N ASP A 116 17.75 -38.50 12.44
CA ASP A 116 16.98 -39.56 13.07
C ASP A 116 17.84 -40.40 14.01
N GLY A 117 19.14 -40.17 14.03
CA GLY A 117 20.03 -40.91 14.90
C GLY A 117 20.18 -42.38 14.55
N LYS A 118 20.13 -42.74 13.28
CA LYS A 118 20.23 -44.12 12.84
C LYS A 118 21.44 -44.37 11.94
N GLY A 119 22.55 -43.69 12.18
CA GLY A 119 23.76 -43.93 11.44
C GLY A 119 23.85 -43.10 10.18
N PRO A 120 25.04 -43.03 9.59
CA PRO A 120 25.23 -42.18 8.41
C PRO A 120 24.47 -42.69 7.21
N ILE A 121 24.12 -41.75 6.34
CA ILE A 121 23.46 -42.07 5.07
C ILE A 121 24.47 -42.77 4.18
N GLY A 122 24.18 -44.02 3.82
CA GLY A 122 25.11 -44.80 3.03
C GLY A 122 25.02 -44.54 1.53
N SER A 123 24.78 -43.30 1.15
CA SER A 123 24.67 -42.95 -0.26
C SER A 123 26.04 -42.75 -0.87
N LYS A 124 26.16 -43.07 -2.16
CA LYS A 124 27.42 -42.98 -2.88
C LYS A 124 27.49 -41.82 -3.86
N THR A 125 26.35 -41.24 -4.23
CA THR A 125 26.31 -40.18 -5.23
C THR A 125 25.66 -38.93 -4.66
N ARG A 126 26.10 -37.78 -5.14
CA ARG A 126 25.57 -36.49 -4.73
C ARG A 126 25.02 -35.75 -5.95
N ARG A 127 24.10 -34.83 -5.69
CA ARG A 127 23.46 -34.07 -6.75
C ARG A 127 23.32 -32.63 -6.30
N ARG A 128 23.49 -31.70 -7.24
CA ARG A 128 23.40 -30.29 -6.91
C ARG A 128 21.98 -29.89 -6.52
N VAL A 129 21.88 -28.89 -5.65
CA VAL A 129 20.56 -28.38 -5.29
C VAL A 129 20.01 -27.39 -6.30
N GLY A 130 20.88 -26.78 -7.11
CA GLY A 130 20.43 -25.79 -8.06
C GLY A 130 20.55 -26.22 -9.51
N LEU A 131 20.21 -27.47 -9.80
CA LEU A 131 20.24 -27.92 -11.17
C LEU A 131 19.11 -27.31 -11.97
N LYS A 132 19.24 -27.39 -13.30
CA LYS A 132 18.24 -26.87 -14.21
C LYS A 132 17.18 -27.92 -14.48
N ALA A 133 15.94 -27.46 -14.68
CA ALA A 133 14.85 -28.36 -14.98
C ALA A 133 14.98 -28.88 -16.40
N PRO A 134 14.37 -30.03 -16.71
CA PRO A 134 14.40 -30.53 -18.09
C PRO A 134 13.77 -29.55 -19.05
N GLY A 135 14.20 -29.60 -20.30
CA GLY A 135 13.74 -28.68 -21.32
C GLY A 135 12.38 -29.04 -21.86
N ILE A 136 12.18 -28.72 -23.15
CA ILE A 136 10.90 -29.01 -23.79
C ILE A 136 10.87 -30.45 -24.30
N ILE A 137 11.98 -30.92 -24.85
CA ILE A 137 12.03 -32.21 -25.54
C ILE A 137 11.89 -33.39 -24.57
N PRO A 138 12.60 -33.41 -23.42
CA PRO A 138 12.50 -34.60 -22.54
C PRO A 138 11.13 -34.82 -21.92
N ARG A 139 10.15 -33.97 -22.20
CA ARG A 139 8.87 -34.07 -21.52
C ARG A 139 7.82 -34.77 -22.39
N ILE A 140 6.82 -35.32 -21.71
CA ILE A 140 5.64 -35.88 -22.33
C ILE A 140 4.44 -35.41 -21.50
N SER A 141 3.25 -35.55 -22.08
CA SER A 141 2.05 -35.08 -21.41
C SER A 141 1.77 -35.92 -20.17
N VAL A 142 1.11 -35.29 -19.19
CA VAL A 142 0.72 -35.98 -17.97
C VAL A 142 -0.47 -36.87 -18.29
N ARG A 143 -0.30 -38.18 -18.09
CA ARG A 143 -1.37 -39.13 -18.37
C ARG A 143 -1.67 -40.09 -17.23
N GLU A 144 -0.68 -40.56 -16.50
CA GLU A 144 -0.97 -41.59 -15.51
C GLU A 144 -1.39 -40.96 -14.19
N PRO A 145 -2.40 -41.53 -13.54
CA PRO A 145 -2.93 -40.91 -12.32
C PRO A 145 -1.99 -41.04 -11.15
N MET A 146 -2.12 -40.10 -10.22
CA MET A 146 -1.41 -40.10 -8.94
C MET A 146 -2.47 -40.16 -7.86
N GLN A 147 -2.85 -41.37 -7.47
CA GLN A 147 -3.98 -41.56 -6.57
C GLN A 147 -3.62 -41.07 -5.16
N THR A 148 -4.46 -40.18 -4.63
CA THR A 148 -4.26 -39.66 -3.29
C THR A 148 -5.05 -40.44 -2.24
N GLY A 149 -6.25 -40.89 -2.57
CA GLY A 149 -7.10 -41.56 -1.63
C GLY A 149 -8.21 -40.70 -1.06
N ILE A 150 -8.19 -39.40 -1.31
CA ILE A 150 -9.28 -38.53 -0.91
C ILE A 150 -10.31 -38.49 -2.03
N LYS A 151 -11.55 -38.85 -1.70
CA LYS A 151 -12.60 -38.93 -2.72
C LYS A 151 -12.72 -37.63 -3.49
N ALA A 152 -12.74 -36.50 -2.80
CA ALA A 152 -12.87 -35.21 -3.47
C ALA A 152 -11.70 -34.94 -4.40
N VAL A 153 -10.47 -35.16 -3.93
CA VAL A 153 -9.31 -34.89 -4.75
C VAL A 153 -9.26 -35.84 -5.94
N ASP A 154 -9.40 -37.14 -5.69
CA ASP A 154 -9.25 -38.12 -6.77
C ASP A 154 -10.40 -38.04 -7.76
N SER A 155 -11.54 -37.48 -7.36
CA SER A 155 -12.69 -37.40 -8.24
C SER A 155 -12.76 -36.07 -8.99
N LEU A 156 -12.86 -34.96 -8.25
CA LEU A 156 -13.13 -33.66 -8.85
C LEU A 156 -11.88 -32.87 -9.18
N VAL A 157 -10.82 -32.99 -8.39
CA VAL A 157 -9.60 -32.22 -8.60
C VAL A 157 -8.45 -33.20 -8.83
N PRO A 158 -8.48 -33.98 -9.91
CA PRO A 158 -7.49 -35.06 -10.04
C PRO A 158 -6.09 -34.52 -10.18
N ILE A 159 -5.11 -35.38 -9.89
CA ILE A 159 -3.70 -35.06 -10.01
C ILE A 159 -3.05 -36.09 -10.92
N GLY A 160 -1.99 -35.70 -11.60
CA GLY A 160 -1.27 -36.63 -12.45
C GLY A 160 0.17 -36.79 -12.04
N ARG A 161 0.91 -37.65 -12.73
CA ARG A 161 2.31 -37.86 -12.41
C ARG A 161 3.16 -36.99 -13.32
N GLY A 162 3.86 -36.02 -12.72
CA GLY A 162 4.52 -34.96 -13.46
C GLY A 162 3.80 -33.63 -13.39
N GLN A 163 2.73 -33.55 -12.61
CA GLN A 163 1.97 -32.32 -12.44
C GLN A 163 2.41 -31.61 -11.16
N ARG A 164 2.19 -30.30 -11.14
CA ARG A 164 2.43 -29.49 -9.95
C ARG A 164 1.08 -28.98 -9.47
N GLU A 165 0.53 -29.62 -8.45
CA GLU A 165 -0.80 -29.30 -7.94
C GLU A 165 -0.66 -28.60 -6.61
N LEU A 166 -0.85 -27.28 -6.62
CA LEU A 166 -0.75 -26.49 -5.40
C LEU A 166 -1.82 -26.92 -4.39
N ILE A 167 -1.48 -26.85 -3.12
CA ILE A 167 -2.43 -27.04 -2.03
C ILE A 167 -2.41 -25.76 -1.20
N ILE A 168 -3.44 -24.94 -1.38
CA ILE A 168 -3.47 -23.59 -0.82
C ILE A 168 -4.61 -23.50 0.17
N GLY A 169 -4.41 -22.74 1.24
CA GLY A 169 -5.46 -22.58 2.22
C GLY A 169 -4.96 -21.81 3.42
N ASP A 170 -5.85 -21.64 4.38
CA ASP A 170 -5.50 -20.94 5.61
C ASP A 170 -4.75 -21.87 6.55
N ARG A 171 -4.55 -21.40 7.78
CA ARG A 171 -3.92 -22.24 8.79
C ARG A 171 -4.93 -23.22 9.38
N GLN A 172 -4.47 -24.43 9.65
CA GLN A 172 -5.29 -25.47 10.26
C GLN A 172 -6.55 -25.75 9.45
N THR A 173 -6.37 -26.18 8.19
CA THR A 173 -7.49 -26.55 7.34
C THR A 173 -7.35 -27.96 6.77
N GLY A 174 -6.23 -28.63 6.99
CA GLY A 174 -6.06 -29.98 6.49
C GLY A 174 -5.21 -30.05 5.24
N LYS A 175 -4.12 -29.27 5.20
CA LYS A 175 -3.18 -29.37 4.05
C LYS A 175 -2.21 -30.51 4.40
N THR A 176 -1.47 -30.37 5.50
CA THR A 176 -0.61 -31.45 5.96
C THR A 176 -1.34 -32.79 5.95
N SER A 177 -2.62 -32.79 6.29
CA SER A 177 -3.38 -34.04 6.33
C SER A 177 -3.58 -34.63 4.94
N ILE A 178 -3.84 -33.77 3.95
CA ILE A 178 -3.98 -34.27 2.58
C ILE A 178 -2.64 -34.80 2.08
N ALA A 179 -1.54 -34.14 2.45
CA ALA A 179 -0.24 -34.65 2.05
C ALA A 179 0.06 -35.99 2.71
N ILE A 180 -0.31 -36.14 3.99
CA ILE A 180 -0.06 -37.40 4.70
C ILE A 180 -0.91 -38.51 4.11
N ASP A 181 -2.17 -38.21 3.77
CA ASP A 181 -3.02 -39.22 3.14
C ASP A 181 -2.47 -39.63 1.78
N THR A 182 -2.00 -38.67 1.00
CA THR A 182 -1.41 -38.99 -0.29
C THR A 182 -0.16 -39.85 -0.14
N ILE A 183 0.65 -39.59 0.88
CA ILE A 183 1.84 -40.40 1.11
C ILE A 183 1.46 -41.80 1.55
N ILE A 184 0.52 -41.91 2.49
CA ILE A 184 0.10 -43.20 3.01
C ILE A 184 -0.52 -44.07 1.92
N ASN A 185 -1.31 -43.47 1.02
CA ASN A 185 -2.06 -44.25 0.05
C ASN A 185 -1.15 -45.09 -0.84
N GLN A 186 0.04 -44.59 -1.16
CA GLN A 186 0.89 -45.33 -2.10
C GLN A 186 1.44 -46.61 -1.51
N LYS A 187 1.03 -46.99 -0.30
CA LYS A 187 1.44 -48.27 0.26
C LYS A 187 0.95 -49.43 -0.58
N ARG A 188 -0.31 -49.36 -1.04
CA ARG A 188 -0.88 -50.46 -1.83
C ARG A 188 -0.09 -50.68 -3.11
N PHE A 189 0.50 -49.62 -3.67
CA PHE A 189 1.29 -49.78 -4.88
C PHE A 189 2.74 -50.11 -4.57
N ASN A 190 3.25 -49.69 -3.41
CA ASN A 190 4.64 -49.94 -3.07
C ASN A 190 4.86 -51.37 -2.58
N ASP A 191 4.07 -51.83 -1.61
CA ASP A 191 4.11 -53.22 -1.21
C ASP A 191 3.68 -54.16 -2.34
N GLY A 192 2.92 -53.66 -3.30
CA GLY A 192 2.48 -54.46 -4.42
C GLY A 192 3.64 -54.90 -5.30
N SER A 193 3.28 -55.47 -6.44
CA SER A 193 4.24 -56.07 -7.35
C SER A 193 4.62 -55.17 -8.52
N ASP A 194 3.73 -54.27 -8.94
CA ASP A 194 3.98 -53.43 -10.11
C ASP A 194 5.13 -52.48 -9.82
N GLU A 195 6.13 -52.47 -10.71
CA GLU A 195 7.25 -51.56 -10.54
C GLU A 195 6.98 -50.20 -11.15
N LYS A 196 6.05 -50.10 -12.11
CA LYS A 196 5.78 -48.84 -12.77
C LYS A 196 4.75 -47.99 -12.04
N LYS A 197 4.04 -48.56 -11.06
CA LYS A 197 3.07 -47.81 -10.27
C LYS A 197 3.59 -47.52 -8.87
N LYS A 198 4.86 -47.79 -8.58
CA LYS A 198 5.43 -47.44 -7.30
C LYS A 198 5.81 -45.96 -7.28
N LEU A 199 5.49 -45.29 -6.19
CA LEU A 199 5.70 -43.86 -6.05
C LEU A 199 6.41 -43.60 -4.74
N TYR A 200 7.65 -43.09 -4.82
CA TYR A 200 8.42 -42.79 -3.62
C TYR A 200 8.13 -41.38 -3.16
N CYS A 201 7.80 -41.22 -1.89
CA CYS A 201 7.37 -39.94 -1.35
C CYS A 201 8.54 -39.19 -0.73
N ILE A 202 8.39 -37.87 -0.66
CA ILE A 202 9.36 -36.96 -0.07
C ILE A 202 8.58 -35.82 0.56
N TYR A 203 8.85 -35.54 1.84
CA TYR A 203 8.09 -34.53 2.56
C TYR A 203 9.06 -33.50 3.12
N VAL A 204 9.24 -32.40 2.41
CA VAL A 204 10.06 -31.29 2.88
C VAL A 204 9.23 -30.48 3.86
N ALA A 205 9.71 -30.34 5.09
CA ALA A 205 9.05 -29.57 6.13
C ALA A 205 9.85 -28.30 6.35
N ILE A 206 9.21 -27.15 6.22
CA ILE A 206 9.87 -25.85 6.25
C ILE A 206 9.14 -24.97 7.25
N GLY A 207 9.83 -24.60 8.32
CA GLY A 207 9.25 -23.70 9.29
C GLY A 207 8.22 -24.33 10.21
N GLN A 208 8.28 -25.64 10.42
CA GLN A 208 7.36 -26.33 11.29
C GLN A 208 8.08 -26.77 12.56
N LYS A 209 7.34 -26.80 13.66
CA LYS A 209 7.89 -27.24 14.93
C LYS A 209 8.44 -28.66 14.81
N ARG A 210 9.51 -28.94 15.57
CA ARG A 210 10.08 -30.28 15.56
C ARG A 210 9.09 -31.30 16.10
N SER A 211 8.23 -30.89 17.04
CA SER A 211 7.23 -31.80 17.58
C SER A 211 6.28 -32.29 16.50
N THR A 212 5.87 -31.40 15.59
CA THR A 212 4.95 -31.80 14.54
C THR A 212 5.63 -32.73 13.54
N VAL A 213 6.92 -32.50 13.27
CA VAL A 213 7.65 -33.44 12.42
C VAL A 213 7.78 -34.79 13.09
N ALA A 214 7.92 -34.80 14.42
CA ALA A 214 7.96 -36.08 15.13
C ALA A 214 6.62 -36.81 15.04
N GLN A 215 5.51 -36.08 15.24
CA GLN A 215 4.20 -36.68 15.04
C GLN A 215 4.08 -37.23 13.62
N LEU A 216 4.59 -36.50 12.65
CA LEU A 216 4.45 -36.93 11.26
C LEU A 216 5.26 -38.19 10.99
N VAL A 217 6.45 -38.30 11.58
CA VAL A 217 7.27 -39.48 11.33
C VAL A 217 6.71 -40.69 12.06
N LYS A 218 6.19 -40.50 13.27
CA LYS A 218 5.57 -41.63 13.95
C LYS A 218 4.29 -42.06 13.26
N ARG A 219 3.58 -41.12 12.63
CA ARG A 219 2.38 -41.47 11.89
C ARG A 219 2.71 -42.18 10.59
N LEU A 220 3.84 -41.81 9.96
CA LEU A 220 4.23 -42.47 8.73
C LEU A 220 4.91 -43.80 9.00
N THR A 221 5.34 -44.05 10.23
CA THR A 221 5.90 -45.37 10.54
C THR A 221 4.83 -46.28 11.16
N ASP A 222 3.77 -45.71 11.73
CA ASP A 222 2.65 -46.52 12.18
C ASP A 222 1.90 -47.12 11.01
N ALA A 223 1.90 -46.44 9.87
CA ALA A 223 1.26 -46.93 8.65
C ALA A 223 2.23 -47.62 7.72
N ASP A 224 3.43 -47.97 8.21
CA ASP A 224 4.46 -48.62 7.39
C ASP A 224 4.73 -47.84 6.11
N ALA A 225 4.59 -46.52 6.16
CA ALA A 225 4.82 -45.65 5.02
C ALA A 225 6.22 -45.09 4.98
N MET A 226 6.93 -45.07 6.11
CA MET A 226 8.30 -44.60 6.12
C MET A 226 9.23 -45.52 5.34
N LYS A 227 8.77 -46.71 4.98
CA LYS A 227 9.60 -47.64 4.22
C LYS A 227 10.01 -47.07 2.87
N TYR A 228 9.31 -46.05 2.37
CA TYR A 228 9.55 -45.50 1.04
C TYR A 228 9.54 -43.98 1.03
N THR A 229 9.62 -43.34 2.20
CA THR A 229 9.49 -41.89 2.32
C THR A 229 10.80 -41.29 2.81
N ILE A 230 11.13 -40.11 2.28
CA ILE A 230 12.22 -39.29 2.79
C ILE A 230 11.59 -38.07 3.46
N VAL A 231 12.23 -37.57 4.50
CA VAL A 231 11.78 -36.37 5.20
C VAL A 231 12.96 -35.42 5.30
N VAL A 232 12.80 -34.22 4.75
CA VAL A 232 13.79 -33.17 4.86
C VAL A 232 13.21 -32.09 5.75
N SER A 233 13.75 -31.95 6.95
CA SER A 233 13.14 -31.11 7.98
C SER A 233 14.02 -29.89 8.21
N ALA A 234 13.50 -28.72 7.84
CA ALA A 234 14.10 -27.43 8.18
C ALA A 234 13.09 -26.71 9.06
N THR A 235 13.21 -26.91 10.37
CA THR A 235 12.18 -26.50 11.31
C THR A 235 12.24 -25.01 11.58
N ALA A 236 11.43 -24.54 12.53
CA ALA A 236 11.37 -23.11 12.82
C ALA A 236 12.63 -22.63 13.51
N SER A 237 13.25 -23.47 14.33
CA SER A 237 14.49 -23.10 15.00
C SER A 237 15.70 -23.25 14.10
N ASP A 238 15.52 -23.71 12.88
CA ASP A 238 16.62 -23.82 11.94
C ASP A 238 16.89 -22.47 11.28
N ALA A 239 18.15 -22.21 10.99
CA ALA A 239 18.54 -20.95 10.39
C ALA A 239 17.82 -20.73 9.07
N ALA A 240 17.57 -19.46 8.76
CA ALA A 240 16.90 -19.11 7.50
C ALA A 240 17.56 -19.71 6.27
N PRO A 241 18.90 -19.78 6.15
CA PRO A 241 19.46 -20.46 4.96
C PRO A 241 19.08 -21.91 4.87
N LEU A 242 18.90 -22.60 6.01
CA LEU A 242 18.50 -24.00 5.96
C LEU A 242 17.07 -24.14 5.46
N GLN A 243 16.16 -23.27 5.92
CA GLN A 243 14.79 -23.31 5.43
C GLN A 243 14.72 -22.89 3.97
N TYR A 244 15.65 -22.05 3.52
CA TYR A 244 15.70 -21.69 2.11
C TYR A 244 16.18 -22.85 1.26
N LEU A 245 17.17 -23.59 1.75
CA LEU A 245 17.77 -24.68 0.98
C LEU A 245 16.93 -25.96 0.97
N ALA A 246 16.21 -26.24 2.06
CA ALA A 246 15.52 -27.52 2.18
C ALA A 246 14.70 -27.93 0.96
N PRO A 247 13.85 -27.08 0.36
CA PRO A 247 13.09 -27.53 -0.80
C PRO A 247 13.96 -27.97 -1.96
N TYR A 248 15.10 -27.32 -2.16
CA TYR A 248 15.96 -27.70 -3.27
C TYR A 248 16.67 -29.01 -3.01
N SER A 249 17.09 -29.27 -1.77
CA SER A 249 17.63 -30.57 -1.42
C SER A 249 16.61 -31.67 -1.65
N GLY A 250 15.38 -31.44 -1.19
CA GLY A 250 14.33 -32.41 -1.43
C GLY A 250 14.06 -32.64 -2.90
N CYS A 251 14.03 -31.56 -3.69
CA CYS A 251 13.73 -31.70 -5.10
C CYS A 251 14.86 -32.40 -5.84
N SER A 252 16.09 -32.25 -5.37
CA SER A 252 17.20 -33.01 -5.96
C SER A 252 17.09 -34.49 -5.62
N MET A 253 16.78 -34.79 -4.35
CA MET A 253 16.56 -36.19 -3.97
C MET A 253 15.46 -36.82 -4.82
N GLY A 254 14.41 -36.07 -5.12
CA GLY A 254 13.38 -36.59 -6.00
C GLY A 254 13.78 -36.65 -7.46
N GLU A 255 14.56 -35.68 -7.91
CA GLU A 255 15.03 -35.66 -9.29
C GLU A 255 15.93 -36.86 -9.57
N TYR A 256 16.59 -37.40 -8.55
CA TYR A 256 17.36 -38.62 -8.74
C TYR A 256 16.49 -39.75 -9.27
N PHE A 257 15.41 -40.07 -8.53
CA PHE A 257 14.45 -41.07 -9.01
C PHE A 257 13.86 -40.67 -10.35
N ARG A 258 13.47 -39.40 -10.51
CA ARG A 258 12.82 -38.99 -11.75
C ARG A 258 13.71 -39.23 -12.96
N ASP A 259 15.02 -39.01 -12.83
CA ASP A 259 15.92 -39.20 -13.95
C ASP A 259 16.38 -40.64 -14.10
N ASN A 260 16.31 -41.46 -13.05
CA ASN A 260 16.71 -42.86 -13.17
C ASN A 260 15.52 -43.80 -13.26
N GLY A 261 14.44 -43.38 -13.90
CA GLY A 261 13.40 -44.29 -14.34
C GLY A 261 12.28 -44.55 -13.37
N LYS A 262 12.32 -44.00 -12.16
CA LYS A 262 11.31 -44.26 -11.16
C LYS A 262 10.40 -43.05 -11.00
N HIS A 263 9.38 -43.19 -10.15
CA HIS A 263 8.33 -42.20 -10.02
C HIS A 263 8.27 -41.70 -8.59
N ALA A 264 8.52 -40.41 -8.40
CA ALA A 264 8.56 -39.80 -7.09
C ALA A 264 7.45 -38.79 -6.93
N LEU A 265 7.28 -38.32 -5.70
CA LEU A 265 6.30 -37.32 -5.33
C LEU A 265 6.87 -36.51 -4.19
N ILE A 266 6.78 -35.19 -4.28
CA ILE A 266 7.40 -34.30 -3.30
C ILE A 266 6.39 -33.28 -2.81
N ILE A 267 6.35 -33.09 -1.49
CA ILE A 267 5.43 -32.16 -0.85
C ILE A 267 6.28 -31.13 -0.11
N TYR A 268 6.20 -29.87 -0.53
CA TYR A 268 6.84 -28.77 0.19
C TYR A 268 5.80 -28.18 1.14
N ASP A 269 5.99 -28.36 2.44
CA ASP A 269 5.07 -27.86 3.44
C ASP A 269 5.85 -26.97 4.39
N ASP A 270 5.86 -25.67 4.10
CA ASP A 270 5.22 -25.10 2.93
C ASP A 270 6.13 -24.08 2.25
N LEU A 271 5.69 -23.56 1.10
CA LEU A 271 6.54 -22.66 0.33
C LEU A 271 6.50 -21.23 0.84
N SER A 272 5.43 -20.83 1.53
CA SER A 272 5.37 -19.47 2.06
C SER A 272 6.49 -19.21 3.06
N LYS A 273 6.81 -20.20 3.89
CA LYS A 273 7.85 -20.00 4.89
C LYS A 273 9.24 -20.07 4.28
N GLN A 274 9.40 -20.84 3.20
CA GLN A 274 10.65 -20.79 2.46
C GLN A 274 10.84 -19.42 1.81
N ALA A 275 9.74 -18.82 1.34
CA ALA A 275 9.81 -17.46 0.82
C ALA A 275 10.17 -16.47 1.91
N VAL A 276 9.60 -16.63 3.10
CA VAL A 276 9.93 -15.75 4.22
C VAL A 276 11.40 -15.85 4.59
N ALA A 277 11.94 -17.08 4.61
CA ALA A 277 13.36 -17.26 4.90
C ALA A 277 14.22 -16.60 3.83
N TYR A 278 13.86 -16.76 2.55
CA TYR A 278 14.60 -16.10 1.49
C TYR A 278 14.51 -14.58 1.63
N ARG A 279 13.37 -14.06 2.06
CA ARG A 279 13.22 -12.63 2.24
C ARG A 279 14.15 -12.11 3.31
N GLN A 280 14.21 -12.80 4.45
CA GLN A 280 15.15 -12.37 5.49
C GLN A 280 16.59 -12.44 4.99
N MET A 281 16.95 -13.55 4.34
CA MET A 281 18.30 -13.66 3.79
C MET A 281 18.63 -12.50 2.87
N SER A 282 17.73 -12.15 1.96
CA SER A 282 18.01 -11.11 0.99
C SER A 282 18.09 -9.75 1.66
N LEU A 283 17.26 -9.52 2.67
CA LEU A 283 17.31 -8.24 3.37
C LEU A 283 18.60 -8.10 4.17
N LEU A 284 19.13 -9.20 4.68
CA LEU A 284 20.38 -9.14 5.43
C LEU A 284 21.60 -9.16 4.54
N LEU A 285 21.46 -9.62 3.30
CA LEU A 285 22.53 -9.50 2.32
C LEU A 285 22.52 -8.16 1.59
N ARG A 286 21.71 -7.21 2.06
CA ARG A 286 21.61 -5.87 1.47
C ARG A 286 21.18 -5.94 0.01
N ARG A 287 20.10 -6.67 -0.26
CA ARG A 287 19.55 -6.69 -1.60
C ARG A 287 18.28 -5.87 -1.66
N PRO A 288 18.02 -5.18 -2.77
CA PRO A 288 16.93 -4.22 -2.83
C PRO A 288 15.58 -4.91 -2.71
N PRO A 289 14.80 -4.58 -1.69
CA PRO A 289 13.49 -5.21 -1.53
C PRO A 289 12.53 -4.80 -2.63
N GLY A 290 11.48 -5.61 -2.78
CA GLY A 290 10.45 -5.34 -3.75
C GLY A 290 9.09 -5.24 -3.10
N ARG A 291 8.08 -5.86 -3.69
CA ARG A 291 6.75 -5.83 -3.11
C ARG A 291 6.70 -6.68 -1.85
N GLU A 292 6.13 -6.12 -0.79
CA GLU A 292 5.99 -6.80 0.50
C GLU A 292 7.34 -7.13 1.11
N ALA A 293 8.39 -6.43 0.65
CA ALA A 293 9.78 -6.57 1.08
C ALA A 293 10.46 -7.81 0.53
N TYR A 294 9.75 -8.64 -0.23
CA TYR A 294 10.42 -9.78 -0.86
C TYR A 294 11.44 -9.27 -1.87
N PRO A 295 12.50 -10.03 -2.11
CA PRO A 295 13.49 -9.64 -3.13
C PRO A 295 12.84 -9.56 -4.51
N GLY A 296 13.60 -9.01 -5.45
CA GLY A 296 13.09 -8.86 -6.81
C GLY A 296 12.89 -10.17 -7.55
N ASP A 297 13.46 -11.26 -7.04
CA ASP A 297 13.46 -12.54 -7.75
C ASP A 297 12.96 -13.69 -6.89
N VAL A 298 11.84 -13.50 -6.19
CA VAL A 298 11.24 -14.61 -5.48
C VAL A 298 10.40 -15.45 -6.43
N PHE A 299 9.86 -14.84 -7.49
CA PHE A 299 9.23 -15.61 -8.54
C PHE A 299 10.24 -16.52 -9.22
N TYR A 300 11.45 -16.00 -9.45
CA TYR A 300 12.52 -16.85 -9.96
C TYR A 300 12.78 -18.02 -9.04
N LEU A 301 12.89 -17.76 -7.74
CA LEU A 301 13.05 -18.81 -6.74
C LEU A 301 12.02 -19.92 -6.91
N HIS A 302 10.75 -19.56 -6.76
CA HIS A 302 9.71 -20.59 -6.73
C HIS A 302 9.54 -21.25 -8.09
N SER A 303 9.75 -20.52 -9.19
CA SER A 303 9.53 -21.11 -10.50
C SER A 303 10.66 -22.06 -10.88
N ARG A 304 11.90 -21.71 -10.55
CA ARG A 304 12.98 -22.65 -10.79
C ARG A 304 12.91 -23.85 -9.84
N LEU A 305 12.26 -23.68 -8.69
CA LEU A 305 12.03 -24.85 -7.84
C LEU A 305 10.96 -25.76 -8.44
N LEU A 306 9.86 -25.18 -8.92
CA LEU A 306 8.71 -25.98 -9.33
C LEU A 306 8.82 -26.53 -10.75
N GLU A 307 9.54 -25.88 -11.66
CA GLU A 307 9.62 -26.40 -13.01
C GLU A 307 10.42 -27.69 -13.10
N ARG A 308 11.08 -28.11 -12.02
CA ARG A 308 11.81 -29.36 -12.01
C ARG A 308 10.89 -30.56 -11.80
N ALA A 309 9.63 -30.34 -11.49
CA ALA A 309 8.65 -31.41 -11.37
C ALA A 309 8.09 -31.71 -12.75
N ALA A 310 8.68 -32.67 -13.44
CA ALA A 310 8.33 -32.96 -14.83
C ALA A 310 7.89 -34.39 -14.97
N LYS A 311 7.42 -34.73 -16.16
CA LYS A 311 7.09 -36.09 -16.56
C LYS A 311 7.85 -36.40 -17.83
N MET A 312 8.78 -37.35 -17.75
CA MET A 312 9.70 -37.60 -18.84
C MET A 312 9.07 -38.52 -19.88
N ASN A 313 9.84 -38.80 -20.92
CA ASN A 313 9.38 -39.68 -21.98
C ASN A 313 10.16 -41.00 -21.96
N ASP A 314 9.79 -41.91 -22.85
CA ASP A 314 10.40 -43.23 -22.90
C ASP A 314 11.83 -43.19 -23.43
N ALA A 315 12.20 -42.13 -24.15
CA ALA A 315 13.57 -42.00 -24.63
C ALA A 315 14.51 -41.51 -23.55
N PHE A 316 13.99 -41.10 -22.39
CA PHE A 316 14.81 -40.58 -21.30
C PHE A 316 14.66 -41.39 -20.03
N GLY A 317 13.69 -42.31 -19.99
CA GLY A 317 13.49 -43.18 -18.84
C GLY A 317 12.06 -43.28 -18.38
N GLY A 318 11.17 -42.39 -18.82
CA GLY A 318 9.79 -42.46 -18.43
C GLY A 318 9.50 -42.09 -16.99
N GLY A 319 10.47 -41.52 -16.28
CA GLY A 319 10.29 -41.18 -14.88
C GLY A 319 9.27 -40.07 -14.68
N SER A 320 9.13 -39.68 -13.42
CA SER A 320 8.15 -38.67 -13.05
C SER A 320 8.53 -38.06 -11.71
N LEU A 321 8.01 -36.85 -11.48
CA LEU A 321 8.20 -36.16 -10.21
C LEU A 321 7.04 -35.21 -10.02
N THR A 322 6.07 -35.61 -9.19
CA THR A 322 4.92 -34.78 -8.88
C THR A 322 5.26 -33.89 -7.70
N ALA A 323 4.97 -32.61 -7.83
CA ALA A 323 5.16 -31.65 -6.74
C ALA A 323 3.79 -31.22 -6.23
N LEU A 324 3.68 -31.11 -4.90
CA LEU A 324 2.46 -30.64 -4.25
C LEU A 324 2.83 -29.49 -3.31
N PRO A 325 3.22 -28.33 -3.86
CA PRO A 325 3.54 -27.19 -3.01
C PRO A 325 2.35 -26.77 -2.16
N VAL A 326 2.65 -26.33 -0.94
CA VAL A 326 1.63 -25.91 0.01
C VAL A 326 1.79 -24.41 0.24
N ILE A 327 0.66 -23.72 0.42
CA ILE A 327 0.65 -22.29 0.68
C ILE A 327 -0.33 -21.98 1.80
N GLU A 328 0.14 -21.25 2.81
CA GLU A 328 -0.72 -20.85 3.96
C GLU A 328 -1.08 -19.36 3.83
N THR A 329 -2.28 -19.06 3.36
CA THR A 329 -2.74 -17.69 3.18
C THR A 329 -3.21 -17.11 4.51
N GLN A 330 -3.66 -15.86 4.46
CA GLN A 330 -4.24 -15.19 5.62
C GLN A 330 -5.63 -14.71 5.25
N ALA A 331 -6.65 -15.41 5.74
CA ALA A 331 -8.05 -15.09 5.45
C ALA A 331 -8.35 -15.11 3.95
N GLY A 332 -8.09 -16.24 3.29
CA GLY A 332 -8.40 -16.39 1.89
C GLY A 332 -7.67 -15.46 0.95
N ASP A 333 -6.63 -14.78 1.43
CA ASP A 333 -5.93 -13.77 0.64
C ASP A 333 -5.03 -14.47 -0.38
N VAL A 334 -5.64 -15.01 -1.44
CA VAL A 334 -4.87 -15.54 -2.56
C VAL A 334 -4.40 -14.45 -3.50
N SER A 335 -4.75 -13.20 -3.24
CA SER A 335 -4.26 -12.08 -4.02
C SER A 335 -3.02 -11.44 -3.41
N ALA A 336 -2.38 -12.13 -2.47
CA ALA A 336 -1.10 -11.67 -1.95
C ALA A 336 -0.01 -11.93 -2.98
N TYR A 337 1.23 -11.62 -2.61
CA TYR A 337 2.34 -11.74 -3.55
C TYR A 337 2.70 -13.20 -3.79
N ILE A 338 3.09 -13.90 -2.74
CA ILE A 338 3.58 -15.27 -2.85
C ILE A 338 2.47 -16.22 -3.29
N PRO A 339 1.26 -16.13 -2.74
CA PRO A 339 0.18 -16.96 -3.29
C PRO A 339 -0.06 -16.73 -4.77
N THR A 340 -0.01 -15.47 -5.22
CA THR A 340 -0.22 -15.20 -6.64
C THR A 340 0.88 -15.82 -7.48
N ASN A 341 2.13 -15.68 -7.04
CA ASN A 341 3.24 -16.31 -7.76
C ASN A 341 3.04 -17.81 -7.87
N VAL A 342 2.83 -18.49 -6.73
CA VAL A 342 2.75 -19.94 -6.75
C VAL A 342 1.51 -20.42 -7.50
N ILE A 343 0.44 -19.63 -7.53
CA ILE A 343 -0.72 -19.98 -8.34
C ILE A 343 -0.39 -19.85 -9.82
N SER A 344 0.38 -18.82 -10.18
CA SER A 344 0.77 -18.64 -11.57
C SER A 344 1.70 -19.74 -12.05
N ILE A 345 2.51 -20.31 -11.15
CA ILE A 345 3.50 -21.29 -11.59
C ILE A 345 2.89 -22.68 -11.70
N THR A 346 1.94 -23.02 -10.83
CA THR A 346 1.49 -24.39 -10.71
C THR A 346 0.48 -24.74 -11.81
N ASP A 347 0.03 -26.00 -11.79
CA ASP A 347 -0.91 -26.53 -12.77
C ASP A 347 -2.31 -26.67 -12.19
N GLY A 348 -2.68 -25.80 -11.27
CA GLY A 348 -3.97 -25.91 -10.60
C GLY A 348 -3.81 -25.56 -9.14
N GLN A 349 -4.84 -25.92 -8.37
CA GLN A 349 -4.81 -25.69 -6.94
C GLN A 349 -5.88 -26.54 -6.27
N ILE A 350 -5.72 -26.74 -4.98
CA ILE A 350 -6.74 -27.34 -4.13
C ILE A 350 -6.99 -26.35 -3.00
N PHE A 351 -8.10 -25.64 -3.08
CA PHE A 351 -8.40 -24.59 -2.12
C PHE A 351 -9.18 -25.16 -0.94
N LEU A 352 -8.57 -25.14 0.23
CA LEU A 352 -9.22 -25.51 1.48
C LEU A 352 -9.75 -24.25 2.15
N GLU A 353 -10.73 -24.41 3.02
CA GLU A 353 -11.42 -23.29 3.65
C GLU A 353 -11.59 -23.53 5.14
N THR A 354 -11.70 -22.45 5.90
CA THR A 354 -12.04 -22.58 7.31
C THR A 354 -13.55 -22.63 7.51
N GLU A 355 -14.32 -22.05 6.59
CA GLU A 355 -15.76 -22.13 6.67
C GLU A 355 -16.26 -23.54 6.39
N LEU A 356 -15.69 -24.19 5.38
CA LEU A 356 -16.00 -25.61 5.17
C LEU A 356 -15.47 -26.45 6.31
N PHE A 357 -14.34 -26.06 6.89
CA PHE A 357 -13.76 -26.82 7.99
C PHE A 357 -14.62 -26.72 9.24
N TYR A 358 -15.40 -25.64 9.36
CA TYR A 358 -16.34 -25.53 10.47
C TYR A 358 -17.73 -26.03 10.13
N LYS A 359 -18.22 -25.80 8.91
CA LYS A 359 -19.58 -26.20 8.57
C LYS A 359 -19.71 -27.71 8.38
N GLY A 360 -18.68 -28.48 8.70
CA GLY A 360 -18.78 -29.92 8.73
C GLY A 360 -18.02 -30.65 7.65
N ILE A 361 -17.61 -29.97 6.58
CA ILE A 361 -16.89 -30.62 5.50
C ILE A 361 -15.44 -30.80 5.95
N ARG A 362 -15.03 -32.06 6.14
CA ARG A 362 -13.63 -32.40 6.34
C ARG A 362 -13.35 -33.68 5.56
N PRO A 363 -12.48 -33.64 4.54
CA PRO A 363 -11.62 -32.54 4.10
C PRO A 363 -12.37 -31.35 3.51
N ALA A 364 -12.03 -30.16 3.98
CA ALA A 364 -12.71 -28.94 3.62
C ALA A 364 -12.26 -28.42 2.25
N ILE A 365 -12.39 -29.25 1.22
CA ILE A 365 -11.99 -28.86 -0.12
C ILE A 365 -13.09 -28.01 -0.74
N ASN A 366 -12.73 -26.86 -1.28
CA ASN A 366 -13.66 -26.01 -2.00
C ASN A 366 -13.66 -26.43 -3.46
N VAL A 367 -14.79 -26.97 -3.93
CA VAL A 367 -14.81 -27.61 -5.24
C VAL A 367 -14.86 -26.57 -6.35
N GLY A 368 -15.53 -25.44 -6.12
CA GLY A 368 -15.66 -24.44 -7.16
C GLY A 368 -14.34 -23.75 -7.47
N LEU A 369 -13.62 -23.34 -6.43
CA LEU A 369 -12.36 -22.65 -6.62
C LEU A 369 -11.23 -23.59 -7.03
N SER A 370 -11.23 -24.82 -6.54
CA SER A 370 -10.19 -25.77 -6.92
C SER A 370 -10.30 -26.12 -8.39
N VAL A 371 -9.15 -26.46 -8.99
CA VAL A 371 -9.09 -26.75 -10.43
C VAL A 371 -7.85 -27.58 -10.70
N SER A 372 -7.89 -28.33 -11.81
CA SER A 372 -6.74 -29.08 -12.30
C SER A 372 -6.64 -28.83 -13.80
N ARG A 373 -5.55 -28.20 -14.23
CA ARG A 373 -5.39 -27.88 -15.64
C ARG A 373 -5.12 -29.10 -16.50
N VAL A 374 -4.59 -30.18 -15.93
CA VAL A 374 -4.51 -31.44 -16.65
C VAL A 374 -5.83 -32.20 -16.52
N GLY A 375 -6.27 -32.44 -15.30
CA GLY A 375 -7.61 -32.92 -15.04
C GLY A 375 -7.93 -34.29 -15.60
N SER A 376 -8.79 -34.32 -16.63
CA SER A 376 -9.28 -35.57 -17.18
C SER A 376 -8.15 -36.47 -17.67
N ALA A 377 -7.06 -35.90 -18.17
CA ALA A 377 -5.95 -36.71 -18.64
C ALA A 377 -5.31 -37.53 -17.54
N ALA A 378 -5.57 -37.20 -16.27
CA ALA A 378 -4.94 -37.86 -15.13
C ALA A 378 -5.92 -38.71 -14.34
N GLN A 379 -6.84 -39.40 -15.03
CA GLN A 379 -7.80 -40.27 -14.39
C GLN A 379 -7.91 -41.58 -15.16
N THR A 380 -8.16 -42.67 -14.44
CA THR A 380 -8.57 -43.91 -15.06
C THR A 380 -9.99 -43.76 -15.59
N ARG A 381 -10.37 -44.69 -16.47
CA ARG A 381 -11.63 -44.54 -17.19
C ARG A 381 -12.84 -44.64 -16.26
N ALA A 382 -12.78 -45.50 -15.25
CA ALA A 382 -13.92 -45.63 -14.34
C ALA A 382 -14.17 -44.34 -13.57
N MET A 383 -13.12 -43.82 -12.94
CA MET A 383 -13.27 -42.56 -12.22
C MET A 383 -13.69 -41.43 -13.13
N LYS A 384 -13.27 -41.45 -14.39
CA LYS A 384 -13.71 -40.43 -15.34
C LYS A 384 -15.20 -40.56 -15.61
N GLN A 385 -15.66 -41.78 -15.90
CA GLN A 385 -17.08 -42.04 -16.14
C GLN A 385 -17.93 -41.52 -15.01
N VAL A 386 -17.56 -41.82 -13.77
CA VAL A 386 -18.42 -41.42 -12.67
C VAL A 386 -18.20 -39.93 -12.31
N ALA A 387 -17.00 -39.40 -12.53
CA ALA A 387 -16.66 -38.08 -12.05
C ALA A 387 -17.19 -36.99 -12.96
N GLY A 388 -17.30 -37.23 -14.26
CA GLY A 388 -17.99 -36.27 -15.11
C GLY A 388 -19.38 -35.96 -14.60
N THR A 389 -20.18 -37.00 -14.38
CA THR A 389 -21.54 -36.82 -13.88
C THR A 389 -21.52 -36.19 -12.50
N MET A 390 -20.62 -36.64 -11.61
CA MET A 390 -20.59 -36.07 -10.27
C MET A 390 -20.28 -34.58 -10.30
N LYS A 391 -19.27 -34.18 -11.05
CA LYS A 391 -18.87 -32.78 -11.11
C LYS A 391 -19.95 -31.92 -11.73
N LEU A 392 -20.61 -32.43 -12.78
CA LEU A 392 -21.70 -31.67 -13.39
C LEU A 392 -22.85 -31.47 -12.41
N GLU A 393 -23.24 -32.54 -11.71
CA GLU A 393 -24.33 -32.41 -10.74
C GLU A 393 -23.94 -31.51 -9.58
N LEU A 394 -22.67 -31.51 -9.19
CA LEU A 394 -22.24 -30.64 -8.11
C LEU A 394 -22.22 -29.18 -8.53
N ALA A 395 -21.85 -28.91 -9.79
CA ALA A 395 -22.00 -27.56 -10.32
C ALA A 395 -23.46 -27.13 -10.30
N GLN A 396 -24.36 -28.01 -10.75
CA GLN A 396 -25.78 -27.69 -10.73
C GLN A 396 -26.29 -27.48 -9.32
N TYR A 397 -25.66 -28.12 -8.33
CA TYR A 397 -26.05 -27.91 -6.95
C TYR A 397 -25.56 -26.57 -6.43
N ARG A 398 -24.32 -26.20 -6.76
CA ARG A 398 -23.75 -24.97 -6.24
C ARG A 398 -24.37 -23.74 -6.89
N GLU A 399 -24.77 -23.85 -8.16
CA GLU A 399 -25.38 -22.71 -8.83
C GLU A 399 -26.70 -22.32 -8.18
N VAL A 400 -27.25 -23.18 -7.33
CA VAL A 400 -28.53 -22.94 -6.67
C VAL A 400 -28.45 -23.17 -5.16
N ALA A 401 -27.25 -23.41 -4.63
CA ALA A 401 -27.12 -23.81 -3.23
C ALA A 401 -27.60 -22.75 -2.26
N ALA A 402 -27.59 -21.48 -2.65
CA ALA A 402 -28.06 -20.42 -1.75
C ALA A 402 -29.56 -20.47 -1.57
N PHE A 403 -30.28 -21.12 -2.48
CA PHE A 403 -31.73 -21.22 -2.43
C PHE A 403 -32.21 -22.15 -1.32
N ALA A 404 -31.31 -22.81 -0.60
CA ALA A 404 -31.71 -23.67 0.49
C ALA A 404 -32.24 -22.85 1.66
N GLN A 405 -32.81 -23.55 2.64
CA GLN A 405 -33.53 -23.07 3.81
C GLN A 405 -34.92 -22.54 3.42
N PHE A 406 -35.21 -22.43 2.12
CA PHE A 406 -36.57 -22.27 1.62
C PHE A 406 -36.88 -23.23 0.48
N GLY A 407 -36.24 -24.40 0.43
CA GLY A 407 -36.40 -25.28 -0.71
C GLY A 407 -37.81 -25.77 -0.91
N SER A 408 -38.57 -25.87 0.18
CA SER A 408 -39.97 -26.31 0.10
C SER A 408 -40.81 -25.43 -0.81
N ASP A 409 -40.33 -24.25 -1.19
CA ASP A 409 -41.09 -23.28 -1.95
C ASP A 409 -40.38 -22.97 -3.28
N LEU A 410 -39.94 -24.00 -3.99
CA LEU A 410 -39.33 -23.82 -5.30
C LEU A 410 -39.54 -25.10 -6.10
N ASP A 411 -39.08 -25.09 -7.36
CA ASP A 411 -39.40 -26.15 -8.30
C ASP A 411 -38.87 -27.50 -7.82
N ALA A 412 -39.59 -28.55 -8.19
CA ALA A 412 -39.25 -29.89 -7.71
C ALA A 412 -37.97 -30.43 -8.34
N ALA A 413 -37.68 -30.06 -9.59
CA ALA A 413 -36.42 -30.48 -10.20
C ALA A 413 -35.23 -29.81 -9.52
N THR A 414 -35.36 -28.52 -9.22
CA THR A 414 -34.32 -27.84 -8.45
C THR A 414 -34.24 -28.38 -7.03
N GLN A 415 -35.38 -28.82 -6.47
CA GLN A 415 -35.31 -29.46 -5.16
C GLN A 415 -34.56 -30.77 -5.21
N GLN A 416 -34.76 -31.56 -6.26
CA GLN A 416 -33.97 -32.79 -6.42
C GLN A 416 -32.51 -32.46 -6.63
N LEU A 417 -32.22 -31.38 -7.35
CA LEU A 417 -30.83 -30.93 -7.48
C LEU A 417 -30.22 -30.63 -6.13
N LEU A 418 -30.93 -29.88 -5.28
CA LEU A 418 -30.42 -29.56 -3.96
C LEU A 418 -30.22 -30.82 -3.12
N SER A 419 -31.19 -31.74 -3.16
CA SER A 419 -31.09 -32.94 -2.35
C SER A 419 -29.92 -33.82 -2.79
N ARG A 420 -29.80 -34.04 -4.10
CA ARG A 420 -28.69 -34.84 -4.62
C ARG A 420 -27.35 -34.15 -4.35
N GLY A 421 -27.34 -32.81 -4.37
CA GLY A 421 -26.12 -32.11 -4.03
C GLY A 421 -25.69 -32.33 -2.60
N VAL A 422 -26.63 -32.22 -1.65
CA VAL A 422 -26.30 -32.52 -0.27
C VAL A 422 -25.83 -33.97 -0.14
N ARG A 423 -26.48 -34.89 -0.84
CA ARG A 423 -26.08 -36.29 -0.82
C ARG A 423 -24.63 -36.44 -1.25
N LEU A 424 -24.27 -35.84 -2.39
CA LEU A 424 -22.91 -35.96 -2.89
C LEU A 424 -21.90 -35.28 -1.96
N THR A 425 -22.21 -34.09 -1.47
CA THR A 425 -21.27 -33.40 -0.59
C THR A 425 -20.97 -34.23 0.65
N GLU A 426 -21.99 -34.87 1.22
CA GLU A 426 -21.70 -35.77 2.33
C GLU A 426 -21.05 -37.06 1.87
N LEU A 427 -21.20 -37.43 0.61
CA LEU A 427 -20.42 -38.52 0.04
C LEU A 427 -18.96 -38.13 -0.13
N LEU A 428 -18.65 -36.85 0.00
CA LEU A 428 -17.27 -36.38 -0.16
C LEU A 428 -16.51 -36.28 1.15
N LYS A 429 -17.19 -36.27 2.29
CA LYS A 429 -16.50 -36.28 3.56
C LYS A 429 -15.74 -37.59 3.75
N GLN A 430 -14.67 -37.53 4.54
CA GLN A 430 -13.80 -38.68 4.69
C GLN A 430 -12.97 -38.52 5.94
N GLY A 431 -12.72 -39.64 6.63
CA GLY A 431 -11.93 -39.61 7.83
C GLY A 431 -10.45 -39.47 7.55
N GLN A 432 -9.68 -39.38 8.63
CA GLN A 432 -8.25 -39.11 8.52
C GLN A 432 -7.45 -40.40 8.47
N TYR A 433 -6.37 -40.39 7.69
CA TYR A 433 -5.41 -41.49 7.57
C TYR A 433 -6.05 -42.75 6.98
N SER A 434 -7.12 -42.60 6.21
CA SER A 434 -7.81 -43.74 5.59
C SER A 434 -7.99 -43.46 4.10
N PRO A 435 -6.91 -43.57 3.32
CA PRO A 435 -7.04 -43.33 1.88
C PRO A 435 -7.61 -44.53 1.15
N MET A 436 -8.74 -44.31 0.50
CA MET A 436 -9.49 -45.36 -0.17
C MET A 436 -8.82 -45.76 -1.48
N ALA A 437 -8.93 -47.04 -1.81
CA ALA A 437 -8.46 -47.51 -3.11
C ALA A 437 -9.34 -46.94 -4.21
N ILE A 438 -8.81 -46.95 -5.44
CA ILE A 438 -9.49 -46.29 -6.54
C ILE A 438 -10.80 -47.00 -6.89
N GLU A 439 -10.79 -48.33 -6.96
CA GLU A 439 -12.00 -49.05 -7.33
C GLU A 439 -13.09 -48.87 -6.27
N GLU A 440 -12.72 -48.83 -4.99
CA GLU A 440 -13.72 -48.57 -3.97
C GLU A 440 -14.25 -47.14 -4.08
N GLN A 441 -13.38 -46.20 -4.46
CA GLN A 441 -13.81 -44.83 -4.70
C GLN A 441 -14.88 -44.79 -5.79
N VAL A 442 -14.59 -45.39 -6.94
CA VAL A 442 -15.54 -45.34 -8.04
C VAL A 442 -16.81 -46.10 -7.68
N ALA A 443 -16.68 -47.15 -6.87
CA ALA A 443 -17.87 -47.88 -6.42
C ALA A 443 -18.79 -47.00 -5.58
N VAL A 444 -18.25 -46.33 -4.57
CA VAL A 444 -19.11 -45.53 -3.70
C VAL A 444 -19.64 -44.30 -4.43
N ILE A 445 -18.82 -43.69 -5.28
CA ILE A 445 -19.32 -42.55 -6.04
C ILE A 445 -20.42 -42.98 -7.01
N TYR A 446 -20.29 -44.18 -7.60
CA TYR A 446 -21.35 -44.73 -8.42
C TYR A 446 -22.63 -44.90 -7.61
N ALA A 447 -22.53 -45.56 -6.45
CA ALA A 447 -23.71 -45.74 -5.60
C ALA A 447 -24.28 -44.41 -5.14
N GLY A 448 -23.50 -43.34 -5.22
CA GLY A 448 -23.99 -42.03 -4.82
C GLY A 448 -24.64 -41.22 -5.91
N VAL A 449 -24.11 -41.30 -7.14
CA VAL A 449 -24.58 -40.41 -8.21
C VAL A 449 -25.73 -40.98 -9.01
N ARG A 450 -25.99 -42.29 -8.90
CA ARG A 450 -27.07 -42.89 -9.67
C ARG A 450 -28.44 -42.73 -9.02
N GLY A 451 -28.57 -41.84 -8.03
CA GLY A 451 -29.85 -41.58 -7.41
C GLY A 451 -30.18 -42.48 -6.24
N TYR A 452 -29.39 -43.52 -5.99
CA TYR A 452 -29.67 -44.49 -4.94
C TYR A 452 -29.75 -43.87 -3.56
N LEU A 453 -29.31 -42.63 -3.37
CA LEU A 453 -29.34 -42.01 -2.06
C LEU A 453 -30.36 -40.88 -1.97
N ASP A 454 -31.10 -40.61 -3.06
CA ASP A 454 -32.18 -39.63 -2.96
C ASP A 454 -33.30 -40.15 -2.06
N LYS A 455 -33.27 -41.44 -1.72
CA LYS A 455 -34.20 -41.99 -0.76
C LYS A 455 -33.69 -41.90 0.66
N LEU A 456 -32.38 -42.04 0.87
CA LEU A 456 -31.80 -41.93 2.19
C LEU A 456 -31.60 -40.47 2.57
N GLU A 457 -31.94 -40.15 3.80
CA GLU A 457 -31.76 -38.77 4.21
C GLU A 457 -30.28 -38.50 4.51
N PRO A 458 -29.85 -37.23 4.54
CA PRO A 458 -28.40 -36.97 4.57
C PRO A 458 -27.70 -37.43 5.85
N SER A 459 -28.38 -37.38 7.00
CA SER A 459 -27.73 -37.71 8.27
C SER A 459 -27.28 -39.16 8.35
N LYS A 460 -27.58 -39.98 7.34
CA LYS A 460 -27.23 -41.39 7.36
C LYS A 460 -26.27 -41.79 6.25
N ILE A 461 -25.79 -40.83 5.45
CA ILE A 461 -24.97 -41.17 4.29
C ILE A 461 -23.62 -41.71 4.74
N THR A 462 -23.12 -41.24 5.87
CA THR A 462 -21.84 -41.76 6.37
C THR A 462 -21.98 -43.20 6.85
N LYS A 463 -23.01 -43.48 7.63
CA LYS A 463 -23.33 -44.86 8.02
C LYS A 463 -23.43 -45.74 6.79
N PHE A 464 -24.19 -45.28 5.79
CA PHE A 464 -24.33 -46.06 4.56
C PHE A 464 -22.97 -46.32 3.95
N GLU A 465 -22.28 -45.26 3.50
CA GLU A 465 -20.98 -45.40 2.86
C GLU A 465 -20.08 -46.39 3.60
N ASN A 466 -19.98 -46.26 4.92
CA ASN A 466 -19.15 -47.18 5.69
C ASN A 466 -19.60 -48.63 5.52
N ALA A 467 -20.85 -48.92 5.88
CA ALA A 467 -21.33 -50.29 5.86
C ALA A 467 -21.30 -50.87 4.44
N PHE A 468 -21.74 -50.08 3.47
CA PHE A 468 -21.77 -50.52 2.08
C PHE A 468 -20.38 -50.83 1.56
N LEU A 469 -19.41 -49.97 1.87
CA LEU A 469 -18.05 -50.21 1.38
C LEU A 469 -17.47 -51.47 2.03
N SER A 470 -17.74 -51.65 3.32
CA SER A 470 -17.29 -52.88 3.97
C SER A 470 -17.92 -54.11 3.31
N HIS A 471 -19.22 -54.04 3.02
CA HIS A 471 -19.91 -55.14 2.36
C HIS A 471 -19.29 -55.45 1.01
N VAL A 472 -19.09 -54.43 0.18
CA VAL A 472 -18.54 -54.65 -1.16
C VAL A 472 -17.12 -55.18 -1.11
N VAL A 473 -16.29 -54.71 -0.18
CA VAL A 473 -14.91 -55.20 -0.16
C VAL A 473 -14.87 -56.62 0.42
N SER A 474 -15.83 -56.99 1.27
CA SER A 474 -15.81 -58.32 1.87
C SER A 474 -16.38 -59.38 0.92
N GLN A 475 -17.55 -59.12 0.35
CA GLN A 475 -18.30 -60.14 -0.37
C GLN A 475 -18.09 -60.10 -1.89
N HIS A 476 -17.40 -59.08 -2.41
CA HIS A 476 -17.37 -58.87 -3.86
C HIS A 476 -15.95 -58.57 -4.33
N GLN A 477 -14.96 -59.17 -3.67
CA GLN A 477 -13.56 -58.93 -4.00
C GLN A 477 -13.25 -59.12 -5.47
N ALA A 478 -13.91 -60.07 -6.14
CA ALA A 478 -13.62 -60.33 -7.55
C ALA A 478 -14.05 -59.17 -8.43
N LEU A 479 -15.20 -58.56 -8.11
CA LEU A 479 -15.66 -57.40 -8.86
C LEU A 479 -14.63 -56.28 -8.81
N LEU A 480 -14.16 -55.94 -7.61
CA LEU A 480 -13.17 -54.88 -7.47
C LEU A 480 -11.87 -55.26 -8.15
N GLY A 481 -11.49 -56.54 -8.08
CA GLY A 481 -10.29 -56.99 -8.78
C GLY A 481 -10.37 -56.74 -10.28
N THR A 482 -11.52 -57.06 -10.88
CA THR A 482 -11.67 -56.84 -12.32
C THR A 482 -11.75 -55.35 -12.65
N ILE A 483 -12.44 -54.57 -11.83
CA ILE A 483 -12.51 -53.13 -12.09
C ILE A 483 -11.14 -52.50 -12.00
N ARG A 484 -10.29 -53.01 -11.10
CA ARG A 484 -8.94 -52.48 -10.98
C ARG A 484 -8.05 -52.98 -12.11
N ALA A 485 -8.30 -54.19 -12.60
CA ALA A 485 -7.50 -54.73 -13.70
C ALA A 485 -7.88 -54.10 -15.03
N ASP A 486 -9.07 -53.53 -15.15
CA ASP A 486 -9.47 -52.88 -16.39
C ASP A 486 -9.43 -51.37 -16.29
N GLY A 487 -9.80 -50.80 -15.14
CA GLY A 487 -9.85 -49.36 -14.96
C GLY A 487 -11.13 -48.70 -15.44
N LYS A 488 -12.09 -49.46 -15.93
CA LYS A 488 -13.35 -48.92 -16.42
C LYS A 488 -14.50 -49.69 -15.81
N ILE A 489 -15.68 -49.08 -15.84
CA ILE A 489 -16.91 -49.75 -15.43
C ILE A 489 -17.55 -50.27 -16.71
N SER A 490 -17.20 -51.50 -17.08
CA SER A 490 -17.82 -52.18 -18.21
C SER A 490 -19.27 -52.50 -17.88
N GLU A 491 -20.11 -52.61 -18.91
CA GLU A 491 -21.53 -52.84 -18.69
C GLU A 491 -21.77 -54.15 -17.94
N GLN A 492 -20.83 -55.10 -18.04
CA GLN A 492 -20.86 -56.26 -17.16
C GLN A 492 -20.71 -55.84 -15.70
N SER A 493 -19.62 -55.13 -15.39
CA SER A 493 -19.41 -54.65 -14.03
C SER A 493 -20.45 -53.59 -13.68
N ASP A 494 -20.98 -52.88 -14.67
CA ASP A 494 -22.06 -51.94 -14.41
C ASP A 494 -23.30 -52.67 -13.91
N ALA A 495 -23.65 -53.79 -14.56
CA ALA A 495 -24.79 -54.58 -14.11
C ALA A 495 -24.51 -55.20 -12.75
N LYS A 496 -23.27 -55.64 -12.51
CA LYS A 496 -22.94 -56.17 -11.19
C LYS A 496 -23.03 -55.09 -10.11
N LEU A 497 -22.71 -53.85 -10.47
CA LEU A 497 -22.86 -52.74 -9.53
C LEU A 497 -24.34 -52.45 -9.26
N LYS A 498 -25.16 -52.44 -10.32
CA LYS A 498 -26.60 -52.38 -10.12
C LYS A 498 -27.04 -53.43 -9.10
N GLU A 499 -26.65 -54.69 -9.36
CA GLU A 499 -26.93 -55.80 -8.45
C GLU A 499 -26.56 -55.47 -7.02
N ILE A 500 -25.28 -55.17 -6.77
CA ILE A 500 -24.78 -55.08 -5.39
C ILE A 500 -25.39 -53.87 -4.69
N VAL A 501 -25.42 -52.72 -5.37
CA VAL A 501 -25.98 -51.52 -4.76
C VAL A 501 -27.44 -51.75 -4.39
N THR A 502 -28.24 -52.32 -5.30
CA THR A 502 -29.66 -52.44 -5.00
C THR A 502 -29.90 -53.47 -3.90
N ASN A 503 -29.17 -54.59 -3.92
CA ASN A 503 -29.39 -55.62 -2.90
C ASN A 503 -28.95 -55.14 -1.53
N PHE A 504 -27.82 -54.43 -1.44
CA PHE A 504 -27.42 -53.91 -0.14
C PHE A 504 -28.36 -52.83 0.34
N LEU A 505 -28.65 -51.84 -0.51
CA LEU A 505 -29.53 -50.74 -0.12
C LEU A 505 -30.88 -51.27 0.35
N ALA A 506 -31.39 -52.33 -0.27
CA ALA A 506 -32.66 -52.90 0.16
C ALA A 506 -32.58 -53.38 1.61
N GLY A 507 -31.40 -53.74 2.08
CA GLY A 507 -31.25 -54.26 3.42
C GLY A 507 -30.72 -53.29 4.45
N PHE A 508 -30.31 -52.10 4.03
CA PHE A 508 -29.68 -51.14 4.92
C PHE A 508 -30.74 -50.42 5.74
N GLU A 509 -30.44 -50.24 7.03
CA GLU A 509 -31.37 -49.57 7.94
C GLU A 509 -31.32 -48.05 7.77
N ASP B 24 40.58 20.58 -21.77
CA ASP B 24 39.67 21.64 -21.39
C ASP B 24 38.49 21.13 -20.58
N LEU B 25 38.30 21.68 -19.39
CA LEU B 25 37.20 21.28 -18.51
C LEU B 25 36.27 22.44 -18.19
N GLU B 26 36.02 23.33 -19.13
CA GLU B 26 35.07 24.41 -18.92
C GLU B 26 34.05 24.54 -20.03
N GLU B 27 34.41 24.14 -21.25
CA GLU B 27 33.44 24.03 -22.35
C GLU B 27 33.37 22.61 -22.89
N THR B 28 33.78 21.63 -22.08
CA THR B 28 33.80 20.23 -22.49
C THR B 28 33.78 19.38 -21.23
N GLY B 29 33.19 18.19 -21.35
CA GLY B 29 33.14 17.27 -20.24
C GLY B 29 33.33 15.83 -20.71
N ARG B 30 33.50 14.94 -19.74
CA ARG B 30 33.62 13.51 -19.99
C ARG B 30 32.52 12.80 -19.22
N VAL B 31 31.83 11.87 -19.87
CA VAL B 31 30.76 11.15 -19.21
C VAL B 31 31.35 10.18 -18.20
N LEU B 32 31.02 10.38 -16.92
CA LEU B 32 31.48 9.49 -15.87
C LEU B 32 30.62 8.24 -15.77
N SER B 33 29.30 8.41 -15.83
CA SER B 33 28.38 7.33 -15.56
C SER B 33 27.06 7.56 -16.27
N ILE B 34 26.75 6.68 -17.21
CA ILE B 34 25.47 6.72 -17.91
C ILE B 34 24.64 5.51 -17.47
N GLY B 35 23.34 5.73 -17.35
CA GLY B 35 22.43 4.72 -16.85
C GLY B 35 21.36 5.48 -16.08
N ASP B 36 20.14 4.93 -16.10
CA ASP B 36 18.97 5.57 -15.50
C ASP B 36 18.60 6.87 -16.22
N GLY B 37 18.82 6.93 -17.52
CA GLY B 37 18.48 8.10 -18.31
C GLY B 37 19.17 9.38 -17.92
N ILE B 38 20.13 9.34 -17.00
CA ILE B 38 20.88 10.51 -16.56
C ILE B 38 22.35 10.25 -16.83
N ALA B 39 23.04 11.25 -17.39
CA ALA B 39 24.47 11.18 -17.64
C ALA B 39 25.17 12.12 -16.67
N ARG B 40 25.94 11.56 -15.75
CA ARG B 40 26.84 12.35 -14.93
C ARG B 40 28.03 12.72 -15.78
N VAL B 41 28.39 14.01 -15.81
CA VAL B 41 29.47 14.51 -16.64
C VAL B 41 30.46 15.24 -15.76
N HIS B 42 31.74 15.00 -15.99
CA HIS B 42 32.81 15.69 -15.28
C HIS B 42 33.33 16.81 -16.17
N GLY B 43 33.43 18.01 -15.60
CA GLY B 43 33.84 19.17 -16.35
C GLY B 43 32.71 20.18 -16.45
N LEU B 44 32.74 20.99 -17.51
CA LEU B 44 31.71 22.00 -17.74
C LEU B 44 31.60 22.97 -16.58
N ARG B 45 32.73 23.61 -16.23
CA ARG B 45 32.68 24.60 -15.16
C ARG B 45 31.97 25.87 -15.59
N ASN B 46 31.69 26.05 -16.88
CA ASN B 46 31.04 27.24 -17.40
C ASN B 46 29.63 26.97 -17.90
N VAL B 47 29.06 25.79 -17.61
CA VAL B 47 27.72 25.48 -18.10
C VAL B 47 26.68 26.13 -17.19
N GLN B 48 25.57 26.53 -17.79
CA GLN B 48 24.47 27.13 -17.06
C GLN B 48 23.40 26.09 -16.75
N ALA B 49 22.62 26.37 -15.72
CA ALA B 49 21.48 25.52 -15.41
C ALA B 49 20.50 25.54 -16.57
N GLU B 50 19.99 24.36 -16.93
CA GLU B 50 19.03 24.20 -18.02
C GLU B 50 19.63 24.62 -19.36
N GLU B 51 20.89 24.26 -19.58
CA GLU B 51 21.58 24.57 -20.83
C GLU B 51 21.67 23.32 -21.69
N MET B 52 21.53 23.49 -23.00
CA MET B 52 21.53 22.34 -23.90
C MET B 52 22.96 21.97 -24.27
N VAL B 53 23.46 20.90 -23.68
CA VAL B 53 24.76 20.35 -24.00
C VAL B 53 24.58 19.32 -25.11
N GLU B 54 25.68 19.04 -25.82
CA GLU B 54 25.65 18.12 -26.95
C GLU B 54 26.64 17.00 -26.72
N PHE B 55 26.15 15.76 -26.76
CA PHE B 55 27.01 14.59 -26.61
C PHE B 55 27.68 14.28 -27.94
N SER B 56 28.85 13.62 -27.86
CA SER B 56 29.59 13.29 -29.07
C SER B 56 28.87 12.28 -29.93
N SER B 57 27.83 11.63 -29.41
CA SER B 57 27.05 10.67 -30.15
C SER B 57 26.08 11.31 -31.12
N GLY B 58 26.07 12.64 -31.21
CA GLY B 58 25.07 13.37 -31.95
C GLY B 58 23.85 13.75 -31.14
N LEU B 59 23.63 13.12 -29.99
CA LEU B 59 22.49 13.41 -29.15
C LEU B 59 22.65 14.77 -28.47
N LYS B 60 21.55 15.25 -27.91
CA LYS B 60 21.51 16.48 -27.14
C LYS B 60 20.94 16.20 -25.77
N GLY B 61 21.21 17.08 -24.83
CA GLY B 61 20.70 16.89 -23.48
C GLY B 61 20.64 18.21 -22.75
N MET B 62 19.95 18.19 -21.61
CA MET B 62 19.76 19.38 -20.80
C MET B 62 20.53 19.23 -19.50
N SER B 63 21.29 20.26 -19.14
CA SER B 63 22.03 20.26 -17.89
C SER B 63 21.08 20.50 -16.74
N LEU B 64 20.68 19.43 -16.06
CA LEU B 64 19.67 19.53 -15.02
C LEU B 64 20.28 19.88 -13.66
N ASN B 65 21.18 19.04 -13.17
CA ASN B 65 21.79 19.22 -11.85
C ASN B 65 23.19 19.79 -12.05
N LEU B 66 23.50 20.85 -11.31
CA LEU B 66 24.87 21.34 -11.22
C LEU B 66 25.36 21.09 -9.79
N GLU B 67 26.25 20.13 -9.63
CA GLU B 67 26.73 19.73 -8.33
C GLU B 67 28.19 20.15 -8.16
N PRO B 68 28.69 20.22 -6.92
CA PRO B 68 30.04 20.76 -6.71
C PRO B 68 31.15 20.05 -7.45
N ASP B 69 30.91 18.84 -7.99
CA ASP B 69 31.96 18.15 -8.72
C ASP B 69 31.51 17.53 -10.04
N ASN B 70 30.20 17.39 -10.27
CA ASN B 70 29.74 16.79 -11.51
C ASN B 70 28.44 17.46 -11.93
N VAL B 71 28.03 17.20 -13.17
CA VAL B 71 26.83 17.77 -13.76
C VAL B 71 25.92 16.63 -14.19
N GLY B 72 24.71 16.60 -13.65
CA GLY B 72 23.74 15.62 -14.07
C GLY B 72 22.94 16.13 -15.25
N VAL B 73 23.07 15.46 -16.40
CA VAL B 73 22.48 15.89 -17.65
C VAL B 73 21.39 14.92 -18.06
N VAL B 74 20.21 15.44 -18.33
CA VAL B 74 19.11 14.63 -18.87
C VAL B 74 19.39 14.38 -20.34
N VAL B 75 19.27 13.13 -20.77
CA VAL B 75 19.57 12.74 -22.14
C VAL B 75 18.29 12.74 -22.96
N PHE B 76 18.29 13.46 -24.08
CA PHE B 76 17.12 13.53 -24.95
C PHE B 76 17.24 12.46 -26.04
N GLY B 77 17.21 11.22 -25.61
CA GLY B 77 17.30 10.10 -26.53
C GLY B 77 17.65 8.82 -25.80
N ASN B 78 18.17 7.86 -26.57
CA ASN B 78 18.50 6.54 -26.04
C ASN B 78 19.86 6.56 -25.36
N ASP B 79 19.89 6.09 -24.12
CA ASP B 79 21.14 5.96 -23.39
C ASP B 79 22.14 5.05 -24.08
N LYS B 80 21.66 4.12 -24.91
CA LYS B 80 22.54 3.19 -25.61
C LYS B 80 23.59 3.91 -26.44
N LEU B 81 23.25 5.06 -26.99
CA LEU B 81 24.16 5.80 -27.85
C LEU B 81 25.32 6.45 -27.09
N ILE B 82 25.32 6.41 -25.77
CA ILE B 82 26.32 7.08 -24.95
C ILE B 82 27.12 6.05 -24.18
N LYS B 83 28.44 6.13 -24.26
CA LYS B 83 29.34 5.34 -23.44
C LYS B 83 30.01 6.26 -22.43
N GLU B 84 30.64 5.66 -21.42
CA GLU B 84 31.43 6.43 -20.47
C GLU B 84 32.72 6.90 -21.14
N GLY B 85 33.11 8.14 -20.84
CA GLY B 85 34.29 8.74 -21.43
C GLY B 85 34.05 9.55 -22.69
N ASP B 86 32.82 9.56 -23.21
CA ASP B 86 32.50 10.38 -24.37
C ASP B 86 32.62 11.85 -24.02
N ILE B 87 33.13 12.63 -24.98
CA ILE B 87 33.28 14.06 -24.78
C ILE B 87 31.95 14.74 -25.03
N VAL B 88 31.64 15.73 -24.20
CA VAL B 88 30.35 16.41 -24.21
C VAL B 88 30.63 17.90 -24.35
N LYS B 89 30.30 18.46 -25.50
CA LYS B 89 30.43 19.88 -25.76
C LYS B 89 29.16 20.61 -25.38
N ARG B 90 29.31 21.86 -24.99
CA ARG B 90 28.17 22.70 -24.61
C ARG B 90 27.87 23.67 -25.75
N THR B 91 26.58 23.97 -25.93
CA THR B 91 26.17 24.88 -27.04
C THR B 91 26.14 26.33 -26.54
N GLY B 92 26.10 26.54 -25.21
CA GLY B 92 26.02 27.88 -24.70
C GLY B 92 24.64 28.49 -24.70
N ALA B 93 23.62 27.72 -25.06
CA ALA B 93 22.25 28.24 -25.13
C ALA B 93 21.35 27.39 -24.24
N ILE B 94 20.42 28.05 -23.56
CA ILE B 94 19.40 27.33 -22.83
C ILE B 94 18.49 26.62 -23.82
N VAL B 95 17.97 25.46 -23.42
CA VAL B 95 17.19 24.58 -24.29
C VAL B 95 16.11 25.37 -25.00
N ASP B 96 16.16 25.38 -26.33
CA ASP B 96 15.25 26.18 -27.13
C ASP B 96 14.80 25.37 -28.33
N VAL B 97 13.76 25.86 -28.99
CA VAL B 97 13.21 25.21 -30.19
C VAL B 97 13.08 26.26 -31.27
N PRO B 98 13.17 25.85 -32.54
CA PRO B 98 12.99 26.80 -33.64
C PRO B 98 11.52 27.07 -33.88
N VAL B 99 11.17 28.35 -33.96
CA VAL B 99 9.79 28.79 -34.12
C VAL B 99 9.68 29.59 -35.40
N GLY B 100 8.47 30.08 -35.66
CA GLY B 100 8.20 30.82 -36.86
C GLY B 100 7.14 30.16 -37.72
N GLU B 101 6.80 30.78 -38.85
CA GLU B 101 5.80 30.20 -39.74
C GLU B 101 6.38 29.17 -40.69
N GLU B 102 7.69 28.96 -40.67
CA GLU B 102 8.28 27.91 -41.48
C GLU B 102 7.95 26.52 -40.96
N LEU B 103 7.40 26.42 -39.76
CA LEU B 103 7.00 25.13 -39.19
C LEU B 103 5.65 24.66 -39.71
N LEU B 104 4.82 25.56 -40.24
CA LEU B 104 3.48 25.19 -40.67
C LEU B 104 3.55 24.15 -41.79
N GLY B 105 2.86 23.04 -41.60
CA GLY B 105 2.89 21.95 -42.54
C GLY B 105 4.03 20.98 -42.34
N ARG B 106 4.73 21.05 -41.22
CA ARG B 106 5.85 20.18 -40.92
C ARG B 106 5.54 19.29 -39.72
N VAL B 107 6.08 18.09 -39.75
CA VAL B 107 6.00 17.15 -38.63
C VAL B 107 7.38 17.10 -38.00
N VAL B 108 7.51 17.65 -36.80
CA VAL B 108 8.79 17.75 -36.12
C VAL B 108 8.72 16.92 -34.84
N ASP B 109 9.90 16.61 -34.30
CA ASP B 109 10.00 15.93 -33.03
C ASP B 109 10.15 16.98 -31.92
N ALA B 110 10.27 16.53 -30.67
CA ALA B 110 10.30 17.44 -29.53
C ALA B 110 11.47 18.42 -29.58
N LEU B 111 12.43 18.23 -30.46
CA LEU B 111 13.57 19.12 -30.58
C LEU B 111 13.49 20.02 -31.82
N GLY B 112 12.37 20.00 -32.54
CA GLY B 112 12.22 20.81 -33.71
C GLY B 112 12.90 20.29 -34.96
N ASN B 113 13.16 18.99 -35.05
CA ASN B 113 13.78 18.41 -36.22
C ASN B 113 12.73 17.76 -37.11
N ALA B 114 12.84 17.98 -38.41
CA ALA B 114 11.86 17.45 -39.35
C ALA B 114 11.97 15.93 -39.43
N ILE B 115 10.87 15.25 -39.16
CA ILE B 115 10.81 13.80 -39.27
C ILE B 115 9.91 13.35 -40.40
N ASP B 116 9.48 14.28 -41.26
CA ASP B 116 8.66 13.94 -42.41
C ASP B 116 9.44 13.92 -43.72
N GLY B 117 10.76 14.00 -43.66
CA GLY B 117 11.59 13.89 -44.85
C GLY B 117 11.38 14.97 -45.88
N LYS B 118 10.90 16.15 -45.46
CA LYS B 118 10.72 17.27 -46.38
C LYS B 118 11.79 18.34 -46.22
N GLY B 119 13.03 17.93 -45.96
CA GLY B 119 14.12 18.86 -45.89
C GLY B 119 14.26 19.51 -44.52
N PRO B 120 15.07 20.56 -44.45
CA PRO B 120 15.32 21.21 -43.16
C PRO B 120 14.30 22.31 -42.87
N ILE B 121 14.04 22.50 -41.58
CA ILE B 121 13.15 23.56 -41.14
C ILE B 121 13.83 24.91 -41.32
N GLY B 122 13.28 25.73 -42.21
CA GLY B 122 13.89 27.00 -42.51
C GLY B 122 13.59 28.09 -41.49
N SER B 123 13.63 27.74 -40.20
CA SER B 123 13.32 28.69 -39.14
C SER B 123 14.53 29.57 -38.88
N LYS B 124 14.26 30.84 -38.57
CA LYS B 124 15.31 31.82 -38.32
C LYS B 124 15.28 32.36 -36.90
N THR B 125 14.28 31.99 -36.11
CA THR B 125 14.15 32.44 -34.74
C THR B 125 13.98 31.24 -33.83
N ARG B 126 14.58 31.30 -32.63
CA ARG B 126 14.44 30.25 -31.64
C ARG B 126 13.85 30.84 -30.37
N ARG B 127 13.26 29.96 -29.56
CA ARG B 127 12.56 30.38 -28.36
C ARG B 127 12.82 29.37 -27.25
N ARG B 128 13.06 29.87 -26.04
CA ARG B 128 13.33 29.00 -24.91
C ARG B 128 12.07 28.23 -24.51
N VAL B 129 12.21 26.91 -24.35
CA VAL B 129 11.08 26.08 -23.97
C VAL B 129 10.66 26.30 -22.53
N GLY B 130 11.54 26.84 -21.69
CA GLY B 130 11.23 26.97 -20.28
C GLY B 130 10.92 28.39 -19.86
N LEU B 131 10.33 29.17 -20.75
CA LEU B 131 9.96 30.54 -20.45
C LEU B 131 8.85 30.57 -19.40
N LYS B 132 8.52 31.78 -18.96
CA LYS B 132 7.44 31.92 -17.99
C LYS B 132 6.20 32.47 -18.67
N ALA B 133 5.06 32.25 -18.05
CA ALA B 133 3.80 32.73 -18.59
C ALA B 133 3.66 34.23 -18.37
N PRO B 134 2.94 34.91 -19.25
CA PRO B 134 2.70 36.35 -19.04
C PRO B 134 1.98 36.60 -17.72
N GLY B 135 2.30 37.72 -17.11
CA GLY B 135 1.76 38.03 -15.79
C GLY B 135 0.31 38.44 -15.80
N ILE B 136 -0.06 39.31 -14.87
CA ILE B 136 -1.45 39.72 -14.76
C ILE B 136 -1.79 40.82 -15.74
N ILE B 137 -0.91 41.82 -15.86
CA ILE B 137 -1.18 42.99 -16.68
C ILE B 137 -1.17 42.67 -18.18
N PRO B 138 -0.22 41.89 -18.70
CA PRO B 138 -0.23 41.62 -20.15
C PRO B 138 -1.45 40.86 -20.66
N ARG B 139 -2.38 40.48 -19.79
CA ARG B 139 -3.53 39.67 -20.20
C ARG B 139 -4.79 40.51 -20.31
N ILE B 140 -5.81 39.91 -20.92
CA ILE B 140 -7.15 40.50 -21.00
C ILE B 140 -8.14 39.35 -21.08
N SER B 141 -9.37 39.62 -20.65
CA SER B 141 -10.39 38.58 -20.59
C SER B 141 -10.67 38.00 -21.97
N VAL B 142 -11.11 36.74 -21.99
CA VAL B 142 -11.38 36.06 -23.25
C VAL B 142 -12.66 36.62 -23.85
N ARG B 143 -12.59 37.03 -25.12
CA ARG B 143 -13.73 37.66 -25.78
C ARG B 143 -13.99 37.09 -27.16
N GLU B 144 -12.99 36.49 -27.78
CA GLU B 144 -13.27 36.07 -29.15
C GLU B 144 -13.64 34.60 -29.20
N PRO B 145 -14.54 34.21 -30.10
CA PRO B 145 -14.91 32.80 -30.20
C PRO B 145 -13.80 31.96 -30.83
N MET B 146 -13.73 30.71 -30.42
CA MET B 146 -12.88 29.71 -31.04
C MET B 146 -13.82 28.59 -31.49
N GLN B 147 -14.18 28.61 -32.77
CA GLN B 147 -15.24 27.73 -33.28
C GLN B 147 -14.68 26.33 -33.45
N THR B 148 -15.20 25.39 -32.66
CA THR B 148 -14.76 24.01 -32.76
C THR B 148 -15.42 23.27 -33.91
N GLY B 149 -16.58 23.74 -34.35
CA GLY B 149 -17.33 23.05 -35.38
C GLY B 149 -18.22 21.94 -34.88
N ILE B 150 -18.18 21.64 -33.58
CA ILE B 150 -19.00 20.60 -32.99
C ILE B 150 -20.20 21.27 -32.34
N LYS B 151 -21.40 20.77 -32.63
CA LYS B 151 -22.61 21.39 -32.11
C LYS B 151 -22.62 21.37 -30.59
N ALA B 152 -22.22 20.24 -29.99
CA ALA B 152 -22.24 20.13 -28.53
C ALA B 152 -21.28 21.12 -27.89
N VAL B 153 -20.05 21.18 -28.39
CA VAL B 153 -19.06 22.11 -27.84
C VAL B 153 -19.50 23.55 -28.07
N ASP B 154 -19.71 23.93 -29.33
CA ASP B 154 -20.03 25.31 -29.64
C ASP B 154 -21.30 25.79 -28.96
N SER B 155 -22.22 24.88 -28.65
CA SER B 155 -23.50 25.28 -28.08
C SER B 155 -23.48 25.30 -26.56
N LEU B 156 -22.98 24.24 -25.93
CA LEU B 156 -23.07 24.10 -24.48
C LEU B 156 -21.74 24.26 -23.76
N VAL B 157 -20.62 24.08 -24.46
CA VAL B 157 -19.29 24.23 -23.85
C VAL B 157 -18.48 25.20 -24.69
N PRO B 158 -18.88 26.46 -24.83
CA PRO B 158 -18.19 27.36 -25.75
C PRO B 158 -16.76 27.62 -25.29
N ILE B 159 -15.85 27.66 -26.27
CA ILE B 159 -14.43 27.84 -26.01
C ILE B 159 -13.99 29.11 -26.70
N GLY B 160 -13.33 30.00 -25.95
CA GLY B 160 -12.84 31.24 -26.51
C GLY B 160 -11.35 31.24 -26.72
N ARG B 161 -10.86 32.13 -27.57
CA ARG B 161 -9.43 32.21 -27.85
C ARG B 161 -8.71 32.78 -26.63
N GLY B 162 -7.82 31.96 -26.06
CA GLY B 162 -7.15 32.31 -24.82
C GLY B 162 -7.53 31.44 -23.65
N GLN B 163 -8.38 30.45 -23.86
CA GLN B 163 -8.85 29.56 -22.81
C GLN B 163 -7.96 28.32 -22.73
N ARG B 164 -8.15 27.56 -21.66
CA ARG B 164 -7.58 26.23 -21.52
C ARG B 164 -8.73 25.28 -21.21
N GLU B 165 -9.17 24.53 -22.21
CA GLU B 165 -10.31 23.64 -22.07
C GLU B 165 -9.80 22.20 -22.05
N LEU B 166 -10.14 21.47 -21.00
CA LEU B 166 -9.64 20.11 -20.82
C LEU B 166 -10.58 19.11 -21.47
N ILE B 167 -10.02 18.30 -22.36
CA ILE B 167 -10.76 17.19 -22.97
C ILE B 167 -10.36 15.95 -22.17
N ILE B 168 -11.28 15.45 -21.35
CA ILE B 168 -10.99 14.39 -20.40
C ILE B 168 -11.96 13.25 -20.62
N GLY B 169 -11.45 12.02 -20.60
CA GLY B 169 -12.31 10.87 -20.77
C GLY B 169 -11.51 9.59 -20.77
N ASP B 170 -12.23 8.48 -20.92
CA ASP B 170 -11.60 7.16 -20.91
C ASP B 170 -10.90 6.92 -22.24
N ARG B 171 -10.38 5.71 -22.42
CA ARG B 171 -9.72 5.35 -23.66
C ARG B 171 -10.76 5.01 -24.72
N GLN B 172 -10.51 5.47 -25.95
CA GLN B 172 -11.43 5.28 -27.07
C GLN B 172 -12.81 5.85 -26.75
N THR B 173 -12.87 7.16 -26.52
CA THR B 173 -14.13 7.85 -26.31
C THR B 173 -14.31 9.07 -27.19
N GLY B 174 -13.30 9.47 -27.95
CA GLY B 174 -13.45 10.54 -28.91
C GLY B 174 -12.72 11.83 -28.63
N LYS B 175 -11.60 11.81 -27.90
CA LYS B 175 -10.89 13.03 -27.60
C LYS B 175 -10.09 13.52 -28.79
N THR B 176 -9.19 12.68 -29.31
CA THR B 176 -8.40 13.04 -30.47
C THR B 176 -9.29 13.40 -31.66
N SER B 177 -10.46 12.77 -31.76
CA SER B 177 -11.37 13.09 -32.86
C SER B 177 -11.92 14.49 -32.70
N ILE B 178 -12.23 14.90 -31.47
CA ILE B 178 -12.70 16.26 -31.22
C ILE B 178 -11.61 17.27 -31.60
N ALA B 179 -10.37 17.00 -31.18
CA ALA B 179 -9.29 17.91 -31.50
C ALA B 179 -9.08 18.01 -33.01
N ILE B 180 -9.15 16.88 -33.72
CA ILE B 180 -8.95 16.89 -35.16
C ILE B 180 -10.09 17.62 -35.84
N ASP B 181 -11.32 17.45 -35.36
CA ASP B 181 -12.44 18.20 -35.93
C ASP B 181 -12.25 19.70 -35.76
N THR B 182 -11.74 20.13 -34.61
CA THR B 182 -11.46 21.54 -34.42
C THR B 182 -10.41 22.05 -35.40
N ILE B 183 -9.30 21.33 -35.51
CA ILE B 183 -8.22 21.73 -36.41
C ILE B 183 -8.72 21.79 -37.85
N ILE B 184 -9.61 20.87 -38.23
CA ILE B 184 -10.16 20.88 -39.58
C ILE B 184 -11.11 22.06 -39.74
N ASN B 185 -11.95 22.33 -38.74
CA ASN B 185 -12.91 23.42 -38.83
C ASN B 185 -12.23 24.76 -39.04
N GLN B 186 -11.04 24.95 -38.48
CA GLN B 186 -10.40 26.26 -38.65
C GLN B 186 -10.05 26.58 -40.11
N LYS B 187 -10.32 25.67 -41.04
CA LYS B 187 -9.98 25.90 -42.44
C LYS B 187 -10.82 27.01 -43.04
N ARG B 188 -12.11 27.09 -42.67
CA ARG B 188 -12.98 28.10 -43.25
C ARG B 188 -12.52 29.51 -42.89
N PHE B 189 -11.77 29.65 -41.80
CA PHE B 189 -11.21 30.96 -41.46
C PHE B 189 -9.83 31.14 -42.08
N ASN B 190 -9.00 30.08 -42.07
CA ASN B 190 -7.63 30.26 -42.55
C ASN B 190 -7.52 30.42 -44.06
N ASP B 191 -8.65 30.51 -44.78
CA ASP B 191 -8.61 30.87 -46.20
C ASP B 191 -9.18 32.26 -46.46
N GLY B 192 -9.77 32.89 -45.46
CA GLY B 192 -10.47 34.13 -45.66
C GLY B 192 -9.53 35.31 -45.84
N SER B 193 -10.01 36.48 -45.39
CA SER B 193 -9.34 37.74 -45.64
C SER B 193 -8.76 38.38 -44.40
N ASP B 194 -9.56 38.58 -43.35
CA ASP B 194 -9.12 39.30 -42.16
C ASP B 194 -8.20 38.41 -41.33
N GLU B 195 -6.99 38.91 -41.06
CA GLU B 195 -6.01 38.14 -40.28
C GLU B 195 -6.36 38.07 -38.81
N LYS B 196 -7.50 38.63 -38.39
CA LYS B 196 -7.89 38.64 -36.99
C LYS B 196 -8.75 37.46 -36.60
N LYS B 197 -9.22 36.67 -37.56
CA LYS B 197 -10.01 35.48 -37.27
C LYS B 197 -9.27 34.19 -37.55
N LYS B 198 -8.16 34.24 -38.29
CA LYS B 198 -7.40 33.04 -38.59
C LYS B 198 -6.83 32.45 -37.31
N LEU B 199 -6.64 31.13 -37.33
CA LEU B 199 -6.17 30.39 -36.18
C LEU B 199 -5.16 29.34 -36.65
N TYR B 200 -3.94 29.40 -36.13
CA TYR B 200 -2.90 28.45 -36.48
C TYR B 200 -2.87 27.35 -35.43
N CYS B 201 -2.91 26.09 -35.86
CA CYS B 201 -3.08 24.95 -34.97
C CYS B 201 -1.77 24.21 -34.79
N ILE B 202 -1.58 23.65 -33.61
CA ILE B 202 -0.42 22.82 -33.27
C ILE B 202 -0.92 21.62 -32.49
N TYR B 203 -0.49 20.44 -32.90
CA TYR B 203 -0.92 19.18 -32.28
C TYR B 203 0.32 18.46 -31.77
N VAL B 204 0.50 18.47 -30.45
CA VAL B 204 1.62 17.79 -29.80
C VAL B 204 1.15 16.40 -29.42
N ALA B 205 1.90 15.38 -29.88
CA ALA B 205 1.58 13.99 -29.61
C ALA B 205 2.58 13.44 -28.62
N ILE B 206 2.09 12.99 -27.46
CA ILE B 206 2.92 12.61 -26.32
C ILE B 206 2.63 11.15 -26.01
N GLY B 207 3.44 10.25 -26.56
CA GLY B 207 3.34 8.85 -26.19
C GLY B 207 2.28 8.07 -26.91
N GLN B 208 1.73 8.59 -28.00
CA GLN B 208 0.80 7.82 -28.82
C GLN B 208 1.57 6.91 -29.75
N LYS B 209 0.88 5.91 -30.28
CA LYS B 209 1.45 5.08 -31.34
C LYS B 209 1.84 5.95 -32.52
N ARG B 210 2.98 5.64 -33.13
CA ARG B 210 3.45 6.45 -34.25
C ARG B 210 2.60 6.24 -35.49
N SER B 211 2.05 5.03 -35.68
CA SER B 211 1.11 4.83 -36.77
C SER B 211 -0.12 5.70 -36.61
N THR B 212 -0.57 5.90 -35.38
CA THR B 212 -1.68 6.81 -35.13
C THR B 212 -1.36 8.23 -35.60
N VAL B 213 -0.16 8.71 -35.29
CA VAL B 213 0.22 10.06 -35.69
C VAL B 213 0.36 10.16 -37.20
N ALA B 214 0.90 9.13 -37.85
CA ALA B 214 1.00 9.16 -39.30
C ALA B 214 -0.38 9.20 -39.96
N GLN B 215 -1.31 8.39 -39.45
CA GLN B 215 -2.66 8.39 -40.01
C GLN B 215 -3.37 9.70 -39.74
N LEU B 216 -3.10 10.32 -38.59
CA LEU B 216 -3.69 11.61 -38.28
C LEU B 216 -3.14 12.70 -39.19
N VAL B 217 -1.83 12.67 -39.46
CA VAL B 217 -1.24 13.62 -40.39
C VAL B 217 -1.85 13.45 -41.77
N LYS B 218 -2.07 12.20 -42.19
CA LYS B 218 -2.74 11.99 -43.48
C LYS B 218 -4.16 12.55 -43.47
N ARG B 219 -4.91 12.29 -42.40
CA ARG B 219 -6.28 12.78 -42.30
C ARG B 219 -6.32 14.31 -42.38
N LEU B 220 -5.33 14.97 -41.77
CA LEU B 220 -5.27 16.43 -41.86
C LEU B 220 -4.81 16.90 -43.23
N THR B 221 -3.98 16.12 -43.91
CA THR B 221 -3.56 16.49 -45.26
C THR B 221 -4.72 16.38 -46.24
N ASP B 222 -5.58 15.37 -46.07
CA ASP B 222 -6.74 15.24 -46.94
C ASP B 222 -7.70 16.42 -46.76
N ALA B 223 -8.07 16.71 -45.52
CA ALA B 223 -8.90 17.87 -45.22
C ALA B 223 -8.21 19.19 -45.52
N ASP B 224 -6.94 19.15 -45.97
CA ASP B 224 -6.19 20.34 -46.35
C ASP B 224 -5.98 21.28 -45.16
N ALA B 225 -5.82 20.73 -43.97
CA ALA B 225 -5.59 21.51 -42.77
C ALA B 225 -4.14 21.44 -42.30
N MET B 226 -3.24 20.94 -43.13
CA MET B 226 -1.82 20.93 -42.76
C MET B 226 -1.13 22.25 -43.07
N LYS B 227 -1.60 22.98 -44.06
CA LYS B 227 -0.99 24.25 -44.45
C LYS B 227 -0.95 25.27 -43.31
N TYR B 228 -1.64 25.00 -42.20
CA TYR B 228 -1.63 25.89 -41.04
C TYR B 228 -1.49 25.11 -39.73
N THR B 229 -0.97 23.89 -39.78
CA THR B 229 -0.84 23.06 -38.59
C THR B 229 0.59 22.58 -38.45
N ILE B 230 1.06 22.50 -37.20
CA ILE B 230 2.33 21.88 -36.86
C ILE B 230 2.02 20.63 -36.06
N VAL B 231 2.86 19.61 -36.18
CA VAL B 231 2.70 18.37 -35.45
C VAL B 231 4.02 18.04 -34.78
N VAL B 232 4.03 18.06 -33.44
CA VAL B 232 5.18 17.65 -32.66
C VAL B 232 4.88 16.28 -32.08
N SER B 233 5.74 15.31 -32.37
CA SER B 233 5.47 13.93 -32.04
C SER B 233 6.59 13.36 -31.18
N ALA B 234 6.30 13.13 -29.91
CA ALA B 234 7.16 12.36 -29.01
C ALA B 234 6.38 11.08 -28.73
N THR B 235 6.55 10.07 -29.58
CA THR B 235 5.71 8.90 -29.56
C THR B 235 6.14 7.94 -28.46
N ALA B 236 5.51 6.76 -28.41
CA ALA B 236 5.75 5.83 -27.31
C ALA B 236 7.14 5.22 -27.35
N SER B 237 7.81 5.23 -28.49
CA SER B 237 9.13 4.63 -28.61
C SER B 237 10.25 5.65 -28.43
N ASP B 238 9.92 6.88 -28.04
CA ASP B 238 10.92 7.89 -27.75
C ASP B 238 11.20 7.92 -26.25
N ALA B 239 12.42 8.29 -25.90
CA ALA B 239 12.83 8.33 -24.51
C ALA B 239 11.91 9.23 -23.71
N ALA B 240 11.80 8.94 -22.42
CA ALA B 240 10.91 9.72 -21.55
C ALA B 240 11.25 11.21 -21.51
N PRO B 241 12.51 11.65 -21.57
CA PRO B 241 12.76 13.10 -21.65
C PRO B 241 12.16 13.76 -22.87
N LEU B 242 12.10 13.06 -24.01
CA LEU B 242 11.48 13.64 -25.19
C LEU B 242 9.98 13.82 -24.98
N GLN B 243 9.32 12.83 -24.37
CA GLN B 243 7.91 12.97 -24.07
C GLN B 243 7.66 14.02 -23.00
N TYR B 244 8.65 14.28 -22.15
CA TYR B 244 8.50 15.31 -21.13
C TYR B 244 8.73 16.70 -21.70
N LEU B 245 9.53 16.80 -22.76
CA LEU B 245 9.85 18.09 -23.36
C LEU B 245 8.90 18.51 -24.47
N ALA B 246 8.31 17.56 -25.19
CA ALA B 246 7.47 17.90 -26.34
C ALA B 246 6.36 18.91 -26.04
N PRO B 247 5.63 18.82 -24.92
CA PRO B 247 4.62 19.86 -24.67
C PRO B 247 5.20 21.26 -24.65
N TYR B 248 6.43 21.41 -24.15
CA TYR B 248 7.01 22.74 -24.05
C TYR B 248 7.49 23.25 -25.40
N SER B 249 8.02 22.36 -26.25
CA SER B 249 8.30 22.74 -27.63
C SER B 249 7.04 23.22 -28.33
N GLY B 250 5.96 22.47 -28.20
CA GLY B 250 4.70 22.92 -28.79
C GLY B 250 4.25 24.26 -28.25
N CYS B 251 4.30 24.42 -26.92
CA CYS B 251 3.81 25.65 -26.32
C CYS B 251 4.67 26.85 -26.72
N SER B 252 5.95 26.63 -27.00
CA SER B 252 6.78 27.72 -27.48
C SER B 252 6.47 28.05 -28.94
N MET B 253 6.26 27.02 -29.76
CA MET B 253 5.84 27.27 -31.13
C MET B 253 4.52 28.02 -31.17
N GLY B 254 3.69 27.84 -30.14
CA GLY B 254 2.46 28.60 -30.06
C GLY B 254 2.63 29.99 -29.49
N GLU B 255 3.52 30.14 -28.51
CA GLU B 255 3.83 31.46 -27.97
C GLU B 255 4.37 32.38 -29.04
N TYR B 256 5.09 31.83 -30.04
CA TYR B 256 5.52 32.67 -31.15
C TYR B 256 4.34 33.38 -31.80
N PHE B 257 3.32 32.62 -32.19
CA PHE B 257 2.14 33.22 -32.79
C PHE B 257 1.41 34.14 -31.82
N ARG B 258 1.33 33.74 -30.54
CA ARG B 258 0.62 34.54 -29.55
C ARG B 258 1.26 35.91 -29.37
N ASP B 259 2.59 35.98 -29.37
CA ASP B 259 3.28 37.23 -29.09
C ASP B 259 3.43 38.13 -30.30
N ASN B 260 2.81 37.78 -31.43
CA ASN B 260 2.86 38.61 -32.63
C ASN B 260 1.47 38.96 -33.15
N GLY B 261 0.50 39.10 -32.25
CA GLY B 261 -0.84 39.46 -32.65
C GLY B 261 -1.62 38.37 -33.34
N LYS B 262 -1.04 37.20 -33.55
CA LYS B 262 -1.72 36.10 -34.20
C LYS B 262 -2.39 35.21 -33.16
N HIS B 263 -3.21 34.28 -33.64
CA HIS B 263 -3.98 33.40 -32.77
C HIS B 263 -3.59 31.96 -33.02
N ALA B 264 -3.41 31.21 -31.95
CA ALA B 264 -2.92 29.84 -32.03
C ALA B 264 -3.72 28.92 -31.12
N LEU B 265 -4.02 27.73 -31.63
CA LEU B 265 -4.59 26.64 -30.87
C LEU B 265 -3.54 25.56 -30.72
N ILE B 266 -3.55 24.88 -29.59
CA ILE B 266 -2.57 23.81 -29.34
C ILE B 266 -3.24 22.70 -28.55
N ILE B 267 -3.00 21.46 -28.96
CA ILE B 267 -3.60 20.28 -28.34
C ILE B 267 -2.49 19.37 -27.85
N TYR B 268 -2.39 19.22 -26.53
CA TYR B 268 -1.47 18.27 -25.91
C TYR B 268 -2.21 16.94 -25.78
N ASP B 269 -1.81 15.96 -26.59
CA ASP B 269 -2.49 14.68 -26.67
C ASP B 269 -1.48 13.59 -26.37
N ASP B 270 -1.36 13.20 -25.11
CA ASP B 270 -2.11 13.79 -24.01
C ASP B 270 -1.18 14.09 -22.84
N LEU B 271 -1.73 14.60 -21.75
CA LEU B 271 -0.90 14.97 -20.62
C LEU B 271 -0.71 13.84 -19.62
N SER B 272 -1.55 12.81 -19.64
CA SER B 272 -1.32 11.66 -18.76
C SER B 272 -0.02 10.97 -19.11
N LYS B 273 0.31 10.87 -20.40
CA LYS B 273 1.53 10.19 -20.79
C LYS B 273 2.77 11.05 -20.55
N GLN B 274 2.62 12.38 -20.63
CA GLN B 274 3.73 13.24 -20.20
C GLN B 274 3.94 13.13 -18.70
N ALA B 275 2.85 13.01 -17.93
CA ALA B 275 3.00 12.83 -16.50
C ALA B 275 3.68 11.50 -16.19
N VAL B 276 3.38 10.47 -16.96
CA VAL B 276 4.04 9.18 -16.77
C VAL B 276 5.52 9.27 -17.11
N ALA B 277 5.86 9.96 -18.21
CA ALA B 277 7.26 10.14 -18.55
C ALA B 277 8.00 10.91 -17.48
N TYR B 278 7.37 11.94 -16.92
CA TYR B 278 8.01 12.70 -15.85
C TYR B 278 8.16 11.86 -14.59
N ARG B 279 7.17 11.03 -14.28
CA ARG B 279 7.30 10.15 -13.13
C ARG B 279 8.46 9.19 -13.30
N GLN B 280 8.64 8.66 -14.52
CA GLN B 280 9.78 7.80 -14.78
C GLN B 280 11.09 8.57 -14.59
N MET B 281 11.19 9.76 -15.18
CA MET B 281 12.40 10.55 -15.02
C MET B 281 12.68 10.88 -13.55
N SER B 282 11.62 11.04 -12.75
CA SER B 282 11.80 11.39 -11.35
C SER B 282 12.18 10.18 -10.51
N LEU B 283 11.70 8.99 -10.88
CA LEU B 283 12.06 7.80 -10.12
C LEU B 283 13.44 7.29 -10.50
N LEU B 284 13.86 7.47 -11.75
CA LEU B 284 15.24 7.13 -12.10
C LEU B 284 16.23 8.11 -11.53
N LEU B 285 15.76 9.23 -10.98
CA LEU B 285 16.59 10.19 -10.28
C LEU B 285 16.49 10.03 -8.77
N ARG B 286 15.72 9.05 -8.30
CA ARG B 286 15.56 8.77 -6.88
C ARG B 286 14.96 9.96 -6.14
N ARG B 287 13.83 10.44 -6.65
CA ARG B 287 13.18 11.49 -5.89
C ARG B 287 11.93 10.94 -5.22
N PRO B 288 11.60 11.45 -4.03
CA PRO B 288 10.52 10.87 -3.23
C PRO B 288 9.21 10.83 -4.01
N PRO B 289 8.65 9.65 -4.21
CA PRO B 289 7.35 9.56 -4.88
C PRO B 289 6.22 9.90 -3.93
N GLY B 290 5.19 10.56 -4.46
CA GLY B 290 4.05 10.97 -3.68
C GLY B 290 2.85 10.06 -3.86
N ARG B 291 1.68 10.64 -4.11
CA ARG B 291 0.50 9.83 -4.37
C ARG B 291 0.63 9.13 -5.72
N GLU B 292 0.29 7.85 -5.75
CA GLU B 292 0.42 7.02 -6.94
C GLU B 292 1.84 7.05 -7.49
N ALA B 293 2.81 7.23 -6.61
CA ALA B 293 4.23 7.24 -6.93
C ALA B 293 4.61 8.40 -7.84
N TYR B 294 3.82 9.46 -7.84
CA TYR B 294 4.15 10.62 -8.64
C TYR B 294 5.06 11.57 -7.88
N PRO B 295 5.97 12.26 -8.56
CA PRO B 295 6.85 13.21 -7.88
C PRO B 295 6.04 14.32 -7.23
N GLY B 296 6.68 15.02 -6.30
CA GLY B 296 5.99 16.09 -5.60
C GLY B 296 5.58 17.23 -6.49
N ASP B 297 6.33 17.46 -7.58
CA ASP B 297 6.08 18.57 -8.49
C ASP B 297 5.47 18.12 -9.81
N VAL B 298 4.59 17.12 -9.77
CA VAL B 298 3.87 16.75 -10.99
C VAL B 298 2.74 17.73 -11.27
N PHE B 299 2.49 18.67 -10.37
CA PHE B 299 1.51 19.72 -10.62
C PHE B 299 2.16 20.90 -11.33
N TYR B 300 3.21 21.47 -10.74
CA TYR B 300 4.01 22.48 -11.42
C TYR B 300 4.33 22.08 -12.85
N LEU B 301 4.75 20.84 -13.05
CA LEU B 301 5.01 20.31 -14.40
C LEU B 301 3.96 20.75 -15.40
N HIS B 302 2.69 20.59 -15.06
CA HIS B 302 1.62 20.99 -15.97
C HIS B 302 1.26 22.46 -15.85
N SER B 303 1.33 23.01 -14.64
CA SER B 303 0.84 24.37 -14.44
C SER B 303 1.64 25.36 -15.27
N ARG B 304 2.96 25.39 -15.09
CA ARG B 304 3.83 26.25 -15.88
C ARG B 304 3.63 26.05 -17.37
N LEU B 305 3.02 24.93 -17.78
CA LEU B 305 2.79 24.70 -19.20
C LEU B 305 1.44 25.25 -19.64
N LEU B 306 0.41 25.07 -18.83
CA LEU B 306 -0.91 25.52 -19.23
C LEU B 306 -1.19 26.97 -18.85
N GLU B 307 -0.28 27.61 -18.12
CA GLU B 307 -0.43 29.04 -17.84
C GLU B 307 0.06 29.90 -18.98
N ARG B 308 0.80 29.32 -19.93
CA ARG B 308 1.33 30.09 -21.04
C ARG B 308 0.31 30.27 -22.16
N ALA B 309 -0.83 29.61 -22.08
CA ALA B 309 -1.91 29.83 -23.03
C ALA B 309 -2.76 30.99 -22.53
N ALA B 310 -2.57 32.16 -23.12
CA ALA B 310 -3.20 33.36 -22.60
C ALA B 310 -3.75 34.20 -23.74
N LYS B 311 -4.60 35.15 -23.39
CA LYS B 311 -5.10 36.17 -24.31
C LYS B 311 -4.39 37.48 -24.01
N MET B 312 -3.58 37.94 -24.96
CA MET B 312 -2.81 39.16 -24.79
C MET B 312 -3.65 40.36 -25.18
N ASN B 313 -3.55 41.43 -24.40
CA ASN B 313 -4.28 42.64 -24.72
C ASN B 313 -3.65 43.34 -25.92
N ASP B 314 -4.25 44.46 -26.32
CA ASP B 314 -3.82 45.15 -27.53
C ASP B 314 -2.49 45.87 -27.35
N ALA B 315 -2.11 46.20 -26.12
CA ALA B 315 -0.81 46.81 -25.90
C ALA B 315 0.32 45.80 -26.03
N PHE B 316 0.00 44.52 -26.19
CA PHE B 316 1.00 43.48 -26.38
C PHE B 316 0.87 42.79 -27.74
N GLY B 317 -0.18 43.11 -28.51
CA GLY B 317 -0.38 42.58 -29.84
C GLY B 317 -1.79 42.11 -30.10
N GLY B 318 -2.53 41.78 -29.05
CA GLY B 318 -3.87 41.24 -29.21
C GLY B 318 -3.92 39.76 -29.48
N GLY B 319 -2.77 39.10 -29.62
CA GLY B 319 -2.74 37.69 -29.91
C GLY B 319 -3.19 36.84 -28.74
N SER B 320 -3.34 35.54 -29.01
CA SER B 320 -3.80 34.60 -28.01
C SER B 320 -3.26 33.22 -28.32
N LEU B 321 -3.37 32.33 -27.34
CA LEU B 321 -2.97 30.93 -27.49
C LEU B 321 -3.96 30.08 -26.72
N THR B 322 -4.66 29.20 -27.41
CA THR B 322 -5.65 28.32 -26.81
C THR B 322 -5.09 26.93 -26.65
N ALA B 323 -5.27 26.35 -25.47
CA ALA B 323 -4.74 25.02 -25.16
C ALA B 323 -5.89 24.05 -24.92
N LEU B 324 -5.79 22.88 -25.52
CA LEU B 324 -6.78 21.80 -25.34
C LEU B 324 -6.06 20.58 -24.80
N PRO B 325 -5.71 20.57 -23.51
CA PRO B 325 -5.04 19.40 -22.95
C PRO B 325 -5.98 18.21 -22.88
N VAL B 326 -5.44 17.03 -23.16
CA VAL B 326 -6.20 15.80 -23.15
C VAL B 326 -5.78 14.96 -21.95
N ILE B 327 -6.76 14.36 -21.28
CA ILE B 327 -6.50 13.54 -20.11
C ILE B 327 -7.30 12.25 -20.22
N GLU B 328 -6.65 11.12 -19.99
CA GLU B 328 -7.28 9.82 -20.01
C GLU B 328 -7.50 9.35 -18.58
N THR B 329 -8.75 9.06 -18.25
CA THR B 329 -9.09 8.56 -16.92
C THR B 329 -9.25 7.05 -16.95
N GLN B 330 -9.01 6.43 -15.80
CA GLN B 330 -9.11 4.99 -15.64
C GLN B 330 -10.45 4.66 -15.02
N ALA B 331 -11.28 3.93 -15.77
CA ALA B 331 -12.61 3.53 -15.32
C ALA B 331 -13.47 4.73 -14.98
N GLY B 332 -13.42 5.77 -15.82
CA GLY B 332 -14.23 6.96 -15.61
C GLY B 332 -13.94 7.71 -14.34
N ASP B 333 -12.90 7.35 -13.60
CA ASP B 333 -12.57 8.01 -12.34
C ASP B 333 -11.95 9.36 -12.65
N VAL B 334 -12.66 10.43 -12.30
CA VAL B 334 -12.20 11.78 -12.55
C VAL B 334 -11.53 12.39 -11.32
N SER B 335 -11.67 11.77 -10.16
CA SER B 335 -11.08 12.27 -8.93
C SER B 335 -9.73 11.62 -8.64
N ALA B 336 -8.98 11.29 -9.68
CA ALA B 336 -7.64 10.75 -9.53
C ALA B 336 -6.67 11.90 -9.25
N TYR B 337 -5.37 11.63 -9.32
CA TYR B 337 -4.38 12.65 -8.99
C TYR B 337 -4.16 13.61 -10.15
N ILE B 338 -3.71 13.10 -11.29
CA ILE B 338 -3.39 13.92 -12.45
C ILE B 338 -4.65 14.54 -13.06
N PRO B 339 -5.75 13.79 -13.23
CA PRO B 339 -6.98 14.44 -13.68
C PRO B 339 -7.40 15.62 -12.84
N THR B 340 -7.36 15.50 -11.51
CA THR B 340 -7.75 16.62 -10.67
C THR B 340 -6.74 17.76 -10.75
N ASN B 341 -5.44 17.44 -10.87
CA ASN B 341 -4.47 18.50 -11.11
C ASN B 341 -4.83 19.32 -12.33
N VAL B 342 -5.07 18.67 -13.46
CA VAL B 342 -5.34 19.41 -14.68
C VAL B 342 -6.70 20.11 -14.60
N ILE B 343 -7.67 19.52 -13.90
CA ILE B 343 -8.94 20.21 -13.68
C ILE B 343 -8.72 21.48 -12.89
N SER B 344 -7.78 21.47 -11.96
CA SER B 344 -7.46 22.64 -11.17
C SER B 344 -6.54 23.62 -11.89
N ILE B 345 -6.00 23.24 -13.05
CA ILE B 345 -5.20 24.18 -13.82
C ILE B 345 -6.01 24.84 -14.93
N THR B 346 -6.85 24.07 -15.62
CA THR B 346 -7.53 24.58 -16.80
C THR B 346 -8.77 25.38 -16.44
N ASP B 347 -9.42 25.93 -17.47
CA ASP B 347 -10.56 26.83 -17.34
C ASP B 347 -11.86 26.15 -17.73
N GLY B 348 -12.00 24.86 -17.47
CA GLY B 348 -13.15 24.08 -17.88
C GLY B 348 -12.76 22.66 -18.23
N GLN B 349 -13.75 21.91 -18.69
CA GLN B 349 -13.52 20.53 -19.08
C GLN B 349 -14.61 20.07 -20.03
N ILE B 350 -14.33 18.99 -20.74
CA ILE B 350 -15.27 18.37 -21.67
C ILE B 350 -15.31 16.89 -21.32
N PHE B 351 -16.32 16.47 -20.57
CA PHE B 351 -16.42 15.10 -20.10
C PHE B 351 -16.93 14.20 -21.21
N LEU B 352 -16.08 13.30 -21.68
CA LEU B 352 -16.47 12.28 -22.64
C LEU B 352 -16.67 10.97 -21.89
N GLU B 353 -17.93 10.56 -21.76
CA GLU B 353 -18.29 9.35 -21.03
C GLU B 353 -18.18 8.15 -21.96
N THR B 354 -18.05 6.95 -21.36
CA THR B 354 -17.95 5.75 -22.17
C THR B 354 -19.30 5.07 -22.31
N GLU B 355 -20.18 5.21 -21.31
CA GLU B 355 -21.54 4.70 -21.45
C GLU B 355 -22.28 5.45 -22.55
N LEU B 356 -22.19 6.79 -22.55
CA LEU B 356 -22.74 7.57 -23.64
C LEU B 356 -22.14 7.20 -24.98
N PHE B 357 -20.85 6.87 -25.01
CA PHE B 357 -20.20 6.50 -26.27
C PHE B 357 -20.68 5.14 -26.73
N TYR B 358 -21.09 4.28 -25.80
CA TYR B 358 -21.57 2.96 -26.14
C TYR B 358 -22.96 3.00 -26.77
N LYS B 359 -23.86 3.83 -26.24
CA LYS B 359 -25.21 3.94 -26.75
C LYS B 359 -25.29 4.65 -28.08
N GLY B 360 -24.17 4.97 -28.71
CA GLY B 360 -24.15 5.60 -30.00
C GLY B 360 -24.08 7.11 -29.97
N ILE B 361 -24.27 7.74 -28.81
CA ILE B 361 -24.11 9.19 -28.72
C ILE B 361 -22.67 9.53 -29.04
N ARG B 362 -22.46 10.31 -30.12
CA ARG B 362 -21.13 10.71 -30.52
C ARG B 362 -21.23 12.10 -31.14
N PRO B 363 -20.46 13.08 -30.65
CA PRO B 363 -19.50 13.02 -29.55
C PRO B 363 -20.15 12.80 -28.19
N ALA B 364 -19.56 11.90 -27.39
CA ALA B 364 -20.21 11.48 -26.15
C ALA B 364 -19.96 12.47 -25.04
N ILE B 365 -20.28 13.74 -25.29
CA ILE B 365 -20.03 14.79 -24.31
C ILE B 365 -21.09 14.74 -23.23
N ASN B 366 -20.66 14.53 -22.00
CA ASN B 366 -21.56 14.64 -20.85
C ASN B 366 -21.81 16.12 -20.64
N VAL B 367 -22.88 16.64 -21.27
CA VAL B 367 -23.17 18.06 -21.18
C VAL B 367 -23.62 18.46 -19.79
N GLY B 368 -23.92 17.50 -18.92
CA GLY B 368 -24.22 17.80 -17.54
C GLY B 368 -23.01 18.11 -16.69
N LEU B 369 -21.85 17.52 -17.03
CA LEU B 369 -20.62 17.76 -16.30
C LEU B 369 -19.64 18.64 -17.04
N SER B 370 -19.72 18.71 -18.37
CA SER B 370 -18.87 19.61 -19.13
C SER B 370 -19.18 21.05 -18.78
N VAL B 371 -18.16 21.89 -18.73
CA VAL B 371 -18.32 23.28 -18.32
C VAL B 371 -17.23 24.12 -18.97
N SER B 372 -17.56 25.38 -19.24
CA SER B 372 -16.58 26.36 -19.71
C SER B 372 -16.79 27.64 -18.92
N ARG B 373 -15.88 27.92 -17.99
CA ARG B 373 -16.08 29.04 -17.07
C ARG B 373 -15.97 30.39 -17.79
N VAL B 374 -15.10 30.49 -18.77
CA VAL B 374 -14.87 31.75 -19.47
C VAL B 374 -15.30 31.70 -20.93
N GLY B 375 -16.23 30.82 -21.28
CA GLY B 375 -16.65 30.68 -22.66
C GLY B 375 -17.96 31.36 -22.98
N SER B 376 -18.85 31.48 -22.00
CA SER B 376 -20.14 32.12 -22.25
C SER B 376 -19.98 33.56 -22.70
N ALA B 377 -18.84 34.18 -22.40
CA ALA B 377 -18.51 35.49 -22.92
C ALA B 377 -17.87 35.43 -24.31
N ALA B 378 -17.71 34.24 -24.87
CA ALA B 378 -17.08 34.07 -26.17
C ALA B 378 -18.03 33.62 -27.26
N GLN B 379 -19.23 33.16 -26.92
CA GLN B 379 -20.21 32.81 -27.93
C GLN B 379 -20.61 34.02 -28.74
N THR B 380 -20.95 33.80 -30.01
CA THR B 380 -21.57 34.84 -30.80
C THR B 380 -22.98 35.11 -30.29
N ARG B 381 -23.59 36.16 -30.86
CA ARG B 381 -24.93 36.53 -30.41
C ARG B 381 -25.96 35.48 -30.80
N ALA B 382 -25.94 35.02 -32.05
CA ALA B 382 -26.94 34.06 -32.52
C ALA B 382 -26.80 32.72 -31.81
N MET B 383 -25.58 32.21 -31.72
CA MET B 383 -25.37 30.95 -31.02
C MET B 383 -25.82 31.04 -29.57
N LYS B 384 -25.65 32.21 -28.95
CA LYS B 384 -26.16 32.39 -27.59
C LYS B 384 -27.67 32.39 -27.57
N GLN B 385 -28.28 33.09 -28.54
CA GLN B 385 -29.74 33.16 -28.63
C GLN B 385 -30.36 31.77 -28.67
N VAL B 386 -29.76 30.85 -29.42
CA VAL B 386 -30.32 29.51 -29.47
C VAL B 386 -29.83 28.61 -28.34
N ALA B 387 -28.59 28.82 -27.87
CA ALA B 387 -27.95 27.90 -26.95
C ALA B 387 -28.36 28.09 -25.51
N GLY B 388 -28.72 29.31 -25.10
CA GLY B 388 -29.28 29.46 -23.76
C GLY B 388 -30.57 28.67 -23.59
N THR B 389 -31.49 28.87 -24.54
CA THR B 389 -32.70 28.06 -24.61
C THR B 389 -32.36 26.57 -24.58
N MET B 390 -31.57 26.11 -25.55
CA MET B 390 -31.22 24.70 -25.65
C MET B 390 -30.66 24.15 -24.33
N LYS B 391 -29.74 24.88 -23.72
CA LYS B 391 -29.15 24.44 -22.46
C LYS B 391 -30.22 24.28 -21.39
N LEU B 392 -31.17 25.21 -21.33
CA LEU B 392 -32.18 25.12 -20.29
C LEU B 392 -33.09 23.92 -20.50
N GLU B 393 -33.55 23.70 -21.74
CA GLU B 393 -34.38 22.52 -21.98
C GLU B 393 -33.61 21.23 -21.75
N LEU B 394 -32.32 21.20 -22.08
CA LEU B 394 -31.53 19.99 -21.84
C LEU B 394 -31.32 19.77 -20.34
N ALA B 395 -31.19 20.86 -19.58
CA ALA B 395 -31.08 20.74 -18.12
C ALA B 395 -32.36 20.14 -17.54
N GLN B 396 -33.52 20.64 -17.99
CA GLN B 396 -34.78 20.06 -17.55
C GLN B 396 -34.88 18.59 -17.92
N TYR B 397 -34.58 18.26 -19.18
CA TYR B 397 -34.63 16.87 -19.63
C TYR B 397 -33.73 15.98 -18.78
N ARG B 398 -32.54 16.46 -18.42
CA ARG B 398 -31.62 15.64 -17.66
C ARG B 398 -32.06 15.48 -16.22
N GLU B 399 -32.61 16.54 -15.62
CA GLU B 399 -33.00 16.44 -14.22
C GLU B 399 -34.28 15.63 -14.04
N VAL B 400 -35.16 15.60 -15.04
CA VAL B 400 -36.35 14.76 -14.92
C VAL B 400 -35.97 13.29 -14.99
N ALA B 401 -35.10 12.93 -15.92
CA ALA B 401 -34.67 11.55 -16.08
C ALA B 401 -33.57 11.20 -15.07
N ASP B 411 -46.59 13.13 -15.50
CA ASP B 411 -47.25 14.40 -15.78
C ASP B 411 -47.63 14.53 -17.25
N ALA B 412 -48.17 15.69 -17.62
CA ALA B 412 -48.46 16.00 -19.01
C ALA B 412 -47.42 16.92 -19.64
N ALA B 413 -46.71 17.71 -18.85
CA ALA B 413 -45.65 18.57 -19.36
C ALA B 413 -44.30 17.85 -19.39
N THR B 414 -43.97 17.12 -18.32
CA THR B 414 -42.69 16.41 -18.28
C THR B 414 -42.56 15.40 -19.42
N GLN B 415 -43.68 14.91 -19.94
CA GLN B 415 -43.61 14.10 -21.15
C GLN B 415 -43.17 14.93 -22.34
N GLN B 416 -43.72 16.14 -22.48
CA GLN B 416 -43.24 17.07 -23.49
C GLN B 416 -41.77 17.40 -23.29
N LEU B 417 -41.35 17.58 -22.04
CA LEU B 417 -39.95 17.89 -21.76
C LEU B 417 -39.05 16.73 -22.16
N LEU B 418 -39.43 15.50 -21.83
CA LEU B 418 -38.61 14.35 -22.20
C LEU B 418 -38.57 14.17 -23.71
N SER B 419 -39.68 14.43 -24.39
CA SER B 419 -39.69 14.31 -25.85
C SER B 419 -38.76 15.33 -26.47
N ARG B 420 -38.87 16.59 -26.04
CA ARG B 420 -38.00 17.64 -26.58
C ARG B 420 -36.54 17.36 -26.26
N GLY B 421 -36.26 16.85 -25.06
CA GLY B 421 -34.89 16.52 -24.71
C GLY B 421 -34.33 15.39 -25.55
N VAL B 422 -35.13 14.35 -25.80
CA VAL B 422 -34.69 13.26 -26.65
C VAL B 422 -34.39 13.78 -28.05
N ARG B 423 -35.27 14.62 -28.59
CA ARG B 423 -35.03 15.20 -29.90
C ARG B 423 -33.74 16.02 -29.92
N LEU B 424 -33.48 16.78 -28.84
CA LEU B 424 -32.32 17.64 -28.84
C LEU B 424 -31.02 16.86 -28.68
N THR B 425 -31.02 15.82 -27.84
CA THR B 425 -29.85 14.96 -27.75
C THR B 425 -29.60 14.23 -29.06
N GLU B 426 -30.67 13.87 -29.77
CA GLU B 426 -30.48 13.28 -31.09
C GLU B 426 -29.98 14.31 -32.09
N LEU B 427 -30.26 15.59 -31.85
CA LEU B 427 -29.73 16.64 -32.69
C LEU B 427 -28.27 16.94 -32.39
N LEU B 428 -27.82 16.68 -31.17
CA LEU B 428 -26.43 16.91 -30.79
C LEU B 428 -25.47 15.88 -31.40
N LYS B 429 -25.93 14.64 -31.62
CA LYS B 429 -25.11 13.66 -32.29
C LYS B 429 -24.59 14.22 -33.61
N GLN B 430 -23.37 13.83 -33.97
CA GLN B 430 -22.73 14.42 -35.13
C GLN B 430 -21.79 13.40 -35.74
N GLY B 431 -21.55 13.54 -37.04
CA GLY B 431 -20.59 12.70 -37.72
C GLY B 431 -19.18 12.99 -37.26
N GLN B 432 -18.23 12.56 -38.08
CA GLN B 432 -16.81 12.73 -37.79
C GLN B 432 -16.14 13.39 -38.98
N TYR B 433 -15.16 14.25 -38.69
CA TYR B 433 -14.40 14.98 -39.70
C TYR B 433 -15.29 15.86 -40.56
N SER B 434 -16.47 16.21 -40.07
CA SER B 434 -17.40 17.10 -40.78
C SER B 434 -17.89 18.16 -39.80
N PRO B 435 -17.06 19.14 -39.48
CA PRO B 435 -17.51 20.23 -38.63
C PRO B 435 -18.34 21.23 -39.41
N MET B 436 -19.23 21.90 -38.70
CA MET B 436 -20.23 22.76 -39.29
C MET B 436 -19.91 24.22 -39.02
N ALA B 437 -20.15 25.07 -40.01
CA ALA B 437 -20.02 26.51 -39.81
C ALA B 437 -20.97 26.96 -38.71
N ILE B 438 -20.73 28.17 -38.20
CA ILE B 438 -21.52 28.65 -37.07
C ILE B 438 -22.96 28.93 -37.49
N GLU B 439 -23.16 29.43 -38.72
CA GLU B 439 -24.52 29.71 -39.17
C GLU B 439 -25.33 28.43 -39.35
N GLU B 440 -24.71 27.36 -39.89
CA GLU B 440 -25.42 26.10 -40.01
C GLU B 440 -25.80 25.54 -38.66
N GLN B 441 -24.89 25.64 -37.68
CA GLN B 441 -25.19 25.13 -36.35
C GLN B 441 -26.31 25.91 -35.69
N VAL B 442 -26.29 27.24 -35.80
CA VAL B 442 -27.33 28.03 -35.16
C VAL B 442 -28.67 27.79 -35.85
N ALA B 443 -28.64 27.56 -37.18
CA ALA B 443 -29.87 27.23 -37.89
C ALA B 443 -30.44 25.90 -37.42
N VAL B 444 -29.59 24.88 -37.27
CA VAL B 444 -30.07 23.58 -36.82
C VAL B 444 -30.61 23.66 -35.40
N ILE B 445 -29.86 24.29 -34.49
CA ILE B 445 -30.33 24.42 -33.11
C ILE B 445 -31.61 25.24 -33.06
N TYR B 446 -31.75 26.22 -33.94
CA TYR B 446 -32.98 27.00 -34.02
C TYR B 446 -34.15 26.09 -34.39
N ALA B 447 -34.01 25.37 -35.51
CA ALA B 447 -35.04 24.43 -35.92
C ALA B 447 -35.38 23.43 -34.82
N GLY B 448 -34.40 23.08 -33.99
CA GLY B 448 -34.63 22.12 -32.94
C GLY B 448 -35.36 22.66 -31.72
N VAL B 449 -34.94 23.82 -31.23
CA VAL B 449 -35.47 24.32 -29.96
C VAL B 449 -36.76 25.11 -30.17
N ARG B 450 -37.07 25.48 -31.41
CA ARG B 450 -38.30 26.21 -31.67
C ARG B 450 -39.52 25.31 -31.78
N GLY B 451 -39.39 24.03 -31.44
CA GLY B 451 -40.52 23.12 -31.40
C GLY B 451 -40.85 22.43 -32.70
N TYR B 452 -40.21 22.79 -33.80
CA TYR B 452 -40.62 22.30 -35.11
C TYR B 452 -40.28 20.82 -35.32
N LEU B 453 -39.69 20.17 -34.33
CA LEU B 453 -39.40 18.74 -34.41
C LEU B 453 -40.12 17.94 -33.34
N ASP B 454 -41.04 18.58 -32.61
CA ASP B 454 -41.72 17.91 -31.49
C ASP B 454 -42.68 16.82 -31.95
N LYS B 455 -42.92 16.69 -33.25
CA LYS B 455 -43.80 15.66 -33.78
C LYS B 455 -43.07 14.57 -34.55
N LEU B 456 -41.85 14.83 -35.00
CA LEU B 456 -41.13 13.85 -35.81
C LEU B 456 -40.65 12.69 -34.94
N GLU B 457 -40.32 11.58 -35.60
CA GLU B 457 -39.78 10.42 -34.92
C GLU B 457 -38.34 10.68 -34.48
N PRO B 458 -38.02 10.38 -33.20
CA PRO B 458 -36.64 10.59 -32.75
C PRO B 458 -35.59 9.95 -33.63
N SER B 459 -35.84 8.72 -34.11
CA SER B 459 -34.84 8.00 -34.88
C SER B 459 -34.64 8.58 -36.27
N LYS B 460 -35.46 9.56 -36.65
CA LYS B 460 -35.36 10.20 -37.96
C LYS B 460 -34.78 11.61 -37.89
N ILE B 461 -34.50 12.13 -36.69
CA ILE B 461 -33.99 13.48 -36.54
C ILE B 461 -32.67 13.64 -37.26
N THR B 462 -31.85 12.59 -37.25
CA THR B 462 -30.53 12.66 -37.88
C THR B 462 -30.64 12.93 -39.37
N LYS B 463 -31.44 12.11 -40.06
CA LYS B 463 -31.60 12.28 -41.50
C LYS B 463 -32.34 13.57 -41.81
N PHE B 464 -33.30 13.94 -40.96
CA PHE B 464 -33.97 15.22 -41.14
C PHE B 464 -32.97 16.36 -41.11
N GLU B 465 -32.04 16.32 -40.16
CA GLU B 465 -31.03 17.37 -40.02
C GLU B 465 -30.09 17.39 -41.22
N ASN B 466 -29.66 16.21 -41.66
CA ASN B 466 -28.78 16.13 -42.84
C ASN B 466 -29.44 16.75 -44.06
N ALA B 467 -30.67 16.31 -44.36
CA ALA B 467 -31.38 16.84 -45.52
C ALA B 467 -31.67 18.33 -45.36
N PHE B 468 -32.02 18.75 -44.14
CA PHE B 468 -32.29 20.16 -43.87
C PHE B 468 -31.07 21.01 -44.15
N LEU B 469 -29.89 20.56 -43.72
CA LEU B 469 -28.66 21.30 -43.98
C LEU B 469 -28.35 21.33 -45.46
N SER B 470 -28.56 20.21 -46.16
CA SER B 470 -28.35 20.22 -47.60
C SER B 470 -29.25 21.26 -48.28
N HIS B 471 -30.52 21.27 -47.90
CA HIS B 471 -31.46 22.24 -48.47
C HIS B 471 -31.01 23.67 -48.18
N VAL B 472 -30.68 23.96 -46.92
CA VAL B 472 -30.32 25.33 -46.54
C VAL B 472 -29.03 25.79 -47.21
N VAL B 473 -28.06 24.90 -47.37
CA VAL B 473 -26.86 25.31 -48.09
C VAL B 473 -27.14 25.42 -49.59
N SER B 474 -28.22 24.82 -50.06
CA SER B 474 -28.57 24.97 -51.46
C SER B 474 -29.35 26.26 -51.74
N GLN B 475 -30.50 26.45 -51.08
CA GLN B 475 -31.41 27.53 -51.41
C GLN B 475 -31.41 28.69 -50.42
N HIS B 476 -30.50 28.71 -49.45
CA HIS B 476 -30.54 29.74 -48.42
C HIS B 476 -29.14 30.26 -48.11
N GLN B 477 -28.35 30.48 -49.15
CA GLN B 477 -27.01 31.03 -48.94
C GLN B 477 -27.05 32.45 -48.42
N ALA B 478 -28.09 33.22 -48.76
CA ALA B 478 -28.16 34.61 -48.32
C ALA B 478 -28.51 34.72 -46.84
N LEU B 479 -29.44 33.90 -46.36
CA LEU B 479 -29.75 33.88 -44.94
C LEU B 479 -28.53 33.46 -44.11
N LEU B 480 -27.84 32.41 -44.55
CA LEU B 480 -26.63 32.00 -43.86
C LEU B 480 -25.58 33.10 -43.86
N GLY B 481 -25.39 33.75 -45.02
CA GLY B 481 -24.40 34.80 -45.11
C GLY B 481 -24.71 35.99 -44.23
N THR B 482 -26.00 36.33 -44.09
CA THR B 482 -26.34 37.47 -43.25
C THR B 482 -26.33 37.13 -41.77
N ILE B 483 -26.68 35.90 -41.40
CA ILE B 483 -26.49 35.48 -40.02
C ILE B 483 -25.01 35.49 -39.66
N ARG B 484 -24.16 35.06 -40.59
CA ARG B 484 -22.71 35.13 -40.36
C ARG B 484 -22.24 36.56 -40.19
N ALA B 485 -22.45 37.40 -41.20
CA ALA B 485 -21.95 38.78 -41.16
C ALA B 485 -22.49 39.53 -39.95
N ASP B 486 -23.80 39.43 -39.69
CA ASP B 486 -24.37 40.13 -38.55
C ASP B 486 -23.88 39.57 -37.22
N GLY B 487 -23.53 38.28 -37.18
CA GLY B 487 -23.24 37.63 -35.93
C GLY B 487 -24.41 37.51 -34.99
N LYS B 488 -25.60 37.91 -35.43
CA LYS B 488 -26.79 37.90 -34.60
C LYS B 488 -27.98 37.43 -35.43
N ILE B 489 -29.10 37.20 -34.76
CA ILE B 489 -30.35 36.83 -35.40
C ILE B 489 -31.30 38.00 -35.25
N SER B 490 -31.45 38.79 -36.30
CA SER B 490 -32.44 39.86 -36.30
C SER B 490 -33.83 39.28 -36.56
N GLU B 491 -34.85 40.09 -36.31
CA GLU B 491 -36.23 39.61 -36.43
C GLU B 491 -36.57 39.27 -37.88
N GLN B 492 -35.99 39.99 -38.85
CA GLN B 492 -36.16 39.60 -40.24
C GLN B 492 -35.57 38.22 -40.49
N SER B 493 -34.35 37.99 -40.00
CA SER B 493 -33.73 36.68 -40.15
C SER B 493 -34.48 35.62 -39.35
N ASP B 494 -35.00 35.97 -38.17
CA ASP B 494 -35.78 35.02 -37.39
C ASP B 494 -37.02 34.58 -38.15
N ALA B 495 -37.76 35.53 -38.74
CA ALA B 495 -38.94 35.18 -39.50
C ALA B 495 -38.59 34.36 -40.74
N LYS B 496 -37.55 34.79 -41.47
CA LYS B 496 -37.09 34.01 -42.61
C LYS B 496 -36.78 32.57 -42.21
N LEU B 497 -36.07 32.39 -41.10
CA LEU B 497 -35.72 31.05 -40.63
C LEU B 497 -36.97 30.25 -40.29
N LYS B 498 -37.93 30.89 -39.61
CA LYS B 498 -39.16 30.19 -39.23
C LYS B 498 -39.88 29.68 -40.46
N GLU B 499 -40.14 30.55 -41.43
CA GLU B 499 -40.92 30.11 -42.59
C GLU B 499 -40.11 29.16 -43.46
N ILE B 500 -38.78 29.30 -43.46
CA ILE B 500 -37.94 28.38 -44.22
C ILE B 500 -38.02 26.97 -43.66
N VAL B 501 -37.83 26.83 -42.34
CA VAL B 501 -37.86 25.51 -41.75
C VAL B 501 -39.27 24.92 -41.83
N THR B 502 -40.30 25.76 -41.78
CA THR B 502 -41.65 25.22 -41.90
C THR B 502 -41.95 24.75 -43.32
N ASN B 503 -41.49 25.51 -44.33
CA ASN B 503 -41.62 25.05 -45.71
C ASN B 503 -40.90 23.74 -45.93
N PHE B 504 -39.70 23.57 -45.36
CA PHE B 504 -39.01 22.30 -45.53
C PHE B 504 -39.70 21.17 -44.78
N LEU B 505 -40.13 21.44 -43.54
CA LEU B 505 -40.75 20.40 -42.72
C LEU B 505 -42.06 19.92 -43.31
N ALA B 506 -42.87 20.84 -43.85
CA ALA B 506 -44.11 20.44 -44.51
C ALA B 506 -43.83 19.53 -45.70
N GLY B 507 -42.81 19.88 -46.48
CA GLY B 507 -42.43 19.07 -47.61
C GLY B 507 -41.55 17.89 -47.24
N PHE B 508 -41.74 17.36 -46.03
CA PHE B 508 -40.97 16.23 -45.53
C PHE B 508 -41.90 15.08 -45.20
N GLU B 509 -41.30 14.00 -44.70
CA GLU B 509 -42.02 12.79 -44.36
C GLU B 509 -42.62 12.87 -42.96
N ASP C 24 38.81 24.01 23.93
CA ASP C 24 38.31 23.11 24.96
C ASP C 24 37.87 21.77 24.35
N LEU C 25 36.62 21.74 23.91
CA LEU C 25 36.01 20.59 23.23
C LEU C 25 35.79 19.40 24.17
N GLU C 26 35.50 19.66 25.43
CA GLU C 26 34.91 18.64 26.29
C GLU C 26 33.64 19.12 26.98
N GLU C 27 33.59 20.39 27.37
CA GLU C 27 32.40 20.98 27.94
C GLU C 27 31.76 22.02 27.03
N THR C 28 32.35 22.28 25.87
CA THR C 28 31.80 23.22 24.91
C THR C 28 32.11 22.72 23.51
N GLY C 29 31.20 23.01 22.58
CA GLY C 29 31.36 22.61 21.20
C GLY C 29 31.08 23.76 20.26
N ARG C 30 31.21 23.46 18.97
CA ARG C 30 31.05 24.45 17.91
C ARG C 30 30.17 23.89 16.81
N VAL C 31 29.11 24.62 16.48
CA VAL C 31 28.10 24.14 15.54
C VAL C 31 28.75 23.84 14.20
N LEU C 32 28.70 22.57 13.78
CA LEU C 32 29.13 22.22 12.43
C LEU C 32 28.07 22.59 11.41
N SER C 33 26.79 22.40 11.75
CA SER C 33 25.73 22.67 10.80
C SER C 33 24.45 23.03 11.55
N ILE C 34 23.57 23.77 10.90
CA ILE C 34 22.27 24.12 11.45
C ILE C 34 21.25 24.10 10.33
N GLY C 35 20.05 23.64 10.64
CA GLY C 35 18.98 23.65 9.67
C GLY C 35 17.75 22.91 10.14
N ASP C 36 16.58 23.48 9.90
CA ASP C 36 15.30 22.85 10.21
C ASP C 36 15.16 22.51 11.68
N GLY C 37 15.81 23.28 12.55
CA GLY C 37 15.75 22.99 13.96
C GLY C 37 16.66 21.88 14.42
N ILE C 38 17.61 21.46 13.59
CA ILE C 38 18.60 20.46 13.96
C ILE C 38 19.98 21.09 13.82
N ALA C 39 20.76 21.00 14.89
CA ALA C 39 22.13 21.52 14.92
C ALA C 39 23.08 20.35 15.08
N ARG C 40 23.93 20.14 14.10
CA ARG C 40 25.03 19.19 14.22
C ARG C 40 26.20 19.92 14.87
N VAL C 41 26.45 19.61 16.13
CA VAL C 41 27.42 20.29 16.96
C VAL C 41 28.69 19.46 17.05
N HIS C 42 29.83 20.08 16.79
CA HIS C 42 31.11 19.41 16.89
C HIS C 42 31.67 19.54 18.29
N GLY C 43 32.34 18.48 18.75
CA GLY C 43 32.88 18.48 20.10
C GLY C 43 31.85 18.06 21.12
N LEU C 44 31.77 18.80 22.23
CA LEU C 44 30.86 18.49 23.32
C LEU C 44 31.03 17.04 23.78
N ARG C 45 32.30 16.65 24.01
CA ARG C 45 32.61 15.25 24.25
C ARG C 45 31.93 14.72 25.51
N ASN C 46 31.82 15.53 26.56
CA ASN C 46 31.30 15.07 27.83
C ASN C 46 29.79 15.27 27.97
N VAL C 47 29.08 15.54 26.88
CA VAL C 47 27.64 15.75 26.98
C VAL C 47 26.95 14.41 27.15
N GLN C 48 25.90 14.38 27.96
CA GLN C 48 25.10 13.19 28.15
C GLN C 48 23.94 13.17 27.16
N ALA C 49 23.27 12.03 27.09
CA ALA C 49 22.11 11.91 26.22
C ALA C 49 20.90 12.59 26.84
N GLU C 50 20.07 13.22 26.00
CA GLU C 50 18.86 13.91 26.44
C GLU C 50 19.17 15.03 27.43
N GLU C 51 20.37 15.61 27.33
CA GLU C 51 20.77 16.71 28.19
C GLU C 51 20.58 18.03 27.46
N MET C 52 20.27 19.07 28.23
CA MET C 52 19.92 20.37 27.67
C MET C 52 21.15 21.27 27.63
N VAL C 53 21.65 21.53 26.43
CA VAL C 53 22.77 22.42 26.21
C VAL C 53 22.23 23.79 25.80
N GLU C 54 23.08 24.81 25.86
CA GLU C 54 22.67 26.18 25.58
C GLU C 54 23.55 26.77 24.49
N PHE C 55 22.91 27.30 23.44
CA PHE C 55 23.66 27.96 22.39
C PHE C 55 24.05 29.37 22.84
N SER C 56 24.98 29.98 22.09
CA SER C 56 25.44 31.32 22.44
C SER C 56 24.37 32.37 22.27
N SER C 57 23.36 32.13 21.44
CA SER C 57 22.31 33.09 21.18
C SER C 57 21.22 33.08 22.24
N GLY C 58 21.42 32.36 23.34
CA GLY C 58 20.41 32.24 24.36
C GLY C 58 19.45 31.09 24.16
N LEU C 59 19.36 30.56 22.94
CA LEU C 59 18.48 29.44 22.68
C LEU C 59 19.08 28.15 23.23
N LYS C 60 18.21 27.35 23.84
CA LYS C 60 18.58 26.05 24.39
C LYS C 60 18.23 24.96 23.40
N GLY C 61 18.85 23.79 23.59
CA GLY C 61 18.59 22.64 22.75
C GLY C 61 18.79 21.38 23.55
N MET C 62 18.23 20.29 23.03
CA MET C 62 18.34 18.99 23.66
C MET C 62 19.19 18.08 22.77
N SER C 63 20.24 17.50 23.34
CA SER C 63 21.14 16.63 22.62
C SER C 63 20.52 15.24 22.55
N LEU C 64 19.96 14.89 21.40
CA LEU C 64 19.30 13.61 21.22
C LEU C 64 20.17 12.56 20.56
N ASN C 65 20.82 12.90 19.46
CA ASN C 65 21.75 11.99 18.79
C ASN C 65 23.14 12.27 19.34
N LEU C 66 23.75 11.25 19.96
CA LEU C 66 25.15 11.30 20.32
C LEU C 66 25.89 10.44 19.31
N GLU C 67 26.41 11.06 18.26
CA GLU C 67 27.09 10.36 17.19
C GLU C 67 28.59 10.38 17.42
N PRO C 68 29.34 9.47 16.80
CA PRO C 68 30.79 9.43 17.02
C PRO C 68 31.52 10.69 16.59
N ASP C 69 30.98 11.41 15.61
CA ASP C 69 31.65 12.59 15.09
C ASP C 69 31.02 13.90 15.56
N ASN C 70 29.72 13.90 15.87
CA ASN C 70 29.06 15.12 16.29
C ASN C 70 27.87 14.75 17.17
N VAL C 71 27.17 15.78 17.62
CA VAL C 71 25.97 15.64 18.44
C VAL C 71 24.81 16.24 17.67
N GLY C 72 23.65 15.59 17.74
CA GLY C 72 22.46 16.14 17.11
C GLY C 72 21.57 16.82 18.12
N VAL C 73 21.50 18.15 18.06
CA VAL C 73 20.79 18.95 19.03
C VAL C 73 19.51 19.46 18.39
N VAL C 74 18.38 19.13 18.99
CA VAL C 74 17.10 19.71 18.59
C VAL C 74 16.96 21.05 19.28
N VAL C 75 16.65 22.09 18.52
CA VAL C 75 16.69 23.45 19.02
C VAL C 75 15.33 23.81 19.61
N PHE C 76 15.34 24.39 20.81
CA PHE C 76 14.12 24.78 21.50
C PHE C 76 13.72 26.21 21.11
N GLY C 77 13.63 26.44 19.81
CA GLY C 77 13.29 27.77 19.32
C GLY C 77 13.45 27.88 17.83
N ASN C 78 13.82 29.08 17.39
CA ASN C 78 13.92 29.41 15.98
C ASN C 78 15.37 29.32 15.53
N ASP C 79 15.63 28.50 14.52
CA ASP C 79 16.98 28.26 14.04
C ASP C 79 17.55 29.44 13.24
N LYS C 80 16.87 30.59 13.24
CA LYS C 80 17.43 31.78 12.62
C LYS C 80 18.58 32.35 13.44
N LEU C 81 18.45 32.33 14.77
CA LEU C 81 19.43 32.94 15.66
C LEU C 81 20.68 32.10 15.84
N ILE C 82 20.82 31.00 15.12
CA ILE C 82 21.95 30.10 15.27
C ILE C 82 22.69 30.01 13.94
N LYS C 83 24.00 30.20 13.99
CA LYS C 83 24.84 30.24 12.79
C LYS C 83 25.91 29.18 12.87
N GLU C 84 26.33 28.70 11.71
CA GLU C 84 27.42 27.73 11.65
C GLU C 84 28.69 28.33 12.23
N GLY C 85 29.25 27.66 13.25
CA GLY C 85 30.40 28.16 13.95
C GLY C 85 30.12 28.71 15.34
N ASP C 86 28.86 28.74 15.77
CA ASP C 86 28.54 29.28 17.07
C ASP C 86 28.99 28.34 18.18
N ILE C 87 29.05 28.87 19.39
CA ILE C 87 29.54 28.13 20.55
C ILE C 87 28.35 27.56 21.32
N VAL C 88 28.42 26.29 21.66
CA VAL C 88 27.37 25.60 22.42
C VAL C 88 27.98 25.14 23.73
N LYS C 89 27.40 25.59 24.84
CA LYS C 89 27.93 25.31 26.16
C LYS C 89 27.06 24.30 26.88
N ARG C 90 27.73 23.38 27.58
CA ARG C 90 27.05 22.46 28.48
C ARG C 90 26.56 23.22 29.71
N THR C 91 25.40 22.81 30.20
CA THR C 91 24.85 23.38 31.42
C THR C 91 24.72 22.36 32.54
N GLY C 92 24.85 21.07 32.25
CA GLY C 92 24.68 20.04 33.24
C GLY C 92 23.27 19.79 33.68
N ALA C 93 22.30 20.56 33.17
CA ALA C 93 20.92 20.48 33.59
C ALA C 93 20.11 19.74 32.52
N ILE C 94 19.64 18.55 32.85
CA ILE C 94 18.64 17.89 32.01
C ILE C 94 17.31 18.60 32.23
N VAL C 95 16.38 18.42 31.28
CA VAL C 95 15.12 19.16 31.30
C VAL C 95 14.44 19.02 32.64
N ASP C 96 13.81 20.10 33.09
CA ASP C 96 13.28 20.20 34.43
C ASP C 96 12.16 21.25 34.41
N VAL C 97 11.08 20.97 35.12
CA VAL C 97 9.93 21.86 35.13
C VAL C 97 9.53 22.13 36.56
N PRO C 98 9.06 23.34 36.86
CA PRO C 98 8.56 23.62 38.20
C PRO C 98 7.26 22.88 38.46
N VAL C 99 7.03 22.56 39.74
CA VAL C 99 5.81 21.89 40.18
C VAL C 99 5.33 22.57 41.46
N GLY C 100 4.17 22.14 41.92
CA GLY C 100 3.60 22.63 43.16
C GLY C 100 2.23 23.19 42.94
N GLU C 101 1.58 23.58 44.04
CA GLU C 101 0.26 24.18 43.97
C GLU C 101 0.27 25.58 43.40
N GLU C 102 1.44 26.23 43.35
CA GLU C 102 1.51 27.58 42.82
C GLU C 102 1.24 27.61 41.33
N LEU C 103 1.45 26.49 40.64
CA LEU C 103 1.17 26.43 39.21
C LEU C 103 -0.31 26.42 38.89
N LEU C 104 -1.18 26.30 39.90
CA LEU C 104 -2.60 26.22 39.64
C LEU C 104 -3.12 27.57 39.14
N GLY C 105 -3.95 27.53 38.11
CA GLY C 105 -4.53 28.74 37.56
C GLY C 105 -3.67 29.46 36.53
N ARG C 106 -2.45 28.99 36.30
CA ARG C 106 -1.53 29.66 35.39
C ARG C 106 -1.35 28.85 34.11
N VAL C 107 -1.32 29.57 32.99
CA VAL C 107 -1.04 28.98 31.69
C VAL C 107 0.45 29.07 31.44
N VAL C 108 1.10 27.91 31.36
CA VAL C 108 2.54 27.84 31.17
C VAL C 108 2.83 27.13 29.85
N ASP C 109 4.07 27.26 29.39
CA ASP C 109 4.47 26.61 28.15
C ASP C 109 5.19 25.30 28.47
N ALA C 110 5.75 24.69 27.43
CA ALA C 110 6.27 23.32 27.55
C ALA C 110 7.42 23.23 28.56
N LEU C 111 8.05 24.35 28.89
CA LEU C 111 9.19 24.33 29.80
C LEU C 111 8.88 24.94 31.15
N GLY C 112 7.61 25.27 31.42
CA GLY C 112 7.21 25.77 32.71
C GLY C 112 7.27 27.27 32.89
N ASN C 113 7.53 28.02 31.81
CA ASN C 113 7.51 29.47 31.89
C ASN C 113 6.09 29.98 31.72
N ALA C 114 5.66 30.88 32.60
CA ALA C 114 4.31 31.42 32.51
C ALA C 114 4.15 32.25 31.25
N ILE C 115 3.02 32.06 30.57
CA ILE C 115 2.75 32.80 29.34
C ILE C 115 1.39 33.48 29.46
N ASP C 116 0.85 33.53 30.68
CA ASP C 116 -0.39 34.23 30.94
C ASP C 116 -0.17 35.68 31.37
N GLY C 117 1.07 36.17 31.30
CA GLY C 117 1.36 37.55 31.64
C GLY C 117 0.93 37.98 33.02
N LYS C 118 1.06 37.10 34.01
CA LYS C 118 0.68 37.43 35.38
C LYS C 118 1.86 37.36 36.34
N GLY C 119 3.06 37.67 35.87
CA GLY C 119 4.23 37.68 36.72
C GLY C 119 4.96 36.35 36.72
N PRO C 120 5.74 36.10 37.76
CA PRO C 120 6.42 34.81 37.87
C PRO C 120 5.56 33.80 38.62
N ILE C 121 6.10 32.60 38.76
CA ILE C 121 5.47 31.54 39.53
C ILE C 121 6.37 31.22 40.72
N GLY C 122 5.81 31.30 41.93
CA GLY C 122 6.58 31.07 43.13
C GLY C 122 6.77 29.59 43.43
N SER C 123 7.26 28.85 42.46
CA SER C 123 7.47 27.42 42.60
C SER C 123 8.80 27.13 43.28
N LYS C 124 8.73 26.63 44.50
CA LYS C 124 9.93 26.25 45.25
C LYS C 124 10.44 24.87 44.89
N THR C 125 9.64 24.06 44.18
CA THR C 125 10.00 22.69 43.86
C THR C 125 10.07 22.51 42.36
N ARG C 126 11.12 21.83 41.90
CA ARG C 126 11.26 21.46 40.50
C ARG C 126 11.21 19.94 40.39
N ARG C 127 11.12 19.44 39.16
CA ARG C 127 11.01 18.02 38.94
C ARG C 127 11.39 17.69 37.50
N ARG C 128 12.12 16.59 37.32
CA ARG C 128 12.56 16.21 35.99
C ARG C 128 11.37 15.70 35.18
N VAL C 129 11.50 15.80 33.84
CA VAL C 129 10.44 15.31 32.97
C VAL C 129 10.65 13.86 32.57
N GLY C 130 11.90 13.40 32.50
CA GLY C 130 12.17 12.06 32.04
C GLY C 130 12.23 11.03 33.15
N LEU C 131 11.53 11.28 34.25
CA LEU C 131 11.50 10.32 35.34
C LEU C 131 10.73 9.07 34.90
N LYS C 132 10.86 8.02 35.72
CA LYS C 132 10.26 6.74 35.39
C LYS C 132 9.02 6.48 36.24
N ALA C 133 8.00 5.91 35.60
CA ALA C 133 6.76 5.58 36.28
C ALA C 133 7.03 4.65 37.47
N PRO C 134 6.13 4.61 38.45
CA PRO C 134 6.33 3.73 39.60
C PRO C 134 6.32 2.27 39.19
N GLY C 135 6.86 1.43 40.06
CA GLY C 135 6.98 0.01 39.78
C GLY C 135 5.67 -0.73 39.90
N ILE C 136 5.75 -1.99 40.32
CA ILE C 136 4.57 -2.81 40.51
C ILE C 136 4.12 -2.81 41.97
N ILE C 137 5.05 -2.63 42.89
CA ILE C 137 4.76 -2.68 44.31
C ILE C 137 4.03 -1.43 44.79
N PRO C 138 4.47 -0.20 44.45
CA PRO C 138 3.78 0.98 44.98
C PRO C 138 2.34 1.13 44.52
N ARG C 139 2.00 0.66 43.33
CA ARG C 139 0.65 0.81 42.80
C ARG C 139 -0.32 -0.03 43.61
N ILE C 140 -1.62 0.22 43.37
CA ILE C 140 -2.68 -0.59 43.96
C ILE C 140 -3.86 -0.58 43.00
N SER C 141 -4.86 -1.42 43.26
CA SER C 141 -6.01 -1.49 42.37
C SER C 141 -6.79 -0.19 42.40
N VAL C 142 -7.14 0.30 41.22
CA VAL C 142 -7.93 1.53 41.11
C VAL C 142 -9.36 1.22 41.53
N ARG C 143 -9.84 1.94 42.54
CA ARG C 143 -11.13 1.67 43.14
C ARG C 143 -12.02 2.89 43.23
N GLU C 144 -11.46 4.06 43.53
CA GLU C 144 -12.27 5.26 43.61
C GLU C 144 -12.66 5.71 42.21
N PRO C 145 -13.82 6.34 42.05
CA PRO C 145 -14.25 6.77 40.72
C PRO C 145 -13.83 8.21 40.42
N MET C 146 -13.54 8.45 39.15
CA MET C 146 -13.25 9.78 38.65
C MET C 146 -14.49 10.25 37.90
N GLN C 147 -15.37 10.95 38.60
CA GLN C 147 -16.66 11.33 38.04
C GLN C 147 -16.47 12.41 37.00
N THR C 148 -16.74 12.08 35.74
CA THR C 148 -16.63 13.04 34.65
C THR C 148 -17.82 13.97 34.58
N GLY C 149 -18.99 13.52 35.01
CA GLY C 149 -20.20 14.29 34.85
C GLY C 149 -20.93 14.07 33.54
N ILE C 150 -20.46 13.13 32.73
CA ILE C 150 -21.11 12.77 31.48
C ILE C 150 -21.82 11.45 31.71
N LYS C 151 -23.13 11.42 31.42
CA LYS C 151 -23.92 10.25 31.76
C LYS C 151 -23.43 9.01 31.02
N ALA C 152 -23.19 9.14 29.71
CA ALA C 152 -22.72 8.00 28.93
C ALA C 152 -21.41 7.46 29.47
N VAL C 153 -20.43 8.34 29.72
CA VAL C 153 -19.16 7.92 30.29
C VAL C 153 -19.36 7.32 31.67
N ASP C 154 -19.90 8.12 32.59
CA ASP C 154 -19.98 7.71 33.99
C ASP C 154 -20.85 6.47 34.20
N SER C 155 -21.63 6.07 33.21
CA SER C 155 -22.49 4.91 33.35
C SER C 155 -22.01 3.69 32.58
N LEU C 156 -21.61 3.88 31.32
CA LEU C 156 -21.24 2.76 30.46
C LEU C 156 -19.74 2.63 30.24
N VAL C 157 -18.97 3.68 30.46
CA VAL C 157 -17.51 3.63 30.33
C VAL C 157 -16.89 4.27 31.57
N PRO C 158 -17.06 3.70 32.75
CA PRO C 158 -16.59 4.37 33.97
C PRO C 158 -15.08 4.54 33.98
N ILE C 159 -14.63 5.56 34.71
CA ILE C 159 -13.22 5.91 34.81
C ILE C 159 -12.85 6.06 36.28
N GLY C 160 -11.85 5.30 36.71
CA GLY C 160 -11.40 5.38 38.08
C GLY C 160 -10.07 6.09 38.22
N ARG C 161 -9.85 6.76 39.35
CA ARG C 161 -8.63 7.53 39.54
C ARG C 161 -7.42 6.61 39.51
N GLY C 162 -6.58 6.77 38.51
CA GLY C 162 -5.47 5.88 38.25
C GLY C 162 -5.54 5.20 36.90
N GLN C 163 -6.65 5.35 36.18
CA GLN C 163 -6.86 4.73 34.90
C GLN C 163 -6.33 5.62 33.78
N ARG C 164 -6.00 4.99 32.66
CA ARG C 164 -5.65 5.69 31.44
C ARG C 164 -6.78 5.41 30.44
N GLU C 165 -7.70 6.37 30.30
CA GLU C 165 -8.85 6.22 29.43
C GLU C 165 -8.67 7.08 28.20
N LEU C 166 -8.65 6.44 27.04
CA LEU C 166 -8.45 7.16 25.79
C LEU C 166 -9.74 7.90 25.40
N ILE C 167 -9.57 9.03 24.73
CA ILE C 167 -10.66 9.72 24.05
C ILE C 167 -10.28 9.79 22.58
N ILE C 168 -10.81 8.87 21.79
CA ILE C 168 -10.38 8.71 20.41
C ILE C 168 -11.55 9.01 19.50
N GLY C 169 -11.26 9.59 18.34
CA GLY C 169 -12.33 9.86 17.39
C GLY C 169 -11.83 10.73 16.27
N ASP C 170 -12.74 11.00 15.34
CA ASP C 170 -12.43 11.82 14.19
C ASP C 170 -12.36 13.29 14.60
N ARG C 171 -12.21 14.17 13.61
CA ARG C 171 -12.15 15.59 13.88
C ARG C 171 -13.55 16.16 14.08
N GLN C 172 -13.66 17.14 14.97
CA GLN C 172 -14.90 17.87 15.21
C GLN C 172 -16.01 16.97 15.72
N THR C 173 -15.66 16.02 16.59
CA THR C 173 -16.64 15.08 17.13
C THR C 173 -16.93 15.28 18.60
N GLY C 174 -16.08 15.98 19.35
CA GLY C 174 -16.41 16.31 20.72
C GLY C 174 -15.42 15.84 21.76
N LYS C 175 -14.18 15.59 21.36
CA LYS C 175 -13.16 15.10 22.29
C LYS C 175 -12.80 16.16 23.33
N THR C 176 -12.36 17.32 22.86
CA THR C 176 -12.03 18.41 23.78
C THR C 176 -13.23 18.79 24.64
N SER C 177 -14.44 18.59 24.13
CA SER C 177 -15.62 18.90 24.94
C SER C 177 -15.79 17.92 26.08
N ILE C 178 -15.51 16.64 25.83
CA ILE C 178 -15.54 15.65 26.92
C ILE C 178 -14.49 15.98 27.95
N ALA C 179 -13.29 16.39 27.50
CA ALA C 179 -12.25 16.74 28.46
C ALA C 179 -12.63 17.97 29.27
N ILE C 180 -13.22 18.98 28.63
CA ILE C 180 -13.59 20.20 29.34
C ILE C 180 -14.73 19.94 30.31
N ASP C 181 -15.67 19.07 29.94
CA ASP C 181 -16.72 18.70 30.88
C ASP C 181 -16.14 17.97 32.08
N THR C 182 -15.21 17.05 31.85
CA THR C 182 -14.54 16.39 32.96
C THR C 182 -13.87 17.39 33.88
N ILE C 183 -13.17 18.38 33.31
CA ILE C 183 -12.48 19.36 34.14
C ILE C 183 -13.47 20.22 34.91
N ILE C 184 -14.57 20.60 34.28
CA ILE C 184 -15.54 21.48 34.93
C ILE C 184 -16.27 20.77 36.05
N ASN C 185 -16.59 19.49 35.87
CA ASN C 185 -17.35 18.76 36.87
C ASN C 185 -16.69 18.78 38.24
N GLN C 186 -15.37 18.80 38.29
CA GLN C 186 -14.65 18.73 39.55
C GLN C 186 -14.82 19.97 40.41
N LYS C 187 -15.61 20.95 39.95
CA LYS C 187 -15.85 22.13 40.77
C LYS C 187 -16.67 21.78 42.01
N ARG C 188 -17.62 20.86 41.90
CA ARG C 188 -18.42 20.47 43.05
C ARG C 188 -17.58 19.75 44.10
N PHE C 189 -16.52 19.05 43.67
CA PHE C 189 -15.63 18.38 44.60
C PHE C 189 -14.63 19.35 45.23
N ASN C 190 -13.98 20.18 44.41
CA ASN C 190 -12.96 21.07 44.91
C ASN C 190 -13.52 22.20 45.77
N ASP C 191 -14.84 22.32 45.87
CA ASP C 191 -15.45 23.27 46.79
C ASP C 191 -15.79 22.63 48.13
N GLY C 192 -15.65 21.32 48.26
CA GLY C 192 -15.84 20.65 49.53
C GLY C 192 -14.60 20.75 50.40
N SER C 193 -14.53 19.92 51.45
CA SER C 193 -13.40 19.97 52.38
C SER C 193 -12.48 18.75 52.29
N ASP C 194 -13.04 17.56 52.14
CA ASP C 194 -12.25 16.32 52.20
C ASP C 194 -11.27 16.27 51.03
N GLU C 195 -9.98 16.14 51.35
CA GLU C 195 -8.92 16.10 50.34
C GLU C 195 -8.93 14.83 49.52
N LYS C 196 -9.72 13.81 49.91
CA LYS C 196 -9.67 12.52 49.25
C LYS C 196 -10.49 12.49 47.97
N LYS C 197 -11.43 13.43 47.79
CA LYS C 197 -12.22 13.50 46.58
C LYS C 197 -11.83 14.65 45.68
N LYS C 198 -11.13 15.66 46.21
CA LYS C 198 -10.66 16.75 45.39
C LYS C 198 -9.70 16.25 44.33
N LEU C 199 -9.91 16.70 43.09
CA LEU C 199 -9.12 16.26 41.94
C LEU C 199 -8.60 17.50 41.23
N TYR C 200 -7.28 17.60 41.09
CA TYR C 200 -6.65 18.74 40.45
C TYR C 200 -6.41 18.42 38.99
N CYS C 201 -6.88 19.28 38.09
CA CYS C 201 -6.87 19.00 36.68
C CYS C 201 -5.69 19.68 35.99
N ILE C 202 -5.25 19.09 34.89
CA ILE C 202 -4.16 19.60 34.07
C ILE C 202 -4.55 19.36 32.62
N TYR C 203 -4.51 20.40 31.81
CA TYR C 203 -4.84 20.32 30.39
C TYR C 203 -3.61 20.69 29.58
N VAL C 204 -3.06 19.72 28.87
CA VAL C 204 -1.90 19.92 28.02
C VAL C 204 -2.39 20.07 26.59
N ALA C 205 -2.09 21.21 25.98
CA ALA C 205 -2.49 21.52 24.62
C ALA C 205 -1.28 21.39 23.71
N ILE C 206 -1.32 20.44 22.79
CA ILE C 206 -0.18 20.10 21.95
C ILE C 206 -0.58 20.38 20.51
N GLY C 207 0.18 21.26 19.85
CA GLY C 207 -0.02 21.50 18.44
C GLY C 207 -1.32 22.19 18.09
N GLN C 208 -1.98 22.80 19.05
CA GLN C 208 -3.24 23.48 18.79
C GLN C 208 -3.00 24.94 18.42
N LYS C 209 -4.05 25.55 17.88
CA LYS C 209 -4.01 26.98 17.60
C LYS C 209 -4.05 27.76 18.91
N ARG C 210 -3.36 28.91 18.93
CA ARG C 210 -3.22 29.65 20.18
C ARG C 210 -4.52 30.31 20.60
N SER C 211 -5.33 30.75 19.63
CA SER C 211 -6.63 31.32 19.98
C SER C 211 -7.59 30.24 20.45
N THR C 212 -7.41 28.99 20.01
CA THR C 212 -8.17 27.89 20.58
C THR C 212 -7.88 27.73 22.06
N VAL C 213 -6.60 27.77 22.43
CA VAL C 213 -6.22 27.66 23.83
C VAL C 213 -6.74 28.85 24.61
N ALA C 214 -6.74 30.04 24.01
CA ALA C 214 -7.28 31.21 24.71
C ALA C 214 -8.77 31.06 24.95
N GLN C 215 -9.52 30.63 23.94
CA GLN C 215 -10.96 30.42 24.12
C GLN C 215 -11.24 29.34 25.15
N LEU C 216 -10.37 28.32 25.21
CA LEU C 216 -10.54 27.27 26.21
C LEU C 216 -10.27 27.80 27.62
N VAL C 217 -9.22 28.61 27.76
CA VAL C 217 -8.94 29.22 29.06
C VAL C 217 -10.10 30.10 29.48
N LYS C 218 -10.77 30.75 28.54
CA LYS C 218 -11.94 31.55 28.90
C LYS C 218 -13.11 30.66 29.32
N ARG C 219 -13.35 29.58 28.57
CA ARG C 219 -14.38 28.62 28.97
C ARG C 219 -14.17 28.11 30.38
N LEU C 220 -12.92 27.86 30.75
CA LEU C 220 -12.62 27.40 32.10
C LEU C 220 -12.78 28.52 33.12
N THR C 221 -12.28 29.72 32.82
CA THR C 221 -12.33 30.82 33.76
C THR C 221 -13.76 31.24 34.07
N ASP C 222 -14.63 31.27 33.06
CA ASP C 222 -16.01 31.69 33.29
C ASP C 222 -16.76 30.65 34.10
N ALA C 223 -16.55 29.37 33.80
CA ALA C 223 -17.10 28.29 34.60
C ALA C 223 -16.39 28.13 35.93
N ASP C 224 -15.45 29.02 36.24
CA ASP C 224 -14.71 29.02 37.51
C ASP C 224 -13.93 27.73 37.71
N ALA C 225 -13.41 27.17 36.62
CA ALA C 225 -12.66 25.93 36.67
C ALA C 225 -11.16 26.15 36.50
N MET C 226 -10.67 27.37 36.73
CA MET C 226 -9.24 27.62 36.63
C MET C 226 -8.56 27.68 37.99
N LYS C 227 -9.31 27.78 39.08
CA LYS C 227 -8.68 27.84 40.40
C LYS C 227 -8.04 26.52 40.77
N TYR C 228 -8.23 25.48 39.95
CA TYR C 228 -7.65 24.17 40.20
C TYR C 228 -7.13 23.51 38.93
N THR C 229 -6.72 24.30 37.94
CA THR C 229 -6.28 23.77 36.65
C THR C 229 -4.96 24.41 36.24
N ILE C 230 -4.03 23.59 35.80
CA ILE C 230 -2.81 24.03 35.12
C ILE C 230 -3.01 23.78 33.64
N VAL C 231 -2.62 24.76 32.82
CA VAL C 231 -2.76 24.65 31.38
C VAL C 231 -1.37 24.76 30.77
N VAL C 232 -0.80 23.63 30.37
CA VAL C 232 0.47 23.60 29.67
C VAL C 232 0.19 23.61 28.19
N SER C 233 0.61 24.67 27.50
CA SER C 233 0.27 24.85 26.09
C SER C 233 1.54 24.95 25.27
N ALA C 234 1.72 24.00 24.37
CA ALA C 234 2.76 24.04 23.34
C ALA C 234 2.03 24.09 22.01
N THR C 235 1.74 25.31 21.54
CA THR C 235 0.87 25.50 20.40
C THR C 235 1.61 25.23 19.10
N ALA C 236 0.93 25.46 17.98
CA ALA C 236 1.47 25.07 16.68
C ALA C 236 2.67 25.90 16.26
N SER C 237 2.78 27.13 16.75
CA SER C 237 3.92 27.96 16.41
C SER C 237 5.19 27.57 17.14
N ASP C 238 5.08 26.84 18.24
CA ASP C 238 6.24 26.43 19.01
C ASP C 238 7.07 25.41 18.23
N ALA C 239 8.36 25.36 18.53
CA ALA C 239 9.25 24.43 17.88
C ALA C 239 8.80 22.99 18.15
N ALA C 240 9.24 22.08 17.29
CA ALA C 240 8.90 20.67 17.46
C ALA C 240 9.33 20.10 18.81
N PRO C 241 10.53 20.40 19.35
CA PRO C 241 10.86 19.85 20.66
C PRO C 241 9.88 20.23 21.75
N LEU C 242 9.35 21.45 21.72
CA LEU C 242 8.43 21.87 22.77
C LEU C 242 7.12 21.11 22.71
N GLN C 243 6.62 20.84 21.49
CA GLN C 243 5.43 20.01 21.37
C GLN C 243 5.74 18.57 21.76
N TYR C 244 6.93 18.08 21.46
CA TYR C 244 7.34 16.74 21.87
C TYR C 244 7.46 16.63 23.38
N LEU C 245 7.74 17.73 24.06
CA LEU C 245 8.08 17.71 25.47
C LEU C 245 6.95 18.15 26.38
N ALA C 246 5.94 18.84 25.85
CA ALA C 246 4.85 19.32 26.70
C ALA C 246 4.12 18.22 27.48
N PRO C 247 3.77 17.07 26.90
CA PRO C 247 3.08 16.05 27.71
C PRO C 247 3.89 15.61 28.91
N TYR C 248 5.21 15.53 28.78
CA TYR C 248 6.03 15.13 29.91
C TYR C 248 6.08 16.20 30.98
N SER C 249 6.13 17.47 30.59
CA SER C 249 6.06 18.54 31.58
C SER C 249 4.75 18.49 32.36
N GLY C 250 3.64 18.33 31.65
CA GLY C 250 2.36 18.19 32.33
C GLY C 250 2.32 16.97 33.23
N CYS C 251 2.89 15.86 32.76
CA CYS C 251 2.88 14.64 33.56
C CYS C 251 3.71 14.81 34.81
N SER C 252 4.79 15.58 34.74
CA SER C 252 5.57 15.87 35.95
C SER C 252 4.77 16.73 36.92
N MET C 253 4.11 17.77 36.40
CA MET C 253 3.29 18.61 37.26
C MET C 253 2.14 17.81 37.90
N GLY C 254 1.73 16.72 37.27
CA GLY C 254 0.73 15.86 37.88
C GLY C 254 1.31 14.84 38.83
N GLU C 255 2.48 14.30 38.50
CA GLU C 255 3.17 13.38 39.39
C GLU C 255 3.53 14.04 40.71
N TYR C 256 3.67 15.37 40.71
CA TYR C 256 3.81 16.06 41.98
C TYR C 256 2.61 15.77 42.89
N PHE C 257 1.41 16.03 42.39
CA PHE C 257 0.21 15.79 43.20
C PHE C 257 0.05 14.31 43.52
N ARG C 258 0.40 13.44 42.58
CA ARG C 258 0.25 12.01 42.80
C ARG C 258 1.09 11.53 43.98
N ASP C 259 2.23 12.18 44.23
CA ASP C 259 3.16 11.75 45.26
C ASP C 259 2.96 12.46 46.59
N ASN C 260 1.93 13.29 46.72
CA ASN C 260 1.64 13.96 47.98
C ASN C 260 0.19 13.75 48.40
N GLY C 261 -0.32 12.54 48.21
CA GLY C 261 -1.65 12.19 48.68
C GLY C 261 -2.80 12.84 47.95
N LYS C 262 -2.53 13.76 47.03
CA LYS C 262 -3.57 14.40 46.24
C LYS C 262 -3.79 13.65 44.93
N HIS C 263 -4.98 13.81 44.37
CA HIS C 263 -5.36 13.14 43.15
C HIS C 263 -5.37 14.14 42.01
N ALA C 264 -4.77 13.77 40.89
CA ALA C 264 -4.70 14.64 39.72
C ALA C 264 -5.37 13.96 38.54
N LEU C 265 -5.60 14.75 37.50
CA LEU C 265 -6.23 14.31 36.27
C LEU C 265 -5.62 15.09 35.13
N ILE C 266 -4.89 14.40 34.25
CA ILE C 266 -4.19 15.06 33.17
C ILE C 266 -4.84 14.68 31.85
N ILE C 267 -4.91 15.65 30.93
CA ILE C 267 -5.52 15.45 29.62
C ILE C 267 -4.56 15.95 28.57
N TYR C 268 -4.02 15.05 27.77
CA TYR C 268 -3.16 15.39 26.64
C TYR C 268 -4.07 15.57 25.44
N ASP C 269 -4.01 16.74 24.80
CA ASP C 269 -4.89 17.08 23.70
C ASP C 269 -4.05 17.69 22.59
N ASP C 270 -3.63 16.87 21.64
CA ASP C 270 -3.78 15.43 21.70
C ASP C 270 -2.42 14.80 21.53
N LEU C 271 -2.37 13.47 21.42
CA LEU C 271 -1.08 12.80 21.27
C LEU C 271 -0.71 12.58 19.81
N SER C 272 -1.66 12.69 18.89
CA SER C 272 -1.33 12.60 17.47
C SER C 272 -0.36 13.69 17.06
N LYS C 273 -0.56 14.90 17.59
CA LYS C 273 0.34 16.00 17.23
C LYS C 273 1.69 15.87 17.92
N GLN C 274 1.73 15.32 19.13
CA GLN C 274 3.02 15.03 19.74
C GLN C 274 3.79 13.98 18.94
N ALA C 275 3.08 12.97 18.45
CA ALA C 275 3.73 11.96 17.62
C ALA C 275 4.21 12.56 16.31
N VAL C 276 3.47 13.52 15.76
CA VAL C 276 3.91 14.17 14.52
C VAL C 276 5.15 15.01 14.77
N ALA C 277 5.20 15.73 15.89
CA ALA C 277 6.39 16.50 16.24
C ALA C 277 7.59 15.58 16.41
N TYR C 278 7.41 14.47 17.12
CA TYR C 278 8.50 13.52 17.29
C TYR C 278 8.93 12.91 15.96
N ARG C 279 7.97 12.67 15.06
CA ARG C 279 8.33 12.13 13.75
C ARG C 279 9.15 13.13 12.96
N GLN C 280 8.81 14.41 13.05
CA GLN C 280 9.62 15.43 12.39
C GLN C 280 11.03 15.46 12.96
N MET C 281 11.14 15.46 14.29
CA MET C 281 12.46 15.47 14.91
C MET C 281 13.27 14.24 14.50
N SER C 282 12.63 13.09 14.41
CA SER C 282 13.35 11.87 14.02
C SER C 282 13.79 11.90 12.57
N LEU C 283 12.86 12.17 11.64
CA LEU C 283 13.21 12.21 10.23
C LEU C 283 14.27 13.27 9.94
N LEU C 284 14.31 14.34 10.72
CA LEU C 284 15.35 15.33 10.53
C LEU C 284 16.68 14.89 11.14
N LEU C 285 16.66 14.12 12.22
CA LEU C 285 17.87 13.52 12.77
C LEU C 285 18.33 12.29 11.99
N ARG C 286 17.73 12.02 10.83
CA ARG C 286 18.08 10.88 9.98
C ARG C 286 17.87 9.55 10.69
N ARG C 287 16.85 9.47 11.55
CA ARG C 287 16.58 8.18 12.15
C ARG C 287 15.73 7.33 11.20
N PRO C 288 15.79 6.01 11.28
CA PRO C 288 15.12 5.17 10.29
C PRO C 288 13.61 5.20 10.47
N PRO C 289 12.87 5.56 9.43
CA PRO C 289 11.42 5.64 9.54
C PRO C 289 10.75 4.27 9.48
N GLY C 290 9.55 4.22 10.01
CA GLY C 290 8.74 3.00 10.05
C GLY C 290 7.44 3.17 9.29
N ARG C 291 6.34 2.76 9.93
CA ARG C 291 5.03 2.90 9.31
C ARG C 291 4.64 4.36 9.24
N GLU C 292 4.10 4.77 8.08
CA GLU C 292 3.70 6.17 7.85
C GLU C 292 4.85 7.14 8.11
N ALA C 293 6.08 6.66 7.93
CA ALA C 293 7.32 7.38 8.19
C ALA C 293 7.50 7.76 9.65
N TYR C 294 6.75 7.13 10.57
CA TYR C 294 6.99 7.36 11.98
C TYR C 294 8.28 6.67 12.39
N PRO C 295 8.95 7.14 13.46
CA PRO C 295 10.16 6.46 13.92
C PRO C 295 9.83 5.08 14.46
N GLY C 296 10.87 4.35 14.84
CA GLY C 296 10.69 3.00 15.29
C GLY C 296 10.14 2.90 16.70
N ASP C 297 10.44 3.88 17.55
CA ASP C 297 10.14 3.81 18.97
C ASP C 297 9.14 4.89 19.40
N VAL C 298 8.10 5.11 18.60
CA VAL C 298 7.05 6.02 19.03
C VAL C 298 6.13 5.34 20.05
N PHE C 299 6.01 4.01 19.98
CA PHE C 299 5.28 3.29 21.01
C PHE C 299 5.93 3.49 22.37
N TYR C 300 7.26 3.38 22.41
CA TYR C 300 7.98 3.70 23.64
C TYR C 300 7.66 5.11 24.10
N LEU C 301 7.58 6.05 23.14
CA LEU C 301 7.35 7.46 23.46
C LEU C 301 6.01 7.64 24.16
N HIS C 302 4.97 6.96 23.68
CA HIS C 302 3.66 7.12 24.31
C HIS C 302 3.50 6.25 25.55
N SER C 303 4.15 5.10 25.60
CA SER C 303 3.98 4.18 26.72
C SER C 303 4.69 4.66 27.96
N ARG C 304 5.94 5.14 27.83
CA ARG C 304 6.63 5.63 29.01
C ARG C 304 6.04 6.93 29.50
N LEU C 305 5.10 7.51 28.77
CA LEU C 305 4.36 8.66 29.25
C LEU C 305 3.07 8.22 29.93
N LEU C 306 2.29 7.36 29.26
CA LEU C 306 1.01 6.95 29.81
C LEU C 306 1.13 5.97 30.97
N GLU C 307 2.30 5.36 31.17
CA GLU C 307 2.49 4.48 32.32
C GLU C 307 2.72 5.25 33.60
N ARG C 308 3.02 6.54 33.53
CA ARG C 308 3.19 7.34 34.73
C ARG C 308 1.88 7.68 35.41
N ALA C 309 0.76 7.19 34.89
CA ALA C 309 -0.54 7.40 35.51
C ALA C 309 -0.86 6.18 36.39
N ALA C 310 -0.73 6.36 37.70
CA ALA C 310 -0.87 5.22 38.60
C ALA C 310 -1.67 5.62 39.83
N LYS C 311 -2.17 4.61 40.53
CA LYS C 311 -2.84 4.79 41.81
C LYS C 311 -1.96 4.21 42.90
N MET C 312 -1.35 5.07 43.70
CA MET C 312 -0.43 4.63 44.74
C MET C 312 -1.19 4.04 45.91
N ASN C 313 -0.50 3.22 46.70
CA ASN C 313 -1.10 2.63 47.88
C ASN C 313 -0.90 3.55 49.08
N ASP C 314 -1.48 3.14 50.22
CA ASP C 314 -1.45 4.00 51.40
C ASP C 314 -0.05 4.09 52.01
N ALA C 315 0.92 3.33 51.49
CA ALA C 315 2.30 3.51 51.91
C ALA C 315 3.01 4.61 51.14
N PHE C 316 2.35 5.16 50.12
CA PHE C 316 2.90 6.24 49.32
C PHE C 316 1.99 7.46 49.27
N GLY C 317 1.04 7.56 50.19
CA GLY C 317 0.13 8.68 50.26
C GLY C 317 -1.28 8.38 49.80
N GLY C 318 -1.44 7.42 48.89
CA GLY C 318 -2.76 7.11 48.36
C GLY C 318 -3.15 7.91 47.15
N GLY C 319 -2.38 8.92 46.78
CA GLY C 319 -2.72 9.73 45.63
C GLY C 319 -2.66 8.96 44.33
N SER C 320 -3.26 9.55 43.30
CA SER C 320 -3.35 8.90 42.00
C SER C 320 -3.00 9.92 40.93
N LEU C 321 -3.10 9.47 39.67
CA LEU C 321 -2.96 10.35 38.52
C LEU C 321 -3.71 9.73 37.36
N THR C 322 -4.85 10.31 37.01
CA THR C 322 -5.66 9.84 35.90
C THR C 322 -5.20 10.53 34.62
N ALA C 323 -5.18 9.79 33.53
CA ALA C 323 -4.80 10.33 32.22
C ALA C 323 -5.95 10.13 31.25
N LEU C 324 -6.19 11.12 30.40
CA LEU C 324 -7.21 11.06 29.35
C LEU C 324 -6.56 11.48 28.03
N PRO C 325 -5.68 10.64 27.48
CA PRO C 325 -5.10 10.97 26.19
C PRO C 325 -6.16 11.07 25.12
N VAL C 326 -5.93 11.97 24.17
CA VAL C 326 -6.85 12.22 23.07
C VAL C 326 -6.17 11.79 21.78
N ILE C 327 -6.95 11.23 20.85
CA ILE C 327 -6.42 10.72 19.60
C ILE C 327 -7.38 11.06 18.46
N GLU C 328 -6.84 11.62 17.38
CA GLU C 328 -7.60 11.99 16.20
C GLU C 328 -7.32 11.00 15.09
N THR C 329 -8.34 10.26 14.69
CA THR C 329 -8.23 9.32 13.59
C THR C 329 -8.67 9.97 12.28
N GLN C 330 -8.19 9.42 11.17
CA GLN C 330 -8.48 9.94 9.85
C GLN C 330 -9.57 9.09 9.22
N ALA C 331 -10.81 9.61 9.25
CA ALA C 331 -11.97 8.93 8.66
C ALA C 331 -12.30 7.63 9.39
N GLY C 332 -12.09 7.63 10.70
CA GLY C 332 -12.41 6.46 11.50
C GLY C 332 -11.47 5.29 11.32
N ASP C 333 -10.24 5.55 10.89
CA ASP C 333 -9.24 4.49 10.73
C ASP C 333 -8.48 4.34 12.03
N VAL C 334 -8.95 3.41 12.87
CA VAL C 334 -8.31 3.15 14.15
C VAL C 334 -7.31 2.01 14.00
N SER C 335 -7.01 1.65 12.76
CA SER C 335 -6.00 0.65 12.47
C SER C 335 -4.69 1.27 12.01
N ALA C 336 -4.53 2.58 12.18
CA ALA C 336 -3.28 3.25 11.86
C ALA C 336 -2.22 2.91 12.91
N TYR C 337 -1.06 3.53 12.78
CA TYR C 337 0.04 3.20 13.67
C TYR C 337 -0.20 3.75 15.07
N ILE C 338 -0.36 5.07 15.19
CA ILE C 338 -0.47 5.74 16.48
C ILE C 338 -1.79 5.40 17.17
N PRO C 339 -2.94 5.37 16.46
CA PRO C 339 -4.16 4.92 17.14
C PRO C 339 -4.05 3.54 17.73
N THR C 340 -3.51 2.56 17.00
CA THR C 340 -3.38 1.22 17.57
C THR C 340 -2.41 1.21 18.74
N ASN C 341 -1.30 1.94 18.63
CA ASN C 341 -0.37 2.05 19.75
C ASN C 341 -1.09 2.52 21.01
N VAL C 342 -1.74 3.68 20.93
CA VAL C 342 -2.35 4.25 22.13
C VAL C 342 -3.56 3.45 22.59
N ILE C 343 -4.25 2.75 21.69
CA ILE C 343 -5.33 1.87 22.13
C ILE C 343 -4.76 0.69 22.92
N SER C 344 -3.68 0.10 22.42
CA SER C 344 -3.05 -1.02 23.10
C SER C 344 -2.37 -0.60 24.40
N ILE C 345 -2.08 0.68 24.58
CA ILE C 345 -1.46 1.14 25.82
C ILE C 345 -2.49 1.39 26.91
N THR C 346 -3.59 2.05 26.58
CA THR C 346 -4.50 2.56 27.60
C THR C 346 -5.40 1.45 28.15
N ASP C 347 -6.32 1.85 29.03
CA ASP C 347 -7.21 0.93 29.73
C ASP C 347 -8.63 0.96 29.22
N GLY C 348 -8.85 1.36 27.98
CA GLY C 348 -10.19 1.43 27.43
C GLY C 348 -10.39 2.76 26.74
N GLN C 349 -11.26 2.75 25.73
CA GLN C 349 -11.43 3.88 24.84
C GLN C 349 -12.78 4.55 25.07
N ILE C 350 -12.95 5.73 24.50
CA ILE C 350 -14.24 6.41 24.42
C ILE C 350 -14.40 6.85 22.98
N PHE C 351 -15.10 6.04 22.19
CA PHE C 351 -15.19 6.27 20.75
C PHE C 351 -16.26 7.30 20.46
N LEU C 352 -15.89 8.34 19.71
CA LEU C 352 -16.83 9.33 19.22
C LEU C 352 -16.94 9.20 17.71
N GLU C 353 -18.16 9.31 17.20
CA GLU C 353 -18.41 9.21 15.76
C GLU C 353 -19.08 10.47 15.27
N THR C 354 -18.97 10.73 13.97
CA THR C 354 -19.60 11.92 13.42
C THR C 354 -21.01 11.63 12.92
N GLU C 355 -21.27 10.39 12.50
CA GLU C 355 -22.62 10.03 12.07
C GLU C 355 -23.56 9.97 13.27
N LEU C 356 -23.05 9.53 14.42
CA LEU C 356 -23.84 9.66 15.64
C LEU C 356 -23.92 11.10 16.10
N PHE C 357 -22.90 11.90 15.81
CA PHE C 357 -22.91 13.30 16.21
C PHE C 357 -23.96 14.07 15.44
N TYR C 358 -24.23 13.68 14.20
CA TYR C 358 -25.25 14.36 13.41
C TYR C 358 -26.61 13.70 13.49
N LYS C 359 -26.68 12.48 14.03
CA LYS C 359 -27.97 11.87 14.32
C LYS C 359 -28.59 12.39 15.61
N GLY C 360 -28.06 13.46 16.18
CA GLY C 360 -28.59 14.04 17.39
C GLY C 360 -27.99 13.49 18.67
N ILE C 361 -27.14 12.47 18.58
CA ILE C 361 -26.53 11.87 19.76
C ILE C 361 -25.30 12.69 20.11
N ARG C 362 -25.42 13.52 21.15
CA ARG C 362 -24.32 14.35 21.61
C ARG C 362 -24.26 14.33 23.13
N PRO C 363 -23.15 13.90 23.74
CA PRO C 363 -21.88 13.44 23.16
C PRO C 363 -22.02 12.18 22.32
N ALA C 364 -21.36 12.15 21.16
CA ALA C 364 -21.57 11.09 20.20
C ALA C 364 -20.77 9.84 20.54
N ILE C 365 -20.94 9.35 21.76
CA ILE C 365 -20.18 8.20 22.22
C ILE C 365 -20.76 6.93 21.59
N ASN C 366 -19.91 6.17 20.93
CA ASN C 366 -20.30 4.87 20.39
C ASN C 366 -20.14 3.85 21.52
N VAL C 367 -21.27 3.45 22.12
CA VAL C 367 -21.21 2.61 23.30
C VAL C 367 -20.75 1.20 22.94
N GLY C 368 -20.93 0.80 21.67
CA GLY C 368 -20.48 -0.52 21.27
C GLY C 368 -18.99 -0.70 21.34
N LEU C 369 -18.22 0.28 20.87
CA LEU C 369 -16.77 0.19 20.82
C LEU C 369 -16.08 0.79 22.03
N SER C 370 -16.82 1.34 22.98
CA SER C 370 -16.21 1.95 24.15
C SER C 370 -16.05 0.92 25.25
N VAL C 371 -14.83 0.76 25.75
CA VAL C 371 -14.49 -0.22 26.77
C VAL C 371 -13.89 0.52 27.96
N SER C 372 -14.05 -0.06 29.15
CA SER C 372 -13.38 0.42 30.35
C SER C 372 -12.86 -0.81 31.09
N ARG C 373 -11.61 -1.20 30.81
CA ARG C 373 -11.04 -2.44 31.39
C ARG C 373 -11.18 -2.43 32.92
N VAL C 374 -11.25 -1.26 33.54
CA VAL C 374 -11.48 -1.22 34.98
C VAL C 374 -12.92 -1.60 35.32
N GLY C 375 -13.88 -1.01 34.62
CA GLY C 375 -15.25 -1.46 34.71
C GLY C 375 -15.95 -1.02 35.99
N SER C 376 -16.80 -1.91 36.50
CA SER C 376 -17.66 -1.61 37.64
C SER C 376 -16.89 -1.24 38.90
N ALA C 377 -15.63 -1.66 39.03
CA ALA C 377 -14.85 -1.29 40.19
C ALA C 377 -14.58 0.21 40.25
N ALA C 378 -14.86 0.93 39.18
CA ALA C 378 -14.67 2.37 39.13
C ALA C 378 -15.99 3.14 39.17
N GLN C 379 -16.97 2.62 39.90
CA GLN C 379 -18.29 3.25 39.98
C GLN C 379 -18.74 3.29 41.42
N THR C 380 -19.64 4.22 41.71
CA THR C 380 -20.38 4.19 42.96
C THR C 380 -21.36 3.02 42.94
N ARG C 381 -21.85 2.64 44.13
CA ARG C 381 -22.74 1.49 44.21
C ARG C 381 -24.02 1.73 43.42
N ALA C 382 -24.69 2.86 43.66
CA ALA C 382 -25.96 3.14 43.00
C ALA C 382 -25.83 3.12 41.48
N MET C 383 -24.86 3.88 40.97
CA MET C 383 -24.64 3.92 39.54
C MET C 383 -24.33 2.54 38.99
N LYS C 384 -23.64 1.69 39.77
CA LYS C 384 -23.40 0.33 39.34
C LYS C 384 -24.70 -0.45 39.22
N GLN C 385 -25.53 -0.38 40.25
CA GLN C 385 -26.82 -1.04 40.26
C GLN C 385 -27.61 -0.72 39.00
N VAL C 386 -27.66 0.57 38.64
CA VAL C 386 -28.51 0.94 37.51
C VAL C 386 -27.81 0.73 36.17
N ALA C 387 -26.49 0.91 36.12
CA ALA C 387 -25.77 0.83 34.88
C ALA C 387 -25.56 -0.61 34.42
N GLY C 388 -25.56 -1.58 35.34
CA GLY C 388 -25.55 -2.97 34.89
C GLY C 388 -26.70 -3.26 33.96
N THR C 389 -27.93 -3.00 34.41
CA THR C 389 -29.09 -3.29 33.58
C THR C 389 -29.15 -2.36 32.38
N MET C 390 -28.72 -1.10 32.51
CA MET C 390 -28.72 -0.24 31.33
C MET C 390 -27.77 -0.77 30.27
N LYS C 391 -26.57 -1.18 30.66
CA LYS C 391 -25.62 -1.73 29.70
C LYS C 391 -26.17 -2.99 29.04
N LEU C 392 -26.78 -3.87 29.84
CA LEU C 392 -27.34 -5.09 29.26
C LEU C 392 -28.44 -4.78 28.25
N GLU C 393 -29.34 -3.86 28.60
CA GLU C 393 -30.45 -3.53 27.72
C GLU C 393 -29.98 -2.84 26.45
N LEU C 394 -28.99 -1.95 26.57
CA LEU C 394 -28.44 -1.28 25.39
C LEU C 394 -27.70 -2.27 24.51
N ALA C 395 -27.02 -3.25 25.10
CA ALA C 395 -26.37 -4.29 24.31
C ALA C 395 -27.40 -5.08 23.51
N GLN C 396 -28.48 -5.51 24.18
CA GLN C 396 -29.54 -6.20 23.46
C GLN C 396 -30.13 -5.35 22.35
N TYR C 397 -30.31 -4.05 22.60
CA TYR C 397 -30.88 -3.18 21.58
C TYR C 397 -29.94 -3.02 20.39
N ARG C 398 -28.63 -2.92 20.65
CA ARG C 398 -27.65 -2.91 19.57
C ARG C 398 -27.66 -4.20 18.78
N GLU C 399 -27.83 -5.34 19.44
CA GLU C 399 -27.86 -6.62 18.74
C GLU C 399 -29.03 -6.71 17.76
N VAL C 400 -30.19 -6.22 18.15
CA VAL C 400 -31.42 -6.43 17.38
C VAL C 400 -31.63 -5.33 16.34
N ALA C 401 -30.84 -4.26 16.40
CA ALA C 401 -30.99 -3.15 15.46
C ALA C 401 -30.48 -3.54 14.08
N LEU C 417 -38.24 -4.56 23.88
CA LEU C 417 -37.93 -4.72 22.45
C LEU C 417 -36.94 -3.63 22.03
N LEU C 418 -37.19 -3.02 20.86
CA LEU C 418 -36.41 -1.87 20.44
C LEU C 418 -36.77 -0.64 21.27
N SER C 419 -37.97 -0.64 21.87
CA SER C 419 -38.45 0.52 22.59
C SER C 419 -37.55 0.88 23.76
N ARG C 420 -37.22 -0.10 24.61
CA ARG C 420 -36.36 0.17 25.75
C ARG C 420 -35.02 0.73 25.31
N GLY C 421 -34.44 0.16 24.26
CA GLY C 421 -33.16 0.63 23.77
C GLY C 421 -33.21 2.06 23.27
N VAL C 422 -34.24 2.39 22.50
CA VAL C 422 -34.38 3.76 21.99
C VAL C 422 -34.59 4.72 23.15
N ARG C 423 -35.40 4.33 24.15
CA ARG C 423 -35.63 5.20 25.29
C ARG C 423 -34.32 5.48 26.03
N LEU C 424 -33.51 4.44 26.25
CA LEU C 424 -32.22 4.65 26.89
C LEU C 424 -31.31 5.52 26.03
N THR C 425 -31.31 5.31 24.71
CA THR C 425 -30.52 6.17 23.83
C THR C 425 -30.85 7.64 24.03
N GLU C 426 -32.11 8.02 23.81
CA GLU C 426 -32.49 9.42 24.10
C GLU C 426 -32.25 9.80 25.55
N LEU C 427 -32.13 8.83 26.45
CA LEU C 427 -31.77 9.16 27.82
C LEU C 427 -30.29 9.51 27.95
N LEU C 428 -29.46 9.06 27.01
CA LEU C 428 -28.03 9.25 27.14
C LEU C 428 -27.59 10.64 26.71
N LYS C 429 -28.36 11.32 25.87
CA LYS C 429 -27.99 12.64 25.38
C LYS C 429 -27.81 13.61 26.54
N GLN C 430 -26.95 14.62 26.32
CA GLN C 430 -26.64 15.59 27.35
C GLN C 430 -26.09 16.84 26.69
N GLY C 431 -26.31 17.98 27.33
CA GLY C 431 -25.81 19.24 26.80
C GLY C 431 -24.34 19.44 27.06
N GLN C 432 -23.85 20.60 26.64
CA GLN C 432 -22.43 20.91 26.76
C GLN C 432 -22.17 21.84 27.92
N TYR C 433 -21.03 21.64 28.59
CA TYR C 433 -20.55 22.52 29.65
C TYR C 433 -21.51 22.58 30.83
N SER C 434 -22.28 21.52 31.03
CA SER C 434 -23.18 21.39 32.17
C SER C 434 -23.22 19.93 32.62
N PRO C 435 -22.21 19.49 33.38
CA PRO C 435 -22.16 18.09 33.81
C PRO C 435 -23.02 17.87 35.06
N MET C 436 -23.60 16.68 35.16
CA MET C 436 -24.54 16.37 36.23
C MET C 436 -23.84 15.57 37.33
N ALA C 437 -24.25 15.84 38.57
CA ALA C 437 -23.78 15.06 39.71
C ALA C 437 -24.23 13.61 39.58
N ILE C 438 -23.57 12.74 40.33
CA ILE C 438 -23.82 11.30 40.15
C ILE C 438 -25.20 10.92 40.64
N GLU C 439 -25.71 11.60 41.68
CA GLU C 439 -27.05 11.28 42.17
C GLU C 439 -28.11 11.67 41.14
N GLU C 440 -27.93 12.79 40.45
CA GLU C 440 -28.87 13.16 39.41
C GLU C 440 -28.76 12.21 38.21
N GLN C 441 -27.56 11.78 37.87
CA GLN C 441 -27.39 10.82 36.79
C GLN C 441 -28.08 9.51 37.10
N VAL C 442 -27.92 9.02 38.35
CA VAL C 442 -28.53 7.74 38.69
C VAL C 442 -30.03 7.87 38.80
N ALA C 443 -30.52 9.03 39.26
CA ALA C 443 -31.97 9.26 39.26
C ALA C 443 -32.54 9.21 37.86
N VAL C 444 -31.88 9.88 36.90
CA VAL C 444 -32.38 9.89 35.53
C VAL C 444 -32.32 8.50 34.91
N ILE C 445 -31.21 7.80 35.10
CA ILE C 445 -31.08 6.47 34.50
C ILE C 445 -32.04 5.49 35.15
N TYR C 446 -32.33 5.69 36.44
CA TYR C 446 -33.38 4.93 37.11
C TYR C 446 -34.72 5.16 36.43
N ALA C 447 -35.18 6.41 36.40
CA ALA C 447 -36.44 6.74 35.74
C ALA C 447 -36.51 6.20 34.32
N GLY C 448 -35.36 6.04 33.67
CA GLY C 448 -35.36 5.52 32.32
C GLY C 448 -35.40 4.01 32.17
N VAL C 449 -34.71 3.28 33.05
CA VAL C 449 -34.40 1.88 32.78
C VAL C 449 -35.41 0.90 33.38
N ARG C 450 -36.02 1.21 34.53
CA ARG C 450 -36.91 0.29 35.19
C ARG C 450 -38.30 0.20 34.54
N GLY C 451 -38.58 1.03 33.54
CA GLY C 451 -39.82 0.94 32.80
C GLY C 451 -40.65 2.19 32.76
N TYR C 452 -40.28 3.25 33.46
CA TYR C 452 -41.10 4.45 33.53
C TYR C 452 -41.07 5.27 32.24
N LEU C 453 -40.48 4.77 31.15
CA LEU C 453 -40.42 5.53 29.91
C LEU C 453 -41.00 4.80 28.71
N ASP C 454 -41.46 3.56 28.86
CA ASP C 454 -41.89 2.80 27.69
C ASP C 454 -43.26 3.21 27.16
N LYS C 455 -43.88 4.26 27.72
CA LYS C 455 -45.15 4.74 27.19
C LYS C 455 -45.04 6.07 26.46
N LEU C 456 -44.03 6.88 26.78
CA LEU C 456 -43.85 8.15 26.11
C LEU C 456 -43.32 7.95 24.69
N GLU C 457 -43.40 9.02 23.90
CA GLU C 457 -42.86 8.98 22.55
C GLU C 457 -41.42 9.50 22.53
N PRO C 458 -40.51 8.81 21.85
CA PRO C 458 -39.07 9.13 21.96
C PRO C 458 -38.72 10.59 21.73
N SER C 459 -39.60 11.38 21.12
CA SER C 459 -39.32 12.81 20.97
C SER C 459 -39.53 13.58 22.25
N LYS C 460 -40.22 13.01 23.23
CA LYS C 460 -40.53 13.72 24.48
C LYS C 460 -39.57 13.39 25.61
N ILE C 461 -38.62 12.48 25.40
CA ILE C 461 -37.81 11.95 26.50
C ILE C 461 -36.86 13.02 27.03
N THR C 462 -36.30 13.83 26.13
CA THR C 462 -35.38 14.88 26.57
C THR C 462 -36.11 15.93 27.39
N LYS C 463 -37.26 16.40 26.88
CA LYS C 463 -38.10 17.33 27.62
C LYS C 463 -38.44 16.76 28.99
N PHE C 464 -38.86 15.49 29.02
CA PHE C 464 -39.18 14.84 30.28
C PHE C 464 -37.99 14.91 31.22
N GLU C 465 -36.89 14.23 30.86
CA GLU C 465 -35.76 14.09 31.77
C GLU C 465 -35.29 15.44 32.27
N ASN C 466 -35.32 16.47 31.41
CA ASN C 466 -34.95 17.81 31.86
C ASN C 466 -35.91 18.31 32.93
N ALA C 467 -37.22 18.28 32.66
CA ALA C 467 -38.18 18.81 33.62
C ALA C 467 -38.18 18.00 34.91
N PHE C 468 -38.15 16.68 34.78
CA PHE C 468 -38.06 15.76 35.91
C PHE C 468 -36.86 16.08 36.78
N LEU C 469 -35.69 16.28 36.17
CA LEU C 469 -34.49 16.56 36.93
C LEU C 469 -34.60 17.91 37.62
N SER C 470 -35.11 18.92 36.92
CA SER C 470 -35.33 20.22 37.54
C SER C 470 -36.24 20.11 38.76
N HIS C 471 -37.30 19.31 38.64
CA HIS C 471 -38.25 19.14 39.73
C HIS C 471 -37.59 18.46 40.93
N VAL C 472 -36.83 17.39 40.67
CA VAL C 472 -36.15 16.69 41.77
C VAL C 472 -35.14 17.59 42.45
N VAL C 473 -34.46 18.44 41.67
CA VAL C 473 -33.49 19.36 42.24
C VAL C 473 -34.23 20.41 43.06
N SER C 474 -35.46 20.74 42.65
CA SER C 474 -36.24 21.75 43.33
C SER C 474 -36.87 21.27 44.63
N GLN C 475 -37.25 19.99 44.70
CA GLN C 475 -38.01 19.49 45.84
C GLN C 475 -37.31 18.47 46.72
N HIS C 476 -36.77 17.38 46.17
CA HIS C 476 -36.39 16.21 46.94
C HIS C 476 -34.90 16.19 47.23
N GLN C 477 -34.32 17.37 47.52
CA GLN C 477 -32.91 17.47 47.84
C GLN C 477 -32.48 16.52 48.95
N ALA C 478 -33.38 16.18 49.88
CA ALA C 478 -33.02 15.24 50.93
C ALA C 478 -32.74 13.85 50.35
N LEU C 479 -33.54 13.43 49.37
CA LEU C 479 -33.34 12.11 48.76
C LEU C 479 -32.01 12.04 48.03
N LEU C 480 -31.72 13.04 47.19
CA LEU C 480 -30.46 13.04 46.48
C LEU C 480 -29.28 13.19 47.43
N GLY C 481 -29.47 13.93 48.53
CA GLY C 481 -28.43 14.00 49.54
C GLY C 481 -28.16 12.67 50.18
N THR C 482 -29.22 11.91 50.46
CA THR C 482 -29.04 10.56 51.02
C THR C 482 -28.33 9.66 50.04
N ILE C 483 -28.69 9.75 48.76
CA ILE C 483 -28.05 8.90 47.75
C ILE C 483 -26.57 9.24 47.63
N ARG C 484 -26.24 10.53 47.64
CA ARG C 484 -24.84 10.94 47.44
C ARG C 484 -24.03 10.73 48.71
N ALA C 485 -24.69 10.66 49.88
CA ALA C 485 -23.95 10.52 51.12
C ALA C 485 -23.73 9.07 51.49
N ASP C 486 -24.72 8.21 51.25
CA ASP C 486 -24.57 6.80 51.60
C ASP C 486 -23.97 5.99 50.46
N GLY C 487 -23.90 6.56 49.26
CA GLY C 487 -23.22 5.91 48.15
C GLY C 487 -24.07 4.89 47.43
N LYS C 488 -25.07 4.33 48.11
CA LYS C 488 -25.93 3.30 47.57
C LYS C 488 -27.36 3.82 47.48
N ILE C 489 -28.21 3.07 46.78
CA ILE C 489 -29.64 3.30 46.79
C ILE C 489 -30.28 2.27 47.72
N SER C 490 -30.41 2.63 48.99
CA SER C 490 -31.08 1.78 49.96
C SER C 490 -32.57 1.67 49.62
N GLU C 491 -33.10 0.45 49.74
CA GLU C 491 -34.45 0.16 49.26
C GLU C 491 -35.48 1.14 49.81
N GLN C 492 -35.20 1.76 50.95
CA GLN C 492 -36.01 2.90 51.39
C GLN C 492 -35.96 4.01 50.33
N SER C 493 -34.75 4.39 49.92
CA SER C 493 -34.61 5.41 48.87
C SER C 493 -35.10 4.91 47.53
N ASP C 494 -34.94 3.61 47.27
CA ASP C 494 -35.49 3.02 46.05
C ASP C 494 -36.99 3.25 45.97
N ALA C 495 -37.72 2.88 47.04
CA ALA C 495 -39.17 3.09 47.05
C ALA C 495 -39.53 4.57 47.03
N LYS C 496 -38.75 5.40 47.74
CA LYS C 496 -39.01 6.83 47.76
C LYS C 496 -38.98 7.42 46.36
N LEU C 497 -37.88 7.23 45.63
CA LEU C 497 -37.82 7.81 44.31
C LEU C 497 -38.66 7.03 43.31
N LYS C 498 -39.04 5.78 43.62
CA LYS C 498 -40.09 5.11 42.87
C LYS C 498 -41.36 5.94 42.89
N GLU C 499 -41.84 6.26 44.09
CA GLU C 499 -42.99 7.14 44.22
C GLU C 499 -42.77 8.46 43.50
N ILE C 500 -41.58 9.04 43.64
CA ILE C 500 -41.28 10.32 43.01
C ILE C 500 -41.50 10.24 41.50
N VAL C 501 -40.84 9.27 40.86
CA VAL C 501 -40.92 9.15 39.40
C VAL C 501 -42.34 8.83 38.96
N THR C 502 -43.06 8.00 39.72
CA THR C 502 -44.42 7.67 39.31
C THR C 502 -45.33 8.89 39.38
N ASN C 503 -45.25 9.65 40.48
CA ASN C 503 -46.05 10.87 40.60
C ASN C 503 -45.71 11.87 39.50
N PHE C 504 -44.42 12.02 39.17
CA PHE C 504 -44.06 12.98 38.15
C PHE C 504 -44.55 12.54 36.77
N LEU C 505 -44.34 11.27 36.42
CA LEU C 505 -44.81 10.79 35.13
C LEU C 505 -46.33 10.88 35.03
N ALA C 506 -47.04 10.71 36.15
CA ALA C 506 -48.48 10.94 36.15
C ALA C 506 -48.80 12.40 35.84
N GLY C 507 -48.18 13.31 36.61
CA GLY C 507 -48.42 14.74 36.37
C GLY C 507 -47.76 15.27 35.11
N PHE C 508 -47.13 14.40 34.33
CA PHE C 508 -46.45 14.83 33.12
C PHE C 508 -47.35 14.66 31.90
N ALA D 12 37.21 -6.54 -27.02
CA ALA D 12 37.41 -6.05 -25.66
C ALA D 12 37.23 -7.17 -24.65
N THR D 13 38.15 -7.28 -23.71
CA THR D 13 38.13 -8.31 -22.69
C THR D 13 38.11 -7.67 -21.32
N GLY D 14 37.04 -7.91 -20.57
CA GLY D 14 36.95 -7.43 -19.20
C GLY D 14 36.89 -8.57 -18.23
N ARG D 15 36.62 -8.30 -16.96
CA ARG D 15 36.58 -9.37 -15.96
C ARG D 15 35.47 -9.11 -14.96
N ILE D 16 34.84 -10.19 -14.51
CA ILE D 16 33.77 -10.09 -13.53
C ILE D 16 34.33 -9.61 -12.20
N VAL D 17 33.78 -8.50 -11.70
CA VAL D 17 34.19 -8.00 -10.39
C VAL D 17 33.12 -8.17 -9.33
N ALA D 18 31.87 -8.46 -9.71
CA ALA D 18 30.87 -8.70 -8.68
C ALA D 18 29.77 -9.59 -9.23
N VAL D 19 29.22 -10.44 -8.38
CA VAL D 19 28.12 -11.35 -8.72
C VAL D 19 27.12 -11.25 -7.57
N ILE D 20 25.90 -10.79 -7.86
CA ILE D 20 24.84 -10.75 -6.89
C ILE D 20 23.61 -11.33 -7.57
N GLY D 21 23.34 -12.60 -7.32
CA GLY D 21 22.20 -13.25 -7.95
C GLY D 21 22.35 -13.27 -9.47
N ALA D 22 21.51 -12.49 -10.14
CA ALA D 22 21.51 -12.41 -11.60
C ALA D 22 22.14 -11.13 -12.12
N VAL D 23 22.70 -10.30 -11.23
CA VAL D 23 23.30 -9.04 -11.61
C VAL D 23 24.81 -9.16 -11.46
N VAL D 24 25.53 -8.94 -12.56
CA VAL D 24 26.97 -9.14 -12.60
C VAL D 24 27.64 -7.82 -12.97
N ASP D 25 28.54 -7.36 -12.13
CA ASP D 25 29.36 -6.18 -12.44
C ASP D 25 30.66 -6.64 -13.07
N VAL D 26 30.96 -6.11 -14.25
CA VAL D 26 32.12 -6.50 -15.05
C VAL D 26 32.96 -5.25 -15.31
N GLN D 27 34.25 -5.34 -15.04
CA GLN D 27 35.16 -4.22 -15.22
C GLN D 27 36.01 -4.43 -16.46
N PHE D 28 36.11 -3.40 -17.30
CA PHE D 28 36.88 -3.44 -18.52
C PHE D 28 38.11 -2.55 -18.36
N ASP D 29 39.24 -2.99 -18.91
CA ASP D 29 40.44 -2.18 -18.87
C ASP D 29 40.44 -1.09 -19.92
N GLU D 30 39.85 -1.36 -21.09
CA GLU D 30 39.80 -0.39 -22.17
C GLU D 30 38.71 -0.80 -23.16
N GLY D 31 37.99 0.19 -23.69
CA GLY D 31 36.97 -0.08 -24.66
C GLY D 31 35.67 -0.59 -24.07
N LEU D 32 35.01 0.23 -23.26
CA LEU D 32 33.76 -0.17 -22.65
C LEU D 32 32.71 -0.46 -23.73
N PRO D 33 31.83 -1.42 -23.49
CA PRO D 33 30.75 -1.69 -24.44
C PRO D 33 29.58 -0.77 -24.18
N PRO D 34 28.95 -0.24 -25.22
CA PRO D 34 27.71 0.52 -25.04
C PRO D 34 26.64 -0.29 -24.34
N ILE D 35 25.67 0.42 -23.78
CA ILE D 35 24.55 -0.22 -23.11
C ILE D 35 23.80 -1.11 -24.09
N LEU D 36 23.26 -2.22 -23.59
CA LEU D 36 22.45 -3.22 -24.29
C LEU D 36 23.28 -4.20 -25.10
N ASN D 37 24.61 -4.13 -25.06
CA ASN D 37 25.40 -5.13 -25.77
C ASN D 37 25.40 -6.46 -25.02
N ALA D 38 25.82 -7.50 -25.71
CA ALA D 38 25.93 -8.83 -25.16
C ALA D 38 27.39 -9.17 -24.88
N LEU D 39 27.62 -9.80 -23.74
CA LEU D 39 28.95 -10.20 -23.30
C LEU D 39 28.95 -11.70 -23.05
N GLU D 40 29.97 -12.38 -23.59
CA GLU D 40 30.10 -13.81 -23.44
C GLU D 40 31.04 -14.11 -22.28
N VAL D 41 30.51 -14.79 -21.26
CA VAL D 41 31.35 -15.22 -20.14
C VAL D 41 32.23 -16.38 -20.59
N GLN D 42 33.54 -16.18 -20.52
CA GLN D 42 34.48 -17.18 -21.00
C GLN D 42 34.64 -18.31 -19.98
N GLY D 43 34.95 -19.50 -20.48
CA GLY D 43 35.24 -20.61 -19.62
C GLY D 43 34.05 -21.20 -18.91
N ARG D 44 32.97 -21.47 -19.63
CA ARG D 44 31.80 -22.12 -19.05
C ARG D 44 31.37 -23.30 -19.91
N GLU D 45 30.69 -24.25 -19.28
CA GLU D 45 30.20 -25.41 -20.00
C GLU D 45 29.12 -25.02 -21.01
N THR D 46 28.17 -24.19 -20.58
CA THR D 46 27.11 -23.70 -21.46
C THR D 46 27.24 -22.19 -21.60
N ARG D 47 26.75 -21.68 -22.72
CA ARG D 47 26.86 -20.26 -23.04
C ARG D 47 26.05 -19.44 -22.04
N LEU D 48 26.69 -18.46 -21.41
CA LEU D 48 26.03 -17.52 -20.52
C LEU D 48 26.33 -16.11 -21.01
N VAL D 49 25.27 -15.39 -21.42
CA VAL D 49 25.39 -14.06 -21.98
C VAL D 49 24.88 -13.04 -20.97
N LEU D 50 25.67 -12.01 -20.73
CA LEU D 50 25.29 -10.89 -19.88
C LEU D 50 24.95 -9.69 -20.75
N GLU D 51 23.85 -9.02 -20.47
CA GLU D 51 23.42 -7.85 -21.21
C GLU D 51 23.69 -6.61 -20.36
N VAL D 52 24.35 -5.62 -20.97
CA VAL D 52 24.74 -4.42 -20.22
C VAL D 52 23.52 -3.55 -19.96
N ALA D 53 23.46 -2.95 -18.78
CA ALA D 53 22.35 -2.10 -18.39
C ALA D 53 22.77 -0.73 -17.90
N GLN D 54 23.94 -0.60 -17.28
CA GLN D 54 24.42 0.69 -16.81
C GLN D 54 25.94 0.76 -16.99
N HIS D 55 26.44 1.99 -17.03
CA HIS D 55 27.87 2.26 -16.92
C HIS D 55 28.09 2.84 -15.54
N LEU D 56 28.74 2.08 -14.66
CA LEU D 56 28.82 2.42 -13.26
C LEU D 56 29.95 3.40 -12.94
N GLY D 57 30.87 3.61 -13.86
CA GLY D 57 32.05 4.39 -13.56
C GLY D 57 33.23 3.52 -13.18
N GLU D 58 34.41 4.14 -13.17
CA GLU D 58 35.67 3.42 -12.98
C GLU D 58 35.82 2.28 -13.98
N SER D 59 35.32 2.49 -15.19
CA SER D 59 35.35 1.54 -16.29
C SER D 59 34.57 0.26 -15.98
N THR D 60 33.70 0.30 -14.98
CA THR D 60 32.85 -0.83 -14.63
C THR D 60 31.49 -0.68 -15.30
N VAL D 61 30.92 -1.80 -15.71
CA VAL D 61 29.55 -1.86 -16.23
C VAL D 61 28.77 -2.84 -15.37
N ARG D 62 27.46 -2.67 -15.36
CA ARG D 62 26.56 -3.59 -14.68
C ARG D 62 25.73 -4.32 -15.73
N THR D 63 25.46 -5.60 -15.51
CA THR D 63 24.80 -6.43 -16.51
C THR D 63 23.79 -7.34 -15.83
N ILE D 64 22.79 -7.74 -16.59
CA ILE D 64 21.84 -8.77 -16.18
C ILE D 64 22.16 -10.04 -16.96
N ALA D 65 22.10 -11.18 -16.28
CA ALA D 65 22.46 -12.45 -16.90
C ALA D 65 21.26 -13.09 -17.56
N MET D 66 21.48 -13.65 -18.75
CA MET D 66 20.43 -14.35 -19.49
C MET D 66 20.27 -15.80 -19.05
N ASP D 67 21.19 -16.32 -18.23
CA ASP D 67 21.11 -17.67 -17.70
C ASP D 67 21.65 -17.64 -16.28
N GLY D 68 21.46 -18.75 -15.56
CA GLY D 68 21.89 -18.79 -14.17
C GLY D 68 23.38 -18.53 -14.02
N THR D 69 23.74 -17.98 -12.86
CA THR D 69 25.11 -17.57 -12.59
C THR D 69 25.80 -18.45 -11.57
N GLU D 70 25.48 -19.74 -11.52
CA GLU D 70 26.20 -20.65 -10.66
C GLU D 70 27.61 -20.84 -11.19
N GLY D 71 28.60 -20.77 -10.30
CA GLY D 71 29.96 -21.02 -10.68
C GLY D 71 30.69 -19.87 -11.36
N LEU D 72 30.30 -18.63 -11.08
CA LEU D 72 31.08 -17.49 -11.52
C LEU D 72 32.02 -17.05 -10.42
N VAL D 73 33.26 -16.76 -10.80
CA VAL D 73 34.30 -16.34 -9.86
C VAL D 73 34.75 -14.94 -10.23
N ARG D 74 35.05 -14.14 -9.21
CA ARG D 74 35.55 -12.79 -9.44
C ARG D 74 36.87 -12.84 -10.20
N GLY D 75 36.97 -12.04 -11.24
CA GLY D 75 38.14 -12.05 -12.10
C GLY D 75 37.99 -12.93 -13.33
N GLN D 76 36.90 -13.66 -13.45
CA GLN D 76 36.66 -14.48 -14.64
C GLN D 76 36.57 -13.59 -15.87
N LYS D 77 37.15 -14.06 -16.97
CA LYS D 77 37.20 -13.25 -18.18
C LYS D 77 35.84 -13.18 -18.85
N VAL D 78 35.59 -12.04 -19.51
CA VAL D 78 34.35 -11.79 -20.23
C VAL D 78 34.70 -11.09 -21.53
N LEU D 79 34.11 -11.54 -22.63
CA LEU D 79 34.40 -11.01 -23.94
C LEU D 79 33.24 -10.16 -24.44
N ASP D 80 33.55 -8.95 -24.91
CA ASP D 80 32.53 -8.09 -25.49
C ASP D 80 32.30 -8.47 -26.94
N SER D 81 31.03 -8.51 -27.34
CA SER D 81 30.67 -8.94 -28.67
C SER D 81 30.52 -7.80 -29.66
N GLY D 82 30.50 -6.56 -29.18
CA GLY D 82 30.40 -5.41 -30.07
C GLY D 82 29.05 -5.21 -30.70
N ALA D 83 27.99 -5.80 -30.13
CA ALA D 83 26.66 -5.71 -30.70
C ALA D 83 25.69 -6.33 -29.70
N PRO D 84 24.41 -5.97 -29.78
CA PRO D 84 23.42 -6.60 -28.88
C PRO D 84 23.24 -8.08 -29.17
N ILE D 85 22.33 -8.73 -28.44
CA ILE D 85 22.16 -10.18 -28.61
C ILE D 85 21.72 -10.46 -30.03
N LYS D 86 22.59 -11.10 -30.79
CA LYS D 86 22.36 -11.39 -32.20
C LYS D 86 21.82 -12.80 -32.35
N ILE D 87 20.60 -12.90 -32.88
CA ILE D 87 19.97 -14.21 -33.08
C ILE D 87 20.00 -14.55 -34.56
N PRO D 88 19.93 -15.83 -34.93
CA PRO D 88 19.95 -16.20 -36.35
C PRO D 88 18.56 -16.10 -36.96
N VAL D 89 18.44 -15.31 -38.03
CA VAL D 89 17.15 -15.10 -38.66
C VAL D 89 17.19 -15.68 -40.06
N GLY D 90 16.02 -16.00 -40.59
CA GLY D 90 15.90 -16.57 -41.91
C GLY D 90 14.78 -17.58 -41.98
N PRO D 91 14.44 -18.04 -43.18
CA PRO D 91 13.39 -19.05 -43.31
C PRO D 91 13.78 -20.39 -42.71
N GLU D 92 15.07 -20.64 -42.52
CA GLU D 92 15.54 -21.84 -41.86
C GLU D 92 15.17 -21.89 -40.39
N THR D 93 14.63 -20.79 -39.84
CA THR D 93 14.14 -20.76 -38.46
C THR D 93 12.77 -21.39 -38.33
N LEU D 94 12.04 -21.55 -39.42
CA LEU D 94 10.68 -22.06 -39.38
C LEU D 94 10.66 -23.49 -38.87
N GLY D 95 9.76 -23.78 -37.94
CA GLY D 95 9.65 -25.08 -37.34
C GLY D 95 10.62 -25.37 -36.23
N ARG D 96 11.64 -24.53 -36.04
CA ARG D 96 12.62 -24.69 -34.98
C ARG D 96 12.18 -23.94 -33.74
N ILE D 97 12.83 -24.25 -32.63
CA ILE D 97 12.63 -23.56 -31.36
C ILE D 97 13.96 -23.01 -30.91
N MET D 98 13.96 -21.78 -30.40
CA MET D 98 15.17 -21.16 -29.90
C MET D 98 14.86 -20.41 -28.61
N ASN D 99 15.89 -20.15 -27.83
CA ASN D 99 15.75 -19.45 -26.56
C ASN D 99 16.06 -17.97 -26.77
N VAL D 100 16.17 -17.23 -25.67
CA VAL D 100 16.35 -15.79 -25.73
C VAL D 100 17.58 -15.37 -26.53
N ILE D 101 18.60 -16.21 -26.61
CA ILE D 101 19.82 -15.87 -27.32
C ILE D 101 19.97 -16.67 -28.61
N GLY D 102 18.91 -17.30 -29.09
CA GLY D 102 18.96 -17.99 -30.36
C GLY D 102 19.66 -19.33 -30.34
N GLU D 103 19.59 -20.06 -29.23
CA GLU D 103 20.15 -21.39 -29.38
C GLU D 103 19.04 -22.41 -29.53
N PRO D 104 19.18 -23.35 -30.46
CA PRO D 104 18.13 -24.35 -30.64
C PRO D 104 17.97 -25.21 -29.40
N ILE D 105 16.78 -25.16 -28.81
CA ILE D 105 16.45 -25.96 -27.63
C ILE D 105 15.48 -27.08 -27.97
N ASP D 106 15.42 -27.46 -29.25
CA ASP D 106 14.61 -28.58 -29.71
C ASP D 106 15.44 -29.83 -29.96
N GLU D 107 16.76 -29.75 -29.81
CA GLU D 107 17.65 -30.89 -29.96
C GLU D 107 17.65 -31.43 -31.39
N ARG D 108 17.68 -30.53 -32.37
CA ARG D 108 17.67 -30.90 -33.78
C ARG D 108 18.86 -30.32 -34.53
N GLY D 109 19.90 -29.88 -33.83
CA GLY D 109 21.08 -29.36 -34.46
C GLY D 109 21.04 -27.85 -34.59
N PRO D 110 22.09 -27.26 -35.16
CA PRO D 110 22.14 -25.80 -35.28
C PRO D 110 21.10 -25.28 -36.25
N ILE D 111 20.74 -24.01 -36.07
CA ILE D 111 19.80 -23.35 -36.97
C ILE D 111 20.61 -22.74 -38.11
N LYS D 112 20.78 -23.49 -39.20
CA LYS D 112 21.68 -23.10 -40.28
C LYS D 112 21.02 -22.01 -41.11
N THR D 113 21.15 -20.78 -40.63
CA THR D 113 20.70 -19.61 -41.37
C THR D 113 21.90 -18.89 -41.98
N LYS D 114 21.61 -17.90 -42.82
CA LYS D 114 22.63 -17.14 -43.50
C LYS D 114 22.96 -15.81 -42.84
N GLN D 115 22.03 -15.26 -42.06
CA GLN D 115 22.23 -13.94 -41.47
C GLN D 115 21.69 -13.91 -40.04
N PHE D 116 22.24 -12.99 -39.26
CA PHE D 116 21.81 -12.76 -37.89
C PHE D 116 21.24 -11.36 -37.77
N ALA D 117 20.68 -11.06 -36.60
CA ALA D 117 20.10 -9.76 -36.36
C ALA D 117 20.09 -9.45 -34.88
N PRO D 118 20.37 -8.20 -34.50
CA PRO D 118 20.30 -7.83 -33.08
C PRO D 118 18.86 -7.67 -32.63
N ILE D 119 18.57 -8.14 -31.41
CA ILE D 119 17.20 -8.05 -30.90
C ILE D 119 16.82 -6.66 -30.45
N HIS D 120 17.79 -5.76 -30.32
CA HIS D 120 17.53 -4.38 -29.91
C HIS D 120 17.63 -3.50 -31.14
N ALA D 121 16.49 -3.10 -31.68
CA ALA D 121 16.44 -2.20 -32.81
C ALA D 121 15.46 -1.08 -32.49
N GLU D 122 15.42 -0.09 -33.37
CA GLU D 122 14.52 1.04 -33.20
C GLU D 122 13.25 0.85 -34.01
N ALA D 123 12.18 1.47 -33.56
CA ALA D 123 10.92 1.42 -34.28
C ALA D 123 11.10 2.13 -35.63
N PRO D 124 10.30 1.75 -36.64
CA PRO D 124 10.46 2.37 -37.96
C PRO D 124 10.24 3.87 -37.91
N GLU D 125 10.85 4.56 -38.87
CA GLU D 125 10.78 6.01 -38.91
C GLU D 125 9.34 6.45 -39.18
N PHE D 126 9.10 7.76 -39.02
CA PHE D 126 7.77 8.31 -39.28
C PHE D 126 7.42 8.23 -40.76
N MET D 127 8.41 8.33 -41.64
CA MET D 127 8.16 8.29 -43.08
C MET D 127 7.99 6.88 -43.62
N GLU D 128 8.09 5.86 -42.78
CA GLU D 128 7.94 4.48 -43.21
C GLU D 128 6.60 3.88 -42.84
N MET D 129 5.78 4.59 -42.07
CA MET D 129 4.48 4.09 -41.67
C MET D 129 3.52 4.03 -42.85
N SER D 130 2.49 3.21 -42.72
CA SER D 130 1.40 3.19 -43.69
C SER D 130 0.29 4.10 -43.20
N VAL D 131 -0.21 4.97 -44.10
CA VAL D 131 -1.11 6.05 -43.69
C VAL D 131 -2.57 5.63 -43.63
N GLU D 132 -2.92 4.44 -44.11
CA GLU D 132 -4.29 3.96 -44.06
C GLU D 132 -4.36 2.65 -43.30
N GLN D 133 -5.34 2.53 -42.41
CA GLN D 133 -5.62 1.27 -41.76
C GLN D 133 -6.38 0.35 -42.70
N GLU D 134 -6.00 -0.92 -42.73
CA GLU D 134 -6.66 -1.90 -43.57
C GLU D 134 -6.81 -3.19 -42.80
N ILE D 135 -7.83 -3.94 -43.15
CA ILE D 135 -8.22 -5.14 -42.43
C ILE D 135 -7.34 -6.30 -42.87
N LEU D 136 -6.99 -7.17 -41.93
CA LEU D 136 -6.29 -8.41 -42.22
C LEU D 136 -7.33 -9.52 -42.26
N VAL D 137 -7.46 -10.18 -43.41
CA VAL D 137 -8.47 -11.21 -43.58
C VAL D 137 -7.92 -12.52 -43.04
N THR D 138 -8.49 -12.99 -41.93
CA THR D 138 -8.07 -14.23 -41.28
C THR D 138 -8.88 -15.44 -41.72
N GLY D 139 -9.88 -15.25 -42.58
CA GLY D 139 -10.73 -16.35 -42.99
C GLY D 139 -11.61 -16.91 -41.90
N ILE D 140 -11.64 -16.32 -40.73
CA ILE D 140 -12.51 -16.74 -39.64
C ILE D 140 -13.71 -15.81 -39.63
N LYS D 141 -14.91 -16.39 -39.70
CA LYS D 141 -16.10 -15.59 -39.98
C LYS D 141 -16.40 -14.62 -38.85
N VAL D 142 -16.32 -15.08 -37.60
CA VAL D 142 -16.65 -14.21 -36.48
C VAL D 142 -15.59 -13.15 -36.29
N VAL D 143 -14.32 -13.51 -36.48
CA VAL D 143 -13.22 -12.56 -36.33
C VAL D 143 -13.28 -11.51 -37.43
N ASP D 144 -13.59 -11.93 -38.66
CA ASP D 144 -13.61 -10.98 -39.76
C ASP D 144 -14.86 -10.12 -39.74
N LEU D 145 -15.94 -10.63 -39.17
CA LEU D 145 -17.19 -9.85 -39.14
C LEU D 145 -17.23 -8.91 -37.94
N LEU D 146 -17.18 -9.46 -36.72
CA LEU D 146 -17.53 -8.69 -35.54
C LEU D 146 -16.34 -7.97 -34.90
N ALA D 147 -15.12 -8.42 -35.13
CA ALA D 147 -13.94 -7.82 -34.51
C ALA D 147 -12.75 -7.98 -35.45
N PRO D 148 -12.77 -7.30 -36.59
CA PRO D 148 -11.71 -7.48 -37.58
C PRO D 148 -10.33 -7.15 -37.03
N TYR D 149 -9.32 -7.76 -37.64
CA TYR D 149 -7.93 -7.58 -37.25
C TYR D 149 -7.28 -6.57 -38.20
N ALA D 150 -6.70 -5.52 -37.62
CA ALA D 150 -6.04 -4.51 -38.42
C ALA D 150 -4.66 -4.97 -38.85
N LYS D 151 -4.38 -4.87 -40.13
CA LYS D 151 -3.08 -5.27 -40.66
C LYS D 151 -2.01 -4.37 -40.10
N GLY D 152 -1.20 -4.89 -39.18
CA GLY D 152 -0.20 -4.11 -38.50
C GLY D 152 -0.56 -3.71 -37.10
N GLY D 153 -1.67 -4.19 -36.56
CA GLY D 153 -2.13 -3.82 -35.24
C GLY D 153 -1.98 -4.94 -34.24
N LYS D 154 -2.26 -4.60 -32.99
CA LYS D 154 -2.15 -5.51 -31.86
C LYS D 154 -3.53 -5.98 -31.44
N ILE D 155 -3.63 -7.26 -31.10
CA ILE D 155 -4.90 -7.89 -30.76
C ILE D 155 -4.74 -8.59 -29.42
N GLY D 156 -5.57 -8.22 -28.46
CA GLY D 156 -5.56 -8.89 -27.17
C GLY D 156 -6.44 -10.12 -27.17
N LEU D 157 -5.84 -11.28 -26.97
CA LEU D 157 -6.55 -12.56 -27.02
C LEU D 157 -6.83 -13.00 -25.59
N PHE D 158 -8.08 -12.86 -25.17
CA PHE D 158 -8.48 -13.18 -23.81
C PHE D 158 -8.93 -14.63 -23.72
N GLY D 159 -9.10 -15.12 -22.49
CA GLY D 159 -9.52 -16.48 -22.27
C GLY D 159 -8.36 -17.45 -22.22
N GLY D 160 -8.42 -18.44 -21.33
CA GLY D 160 -7.32 -19.36 -21.14
C GLY D 160 -7.59 -20.78 -21.56
N ALA D 161 -7.80 -21.66 -20.58
CA ALA D 161 -7.87 -23.09 -20.82
C ALA D 161 -9.29 -23.54 -21.13
N GLY D 162 -9.41 -24.60 -21.91
CA GLY D 162 -10.69 -25.20 -22.20
C GLY D 162 -11.61 -24.37 -23.06
N VAL D 163 -11.08 -23.46 -23.87
CA VAL D 163 -11.90 -22.64 -24.75
C VAL D 163 -11.34 -22.70 -26.17
N GLY D 164 -10.40 -23.60 -26.40
CA GLY D 164 -9.84 -23.76 -27.73
C GLY D 164 -8.92 -22.63 -28.16
N LYS D 165 -8.08 -22.13 -27.24
CA LYS D 165 -7.20 -21.01 -27.57
C LYS D 165 -6.09 -21.45 -28.51
N THR D 166 -5.41 -22.56 -28.20
CA THR D 166 -4.31 -23.01 -29.04
C THR D 166 -4.81 -23.42 -30.42
N VAL D 167 -6.04 -23.93 -30.50
CA VAL D 167 -6.62 -24.26 -31.80
C VAL D 167 -6.82 -22.99 -32.62
N LEU D 168 -7.30 -21.93 -31.97
CA LEU D 168 -7.44 -20.65 -32.67
C LEU D 168 -6.08 -20.12 -33.11
N ILE D 169 -5.04 -20.31 -32.30
CA ILE D 169 -3.71 -19.87 -32.67
C ILE D 169 -3.23 -20.61 -33.91
N MET D 170 -3.36 -21.94 -33.91
CA MET D 170 -2.88 -22.72 -35.04
C MET D 170 -3.70 -22.43 -36.30
N GLU D 171 -5.00 -22.17 -36.15
CA GLU D 171 -5.82 -21.85 -37.30
C GLU D 171 -5.48 -20.48 -37.87
N LEU D 172 -5.19 -19.51 -37.00
CA LEU D 172 -4.74 -18.21 -37.49
C LEU D 172 -3.42 -18.36 -38.25
N ILE D 173 -2.49 -19.15 -37.71
CA ILE D 173 -1.24 -19.40 -38.42
C ILE D 173 -1.51 -19.98 -39.80
N ASN D 174 -2.32 -21.03 -39.85
CA ASN D 174 -2.59 -21.72 -41.11
C ASN D 174 -3.26 -20.79 -42.12
N ASN D 175 -4.30 -20.08 -41.68
CA ASN D 175 -5.03 -19.20 -42.59
C ASN D 175 -4.16 -18.07 -43.11
N VAL D 176 -3.37 -17.44 -42.23
CA VAL D 176 -2.50 -16.36 -42.69
C VAL D 176 -1.44 -16.88 -43.64
N ALA D 177 -0.98 -18.12 -43.43
CA ALA D 177 0.03 -18.67 -44.32
C ALA D 177 -0.57 -19.01 -45.68
N LYS D 178 -1.81 -19.50 -45.71
CA LYS D 178 -2.43 -19.89 -46.97
C LYS D 178 -2.90 -18.68 -47.77
N ALA D 179 -3.63 -17.77 -47.12
CA ALA D 179 -4.23 -16.65 -47.83
C ALA D 179 -3.22 -15.56 -48.15
N HIS D 180 -2.47 -15.10 -47.14
CA HIS D 180 -1.57 -13.98 -47.31
C HIS D 180 -0.13 -14.39 -47.60
N GLY D 181 0.20 -15.66 -47.47
CA GLY D 181 1.55 -16.10 -47.78
C GLY D 181 2.61 -15.61 -46.81
N GLY D 182 2.23 -15.33 -45.57
CA GLY D 182 3.15 -14.84 -44.56
C GLY D 182 3.22 -15.79 -43.39
N TYR D 183 4.42 -15.98 -42.87
CA TYR D 183 4.67 -16.94 -41.82
C TYR D 183 4.25 -16.36 -40.47
N SER D 184 4.64 -17.05 -39.39
CA SER D 184 4.25 -16.65 -38.04
C SER D 184 5.38 -16.96 -37.07
N VAL D 185 5.43 -16.19 -36.00
CA VAL D 185 6.38 -16.39 -34.91
C VAL D 185 5.59 -16.51 -33.63
N PHE D 186 6.05 -17.38 -32.72
CA PHE D 186 5.38 -17.59 -31.44
C PHE D 186 6.39 -17.37 -30.32
N ALA D 187 6.20 -16.30 -29.56
CA ALA D 187 7.07 -15.96 -28.43
C ALA D 187 6.40 -16.43 -27.15
N GLY D 188 6.92 -17.51 -26.60
CA GLY D 188 6.52 -18.04 -25.31
C GLY D 188 7.24 -17.38 -24.16
N VAL D 189 6.80 -16.19 -23.80
CA VAL D 189 7.32 -15.47 -22.64
C VAL D 189 6.69 -16.04 -21.38
N GLY D 190 7.52 -16.49 -20.44
CA GLY D 190 7.00 -16.98 -19.18
C GLY D 190 6.18 -18.24 -19.29
N GLU D 191 6.58 -19.15 -20.17
CA GLU D 191 5.81 -20.37 -20.38
C GLU D 191 6.09 -21.40 -19.30
N ARG D 192 5.03 -22.05 -18.81
CA ARG D 192 5.21 -23.35 -18.19
C ARG D 192 5.82 -24.29 -19.21
N THR D 193 6.79 -25.09 -18.78
CA THR D 193 7.47 -25.97 -19.73
C THR D 193 6.53 -27.09 -20.19
N ARG D 194 5.66 -27.55 -19.29
CA ARG D 194 4.67 -28.54 -19.68
C ARG D 194 3.79 -28.03 -20.81
N GLU D 195 3.26 -26.81 -20.66
CA GLU D 195 2.41 -26.25 -21.71
C GLU D 195 3.21 -25.91 -22.96
N GLY D 196 4.46 -25.50 -22.80
CA GLY D 196 5.30 -25.31 -23.97
C GLY D 196 5.45 -26.58 -24.79
N ASN D 197 5.70 -27.71 -24.13
CA ASN D 197 5.83 -28.98 -24.84
C ASN D 197 4.49 -29.42 -25.43
N ASP D 198 3.41 -29.25 -24.68
CA ASP D 198 2.08 -29.59 -25.20
C ASP D 198 1.79 -28.82 -26.48
N LEU D 199 2.07 -27.52 -26.48
CA LEU D 199 1.81 -26.70 -27.65
C LEU D 199 2.74 -27.10 -28.80
N TYR D 200 4.00 -27.40 -28.51
CA TYR D 200 4.92 -27.88 -29.53
C TYR D 200 4.36 -29.10 -30.22
N HIS D 201 3.90 -30.07 -29.45
CA HIS D 201 3.41 -31.32 -30.05
C HIS D 201 2.09 -31.11 -30.77
N GLU D 202 1.20 -30.27 -30.26
CA GLU D 202 -0.03 -29.96 -30.97
C GLU D 202 0.26 -29.27 -32.30
N MET D 203 1.28 -28.42 -32.33
CA MET D 203 1.69 -27.81 -33.59
C MET D 203 2.31 -28.84 -34.54
N ILE D 204 3.00 -29.84 -34.00
CA ILE D 204 3.56 -30.88 -34.86
C ILE D 204 2.46 -31.73 -35.47
N GLU D 205 1.42 -32.02 -34.70
CA GLU D 205 0.34 -32.85 -35.22
C GLU D 205 -0.47 -32.13 -36.30
N SER D 206 -0.92 -30.92 -36.02
CA SER D 206 -1.83 -30.21 -36.91
C SER D 206 -1.16 -29.70 -38.18
N GLY D 207 0.08 -30.07 -38.44
CA GLY D 207 0.75 -29.67 -39.65
C GLY D 207 1.30 -28.27 -39.64
N VAL D 208 1.06 -27.50 -38.59
CA VAL D 208 1.67 -26.18 -38.47
C VAL D 208 3.18 -26.28 -38.50
N ILE D 209 3.75 -27.16 -37.68
CA ILE D 209 5.17 -27.49 -37.73
C ILE D 209 5.33 -28.81 -38.46
N ASN D 210 6.39 -28.93 -39.24
CA ASN D 210 6.68 -30.13 -40.03
C ASN D 210 8.13 -30.50 -39.81
N LEU D 211 8.36 -31.56 -39.05
CA LEU D 211 9.71 -31.96 -38.66
C LEU D 211 10.45 -32.74 -39.74
N LYS D 212 9.86 -32.89 -40.93
CA LYS D 212 10.42 -33.78 -41.95
C LYS D 212 10.73 -33.08 -43.26
N ASP D 213 10.09 -31.96 -43.57
CA ASP D 213 10.34 -31.23 -44.79
C ASP D 213 10.63 -29.76 -44.47
N ALA D 214 10.69 -28.95 -45.54
CA ALA D 214 10.93 -27.51 -45.43
C ALA D 214 9.65 -26.70 -45.58
N THR D 215 8.51 -27.23 -45.17
CA THR D 215 7.22 -26.56 -45.30
C THR D 215 6.58 -26.27 -43.95
N SER D 216 7.37 -25.80 -42.99
CA SER D 216 6.81 -25.42 -41.70
C SER D 216 6.34 -23.97 -41.74
N LYS D 217 5.29 -23.67 -40.98
CA LYS D 217 4.65 -22.38 -41.05
C LYS D 217 5.06 -21.42 -39.94
N VAL D 218 5.45 -21.92 -38.77
CA VAL D 218 5.70 -21.08 -37.61
C VAL D 218 7.13 -21.28 -37.14
N ALA D 219 7.70 -20.24 -36.56
CA ALA D 219 8.96 -20.31 -35.85
C ALA D 219 8.72 -20.03 -34.38
N LEU D 220 9.22 -20.89 -33.52
CA LEU D 220 9.00 -20.76 -32.08
C LEU D 220 10.20 -20.11 -31.42
N VAL D 221 9.95 -19.35 -30.38
CA VAL D 221 10.97 -18.80 -29.50
C VAL D 221 10.41 -18.93 -28.09
N TYR D 222 11.19 -19.52 -27.19
CA TYR D 222 10.73 -19.83 -25.84
C TYR D 222 11.66 -19.22 -24.80
N GLY D 223 11.08 -18.52 -23.82
CA GLY D 223 11.77 -18.24 -22.59
C GLY D 223 10.83 -18.67 -21.49
N GLN D 224 11.21 -19.67 -20.71
CA GLN D 224 10.24 -20.34 -19.86
C GLN D 224 10.15 -19.69 -18.50
N MET D 225 9.27 -20.26 -17.67
CA MET D 225 8.98 -19.71 -16.36
C MET D 225 10.16 -19.80 -15.40
N ASN D 226 11.15 -20.64 -15.71
CA ASN D 226 12.26 -20.89 -14.81
C ASN D 226 13.57 -20.29 -15.29
N GLU D 227 13.52 -19.18 -15.95
CA GLU D 227 14.74 -18.52 -16.36
C GLU D 227 14.91 -17.21 -15.61
N PRO D 228 16.13 -16.67 -15.53
CA PRO D 228 16.32 -15.38 -14.87
C PRO D 228 15.52 -14.29 -15.57
N PRO D 229 15.07 -13.28 -14.83
CA PRO D 229 14.14 -12.30 -15.42
C PRO D 229 14.63 -11.63 -16.69
N GLY D 230 15.95 -11.54 -16.90
CA GLY D 230 16.44 -10.95 -18.13
C GLY D 230 16.05 -11.75 -19.36
N ALA D 231 16.11 -13.09 -19.26
CA ALA D 231 15.72 -13.92 -20.38
C ALA D 231 14.24 -13.79 -20.68
N ARG D 232 13.40 -13.84 -19.64
CA ARG D 232 11.97 -13.68 -19.84
C ARG D 232 11.60 -12.29 -20.33
N ALA D 233 12.46 -11.29 -20.09
CA ALA D 233 12.18 -9.96 -20.62
C ALA D 233 12.59 -9.83 -22.08
N ARG D 234 13.69 -10.46 -22.48
CA ARG D 234 14.21 -10.28 -23.83
C ARG D 234 13.69 -11.31 -24.83
N VAL D 235 13.03 -12.38 -24.38
CA VAL D 235 12.53 -13.37 -25.33
C VAL D 235 11.49 -12.76 -26.27
N ALA D 236 10.69 -11.82 -25.77
CA ALA D 236 9.72 -11.16 -26.63
C ALA D 236 10.42 -10.37 -27.74
N LEU D 237 11.53 -9.70 -27.39
CA LEU D 237 12.29 -9.01 -28.41
C LEU D 237 12.94 -9.98 -29.40
N THR D 238 13.32 -11.17 -28.95
CA THR D 238 13.88 -12.16 -29.86
C THR D 238 12.84 -12.60 -30.89
N GLY D 239 11.65 -12.97 -30.42
CA GLY D 239 10.57 -13.31 -31.34
C GLY D 239 10.22 -12.16 -32.27
N LEU D 240 10.17 -10.94 -31.72
CA LEU D 240 9.91 -9.77 -32.54
C LEU D 240 11.00 -9.56 -33.58
N THR D 241 12.23 -9.95 -33.28
CA THR D 241 13.31 -9.80 -34.26
C THR D 241 13.16 -10.79 -35.40
N VAL D 242 12.79 -12.03 -35.09
CA VAL D 242 12.50 -12.99 -36.15
C VAL D 242 11.38 -12.46 -37.05
N ALA D 243 10.30 -11.98 -36.42
CA ALA D 243 9.18 -11.45 -37.21
C ALA D 243 9.59 -10.21 -38.00
N GLU D 244 10.47 -9.38 -37.43
CA GLU D 244 10.95 -8.20 -38.12
C GLU D 244 11.74 -8.59 -39.36
N TYR D 245 12.55 -9.65 -39.27
CA TYR D 245 13.24 -10.13 -40.46
C TYR D 245 12.23 -10.57 -41.52
N PHE D 246 11.23 -11.35 -41.11
CA PHE D 246 10.24 -11.81 -42.08
C PHE D 246 9.50 -10.65 -42.73
N ARG D 247 9.26 -9.57 -41.98
CA ARG D 247 8.56 -8.42 -42.55
C ARG D 247 9.46 -7.62 -43.49
N ASP D 248 10.68 -7.29 -43.05
CA ASP D 248 11.52 -6.37 -43.81
C ASP D 248 12.17 -7.03 -45.01
N GLN D 249 12.80 -8.19 -44.81
CA GLN D 249 13.60 -8.79 -45.87
C GLN D 249 12.81 -9.71 -46.78
N GLU D 250 11.69 -10.25 -46.31
CA GLU D 250 10.81 -11.06 -47.15
C GLU D 250 9.65 -10.28 -47.72
N GLY D 251 9.21 -9.21 -47.06
CA GLY D 251 8.08 -8.44 -47.51
C GLY D 251 6.78 -9.20 -47.39
N GLN D 252 6.43 -9.61 -46.17
CA GLN D 252 5.27 -10.44 -45.92
C GLN D 252 4.32 -9.76 -44.95
N ASP D 253 3.26 -10.48 -44.60
CA ASP D 253 2.33 -10.07 -43.57
C ASP D 253 2.47 -11.09 -42.44
N VAL D 254 3.39 -10.83 -41.53
CA VAL D 254 3.76 -11.78 -40.49
C VAL D 254 2.76 -11.71 -39.35
N LEU D 255 2.60 -12.83 -38.65
CA LEU D 255 1.91 -12.87 -37.37
C LEU D 255 2.92 -13.07 -36.27
N LEU D 256 2.65 -12.48 -35.11
CA LEU D 256 3.50 -12.63 -33.94
C LEU D 256 2.61 -12.88 -32.74
N PHE D 257 2.61 -14.10 -32.24
CA PHE D 257 1.87 -14.46 -31.05
C PHE D 257 2.78 -14.24 -29.85
N ILE D 258 2.23 -13.65 -28.79
CA ILE D 258 2.97 -13.38 -27.57
C ILE D 258 2.17 -13.97 -26.43
N ASP D 259 2.64 -15.08 -25.87
CA ASP D 259 2.02 -15.70 -24.72
C ASP D 259 3.10 -15.92 -23.67
N ASN D 260 3.02 -15.19 -22.56
CA ASN D 260 1.97 -14.23 -22.25
C ASN D 260 2.62 -12.85 -22.21
N ILE D 261 1.83 -11.79 -22.26
CA ILE D 261 2.42 -10.45 -22.25
C ILE D 261 2.52 -9.91 -20.83
N PHE D 262 1.60 -10.30 -19.93
CA PHE D 262 1.74 -9.92 -18.54
C PHE D 262 3.02 -10.46 -17.94
N ARG D 263 3.48 -11.62 -18.42
CA ARG D 263 4.74 -12.16 -17.94
C ARG D 263 5.92 -11.39 -18.50
N PHE D 264 5.76 -10.78 -19.68
CA PHE D 264 6.77 -9.84 -20.17
C PHE D 264 6.86 -8.62 -19.26
N THR D 265 5.70 -8.05 -18.89
CA THR D 265 5.70 -6.93 -17.96
C THR D 265 6.32 -7.33 -16.62
N GLN D 266 6.01 -8.52 -16.13
CA GLN D 266 6.55 -8.98 -14.86
C GLN D 266 8.06 -9.17 -14.93
N ALA D 267 8.55 -9.73 -16.04
CA ALA D 267 9.99 -9.86 -16.21
C ALA D 267 10.66 -8.49 -16.21
N GLY D 268 10.06 -7.51 -16.88
CA GLY D 268 10.61 -6.16 -16.82
C GLY D 268 10.65 -5.61 -15.42
N SER D 269 9.57 -5.81 -14.67
CA SER D 269 9.52 -5.33 -13.29
C SER D 269 10.60 -5.98 -12.43
N GLU D 270 10.79 -7.28 -12.60
CA GLU D 270 11.82 -7.98 -11.83
C GLU D 270 13.21 -7.51 -12.22
N VAL D 271 13.45 -7.33 -13.52
CA VAL D 271 14.75 -6.84 -13.98
C VAL D 271 15.05 -5.48 -13.36
N SER D 272 14.05 -4.59 -13.31
CA SER D 272 14.30 -3.28 -12.71
C SER D 272 14.54 -3.40 -11.21
N ALA D 273 13.76 -4.24 -10.52
CA ALA D 273 13.94 -4.39 -9.09
C ALA D 273 15.31 -4.96 -8.75
N LEU D 274 15.87 -5.81 -9.61
CA LEU D 274 17.22 -6.32 -9.38
C LEU D 274 18.26 -5.22 -9.54
N LEU D 275 18.10 -4.34 -10.52
CA LEU D 275 19.02 -3.24 -10.72
C LEU D 275 18.90 -2.16 -9.66
N GLY D 276 17.98 -2.31 -8.71
CA GLY D 276 17.87 -1.37 -7.61
C GLY D 276 17.12 -0.10 -7.89
N ARG D 277 16.39 -0.03 -9.00
CA ARG D 277 15.61 1.16 -9.33
C ARG D 277 14.41 1.27 -8.41
N ILE D 278 14.09 2.51 -8.04
CA ILE D 278 12.95 2.77 -7.16
C ILE D 278 11.68 2.33 -7.88
N PRO D 279 10.83 1.48 -7.25
CA PRO D 279 9.63 0.97 -7.90
C PRO D 279 8.58 2.08 -8.08
N SER D 280 7.69 1.92 -9.06
CA SER D 280 6.66 2.97 -9.34
C SER D 280 5.36 2.64 -8.60
N ALA D 281 4.23 2.69 -9.30
CA ALA D 281 2.91 2.44 -8.67
C ALA D 281 2.54 0.96 -8.77
N VAL D 282 2.06 0.38 -7.68
CA VAL D 282 1.64 -1.06 -7.66
C VAL D 282 2.90 -1.92 -7.81
N GLY D 283 4.08 -1.34 -7.68
CA GLY D 283 5.32 -2.14 -7.71
C GLY D 283 5.94 -2.26 -9.09
N TYR D 284 5.26 -1.78 -10.12
CA TYR D 284 5.76 -1.97 -11.50
C TYR D 284 6.98 -1.09 -11.70
N GLN D 285 7.84 -1.45 -12.66
CA GLN D 285 9.08 -0.69 -12.93
C GLN D 285 8.76 0.76 -13.26
N PRO D 286 9.60 1.74 -12.91
CA PRO D 286 9.36 3.14 -13.32
C PRO D 286 9.30 3.30 -14.83
N THR D 287 9.95 2.42 -15.58
CA THR D 287 9.99 2.48 -17.03
C THR D 287 9.00 1.53 -17.67
N LEU D 288 7.84 1.32 -17.04
CA LEU D 288 6.86 0.37 -17.55
C LEU D 288 6.34 0.80 -18.93
N ALA D 289 5.87 2.04 -19.02
CA ALA D 289 5.27 2.51 -20.27
C ALA D 289 6.29 2.55 -21.40
N THR D 290 7.52 2.94 -21.10
CA THR D 290 8.54 3.00 -22.15
C THR D 290 9.06 1.61 -22.52
N ASP D 291 9.14 0.69 -21.57
CA ASP D 291 9.44 -0.69 -21.92
C ASP D 291 8.40 -1.23 -22.91
N MET D 292 7.12 -1.14 -22.53
CA MET D 292 6.07 -1.62 -23.42
C MET D 292 6.06 -0.87 -24.74
N GLY D 293 6.38 0.43 -24.72
CA GLY D 293 6.37 1.20 -25.94
C GLY D 293 7.48 0.78 -26.89
N THR D 294 8.72 0.70 -26.40
CA THR D 294 9.81 0.29 -27.26
C THR D 294 9.65 -1.14 -27.73
N MET D 295 8.89 -1.97 -27.00
CA MET D 295 8.57 -3.28 -27.55
C MET D 295 7.52 -3.19 -28.66
N GLN D 296 6.38 -2.59 -28.36
CA GLN D 296 5.22 -2.64 -29.25
C GLN D 296 5.35 -1.77 -30.48
N GLU D 297 6.17 -0.72 -30.45
CA GLU D 297 6.24 0.18 -31.59
C GLU D 297 7.00 -0.41 -32.76
N ARG D 298 7.55 -1.62 -32.61
CA ARG D 298 8.14 -2.31 -33.74
C ARG D 298 7.11 -3.13 -34.51
N ILE D 299 6.01 -3.50 -33.85
CA ILE D 299 4.94 -4.27 -34.48
C ILE D 299 4.06 -3.27 -35.23
N THR D 300 4.34 -3.07 -36.51
CA THR D 300 3.59 -2.10 -37.29
C THR D 300 3.69 -2.43 -38.76
N THR D 301 3.00 -1.65 -39.57
CA THR D 301 3.02 -1.79 -41.02
C THR D 301 4.06 -0.83 -41.59
N THR D 302 4.80 -1.29 -42.60
CA THR D 302 5.76 -0.45 -43.28
C THR D 302 5.47 -0.44 -44.77
N LYS D 303 6.33 0.22 -45.54
CA LYS D 303 6.25 0.19 -46.99
C LYS D 303 6.85 -1.07 -47.59
N LYS D 304 7.17 -2.06 -46.75
CA LYS D 304 7.66 -3.36 -47.20
C LYS D 304 6.67 -4.48 -46.89
N GLY D 305 6.24 -4.60 -45.64
CA GLY D 305 5.31 -5.63 -45.23
C GLY D 305 4.52 -5.17 -44.03
N SER D 306 4.33 -6.08 -43.08
CA SER D 306 3.54 -5.79 -41.89
C SER D 306 3.74 -6.88 -40.87
N ILE D 307 3.54 -6.52 -39.60
CA ILE D 307 3.56 -7.47 -38.50
C ILE D 307 2.29 -7.27 -37.69
N THR D 308 1.46 -8.30 -37.62
CA THR D 308 0.25 -8.29 -36.81
C THR D 308 0.46 -9.15 -35.58
N SER D 309 0.24 -8.58 -34.41
CA SER D 309 0.57 -9.24 -33.15
C SER D 309 -0.69 -9.66 -32.43
N VAL D 310 -0.79 -10.93 -32.09
CA VAL D 310 -1.82 -11.45 -31.21
C VAL D 310 -1.17 -11.73 -29.87
N GLN D 311 -1.69 -11.12 -28.81
CA GLN D 311 -1.06 -11.16 -27.50
C GLN D 311 -2.06 -11.67 -26.48
N ALA D 312 -1.72 -12.78 -25.82
CA ALA D 312 -2.58 -13.27 -24.76
C ALA D 312 -2.47 -12.36 -23.55
N ILE D 313 -3.59 -11.77 -23.14
CA ILE D 313 -3.63 -10.81 -22.06
C ILE D 313 -4.07 -11.52 -20.79
N TYR D 314 -3.27 -11.41 -19.74
CA TYR D 314 -3.68 -11.80 -18.41
C TYR D 314 -3.93 -10.53 -17.60
N VAL D 315 -5.04 -10.50 -16.88
CA VAL D 315 -5.46 -9.33 -16.13
C VAL D 315 -5.24 -9.63 -14.65
N PRO D 316 -4.27 -8.99 -14.01
CA PRO D 316 -3.97 -9.30 -12.60
C PRO D 316 -5.12 -8.92 -11.69
N ALA D 317 -5.54 -9.87 -10.85
CA ALA D 317 -6.63 -9.67 -9.90
C ALA D 317 -7.90 -9.20 -10.60
N ASP D 318 -8.13 -9.68 -11.82
CA ASP D 318 -9.26 -9.29 -12.68
C ASP D 318 -9.56 -7.80 -12.58
N ASP D 319 -8.50 -7.00 -12.62
CA ASP D 319 -8.58 -5.55 -12.54
C ASP D 319 -8.02 -4.95 -13.81
N LEU D 320 -8.86 -4.26 -14.58
CA LEU D 320 -8.43 -3.68 -15.84
C LEU D 320 -7.78 -2.32 -15.66
N THR D 321 -7.85 -1.73 -14.48
CA THR D 321 -7.17 -0.48 -14.20
C THR D 321 -5.76 -0.69 -13.66
N ASP D 322 -5.36 -1.95 -13.47
CA ASP D 322 -4.00 -2.25 -13.06
C ASP D 322 -3.02 -1.69 -14.10
N PRO D 323 -1.83 -1.25 -13.68
CA PRO D 323 -0.93 -0.60 -14.64
C PRO D 323 -0.52 -1.46 -15.82
N ALA D 324 -0.41 -2.78 -15.64
CA ALA D 324 0.03 -3.62 -16.76
C ALA D 324 -1.04 -3.74 -17.85
N PRO D 325 -2.29 -4.11 -17.55
CA PRO D 325 -3.32 -4.06 -18.61
C PRO D 325 -3.54 -2.65 -19.14
N ALA D 326 -3.70 -1.67 -18.24
CA ALA D 326 -3.90 -0.29 -18.67
C ALA D 326 -2.78 0.21 -19.57
N THR D 327 -1.58 -0.36 -19.46
CA THR D 327 -0.49 0.07 -20.33
C THR D 327 -0.45 -0.74 -21.63
N THR D 328 -0.83 -2.01 -21.59
CA THR D 328 -0.85 -2.76 -22.84
C THR D 328 -2.11 -2.47 -23.65
N PHE D 329 -3.20 -2.07 -22.98
CA PHE D 329 -4.42 -1.71 -23.68
C PHE D 329 -4.25 -0.50 -24.57
N ALA D 330 -3.35 0.42 -24.22
CA ALA D 330 -3.13 1.60 -25.06
C ALA D 330 -2.60 1.22 -26.43
N HIS D 331 -1.99 0.04 -26.57
CA HIS D 331 -1.44 -0.40 -27.84
C HIS D 331 -2.31 -1.42 -28.55
N LEU D 332 -3.38 -1.90 -27.92
CA LEU D 332 -4.22 -2.92 -28.54
C LEU D 332 -5.18 -2.30 -29.53
N ASP D 333 -5.14 -2.77 -30.76
CA ASP D 333 -6.06 -2.31 -31.79
C ASP D 333 -7.31 -3.18 -31.90
N ALA D 334 -7.31 -4.37 -31.31
CA ALA D 334 -8.50 -5.22 -31.35
C ALA D 334 -8.48 -6.15 -30.14
N THR D 335 -9.59 -6.84 -29.96
CA THR D 335 -9.77 -7.75 -28.83
C THR D 335 -10.56 -8.96 -29.29
N THR D 336 -10.13 -10.15 -28.85
CA THR D 336 -10.81 -11.39 -29.17
C THR D 336 -11.02 -12.15 -27.86
N VAL D 337 -12.27 -12.21 -27.40
CA VAL D 337 -12.60 -12.79 -26.11
C VAL D 337 -13.17 -14.19 -26.36
N LEU D 338 -12.47 -15.20 -25.87
CA LEU D 338 -12.97 -16.57 -25.88
C LEU D 338 -13.67 -16.83 -24.55
N SER D 339 -14.97 -17.11 -24.61
CA SER D 339 -15.75 -17.41 -23.41
C SER D 339 -15.93 -18.91 -23.29
N ARG D 340 -16.17 -19.37 -22.06
CA ARG D 340 -16.44 -20.78 -21.85
C ARG D 340 -17.92 -21.11 -22.05
N ALA D 341 -18.80 -20.14 -21.80
CA ALA D 341 -20.21 -20.36 -22.08
C ALA D 341 -20.46 -20.52 -23.57
N ILE D 342 -19.78 -19.73 -24.40
CA ILE D 342 -19.93 -19.88 -25.85
C ILE D 342 -19.33 -21.20 -26.31
N ALA D 343 -18.42 -21.77 -25.52
CA ALA D 343 -17.87 -23.09 -25.87
C ALA D 343 -18.83 -24.20 -25.47
N GLU D 344 -19.45 -24.07 -24.29
CA GLU D 344 -20.41 -25.08 -23.85
C GLU D 344 -21.60 -25.18 -24.80
N LEU D 345 -21.95 -24.08 -25.45
CA LEU D 345 -23.03 -24.06 -26.44
C LEU D 345 -22.60 -24.64 -27.78
N GLY D 346 -21.45 -25.31 -27.83
CA GLY D 346 -21.00 -25.95 -29.04
C GLY D 346 -20.49 -25.03 -30.12
N ILE D 347 -20.30 -23.74 -29.82
CA ILE D 347 -19.79 -22.80 -30.81
C ILE D 347 -18.28 -22.87 -30.82
N TYR D 348 -17.69 -23.13 -31.99
CA TYR D 348 -16.26 -23.16 -32.15
C TYR D 348 -15.91 -22.50 -33.48
N PRO D 349 -15.06 -21.45 -33.50
CA PRO D 349 -14.34 -20.87 -32.35
C PRO D 349 -15.25 -20.23 -31.32
N ALA D 350 -14.87 -20.33 -30.05
CA ALA D 350 -15.73 -19.93 -28.94
C ALA D 350 -15.67 -18.43 -28.71
N VAL D 351 -15.24 -17.68 -29.72
CA VAL D 351 -15.15 -16.23 -29.66
C VAL D 351 -16.47 -15.65 -29.17
N ASP D 352 -16.43 -14.88 -28.10
CA ASP D 352 -17.62 -14.18 -27.63
C ASP D 352 -17.98 -13.10 -28.63
N PRO D 353 -19.22 -13.09 -29.14
CA PRO D 353 -19.53 -12.17 -30.25
C PRO D 353 -19.78 -10.74 -29.82
N LEU D 354 -20.28 -10.50 -28.61
CA LEU D 354 -20.56 -9.14 -28.16
C LEU D 354 -19.39 -8.48 -27.45
N ASP D 355 -18.56 -9.25 -26.73
CA ASP D 355 -17.44 -8.69 -26.01
C ASP D 355 -16.22 -8.45 -26.88
N SER D 356 -16.05 -9.20 -27.96
CA SER D 356 -14.97 -8.96 -28.90
C SER D 356 -15.18 -7.62 -29.58
N THR D 357 -14.22 -6.71 -29.41
CA THR D 357 -14.31 -5.37 -29.98
C THR D 357 -13.22 -5.19 -31.02
N SER D 358 -13.22 -4.01 -31.64
CA SER D 358 -12.22 -3.67 -32.63
C SER D 358 -12.15 -2.16 -32.76
N ARG D 359 -11.03 -1.67 -33.29
CA ARG D 359 -10.88 -0.24 -33.51
C ARG D 359 -10.98 0.15 -34.97
N ILE D 360 -11.05 -0.83 -35.87
CA ILE D 360 -11.30 -0.54 -37.28
C ILE D 360 -12.72 -0.82 -37.69
N MET D 361 -13.61 -1.14 -36.74
CA MET D 361 -15.04 -1.27 -37.03
C MET D 361 -15.56 0.15 -37.22
N ASP D 362 -15.26 0.71 -38.38
CA ASP D 362 -15.48 2.11 -38.69
C ASP D 362 -15.80 2.23 -40.18
N PRO D 363 -16.95 2.76 -40.56
CA PRO D 363 -17.29 2.84 -41.99
C PRO D 363 -16.25 3.57 -42.81
N ASN D 364 -15.48 4.47 -42.22
CA ASN D 364 -14.39 5.13 -42.95
C ASN D 364 -13.25 4.17 -43.27
N ILE D 365 -13.24 2.99 -42.68
CA ILE D 365 -12.16 2.02 -42.87
C ILE D 365 -12.67 0.75 -43.52
N VAL D 366 -13.58 0.04 -42.86
CA VAL D 366 -14.13 -1.20 -43.40
C VAL D 366 -15.25 -0.96 -44.41
N GLY D 367 -15.55 0.29 -44.73
CA GLY D 367 -16.62 0.58 -45.66
C GLY D 367 -17.99 0.50 -45.00
N SER D 368 -18.95 1.22 -45.56
CA SER D 368 -20.27 1.29 -44.96
C SER D 368 -21.00 -0.04 -45.05
N GLU D 369 -20.70 -0.84 -46.08
CA GLU D 369 -21.36 -2.13 -46.23
C GLU D 369 -20.98 -3.08 -45.10
N HIS D 370 -19.69 -3.33 -44.92
CA HIS D 370 -19.21 -4.20 -43.86
C HIS D 370 -19.66 -3.71 -42.50
N TYR D 371 -19.51 -2.41 -42.25
CA TYR D 371 -19.92 -1.85 -40.96
C TYR D 371 -21.42 -2.03 -40.74
N ASP D 372 -22.23 -1.88 -41.78
CA ASP D 372 -23.66 -2.04 -41.63
C ASP D 372 -24.03 -3.48 -41.30
N VAL D 373 -23.43 -4.44 -42.01
CA VAL D 373 -23.72 -5.84 -41.73
C VAL D 373 -23.28 -6.22 -40.32
N ALA D 374 -22.10 -5.74 -39.91
CA ALA D 374 -21.58 -6.09 -38.59
C ALA D 374 -22.42 -5.45 -37.48
N ARG D 375 -22.81 -4.19 -37.67
CA ARG D 375 -23.68 -3.55 -36.68
C ARG D 375 -25.04 -4.22 -36.62
N GLY D 376 -25.56 -4.67 -37.76
CA GLY D 376 -26.80 -5.41 -37.75
C GLY D 376 -26.71 -6.71 -36.98
N VAL D 377 -25.60 -7.43 -37.17
CA VAL D 377 -25.41 -8.69 -36.44
C VAL D 377 -25.28 -8.43 -34.94
N GLN D 378 -24.49 -7.43 -34.57
CA GLN D 378 -24.35 -7.08 -33.16
C GLN D 378 -25.70 -6.71 -32.56
N LYS D 379 -26.48 -5.90 -33.28
CA LYS D 379 -27.79 -5.48 -32.78
C LYS D 379 -28.74 -6.66 -32.63
N ILE D 380 -28.77 -7.55 -33.62
CA ILE D 380 -29.70 -8.67 -33.54
C ILE D 380 -29.29 -9.62 -32.42
N LEU D 381 -27.99 -9.79 -32.18
CA LEU D 381 -27.58 -10.67 -31.08
C LEU D 381 -27.87 -10.04 -29.72
N GLN D 382 -27.68 -8.72 -29.60
CA GLN D 382 -28.01 -8.04 -28.36
C GLN D 382 -29.50 -8.14 -28.06
N ASP D 383 -30.33 -7.90 -29.07
CA ASP D 383 -31.77 -8.02 -28.87
C ASP D 383 -32.17 -9.47 -28.65
N TYR D 384 -31.40 -10.42 -29.18
CA TYR D 384 -31.66 -11.83 -28.90
C TYR D 384 -31.44 -12.15 -27.43
N LYS D 385 -30.33 -11.65 -26.86
CA LYS D 385 -30.14 -11.83 -25.42
C LYS D 385 -31.23 -11.14 -24.62
N SER D 386 -31.63 -9.94 -25.05
CA SER D 386 -32.72 -9.24 -24.36
C SER D 386 -33.99 -10.07 -24.36
N LEU D 387 -34.32 -10.69 -25.49
CA LEU D 387 -35.49 -11.56 -25.54
C LEU D 387 -35.31 -12.81 -24.69
N GLN D 388 -34.12 -13.41 -24.73
CA GLN D 388 -33.87 -14.62 -23.95
C GLN D 388 -33.92 -14.34 -22.46
N ASP D 389 -33.83 -13.06 -22.07
CA ASP D 389 -34.11 -12.70 -20.68
C ASP D 389 -35.49 -13.19 -20.27
N ILE D 390 -36.48 -13.05 -21.16
CA ILE D 390 -37.84 -13.45 -20.85
C ILE D 390 -38.02 -14.97 -20.77
N ILE D 391 -37.50 -15.71 -21.74
CA ILE D 391 -37.69 -17.16 -21.78
C ILE D 391 -36.61 -17.87 -20.97
N SER D 400 -42.69 -13.20 -29.68
CA SER D 400 -44.11 -13.02 -29.95
C SER D 400 -44.37 -12.84 -31.44
N GLU D 401 -44.68 -11.60 -31.84
CA GLU D 401 -45.09 -11.34 -33.22
C GLU D 401 -43.91 -11.49 -34.18
N GLU D 402 -42.90 -10.62 -34.05
CA GLU D 402 -41.66 -10.77 -34.79
C GLU D 402 -40.47 -11.01 -33.88
N ASP D 403 -40.63 -10.84 -32.56
CA ASP D 403 -39.62 -11.29 -31.61
C ASP D 403 -39.15 -12.69 -31.94
N LYS D 404 -40.08 -13.58 -32.32
CA LYS D 404 -39.69 -14.93 -32.71
C LYS D 404 -38.94 -14.94 -34.03
N LEU D 405 -39.21 -13.98 -34.92
CA LEU D 405 -38.44 -13.90 -36.15
C LEU D 405 -37.00 -13.47 -35.89
N THR D 406 -36.84 -12.47 -35.02
CA THR D 406 -35.51 -12.09 -34.56
C THR D 406 -34.81 -13.27 -33.88
N VAL D 407 -35.56 -14.03 -33.08
CA VAL D 407 -34.97 -15.16 -32.37
C VAL D 407 -34.49 -16.22 -33.37
N SER D 408 -35.29 -16.50 -34.39
CA SER D 408 -34.88 -17.46 -35.41
C SER D 408 -33.63 -16.98 -36.14
N ARG D 409 -33.64 -15.73 -36.61
CA ARG D 409 -32.47 -15.21 -37.31
C ARG D 409 -31.25 -15.17 -36.40
N ALA D 410 -31.44 -14.92 -35.10
CA ALA D 410 -30.30 -14.84 -34.19
C ALA D 410 -29.73 -16.22 -33.90
N ARG D 411 -30.61 -17.24 -33.78
CA ARG D 411 -30.11 -18.60 -33.65
C ARG D 411 -29.34 -19.02 -34.89
N LYS D 412 -29.84 -18.64 -36.07
CA LYS D 412 -29.10 -18.96 -37.29
C LYS D 412 -27.79 -18.19 -37.35
N ILE D 413 -27.75 -16.97 -36.78
CA ILE D 413 -26.52 -16.20 -36.74
C ILE D 413 -25.51 -16.88 -35.83
N GLN D 414 -25.94 -17.25 -34.62
CA GLN D 414 -25.08 -17.98 -33.69
C GLN D 414 -24.51 -19.23 -34.35
N ARG D 415 -25.37 -20.01 -35.03
CA ARG D 415 -24.89 -21.21 -35.69
C ARG D 415 -23.90 -20.88 -36.80
N PHE D 416 -24.16 -19.81 -37.55
CA PHE D 416 -23.30 -19.44 -38.66
C PHE D 416 -21.95 -18.87 -38.21
N LEU D 417 -21.87 -18.36 -36.97
CA LEU D 417 -20.59 -17.86 -36.48
C LEU D 417 -19.58 -18.97 -36.30
N SER D 418 -20.03 -20.18 -35.98
CA SER D 418 -19.15 -21.32 -35.88
C SER D 418 -18.51 -21.63 -37.23
N GLN D 419 -17.43 -22.39 -37.19
CA GLN D 419 -16.67 -22.67 -38.41
C GLN D 419 -15.73 -23.85 -38.19
N PRO D 420 -15.65 -24.78 -39.15
CA PRO D 420 -14.73 -25.92 -38.99
C PRO D 420 -13.30 -25.56 -39.36
N PHE D 421 -12.42 -25.67 -38.37
CA PHE D 421 -11.02 -25.31 -38.53
C PHE D 421 -10.25 -26.46 -39.16
N GLN D 422 -9.42 -26.12 -40.16
CA GLN D 422 -8.63 -27.13 -40.84
C GLN D 422 -7.65 -27.80 -39.89
N VAL D 423 -7.18 -27.07 -38.87
CA VAL D 423 -6.18 -27.61 -37.95
C VAL D 423 -6.78 -28.74 -37.12
N ALA D 424 -8.09 -28.96 -37.24
CA ALA D 424 -8.76 -30.04 -36.54
C ALA D 424 -9.28 -31.12 -37.49
N GLU D 425 -8.90 -31.08 -38.77
CA GLU D 425 -9.33 -32.10 -39.71
C GLU D 425 -8.96 -33.50 -39.24
N VAL D 426 -7.80 -33.64 -38.60
CA VAL D 426 -7.36 -34.96 -38.11
C VAL D 426 -8.28 -35.52 -37.04
N PHE D 427 -9.12 -34.70 -36.42
CA PHE D 427 -9.99 -35.16 -35.33
C PHE D 427 -11.39 -35.49 -35.81
N THR D 428 -12.07 -34.53 -36.44
CA THR D 428 -13.47 -34.73 -36.80
C THR D 428 -13.64 -35.14 -38.26
N GLY D 429 -12.60 -34.99 -39.07
CA GLY D 429 -12.64 -35.33 -40.47
C GLY D 429 -13.25 -34.27 -41.37
N HIS D 430 -14.02 -33.33 -40.81
CA HIS D 430 -14.59 -32.26 -41.60
C HIS D 430 -13.50 -31.43 -42.26
N MET D 431 -13.83 -30.84 -43.39
CA MET D 431 -12.87 -30.09 -44.18
C MET D 431 -12.58 -28.75 -43.54
N GLY D 432 -11.53 -28.10 -44.04
CA GLY D 432 -11.16 -26.77 -43.56
C GLY D 432 -11.79 -25.70 -44.42
N LYS D 433 -12.35 -24.69 -43.77
CA LYS D 433 -13.06 -23.61 -44.45
C LYS D 433 -12.39 -22.27 -44.13
N LEU D 434 -11.87 -21.62 -45.17
CA LEU D 434 -11.28 -20.30 -45.06
C LEU D 434 -12.21 -19.35 -45.78
N VAL D 435 -13.21 -18.84 -45.07
CA VAL D 435 -14.26 -18.03 -45.69
C VAL D 435 -13.72 -16.62 -45.92
N PRO D 436 -13.60 -16.17 -47.16
CA PRO D 436 -13.12 -14.81 -47.42
C PRO D 436 -14.10 -13.77 -46.91
N LEU D 437 -13.68 -12.51 -47.00
CA LEU D 437 -14.47 -11.42 -46.44
C LEU D 437 -15.73 -11.16 -47.24
N LYS D 438 -15.62 -11.18 -48.57
CA LYS D 438 -16.78 -10.91 -49.42
C LYS D 438 -17.93 -11.87 -49.13
N GLU D 439 -17.63 -13.17 -49.09
CA GLU D 439 -18.69 -14.15 -48.88
C GLU D 439 -19.22 -14.11 -47.46
N THR D 440 -18.38 -13.75 -46.48
CA THR D 440 -18.87 -13.59 -45.11
C THR D 440 -19.86 -12.43 -45.04
N ILE D 441 -19.46 -11.27 -45.59
CA ILE D 441 -20.34 -10.12 -45.64
C ILE D 441 -21.67 -10.48 -46.30
N LYS D 442 -21.59 -11.07 -47.50
CA LYS D 442 -22.80 -11.37 -48.25
C LYS D 442 -23.67 -12.39 -47.53
N GLY D 443 -23.06 -13.40 -46.91
CA GLY D 443 -23.84 -14.40 -46.20
C GLY D 443 -24.59 -13.81 -45.02
N PHE D 444 -23.90 -13.00 -44.21
CA PHE D 444 -24.60 -12.40 -43.08
C PHE D 444 -25.61 -11.35 -43.52
N GLN D 445 -25.37 -10.73 -44.68
CA GLN D 445 -26.34 -9.80 -45.24
C GLN D 445 -27.61 -10.53 -45.64
N GLN D 446 -27.46 -11.72 -46.22
CA GLN D 446 -28.64 -12.49 -46.64
C GLN D 446 -29.36 -13.11 -45.45
N ILE D 447 -28.61 -13.52 -44.42
CA ILE D 447 -29.27 -14.03 -43.22
C ILE D 447 -30.00 -12.91 -42.50
N LEU D 448 -29.49 -11.69 -42.57
CA LEU D 448 -30.18 -10.58 -41.92
C LEU D 448 -31.32 -10.05 -42.79
N ALA D 449 -31.17 -10.11 -44.11
CA ALA D 449 -32.23 -9.71 -45.02
C ALA D 449 -33.43 -10.63 -44.95
N GLY D 450 -33.30 -11.79 -44.31
CA GLY D 450 -34.39 -12.74 -44.21
C GLY D 450 -34.49 -13.71 -45.37
N GLU D 451 -33.54 -13.72 -46.29
CA GLU D 451 -33.58 -14.61 -47.44
C GLU D 451 -33.59 -16.09 -47.06
N TYR D 452 -33.09 -16.45 -45.88
CA TYR D 452 -33.02 -17.84 -45.46
C TYR D 452 -33.79 -18.07 -44.17
N ASP D 453 -34.98 -17.46 -44.08
CA ASP D 453 -35.83 -17.66 -42.92
C ASP D 453 -36.49 -19.04 -42.88
N HIS D 454 -36.43 -19.79 -43.98
CA HIS D 454 -37.09 -21.08 -44.06
C HIS D 454 -36.16 -22.25 -43.76
N LEU D 455 -34.87 -22.11 -44.02
CA LEU D 455 -33.92 -23.16 -43.72
C LEU D 455 -33.92 -23.47 -42.23
N PRO D 456 -33.62 -24.72 -41.85
CA PRO D 456 -33.53 -25.04 -40.42
C PRO D 456 -32.28 -24.45 -39.80
N GLU D 457 -32.39 -24.13 -38.51
CA GLU D 457 -31.28 -23.47 -37.83
C GLU D 457 -30.03 -24.35 -37.77
N GLN D 458 -30.21 -25.67 -37.78
CA GLN D 458 -29.05 -26.57 -37.77
C GLN D 458 -28.35 -26.65 -39.12
N ALA D 459 -28.91 -26.02 -40.16
CA ALA D 459 -28.28 -26.03 -41.48
C ALA D 459 -27.11 -25.05 -41.58
N PHE D 460 -26.79 -24.34 -40.50
CA PHE D 460 -25.71 -23.37 -40.48
C PHE D 460 -24.58 -23.78 -39.55
N TYR D 461 -24.79 -24.78 -38.71
CA TYR D 461 -23.79 -25.24 -37.77
C TYR D 461 -22.58 -25.79 -38.51
N MET D 462 -21.40 -25.23 -38.21
CA MET D 462 -20.13 -25.70 -38.77
C MET D 462 -20.16 -25.76 -40.29
N VAL D 463 -20.34 -24.60 -40.93
CA VAL D 463 -20.36 -24.50 -42.37
C VAL D 463 -19.38 -23.41 -42.80
N GLY D 464 -19.11 -23.36 -44.10
CA GLY D 464 -18.25 -22.35 -44.66
C GLY D 464 -19.06 -21.15 -45.08
N PRO D 465 -19.07 -20.84 -46.37
CA PRO D 465 -19.96 -19.78 -46.87
C PRO D 465 -21.42 -20.18 -46.74
N ILE D 466 -22.33 -19.30 -47.15
CA ILE D 466 -23.75 -19.60 -47.02
C ILE D 466 -24.19 -20.65 -48.05
N GLU D 467 -23.48 -20.76 -49.16
CA GLU D 467 -23.78 -21.79 -50.14
C GLU D 467 -23.75 -23.17 -49.51
N GLU D 468 -22.71 -23.46 -48.74
CA GLU D 468 -22.66 -24.74 -48.04
C GLU D 468 -23.77 -24.86 -47.00
N ALA D 469 -24.24 -23.73 -46.48
CA ALA D 469 -25.35 -23.77 -45.53
C ALA D 469 -26.62 -24.24 -46.21
N VAL D 470 -26.92 -23.72 -47.40
CA VAL D 470 -28.12 -24.18 -48.10
C VAL D 470 -27.93 -25.59 -48.63
N ALA D 471 -26.69 -25.95 -49.00
CA ALA D 471 -26.41 -27.32 -49.41
C ALA D 471 -26.70 -28.30 -48.29
N LYS D 472 -26.26 -27.99 -47.06
CA LYS D 472 -26.60 -28.84 -45.91
C LYS D 472 -28.08 -28.76 -45.58
N ALA D 473 -28.71 -27.62 -45.84
CA ALA D 473 -30.15 -27.50 -45.64
C ALA D 473 -30.94 -28.42 -46.57
N ASP D 474 -30.39 -28.73 -47.75
CA ASP D 474 -31.02 -29.72 -48.62
C ASP D 474 -31.24 -31.03 -47.89
N LYS D 475 -30.20 -31.54 -47.22
CA LYS D 475 -30.30 -32.79 -46.48
C LYS D 475 -30.99 -32.57 -45.14
N ALA E 12 28.99 40.75 2.64
CA ALA E 12 29.68 39.52 2.31
C ALA E 12 29.34 39.06 0.90
N THR E 13 30.33 38.52 0.19
CA THR E 13 30.18 38.07 -1.18
C THR E 13 30.54 36.59 -1.26
N GLY E 14 29.60 35.78 -1.72
CA GLY E 14 29.83 34.37 -1.94
C GLY E 14 29.72 34.02 -3.41
N ARG E 15 29.91 32.73 -3.69
CA ARG E 15 29.81 32.23 -5.06
C ARG E 15 28.89 31.03 -5.09
N ILE E 16 28.40 30.70 -6.28
CA ILE E 16 27.45 29.60 -6.43
C ILE E 16 28.20 28.31 -6.67
N VAL E 17 27.93 27.29 -5.85
CA VAL E 17 28.62 26.01 -5.99
C VAL E 17 27.67 24.88 -6.37
N ALA E 18 26.35 25.03 -6.22
CA ALA E 18 25.44 23.97 -6.65
C ALA E 18 24.11 24.57 -7.07
N VAL E 19 23.56 24.06 -8.16
CA VAL E 19 22.25 24.47 -8.65
C VAL E 19 21.42 23.23 -8.92
N ILE E 20 20.41 23.00 -8.08
CA ILE E 20 19.50 21.87 -8.26
C ILE E 20 18.08 22.40 -8.37
N GLY E 21 17.61 22.59 -9.59
CA GLY E 21 16.27 23.10 -9.78
C GLY E 21 16.10 24.46 -9.13
N ALA E 22 15.33 24.50 -8.04
CA ALA E 22 15.05 25.73 -7.33
C ALA E 22 15.86 25.89 -6.06
N VAL E 23 16.88 25.06 -5.86
CA VAL E 23 17.68 25.06 -4.63
C VAL E 23 19.13 25.34 -5.01
N VAL E 24 19.70 26.41 -4.46
CA VAL E 24 21.04 26.84 -4.82
C VAL E 24 21.91 26.82 -3.59
N ASP E 25 23.03 26.10 -3.67
CA ASP E 25 24.04 26.08 -2.62
C ASP E 25 25.14 27.07 -2.98
N VAL E 26 25.40 28.01 -2.09
CA VAL E 26 26.39 29.06 -2.31
C VAL E 26 27.40 29.04 -1.17
N GLN E 27 28.67 29.22 -1.51
CA GLN E 27 29.77 29.14 -0.56
C GLN E 27 30.35 30.53 -0.32
N PHE E 28 30.16 31.04 0.88
CA PHE E 28 30.68 32.35 1.26
C PHE E 28 32.08 32.19 1.81
N ASP E 29 32.93 33.19 1.57
CA ASP E 29 34.28 33.17 2.12
C ASP E 29 34.28 33.58 3.59
N GLU E 30 33.83 34.80 3.87
CA GLU E 30 33.67 35.30 5.23
C GLU E 30 32.36 36.05 5.33
N GLY E 31 31.74 36.01 6.50
CA GLY E 31 30.48 36.69 6.70
C GLY E 31 29.28 35.84 6.31
N LEU E 32 29.28 34.59 6.75
CA LEU E 32 28.18 33.68 6.43
C LEU E 32 26.87 34.27 6.92
N PRO E 33 25.87 34.41 6.04
CA PRO E 33 24.62 35.05 6.43
C PRO E 33 23.78 34.14 7.30
N PRO E 34 23.12 34.67 8.32
CA PRO E 34 22.18 33.87 9.11
C PRO E 34 21.07 33.29 8.24
N ILE E 35 20.27 32.42 8.86
CA ILE E 35 19.17 31.79 8.17
C ILE E 35 18.04 32.79 8.00
N LEU E 36 17.33 32.69 6.87
CA LEU E 36 16.20 33.50 6.42
C LEU E 36 16.65 34.82 5.80
N ASN E 37 17.95 35.04 5.60
CA ASN E 37 18.37 36.26 4.92
C ASN E 37 18.14 36.15 3.42
N ALA E 38 18.11 37.31 2.77
CA ALA E 38 17.94 37.41 1.33
C ALA E 38 19.29 37.70 0.68
N LEU E 39 19.55 37.03 -0.43
CA LEU E 39 20.79 37.17 -1.18
C LEU E 39 20.44 37.59 -2.60
N GLU E 40 21.31 38.40 -3.21
CA GLU E 40 21.11 38.87 -4.56
C GLU E 40 22.13 38.19 -5.47
N VAL E 41 21.68 37.74 -6.63
CA VAL E 41 22.57 37.10 -7.59
C VAL E 41 23.03 38.14 -8.60
N GLN E 42 24.35 38.24 -8.78
CA GLN E 42 24.93 39.25 -9.64
C GLN E 42 25.13 38.71 -11.05
N GLY E 43 24.72 39.48 -12.05
CA GLY E 43 24.78 39.04 -13.42
C GLY E 43 23.45 38.67 -14.02
N ARG E 44 22.36 39.14 -13.42
CA ARG E 44 21.01 38.81 -13.86
C ARG E 44 20.35 40.04 -14.46
N GLU E 45 19.53 39.82 -15.50
CA GLU E 45 18.76 40.91 -16.07
C GLU E 45 17.73 41.44 -15.09
N THR E 46 16.93 40.55 -14.51
CA THR E 46 15.98 40.91 -13.48
C THR E 46 16.46 40.40 -12.13
N ARG E 47 15.83 40.91 -11.07
CA ARG E 47 16.25 40.60 -9.70
C ARG E 47 15.95 39.14 -9.38
N LEU E 48 16.94 38.44 -8.85
CA LEU E 48 16.79 37.06 -8.40
C LEU E 48 17.24 36.97 -6.95
N VAL E 49 16.30 36.72 -6.04
CA VAL E 49 16.56 36.69 -4.61
C VAL E 49 16.60 35.24 -4.15
N LEU E 50 17.61 34.89 -3.37
CA LEU E 50 17.73 33.58 -2.76
C LEU E 50 17.57 33.71 -1.24
N GLU E 51 16.68 32.93 -0.66
CA GLU E 51 16.48 32.97 0.78
C GLU E 51 17.24 31.81 1.44
N VAL E 52 18.01 32.12 2.47
CA VAL E 52 18.85 31.12 3.13
C VAL E 52 17.98 30.22 3.98
N ALA E 53 18.16 28.90 3.84
CA ALA E 53 17.38 27.92 4.58
C ALA E 53 18.22 27.05 5.51
N GLN E 54 19.47 26.78 5.15
CA GLN E 54 20.31 25.89 5.95
C GLN E 54 21.73 26.43 5.97
N HIS E 55 22.51 25.97 6.93
CA HIS E 55 23.96 26.09 6.90
C HIS E 55 24.54 24.69 6.75
N LEU E 56 25.13 24.43 5.59
CA LEU E 56 25.63 23.10 5.27
C LEU E 56 26.99 22.79 5.87
N GLY E 57 27.59 23.74 6.58
CA GLY E 57 28.95 23.58 7.04
C GLY E 57 29.95 23.85 5.94
N GLU E 58 31.21 24.04 6.35
CA GLU E 58 32.29 24.38 5.43
C GLU E 58 31.98 25.68 4.69
N SER E 59 31.43 26.65 5.41
CA SER E 59 31.19 28.00 4.88
C SER E 59 30.22 27.99 3.70
N THR E 60 29.34 26.99 3.63
CA THR E 60 28.37 26.86 2.56
C THR E 60 26.98 26.92 3.13
N VAL E 61 26.06 27.57 2.41
CA VAL E 61 24.66 27.62 2.82
C VAL E 61 23.79 27.18 1.65
N ARG E 62 22.61 26.67 1.99
CA ARG E 62 21.62 26.24 1.02
C ARG E 62 20.50 27.26 0.99
N THR E 63 19.97 27.52 -0.21
CA THR E 63 19.03 28.62 -0.39
C THR E 63 17.92 28.18 -1.33
N ILE E 64 16.76 28.80 -1.15
CA ILE E 64 15.61 28.61 -2.01
C ILE E 64 15.48 29.85 -2.88
N ALA E 65 15.48 29.65 -4.19
CA ALA E 65 15.38 30.77 -5.13
C ALA E 65 13.96 31.30 -5.16
N MET E 66 13.83 32.60 -5.43
CA MET E 66 12.52 33.23 -5.50
C MET E 66 12.01 33.41 -6.92
N ASP E 67 12.82 33.08 -7.92
CA ASP E 67 12.39 33.12 -9.31
C ASP E 67 13.10 32.00 -10.05
N GLY E 68 13.04 32.04 -11.38
CA GLY E 68 13.66 30.99 -12.17
C GLY E 68 15.17 30.98 -11.99
N THR E 69 15.77 29.79 -12.13
CA THR E 69 17.19 29.61 -11.90
C THR E 69 17.95 29.23 -13.16
N GLU E 70 17.33 29.33 -14.33
CA GLU E 70 18.05 29.02 -15.56
C GLU E 70 19.11 30.08 -15.81
N GLY E 71 20.19 29.67 -16.47
CA GLY E 71 21.28 30.58 -16.75
C GLY E 71 22.25 30.80 -15.61
N LEU E 72 22.03 30.18 -14.46
CA LEU E 72 22.99 30.26 -13.37
C LEU E 72 24.19 29.37 -13.67
N VAL E 73 25.38 29.88 -13.38
CA VAL E 73 26.62 29.15 -13.63
C VAL E 73 27.38 29.02 -12.31
N ARG E 74 28.09 27.91 -12.16
CA ARG E 74 28.83 27.64 -10.93
C ARG E 74 30.01 28.61 -10.83
N GLY E 75 30.01 29.43 -9.77
CA GLY E 75 31.00 30.45 -9.58
C GLY E 75 30.45 31.85 -9.64
N GLN E 76 29.17 32.00 -9.94
CA GLN E 76 28.56 33.32 -10.06
C GLN E 76 28.50 34.00 -8.71
N LYS E 77 28.68 35.32 -8.70
CA LYS E 77 28.73 36.08 -7.47
C LYS E 77 27.34 36.19 -6.83
N VAL E 78 27.35 36.38 -5.51
CA VAL E 78 26.13 36.54 -4.74
C VAL E 78 26.43 37.49 -3.58
N LEU E 79 25.59 38.51 -3.42
CA LEU E 79 25.77 39.51 -2.37
C LEU E 79 24.73 39.33 -1.29
N ASP E 80 25.18 39.26 -0.05
CA ASP E 80 24.29 39.20 1.11
C ASP E 80 23.68 40.57 1.33
N SER E 81 22.35 40.63 1.44
CA SER E 81 21.70 41.90 1.75
C SER E 81 21.71 42.18 3.24
N GLY E 82 21.88 41.16 4.07
CA GLY E 82 21.97 41.32 5.49
C GLY E 82 20.64 41.36 6.22
N ALA E 83 19.56 41.00 5.57
CA ALA E 83 18.23 41.06 6.16
C ALA E 83 17.32 40.11 5.41
N PRO E 84 16.20 39.70 6.01
CA PRO E 84 15.24 38.87 5.26
C PRO E 84 14.66 39.61 4.07
N ILE E 85 13.87 38.92 3.24
CA ILE E 85 13.21 39.60 2.15
C ILE E 85 12.28 40.66 2.71
N LYS E 86 12.60 41.92 2.43
CA LYS E 86 11.84 43.05 2.94
C LYS E 86 10.91 43.56 1.84
N ILE E 87 9.64 43.76 2.19
CA ILE E 87 8.66 44.25 1.23
C ILE E 87 8.13 45.59 1.70
N PRO E 88 7.81 46.50 0.79
CA PRO E 88 7.26 47.81 1.20
C PRO E 88 5.87 47.64 1.78
N VAL E 89 5.65 48.23 2.96
CA VAL E 89 4.34 48.15 3.61
C VAL E 89 3.86 49.56 3.90
N GLY E 90 2.54 49.70 4.02
CA GLY E 90 1.93 50.98 4.26
C GLY E 90 0.64 51.14 3.48
N PRO E 91 0.00 52.30 3.62
CA PRO E 91 -1.19 52.58 2.79
C PRO E 91 -0.87 52.83 1.34
N GLU E 92 0.40 53.05 0.99
CA GLU E 92 0.80 53.21 -0.40
C GLU E 92 0.79 51.91 -1.17
N THR E 93 0.47 50.79 -0.54
CA THR E 93 0.40 49.51 -1.22
C THR E 93 -1.01 49.16 -1.66
N LEU E 94 -2.01 49.93 -1.24
CA LEU E 94 -3.39 49.68 -1.65
C LEU E 94 -3.55 49.96 -3.13
N GLY E 95 -4.35 49.14 -3.81
CA GLY E 95 -4.57 49.30 -5.23
C GLY E 95 -3.39 48.96 -6.11
N ARG E 96 -2.38 48.30 -5.58
CA ARG E 96 -1.24 47.85 -6.36
C ARG E 96 -1.24 46.33 -6.45
N ILE E 97 -0.24 45.80 -7.13
CA ILE E 97 -0.02 44.37 -7.23
C ILE E 97 1.48 44.13 -7.11
N MET E 98 1.89 43.40 -6.09
CA MET E 98 3.28 43.09 -5.85
C MET E 98 3.49 41.58 -5.89
N ASN E 99 4.69 41.17 -6.25
CA ASN E 99 5.05 39.76 -6.25
C ASN E 99 5.62 39.40 -4.88
N VAL E 100 6.25 38.23 -4.78
CA VAL E 100 6.70 37.72 -3.49
C VAL E 100 7.71 38.64 -2.84
N ILE E 101 8.62 39.23 -3.62
CA ILE E 101 9.71 40.03 -3.07
C ILE E 101 9.36 41.52 -3.05
N GLY E 102 8.09 41.86 -3.26
CA GLY E 102 7.64 43.22 -3.06
C GLY E 102 7.81 44.15 -4.24
N GLU E 103 8.17 43.64 -5.41
CA GLU E 103 8.24 44.53 -6.56
C GLU E 103 6.84 44.72 -7.13
N PRO E 104 6.47 45.95 -7.50
CA PRO E 104 5.19 46.16 -8.17
C PRO E 104 5.22 45.55 -9.57
N ILE E 105 4.20 44.75 -9.88
CA ILE E 105 4.13 44.08 -11.17
C ILE E 105 2.87 44.53 -11.89
N ASP E 106 2.36 45.70 -11.52
CA ASP E 106 1.23 46.31 -12.20
C ASP E 106 1.65 47.39 -13.19
N GLU E 107 2.96 47.57 -13.38
CA GLU E 107 3.50 48.49 -14.37
C GLU E 107 2.99 49.92 -14.19
N ARG E 108 2.93 50.38 -12.94
CA ARG E 108 2.54 51.74 -12.62
C ARG E 108 3.62 52.49 -11.87
N GLY E 109 4.86 52.00 -11.89
CA GLY E 109 5.95 52.64 -11.20
C GLY E 109 6.17 52.06 -9.82
N PRO E 110 7.23 52.49 -9.15
CA PRO E 110 7.56 51.92 -7.84
C PRO E 110 6.54 52.29 -6.78
N ILE E 111 6.55 51.52 -5.70
CA ILE E 111 5.68 51.76 -4.56
C ILE E 111 6.40 52.71 -3.62
N LYS E 112 6.00 53.97 -3.62
CA LYS E 112 6.67 55.01 -2.84
C LYS E 112 6.12 55.07 -1.42
N THR E 113 6.29 53.98 -0.69
CA THR E 113 5.93 53.98 0.72
C THR E 113 7.16 54.26 1.57
N LYS E 114 6.92 54.56 2.84
CA LYS E 114 7.97 55.02 3.74
C LYS E 114 8.78 53.90 4.36
N GLN E 115 8.18 52.74 4.62
CA GLN E 115 8.86 51.70 5.39
C GLN E 115 8.68 50.33 4.76
N PHE E 116 9.61 49.44 5.12
CA PHE E 116 9.63 48.06 4.65
C PHE E 116 9.58 47.13 5.85
N ALA E 117 8.86 46.02 5.69
CA ALA E 117 8.76 45.03 6.74
C ALA E 117 9.28 43.69 6.25
N PRO E 118 9.80 42.84 7.16
CA PRO E 118 10.27 41.53 6.72
C PRO E 118 9.13 40.54 6.67
N ILE E 119 9.24 39.56 5.77
CA ILE E 119 8.15 38.63 5.54
C ILE E 119 8.16 37.52 6.59
N HIS E 120 9.26 37.43 7.34
CA HIS E 120 9.38 36.46 8.43
C HIS E 120 9.27 37.21 9.75
N ALA E 121 8.32 36.81 10.58
CA ALA E 121 8.10 37.42 11.88
C ALA E 121 7.52 36.38 12.82
N GLU E 122 7.62 36.67 14.12
CA GLU E 122 7.12 35.76 15.13
C GLU E 122 5.62 35.95 15.34
N ALA E 123 4.93 34.84 15.60
CA ALA E 123 3.49 34.87 15.82
C ALA E 123 3.16 35.66 17.07
N PRO E 124 2.01 36.34 17.08
CA PRO E 124 1.56 37.01 18.30
C PRO E 124 1.59 36.08 19.50
N GLU E 125 1.85 36.67 20.67
CA GLU E 125 1.97 35.89 21.89
C GLU E 125 0.59 35.48 22.40
N PHE E 126 0.56 34.95 23.62
CA PHE E 126 -0.69 34.43 24.15
C PHE E 126 -1.57 35.53 24.71
N MET E 127 -1.00 36.47 25.46
CA MET E 127 -1.78 37.55 26.05
C MET E 127 -2.30 38.54 25.02
N GLU E 128 -1.90 38.43 23.76
CA GLU E 128 -2.43 39.29 22.72
C GLU E 128 -3.69 38.73 22.08
N MET E 129 -3.97 37.45 22.28
CA MET E 129 -5.10 36.81 21.63
C MET E 129 -6.42 37.38 22.11
N SER E 130 -7.31 37.64 21.16
CA SER E 130 -8.66 38.11 21.44
C SER E 130 -9.65 36.99 21.20
N VAL E 131 -10.72 36.99 22.00
CA VAL E 131 -11.69 35.91 22.01
C VAL E 131 -13.11 36.37 21.74
N GLU E 132 -13.30 37.46 21.02
CA GLU E 132 -14.66 37.91 20.69
C GLU E 132 -15.16 37.20 19.44
N GLN E 133 -16.44 36.85 19.44
CA GLN E 133 -17.00 35.92 18.47
C GLN E 133 -18.32 36.43 17.90
N GLU E 134 -18.36 37.70 17.48
CA GLU E 134 -19.53 38.19 16.77
C GLU E 134 -19.66 37.48 15.43
N ILE E 135 -20.91 37.25 15.01
CA ILE E 135 -21.17 36.54 13.76
C ILE E 135 -20.90 37.46 12.58
N LEU E 136 -20.56 36.86 11.44
CA LEU E 136 -20.34 37.58 10.19
C LEU E 136 -21.34 37.04 9.19
N VAL E 137 -22.40 37.81 8.94
CA VAL E 137 -23.44 37.39 8.01
C VAL E 137 -22.95 37.58 6.58
N THR E 138 -22.82 36.48 5.85
CA THR E 138 -22.36 36.50 4.47
C THR E 138 -23.49 36.63 3.46
N GLY E 139 -24.68 36.13 3.79
CA GLY E 139 -25.78 36.13 2.85
C GLY E 139 -25.99 34.84 2.11
N ILE E 140 -25.20 33.81 2.41
CA ILE E 140 -25.32 32.49 1.79
C ILE E 140 -26.06 31.61 2.79
N LYS E 141 -27.07 30.88 2.30
CA LYS E 141 -27.97 30.19 3.21
C LYS E 141 -27.27 29.06 3.95
N VAL E 142 -26.53 28.21 3.22
CA VAL E 142 -25.91 27.06 3.86
C VAL E 142 -24.83 27.49 4.84
N VAL E 143 -23.99 28.45 4.44
CA VAL E 143 -22.93 28.93 5.31
C VAL E 143 -23.52 29.55 6.57
N ASP E 144 -24.50 30.44 6.41
CA ASP E 144 -25.05 31.14 7.56
C ASP E 144 -25.85 30.22 8.46
N LEU E 145 -26.43 29.17 7.87
CA LEU E 145 -27.27 28.26 8.67
C LEU E 145 -26.43 27.27 9.45
N LEU E 146 -25.46 26.64 8.80
CA LEU E 146 -24.81 25.48 9.39
C LEU E 146 -23.39 25.74 9.87
N ALA E 147 -22.67 26.68 9.25
CA ALA E 147 -21.28 26.96 9.60
C ALA E 147 -21.04 28.46 9.55
N PRO E 148 -21.72 29.22 10.42
CA PRO E 148 -21.63 30.68 10.34
C PRO E 148 -20.24 31.18 10.65
N TYR E 149 -19.81 32.18 9.91
CA TYR E 149 -18.48 32.76 10.09
C TYR E 149 -18.49 33.77 11.23
N ALA E 150 -17.29 34.13 11.68
CA ALA E 150 -17.13 35.08 12.77
C ALA E 150 -16.16 36.18 12.38
N LYS E 151 -16.41 37.38 12.91
CA LYS E 151 -15.50 38.50 12.68
C LYS E 151 -14.17 38.22 13.36
N GLY E 152 -13.08 38.34 12.59
CA GLY E 152 -11.76 38.08 13.12
C GLY E 152 -11.36 36.62 13.11
N GLY E 153 -12.32 35.70 13.00
CA GLY E 153 -12.01 34.29 12.93
C GLY E 153 -11.33 33.92 11.62
N LYS E 154 -10.95 32.66 11.53
CA LYS E 154 -10.30 32.12 10.35
C LYS E 154 -11.27 31.18 9.66
N ILE E 155 -11.46 31.38 8.36
CA ILE E 155 -12.38 30.60 7.55
C ILE E 155 -11.58 29.81 6.54
N GLY E 156 -11.94 28.55 6.36
CA GLY E 156 -11.26 27.73 5.38
C GLY E 156 -12.24 27.02 4.46
N LEU E 157 -12.06 27.17 3.16
CA LEU E 157 -12.98 26.60 2.18
C LEU E 157 -12.30 25.41 1.53
N PHE E 158 -12.57 24.22 2.06
CA PHE E 158 -12.00 23.01 1.50
C PHE E 158 -12.76 22.58 0.27
N GLY E 159 -12.12 21.76 -0.56
CA GLY E 159 -12.77 21.28 -1.76
C GLY E 159 -11.80 20.80 -2.81
N GLY E 160 -12.21 19.80 -3.58
CA GLY E 160 -11.38 19.28 -4.64
C GLY E 160 -11.21 20.24 -5.80
N ALA E 161 -10.87 19.72 -6.97
CA ALA E 161 -10.67 20.56 -8.13
C ALA E 161 -11.97 20.72 -8.90
N GLY E 162 -12.41 21.97 -9.08
CA GLY E 162 -13.61 22.23 -9.84
C GLY E 162 -14.90 22.02 -9.07
N VAL E 163 -14.92 22.34 -7.77
CA VAL E 163 -16.14 22.22 -6.99
C VAL E 163 -16.71 23.57 -6.59
N GLY E 164 -15.96 24.66 -6.76
CA GLY E 164 -16.50 25.97 -6.48
C GLY E 164 -15.82 26.75 -5.37
N LYS E 165 -14.52 26.56 -5.17
CA LYS E 165 -13.81 27.35 -4.16
C LYS E 165 -13.63 28.79 -4.63
N THR E 166 -13.18 28.97 -5.86
CA THR E 166 -12.90 30.32 -6.36
C THR E 166 -14.17 31.12 -6.51
N VAL E 167 -15.26 30.49 -6.98
CA VAL E 167 -16.53 31.19 -7.07
C VAL E 167 -17.02 31.61 -5.69
N LEU E 168 -16.80 30.75 -4.70
CA LEU E 168 -17.20 31.10 -3.34
C LEU E 168 -16.38 32.26 -2.79
N ILE E 169 -15.08 32.28 -3.07
CA ILE E 169 -14.26 33.40 -2.62
C ILE E 169 -14.68 34.69 -3.32
N MET E 170 -14.97 34.62 -4.62
CA MET E 170 -15.45 35.82 -5.30
C MET E 170 -16.79 36.28 -4.76
N GLU E 171 -17.64 35.34 -4.35
CA GLU E 171 -18.91 35.72 -3.73
C GLU E 171 -18.69 36.38 -2.37
N LEU E 172 -17.72 35.91 -1.60
CA LEU E 172 -17.46 36.54 -0.31
C LEU E 172 -16.79 37.90 -0.49
N ILE E 173 -16.05 38.08 -1.58
CA ILE E 173 -15.49 39.39 -1.88
C ILE E 173 -16.59 40.34 -2.34
N ASN E 174 -17.59 39.80 -3.03
CA ASN E 174 -18.72 40.63 -3.48
C ASN E 174 -19.62 41.01 -2.31
N ASN E 175 -19.80 40.10 -1.35
CA ASN E 175 -20.78 40.34 -0.29
C ASN E 175 -20.15 41.00 0.93
N VAL E 176 -18.86 40.79 1.17
CA VAL E 176 -18.21 41.24 2.39
C VAL E 176 -17.14 42.28 2.12
N ALA E 177 -16.31 42.06 1.11
CA ALA E 177 -15.22 42.99 0.85
C ALA E 177 -15.70 44.29 0.21
N LYS E 178 -16.98 44.35 -0.19
CA LYS E 178 -17.51 45.58 -0.75
C LYS E 178 -18.13 46.46 0.33
N ALA E 179 -18.89 45.85 1.23
CA ALA E 179 -19.48 46.55 2.37
C ALA E 179 -18.52 46.65 3.55
N HIS E 180 -17.23 46.54 3.30
CA HIS E 180 -16.25 46.52 4.38
C HIS E 180 -15.78 47.93 4.72
N GLY E 181 -15.51 48.15 6.01
CA GLY E 181 -15.08 49.45 6.48
C GLY E 181 -13.57 49.62 6.48
N GLY E 182 -12.87 48.59 6.93
CA GLY E 182 -11.42 48.60 6.96
C GLY E 182 -10.81 48.35 5.61
N TYR E 183 -9.56 47.89 5.62
CA TYR E 183 -8.84 47.57 4.40
C TYR E 183 -8.99 46.09 4.08
N SER E 184 -8.40 45.67 2.97
CA SER E 184 -8.55 44.30 2.50
C SER E 184 -7.32 43.92 1.68
N VAL E 185 -6.83 42.71 1.91
CA VAL E 185 -5.68 42.17 1.19
C VAL E 185 -6.10 40.89 0.51
N PHE E 186 -5.61 40.67 -0.70
CA PHE E 186 -5.84 39.42 -1.42
C PHE E 186 -4.49 38.89 -1.86
N ALA E 187 -4.11 37.72 -1.34
CA ALA E 187 -2.87 37.06 -1.68
C ALA E 187 -3.20 35.83 -2.52
N GLY E 188 -2.90 35.89 -3.81
CA GLY E 188 -3.07 34.75 -4.67
C GLY E 188 -1.82 33.88 -4.61
N VAL E 189 -1.98 32.65 -4.13
CA VAL E 189 -0.87 31.75 -3.90
C VAL E 189 -1.06 30.55 -4.82
N GLY E 190 -0.36 30.53 -5.95
CA GLY E 190 -0.39 29.39 -6.83
C GLY E 190 -1.75 29.05 -7.42
N GLU E 191 -2.37 29.97 -8.13
CA GLU E 191 -3.62 29.72 -8.82
C GLU E 191 -3.55 30.27 -10.25
N ARG E 192 -4.67 30.24 -10.95
CA ARG E 192 -4.70 30.69 -12.33
C ARG E 192 -4.36 32.18 -12.40
N THR E 193 -3.58 32.56 -13.42
CA THR E 193 -3.23 33.96 -13.59
C THR E 193 -4.37 34.76 -14.22
N ARG E 194 -5.11 34.13 -15.13
CA ARG E 194 -6.26 34.82 -15.70
C ARG E 194 -7.30 35.16 -14.63
N GLU E 195 -7.38 34.34 -13.57
CA GLU E 195 -8.25 34.69 -12.47
C GLU E 195 -7.76 35.96 -11.77
N GLY E 196 -6.45 36.11 -11.64
CA GLY E 196 -5.91 37.34 -11.06
C GLY E 196 -6.18 38.55 -11.93
N ASN E 197 -6.04 38.40 -13.25
CA ASN E 197 -6.36 39.50 -14.15
C ASN E 197 -7.83 39.88 -14.07
N ASP E 198 -8.71 38.87 -14.09
CA ASP E 198 -10.14 39.14 -13.99
C ASP E 198 -10.48 39.82 -12.67
N LEU E 199 -9.85 39.41 -11.57
CA LEU E 199 -10.11 40.04 -10.29
C LEU E 199 -9.60 41.48 -10.27
N TYR E 200 -8.41 41.71 -10.81
CA TYR E 200 -7.88 43.08 -10.86
C TYR E 200 -8.83 43.99 -11.62
N HIS E 201 -9.30 43.55 -12.79
CA HIS E 201 -10.16 44.43 -13.58
C HIS E 201 -11.56 44.57 -12.97
N GLU E 202 -12.11 43.48 -12.43
CA GLU E 202 -13.41 43.56 -11.78
C GLU E 202 -13.37 44.41 -10.52
N MET E 203 -12.20 44.53 -9.88
CA MET E 203 -12.06 45.44 -8.77
C MET E 203 -11.82 46.87 -9.21
N ILE E 204 -11.13 47.06 -10.34
CA ILE E 204 -10.97 48.39 -10.91
C ILE E 204 -12.33 48.98 -11.25
N GLU E 205 -13.15 48.22 -11.99
CA GLU E 205 -14.45 48.74 -12.41
C GLU E 205 -15.37 49.07 -11.24
N SER E 206 -15.36 48.27 -10.18
CA SER E 206 -16.29 48.44 -9.08
C SER E 206 -15.88 49.55 -8.12
N GLY E 207 -14.82 50.30 -8.43
CA GLY E 207 -14.42 51.43 -7.63
C GLY E 207 -13.61 51.08 -6.40
N VAL E 208 -13.41 49.78 -6.12
CA VAL E 208 -12.63 49.41 -4.93
C VAL E 208 -11.17 49.75 -5.14
N ILE E 209 -10.60 49.37 -6.27
CA ILE E 209 -9.28 49.85 -6.70
C ILE E 209 -9.50 51.06 -7.60
N ASN E 210 -8.90 52.18 -7.23
CA ASN E 210 -9.06 53.43 -7.97
C ASN E 210 -7.68 53.87 -8.43
N LEU E 211 -7.43 53.74 -9.73
CA LEU E 211 -6.10 53.95 -10.31
C LEU E 211 -5.71 55.42 -10.41
N LYS E 212 -6.66 56.34 -10.29
CA LYS E 212 -6.38 57.75 -10.55
C LYS E 212 -6.10 58.57 -9.30
N ASP E 213 -6.55 58.14 -8.13
CA ASP E 213 -6.32 58.87 -6.89
C ASP E 213 -5.89 57.87 -5.83
N ALA E 214 -5.86 58.31 -4.57
CA ALA E 214 -5.36 57.50 -3.46
C ALA E 214 -6.47 56.98 -2.57
N THR E 215 -7.61 56.59 -3.15
CA THR E 215 -8.72 56.07 -2.37
C THR E 215 -8.98 54.59 -2.63
N SER E 216 -7.94 53.80 -2.89
CA SER E 216 -8.10 52.37 -3.06
C SER E 216 -8.23 51.68 -1.71
N LYS E 217 -8.97 50.58 -1.69
CA LYS E 217 -9.29 49.90 -0.45
C LYS E 217 -8.83 48.44 -0.43
N VAL E 218 -7.90 48.06 -1.31
CA VAL E 218 -7.46 46.67 -1.44
C VAL E 218 -6.00 46.65 -1.89
N ALA E 219 -5.20 45.80 -1.26
CA ALA E 219 -3.86 45.49 -1.71
C ALA E 219 -3.80 44.06 -2.23
N LEU E 220 -3.05 43.86 -3.31
CA LEU E 220 -3.01 42.59 -4.00
C LEU E 220 -1.58 42.07 -4.06
N VAL E 221 -1.39 40.82 -3.67
CA VAL E 221 -0.13 40.12 -3.83
C VAL E 221 -0.41 38.88 -4.67
N TYR E 222 0.53 38.50 -5.53
CA TYR E 222 0.25 37.46 -6.51
C TYR E 222 1.50 36.68 -6.85
N GLY E 223 1.58 35.44 -6.36
CA GLY E 223 2.52 34.48 -6.88
C GLY E 223 1.74 33.27 -7.34
N GLN E 224 1.68 33.03 -8.64
CA GLN E 224 0.69 32.12 -9.21
C GLN E 224 1.36 30.81 -9.64
N MET E 225 0.55 29.91 -10.21
CA MET E 225 1.01 28.56 -10.51
C MET E 225 2.02 28.51 -11.64
N ASN E 226 2.38 29.63 -12.24
CA ASN E 226 3.49 29.67 -13.18
C ASN E 226 4.83 29.93 -12.51
N GLU E 227 4.83 30.31 -11.24
CA GLU E 227 6.03 30.68 -10.51
C GLU E 227 6.73 29.45 -9.94
N PRO E 228 8.05 29.50 -9.79
CA PRO E 228 8.77 28.39 -9.17
C PRO E 228 8.36 28.20 -7.73
N PRO E 229 8.68 27.05 -7.13
CA PRO E 229 8.14 26.76 -5.79
C PRO E 229 8.59 27.73 -4.70
N GLY E 230 9.71 28.42 -4.88
CA GLY E 230 10.10 29.41 -3.87
C GLY E 230 9.12 30.57 -3.78
N ALA E 231 8.73 31.11 -4.93
CA ALA E 231 7.78 32.21 -4.94
C ALA E 231 6.42 31.75 -4.42
N ARG E 232 5.97 30.57 -4.82
CA ARG E 232 4.71 30.06 -4.31
C ARG E 232 4.77 29.75 -2.82
N ALA E 233 5.96 29.45 -2.30
CA ALA E 233 6.08 29.17 -0.87
C ALA E 233 6.13 30.45 -0.04
N ARG E 234 6.64 31.55 -0.59
CA ARG E 234 6.79 32.76 0.21
C ARG E 234 5.79 33.87 -0.12
N VAL E 235 4.97 33.72 -1.16
CA VAL E 235 4.03 34.79 -1.45
C VAL E 235 2.92 34.82 -0.42
N ALA E 236 2.58 33.68 0.18
CA ALA E 236 1.66 33.70 1.31
C ALA E 236 2.21 34.52 2.45
N LEU E 237 3.52 34.41 2.71
CA LEU E 237 4.14 35.19 3.77
C LEU E 237 4.15 36.66 3.42
N THR E 238 4.34 37.00 2.15
CA THR E 238 4.26 38.40 1.74
C THR E 238 2.88 38.99 2.02
N GLY E 239 1.83 38.27 1.62
CA GLY E 239 0.48 38.72 1.91
C GLY E 239 0.22 38.85 3.40
N LEU E 240 0.68 37.87 4.17
CA LEU E 240 0.62 37.99 5.62
C LEU E 240 1.29 39.24 6.13
N THR E 241 2.45 39.59 5.55
CA THR E 241 3.15 40.78 6.02
C THR E 241 2.34 42.04 5.77
N VAL E 242 1.73 42.15 4.58
CA VAL E 242 0.90 43.32 4.29
C VAL E 242 -0.27 43.39 5.28
N ALA E 243 -0.98 42.27 5.46
CA ALA E 243 -2.11 42.27 6.39
C ALA E 243 -1.67 42.55 7.81
N GLU E 244 -0.49 42.07 8.20
CA GLU E 244 0.00 42.31 9.55
C GLU E 244 0.32 43.77 9.77
N TYR E 245 0.83 44.46 8.75
CA TYR E 245 1.01 45.90 8.89
C TYR E 245 -0.34 46.58 9.05
N PHE E 246 -1.30 46.26 8.18
CA PHE E 246 -2.60 46.91 8.28
C PHE E 246 -3.31 46.60 9.59
N ARG E 247 -2.96 45.51 10.26
CA ARG E 247 -3.58 45.20 11.54
C ARG E 247 -2.85 45.85 12.71
N ASP E 248 -1.53 45.65 12.80
CA ASP E 248 -0.77 46.16 13.94
C ASP E 248 -0.66 47.68 13.90
N GLN E 249 -0.06 48.22 12.85
CA GLN E 249 0.32 49.63 12.80
C GLN E 249 -0.84 50.57 12.52
N GLU E 250 -2.05 50.06 12.33
CA GLU E 250 -3.19 50.94 12.12
C GLU E 250 -4.45 50.50 12.86
N GLY E 251 -4.42 49.42 13.62
CA GLY E 251 -5.55 49.00 14.42
C GLY E 251 -6.84 48.80 13.66
N GLN E 252 -6.74 48.65 12.34
CA GLN E 252 -7.93 48.55 11.50
C GLN E 252 -8.59 47.18 11.64
N ASP E 253 -9.63 46.97 10.84
CA ASP E 253 -10.20 45.65 10.63
C ASP E 253 -9.85 45.21 9.22
N VAL E 254 -9.04 44.16 9.10
CA VAL E 254 -8.50 43.72 7.82
C VAL E 254 -9.23 42.47 7.38
N LEU E 255 -9.37 42.30 6.07
CA LEU E 255 -9.80 41.04 5.47
C LEU E 255 -8.64 40.49 4.66
N LEU E 256 -8.35 39.21 4.85
CA LEU E 256 -7.26 38.55 4.13
C LEU E 256 -7.82 37.35 3.39
N PHE E 257 -7.90 37.44 2.08
CA PHE E 257 -8.36 36.34 1.25
C PHE E 257 -7.13 35.66 0.65
N ILE E 258 -6.95 34.39 0.99
CA ILE E 258 -5.83 33.60 0.47
C ILE E 258 -6.40 32.54 -0.45
N ASP E 259 -5.81 32.44 -1.64
CA ASP E 259 -6.27 31.49 -2.65
C ASP E 259 -5.10 31.23 -3.58
N ASN E 260 -4.45 30.09 -3.45
CA ASN E 260 -4.88 29.00 -2.57
C ASN E 260 -3.78 28.67 -1.58
N ILE E 261 -4.13 28.27 -0.36
CA ILE E 261 -3.12 28.13 0.67
C ILE E 261 -2.54 26.72 0.69
N PHE E 262 -3.15 25.78 -0.04
CA PHE E 262 -2.54 24.46 -0.17
C PHE E 262 -1.26 24.51 -1.00
N ARG E 263 -1.15 25.53 -1.85
CA ARG E 263 0.02 25.63 -2.72
C ARG E 263 1.26 25.98 -1.91
N PHE E 264 1.10 26.62 -0.76
CA PHE E 264 2.22 26.88 0.12
C PHE E 264 2.85 25.57 0.59
N THR E 265 2.03 24.67 1.12
CA THR E 265 2.50 23.36 1.56
C THR E 265 3.03 22.56 0.38
N GLN E 266 2.34 22.63 -0.76
CA GLN E 266 2.78 21.86 -1.92
C GLN E 266 4.14 22.34 -2.43
N ALA E 267 4.39 23.65 -2.38
CA ALA E 267 5.70 24.17 -2.79
C ALA E 267 6.78 23.77 -1.80
N GLY E 268 6.45 23.79 -0.49
CA GLY E 268 7.36 23.23 0.48
C GLY E 268 7.72 21.79 0.15
N SER E 269 6.73 21.01 -0.28
CA SER E 269 6.97 19.62 -0.66
C SER E 269 7.84 19.53 -1.90
N GLU E 270 7.62 20.42 -2.86
CA GLU E 270 8.41 20.39 -4.10
C GLU E 270 9.87 20.74 -3.85
N VAL E 271 10.14 21.59 -2.86
CA VAL E 271 11.52 21.94 -2.55
C VAL E 271 12.18 21.00 -1.54
N SER E 272 11.39 20.32 -0.70
CA SER E 272 11.99 19.52 0.36
C SER E 272 12.75 18.32 -0.18
N ALA E 273 12.37 17.84 -1.36
CA ALA E 273 13.10 16.73 -1.97
C ALA E 273 14.56 17.12 -2.23
N LEU E 274 14.76 18.35 -2.70
CA LEU E 274 16.09 18.82 -3.06
C LEU E 274 16.90 19.29 -1.86
N LEU E 275 16.24 19.71 -0.79
CA LEU E 275 16.93 20.14 0.42
C LEU E 275 17.55 18.99 1.20
N GLY E 276 17.54 17.78 0.64
CA GLY E 276 18.13 16.64 1.32
C GLY E 276 17.48 16.29 2.64
N ARG E 277 16.20 15.91 2.61
CA ARG E 277 15.46 15.54 3.80
C ARG E 277 14.72 14.24 3.56
N ILE E 278 14.54 13.45 4.62
CA ILE E 278 13.82 12.19 4.46
C ILE E 278 12.33 12.47 4.36
N PRO E 279 11.64 11.97 3.31
CA PRO E 279 10.23 12.29 3.12
C PRO E 279 9.37 11.70 4.24
N SER E 280 8.26 12.38 4.59
CA SER E 280 7.35 11.87 5.64
C SER E 280 6.28 10.96 5.02
N ALA E 281 5.00 11.30 5.20
CA ALA E 281 3.91 10.48 4.65
C ALA E 281 3.38 11.10 3.35
N VAL E 282 3.04 10.28 2.36
CA VAL E 282 2.47 10.78 1.07
C VAL E 282 3.51 11.65 0.36
N GLY E 283 4.79 11.51 0.72
CA GLY E 283 5.87 12.25 0.04
C GLY E 283 6.03 13.67 0.58
N TYR E 284 5.24 14.05 1.58
CA TYR E 284 5.28 15.45 2.09
C TYR E 284 6.56 15.68 2.89
N GLN E 285 6.92 16.95 3.10
CA GLN E 285 8.15 17.30 3.86
C GLN E 285 7.96 16.87 5.31
N PRO E 286 9.02 16.51 6.07
CA PRO E 286 8.86 16.20 7.49
C PRO E 286 8.44 17.39 8.32
N THR E 287 8.66 18.62 7.85
CA THR E 287 8.33 19.83 8.58
C THR E 287 7.02 20.45 8.11
N LEU E 288 6.07 19.62 7.67
CA LEU E 288 4.79 20.15 7.17
C LEU E 288 4.03 20.88 8.26
N ALA E 289 3.85 20.23 9.42
CA ALA E 289 2.99 20.76 10.45
C ALA E 289 3.57 22.04 11.07
N THR E 290 4.88 22.06 11.30
CA THR E 290 5.47 23.25 11.91
C THR E 290 5.56 24.40 10.94
N ASP E 291 5.83 24.12 9.65
CA ASP E 291 5.77 25.18 8.65
C ASP E 291 4.38 25.79 8.60
N MET E 292 3.35 24.94 8.48
CA MET E 292 1.99 25.43 8.46
C MET E 292 1.64 26.18 9.73
N GLY E 293 2.23 25.77 10.87
CA GLY E 293 1.94 26.44 12.11
C GLY E 293 2.56 27.83 12.19
N THR E 294 3.84 27.94 11.82
CA THR E 294 4.50 29.24 11.86
C THR E 294 3.95 30.17 10.79
N MET E 295 3.25 29.63 9.80
CA MET E 295 2.55 30.49 8.85
C MET E 295 1.18 30.90 9.37
N GLN E 296 0.38 29.91 9.81
CA GLN E 296 -1.01 30.16 10.16
C GLN E 296 -1.17 30.87 11.50
N GLU E 297 -0.14 30.84 12.35
CA GLU E 297 -0.27 31.50 13.64
C GLU E 297 -0.11 33.01 13.54
N ARG E 298 0.47 33.50 12.44
CA ARG E 298 0.53 34.93 12.20
C ARG E 298 -0.81 35.45 11.70
N ILE E 299 -1.62 34.60 11.08
CA ILE E 299 -2.93 35.00 10.58
C ILE E 299 -3.93 34.86 11.71
N THR E 300 -4.03 35.89 12.55
CA THR E 300 -4.89 35.80 13.72
C THR E 300 -5.28 37.19 14.18
N THR E 301 -6.44 37.28 14.81
CA THR E 301 -6.92 38.52 15.39
C THR E 301 -6.39 38.69 16.80
N THR E 302 -5.54 39.68 16.99
CA THR E 302 -5.02 40.03 18.30
C THR E 302 -6.00 40.97 18.99
N LYS E 303 -5.58 41.53 20.12
CA LYS E 303 -6.35 42.57 20.78
C LYS E 303 -5.90 43.96 20.37
N LYS E 304 -4.94 44.06 19.45
CA LYS E 304 -4.53 45.33 18.87
C LYS E 304 -5.15 45.57 17.50
N GLY E 305 -5.96 44.63 17.01
CA GLY E 305 -6.59 44.72 15.72
C GLY E 305 -7.48 43.53 15.45
N SER E 306 -7.85 43.30 14.20
CA SER E 306 -8.59 42.11 13.82
C SER E 306 -8.34 41.79 12.36
N ILE E 307 -8.10 40.51 12.08
CA ILE E 307 -7.92 40.01 10.72
C ILE E 307 -8.93 38.91 10.49
N THR E 308 -9.91 39.15 9.63
CA THR E 308 -10.84 38.14 9.19
C THR E 308 -10.28 37.49 7.94
N SER E 309 -10.00 36.19 8.02
CA SER E 309 -9.28 35.49 6.98
C SER E 309 -10.18 34.46 6.31
N VAL E 310 -10.18 34.47 4.99
CA VAL E 310 -10.88 33.45 4.20
C VAL E 310 -9.84 32.80 3.31
N GLN E 311 -9.56 31.52 3.59
CA GLN E 311 -8.50 30.80 2.91
C GLN E 311 -9.08 29.61 2.17
N ALA E 312 -9.00 29.65 0.85
CA ALA E 312 -9.32 28.47 0.04
C ALA E 312 -8.25 27.42 0.32
N ILE E 313 -8.64 26.15 0.29
CA ILE E 313 -7.74 25.04 0.60
C ILE E 313 -8.04 23.93 -0.38
N TYR E 314 -7.13 23.67 -1.30
CA TYR E 314 -7.28 22.58 -2.23
C TYR E 314 -7.21 21.25 -1.48
N VAL E 315 -7.75 20.20 -2.09
CA VAL E 315 -7.79 18.87 -1.50
C VAL E 315 -7.35 17.89 -2.58
N PRO E 316 -6.14 17.31 -2.47
CA PRO E 316 -5.63 16.48 -3.56
C PRO E 316 -6.44 15.20 -3.73
N ALA E 317 -6.80 14.91 -4.98
CA ALA E 317 -7.55 13.70 -5.32
C ALA E 317 -8.80 13.54 -4.46
N ASP E 318 -9.38 14.66 -4.03
CA ASP E 318 -10.55 14.69 -3.16
C ASP E 318 -10.33 13.95 -1.85
N ASP E 319 -9.07 13.68 -1.49
CA ASP E 319 -8.74 12.97 -0.26
C ASP E 319 -8.73 13.98 0.89
N LEU E 320 -9.78 13.94 1.71
CA LEU E 320 -9.88 14.87 2.83
C LEU E 320 -9.03 14.45 4.02
N THR E 321 -8.31 13.33 3.93
CA THR E 321 -7.40 12.87 4.96
C THR E 321 -5.95 13.02 4.55
N ASP E 322 -5.70 13.72 3.45
CA ASP E 322 -4.35 14.04 3.01
C ASP E 322 -3.69 14.86 4.11
N PRO E 323 -2.38 14.70 4.33
CA PRO E 323 -1.75 15.42 5.46
C PRO E 323 -1.93 16.93 5.44
N ALA E 324 -2.02 17.54 4.25
CA ALA E 324 -2.09 19.00 4.21
C ALA E 324 -3.44 19.53 4.67
N PRO E 325 -4.59 19.13 4.10
CA PRO E 325 -5.85 19.62 4.66
C PRO E 325 -6.13 19.08 6.06
N ALA E 326 -5.75 17.84 6.34
CA ALA E 326 -5.96 17.29 7.67
C ALA E 326 -5.16 18.04 8.72
N THR E 327 -4.01 18.61 8.33
CA THR E 327 -3.27 19.47 9.23
C THR E 327 -3.89 20.85 9.31
N THR E 328 -4.41 21.37 8.20
CA THR E 328 -4.99 22.71 8.20
C THR E 328 -6.24 22.78 9.06
N PHE E 329 -7.02 21.70 9.12
CA PHE E 329 -8.29 21.71 9.84
C PHE E 329 -8.16 22.30 11.23
N ALA E 330 -7.08 21.99 11.95
CA ALA E 330 -6.90 22.46 13.31
C ALA E 330 -6.64 23.95 13.41
N HIS E 331 -6.33 24.60 12.29
CA HIS E 331 -5.95 26.02 12.30
C HIS E 331 -7.13 26.95 12.03
N LEU E 332 -8.31 26.42 11.80
CA LEU E 332 -9.43 27.21 11.30
C LEU E 332 -10.55 27.31 12.33
N ASP E 333 -11.18 28.48 12.37
CA ASP E 333 -12.33 28.71 13.23
C ASP E 333 -13.63 28.22 12.61
N ALA E 334 -13.74 28.29 11.29
CA ALA E 334 -14.92 27.79 10.59
C ALA E 334 -14.49 27.18 9.27
N THR E 335 -14.94 25.95 9.02
CA THR E 335 -14.59 25.21 7.82
C THR E 335 -15.83 25.01 6.98
N THR E 336 -15.69 25.21 5.67
CA THR E 336 -16.75 24.96 4.70
C THR E 336 -16.21 23.96 3.69
N VAL E 337 -16.68 22.73 3.76
CA VAL E 337 -16.13 21.63 2.98
C VAL E 337 -17.03 21.40 1.78
N LEU E 338 -16.63 21.92 0.62
CA LEU E 338 -17.34 21.63 -0.61
C LEU E 338 -17.10 20.19 -1.01
N SER E 339 -18.13 19.58 -1.61
CA SER E 339 -18.09 18.17 -1.97
C SER E 339 -18.47 18.00 -3.43
N ARG E 340 -17.81 17.06 -4.10
CA ARG E 340 -18.09 16.81 -5.51
C ARG E 340 -19.33 15.95 -5.69
N ALA E 341 -19.61 15.06 -4.73
CA ALA E 341 -20.85 14.29 -4.79
C ALA E 341 -22.08 15.20 -4.73
N ILE E 342 -21.91 16.40 -4.20
CA ILE E 342 -23.01 17.35 -4.14
C ILE E 342 -23.04 18.23 -5.38
N ALA E 343 -21.88 18.74 -5.80
CA ALA E 343 -21.82 19.54 -7.02
C ALA E 343 -22.32 18.75 -8.23
N GLU E 344 -22.16 17.43 -8.20
CA GLU E 344 -22.64 16.62 -9.32
C GLU E 344 -24.14 16.35 -9.21
N LEU E 345 -24.78 16.73 -8.12
CA LEU E 345 -26.23 16.75 -8.05
C LEU E 345 -26.82 18.01 -8.64
N GLY E 346 -25.98 18.94 -9.09
CA GLY E 346 -26.44 20.24 -9.54
C GLY E 346 -26.56 21.28 -8.45
N ILE E 347 -26.42 20.88 -7.18
CA ILE E 347 -26.52 21.81 -6.07
C ILE E 347 -25.30 22.72 -6.08
N TYR E 348 -25.52 24.02 -5.87
CA TYR E 348 -24.44 24.99 -5.76
C TYR E 348 -24.90 26.09 -4.82
N PRO E 349 -24.06 26.52 -3.86
CA PRO E 349 -22.70 26.05 -3.61
C PRO E 349 -22.67 24.60 -3.16
N ALA E 350 -21.56 23.92 -3.43
CA ALA E 350 -21.46 22.49 -3.18
C ALA E 350 -21.09 22.17 -1.75
N VAL E 351 -21.36 23.07 -0.82
CA VAL E 351 -21.06 22.85 0.59
C VAL E 351 -21.63 21.52 1.03
N ASP E 352 -20.85 20.79 1.82
CA ASP E 352 -21.33 19.56 2.43
C ASP E 352 -21.92 19.93 3.78
N PRO E 353 -23.23 19.77 3.98
CA PRO E 353 -23.84 20.20 5.23
C PRO E 353 -23.48 19.31 6.41
N LEU E 354 -22.97 18.11 6.16
CA LEU E 354 -22.61 17.17 7.22
C LEU E 354 -21.11 17.09 7.44
N ASP E 355 -20.34 18.04 6.91
CA ASP E 355 -18.90 18.09 7.13
C ASP E 355 -18.42 19.48 7.47
N SER E 356 -19.25 20.51 7.35
CA SER E 356 -18.88 21.87 7.69
C SER E 356 -19.23 22.14 9.14
N THR E 357 -18.32 22.80 9.84
CA THR E 357 -18.48 23.09 11.27
C THR E 357 -18.11 24.54 11.53
N SER E 358 -18.42 24.99 12.74
CA SER E 358 -18.07 26.33 13.16
C SER E 358 -18.05 26.39 14.67
N ARG E 359 -17.19 27.25 15.21
CA ARG E 359 -17.03 27.39 16.64
C ARG E 359 -18.09 28.29 17.27
N ILE E 360 -18.87 29.01 16.46
CA ILE E 360 -19.95 29.83 16.99
C ILE E 360 -21.31 29.14 16.84
N MET E 361 -21.34 27.93 16.30
CA MET E 361 -22.56 27.13 16.32
C MET E 361 -22.77 26.61 17.75
N ASP E 362 -23.24 27.52 18.60
CA ASP E 362 -23.44 27.27 20.00
C ASP E 362 -24.70 28.04 20.38
N PRO E 363 -25.63 27.41 21.11
CA PRO E 363 -26.89 28.12 21.43
C PRO E 363 -26.69 29.40 22.21
N ASN E 364 -25.57 29.53 22.93
CA ASN E 364 -25.32 30.75 23.68
C ASN E 364 -24.78 31.88 22.81
N ILE E 365 -24.51 31.62 21.53
CA ILE E 365 -23.96 32.62 20.62
C ILE E 365 -24.94 32.97 19.51
N VAL E 366 -25.31 31.98 18.69
CA VAL E 366 -26.22 32.22 17.58
C VAL E 366 -27.69 32.16 18.01
N GLY E 367 -27.95 31.99 19.30
CA GLY E 367 -29.33 31.90 19.76
C GLY E 367 -29.87 30.48 19.68
N SER E 368 -30.66 30.12 20.68
CA SER E 368 -31.19 28.76 20.75
C SER E 368 -32.01 28.40 19.53
N GLU E 369 -32.65 29.39 18.90
CA GLU E 369 -33.52 29.12 17.77
C GLU E 369 -32.71 28.72 16.54
N HIS E 370 -31.72 29.54 16.18
CA HIS E 370 -30.81 29.21 15.08
C HIS E 370 -30.15 27.85 15.32
N TYR E 371 -29.78 27.57 16.57
CA TYR E 371 -29.12 26.32 16.88
C TYR E 371 -30.05 25.13 16.65
N ASP E 372 -31.30 25.23 17.14
CA ASP E 372 -32.24 24.13 16.95
C ASP E 372 -32.53 23.91 15.46
N VAL E 373 -32.65 24.99 14.69
CA VAL E 373 -32.89 24.85 13.26
C VAL E 373 -31.73 24.15 12.58
N ALA E 374 -30.51 24.60 12.86
CA ALA E 374 -29.33 24.00 12.23
C ALA E 374 -29.22 22.52 12.59
N ARG E 375 -29.43 22.19 13.87
CA ARG E 375 -29.32 20.80 14.28
C ARG E 375 -30.40 19.94 13.65
N GLY E 376 -31.61 20.47 13.52
CA GLY E 376 -32.66 19.71 12.87
C GLY E 376 -32.36 19.45 11.40
N VAL E 377 -31.84 20.46 10.70
CA VAL E 377 -31.45 20.27 9.30
C VAL E 377 -30.37 19.20 9.19
N GLN E 378 -29.35 19.30 10.03
CA GLN E 378 -28.27 18.32 9.96
C GLN E 378 -28.77 16.92 10.29
N LYS E 379 -29.67 16.80 11.27
CA LYS E 379 -30.17 15.49 11.66
C LYS E 379 -31.00 14.86 10.56
N ILE E 380 -31.88 15.65 9.93
CA ILE E 380 -32.71 15.06 8.87
C ILE E 380 -31.86 14.70 7.66
N LEU E 381 -30.85 15.51 7.34
CA LEU E 381 -29.97 15.15 6.22
C LEU E 381 -29.16 13.91 6.54
N GLN E 382 -28.76 13.73 7.80
CA GLN E 382 -28.00 12.53 8.17
C GLN E 382 -28.88 11.30 8.11
N ASP E 383 -30.15 11.41 8.51
CA ASP E 383 -31.07 10.28 8.39
C ASP E 383 -31.28 9.91 6.93
N TYR E 384 -31.44 10.91 6.06
CA TYR E 384 -31.56 10.62 4.64
C TYR E 384 -30.30 9.95 4.10
N LYS E 385 -29.13 10.40 4.54
CA LYS E 385 -27.89 9.76 4.10
C LYS E 385 -27.81 8.32 4.58
N SER E 386 -28.33 8.04 5.77
CA SER E 386 -28.37 6.66 6.24
C SER E 386 -29.32 5.82 5.39
N LEU E 387 -30.44 6.40 4.98
CA LEU E 387 -31.40 5.66 4.16
C LEU E 387 -30.93 5.46 2.73
N GLN E 388 -29.95 6.25 2.29
CA GLN E 388 -29.48 6.21 0.89
C GLN E 388 -29.40 4.81 0.31
N ASP E 389 -28.79 3.86 1.03
CA ASP E 389 -28.53 2.54 0.46
C ASP E 389 -29.83 1.75 0.28
N ILE E 390 -30.70 1.76 1.30
CA ILE E 390 -32.00 1.13 1.18
C ILE E 390 -32.78 1.72 0.02
N ILE E 391 -32.86 3.06 -0.03
CA ILE E 391 -33.57 3.73 -1.13
C ILE E 391 -32.98 3.32 -2.47
N ALA E 392 -31.66 3.09 -2.53
CA ALA E 392 -31.02 2.77 -3.79
C ALA E 392 -31.36 1.36 -4.24
N ILE E 393 -31.43 0.41 -3.30
CA ILE E 393 -31.60 -0.99 -3.69
C ILE E 393 -33.06 -1.40 -3.65
N LEU E 394 -33.69 -1.32 -2.48
CA LEU E 394 -35.07 -1.77 -2.35
C LEU E 394 -36.09 -0.71 -2.72
N GLY E 395 -35.71 0.30 -3.50
CA GLY E 395 -36.66 1.28 -3.98
C GLY E 395 -37.23 2.16 -2.89
N MET E 396 -37.92 3.21 -3.34
CA MET E 396 -38.54 4.17 -2.44
C MET E 396 -39.85 3.67 -1.84
N ASP E 397 -40.51 2.72 -2.49
CA ASP E 397 -41.86 2.33 -2.07
C ASP E 397 -41.87 1.27 -0.99
N GLU E 398 -40.70 0.86 -0.48
CA GLU E 398 -40.61 -0.06 0.64
C GLU E 398 -40.15 0.62 1.92
N LEU E 399 -40.44 1.90 2.10
CA LEU E 399 -40.08 2.63 3.30
C LEU E 399 -41.29 2.81 4.21
N SER E 400 -41.02 3.17 5.45
CA SER E 400 -42.07 3.58 6.35
C SER E 400 -42.67 4.90 5.88
N GLU E 401 -43.86 5.21 6.40
CA GLU E 401 -44.48 6.49 6.06
C GLU E 401 -43.72 7.66 6.69
N GLU E 402 -43.28 7.49 7.94
CA GLU E 402 -42.44 8.51 8.55
C GLU E 402 -41.10 8.64 7.82
N ASP E 403 -40.54 7.51 7.39
CA ASP E 403 -39.29 7.56 6.64
C ASP E 403 -39.47 8.24 5.29
N LYS E 404 -40.61 8.00 4.63
CA LYS E 404 -40.89 8.72 3.39
C LYS E 404 -41.04 10.21 3.64
N LEU E 405 -41.68 10.57 4.75
CA LEU E 405 -41.77 11.98 5.12
C LEU E 405 -40.40 12.60 5.27
N THR E 406 -39.51 11.93 6.02
CA THR E 406 -38.17 12.47 6.21
C THR E 406 -37.39 12.53 4.91
N VAL E 407 -37.55 11.54 4.03
CA VAL E 407 -36.85 11.58 2.76
C VAL E 407 -37.31 12.77 1.93
N SER E 408 -38.62 12.98 1.84
CA SER E 408 -39.14 14.12 1.08
C SER E 408 -38.64 15.44 1.66
N ARG E 409 -38.76 15.60 2.97
CA ARG E 409 -38.31 16.84 3.61
C ARG E 409 -36.81 17.04 3.40
N ALA E 410 -36.02 15.96 3.46
CA ALA E 410 -34.58 16.09 3.35
C ALA E 410 -34.17 16.45 1.94
N ARG E 411 -34.86 15.90 0.93
CA ARG E 411 -34.56 16.31 -0.44
C ARG E 411 -34.96 17.76 -0.65
N LYS E 412 -36.08 18.20 -0.08
CA LYS E 412 -36.45 19.59 -0.17
C LYS E 412 -35.39 20.49 0.46
N ILE E 413 -34.85 20.07 1.60
CA ILE E 413 -33.82 20.86 2.28
C ILE E 413 -32.53 20.87 1.47
N GLN E 414 -32.19 19.74 0.84
CA GLN E 414 -31.04 19.71 -0.05
C GLN E 414 -31.18 20.74 -1.16
N ARG E 415 -32.33 20.76 -1.82
CA ARG E 415 -32.52 21.75 -2.88
C ARG E 415 -32.47 23.17 -2.32
N PHE E 416 -33.10 23.39 -1.17
CA PHE E 416 -33.15 24.75 -0.61
C PHE E 416 -31.78 25.25 -0.19
N LEU E 417 -30.89 24.37 0.29
CA LEU E 417 -29.57 24.81 0.71
C LEU E 417 -28.76 25.41 -0.44
N SER E 418 -29.15 25.14 -1.68
CA SER E 418 -28.47 25.76 -2.80
C SER E 418 -28.98 27.18 -3.01
N GLN E 419 -28.16 27.99 -3.67
CA GLN E 419 -28.47 29.40 -3.86
C GLN E 419 -27.70 29.94 -5.06
N PRO E 420 -28.32 30.77 -5.89
CA PRO E 420 -27.58 31.35 -7.03
C PRO E 420 -26.72 32.50 -6.56
N PHE E 421 -25.56 32.65 -7.18
CA PHE E 421 -24.59 33.67 -6.80
C PHE E 421 -24.58 34.80 -7.81
N GLN E 422 -24.25 35.99 -7.33
CA GLN E 422 -24.17 37.15 -8.22
C GLN E 422 -23.01 37.03 -9.19
N VAL E 423 -21.96 36.29 -8.81
CA VAL E 423 -20.82 36.09 -9.70
C VAL E 423 -20.94 34.84 -10.55
N ALA E 424 -21.94 34.01 -10.30
CA ALA E 424 -22.17 32.80 -11.10
C ALA E 424 -23.24 33.02 -12.16
N GLU E 425 -23.74 34.25 -12.30
CA GLU E 425 -24.74 34.53 -13.31
C GLU E 425 -24.15 34.46 -14.72
N VAL E 426 -22.84 34.71 -14.84
CA VAL E 426 -22.21 34.81 -16.15
C VAL E 426 -22.33 33.51 -16.94
N PHE E 427 -22.38 32.37 -16.26
CA PHE E 427 -22.44 31.08 -16.95
C PHE E 427 -23.65 30.26 -16.53
N THR E 428 -24.60 30.87 -15.81
CA THR E 428 -25.89 30.22 -15.57
C THR E 428 -27.10 31.09 -15.91
N GLY E 429 -26.96 32.42 -15.92
CA GLY E 429 -28.07 33.30 -16.25
C GLY E 429 -28.91 33.75 -15.09
N HIS E 430 -29.17 32.88 -14.12
CA HIS E 430 -30.04 33.21 -12.99
C HIS E 430 -29.50 34.43 -12.24
N MET E 431 -30.39 35.16 -11.58
CA MET E 431 -29.98 36.34 -10.84
C MET E 431 -29.52 35.96 -9.45
N GLY E 432 -28.40 36.53 -9.03
CA GLY E 432 -27.83 36.19 -7.74
C GLY E 432 -28.64 36.78 -6.59
N LYS E 433 -28.84 35.96 -5.57
CA LYS E 433 -29.64 36.34 -4.40
C LYS E 433 -28.76 36.48 -3.17
N LEU E 434 -29.22 37.27 -2.21
CA LEU E 434 -28.54 37.47 -0.94
C LEU E 434 -29.59 37.35 0.16
N VAL E 435 -29.61 36.21 0.83
CA VAL E 435 -30.67 35.86 1.76
C VAL E 435 -30.25 36.29 3.17
N PRO E 436 -30.93 37.25 3.79
CA PRO E 436 -30.60 37.61 5.18
C PRO E 436 -30.75 36.41 6.10
N LEU E 437 -30.13 36.52 7.27
CA LEU E 437 -30.13 35.42 8.23
C LEU E 437 -31.55 35.07 8.67
N LYS E 438 -32.38 36.09 8.91
CA LYS E 438 -33.74 35.84 9.37
C LYS E 438 -34.54 35.05 8.34
N GLU E 439 -34.41 35.39 7.06
CA GLU E 439 -35.13 34.67 6.03
C GLU E 439 -34.69 33.21 5.97
N THR E 440 -33.39 32.95 6.15
CA THR E 440 -32.90 31.59 6.13
C THR E 440 -33.46 30.78 7.30
N ILE E 441 -33.34 31.33 8.51
CA ILE E 441 -33.85 30.64 9.69
C ILE E 441 -35.34 30.37 9.55
N LYS E 442 -36.10 31.36 9.08
CA LYS E 442 -37.53 31.20 8.93
C LYS E 442 -37.87 30.12 7.90
N GLY E 443 -37.22 30.17 6.74
CA GLY E 443 -37.52 29.20 5.71
C GLY E 443 -37.19 27.79 6.15
N PHE E 444 -36.12 27.62 6.91
CA PHE E 444 -35.76 26.27 7.33
C PHE E 444 -36.65 25.79 8.48
N GLN E 445 -37.07 26.69 9.36
CA GLN E 445 -38.12 26.34 10.32
C GLN E 445 -39.35 25.83 9.59
N GLN E 446 -39.75 26.52 8.53
CA GLN E 446 -40.99 26.17 7.84
C GLN E 446 -40.84 24.85 7.09
N ILE E 447 -39.69 24.60 6.48
CA ILE E 447 -39.50 23.32 5.81
C ILE E 447 -39.44 22.17 6.81
N LEU E 448 -38.79 22.38 7.96
CA LEU E 448 -38.78 21.36 8.99
C LEU E 448 -40.19 21.07 9.50
N ALA E 449 -40.97 22.11 9.78
CA ALA E 449 -42.33 21.92 10.28
C ALA E 449 -43.24 21.25 9.26
N GLY E 450 -42.79 21.06 8.03
CA GLY E 450 -43.60 20.42 7.01
C GLY E 450 -44.63 21.31 6.34
N GLU E 451 -44.51 22.63 6.50
CA GLU E 451 -45.50 23.55 5.97
C GLU E 451 -45.45 23.66 4.45
N TYR E 452 -44.63 22.85 3.77
CA TYR E 452 -44.55 22.92 2.32
C TYR E 452 -44.46 21.54 1.70
N ASP E 453 -45.06 20.54 2.35
CA ASP E 453 -45.03 19.18 1.83
C ASP E 453 -45.95 18.97 0.64
N HIS E 454 -46.55 20.04 0.11
CA HIS E 454 -47.40 19.94 -1.09
C HIS E 454 -46.70 20.43 -2.34
N LEU E 455 -45.74 21.34 -2.23
CA LEU E 455 -44.97 21.78 -3.38
C LEU E 455 -44.02 20.68 -3.82
N PRO E 456 -43.69 20.63 -5.11
CA PRO E 456 -42.65 19.71 -5.56
C PRO E 456 -41.28 20.18 -5.07
N GLU E 457 -40.42 19.21 -4.77
CA GLU E 457 -39.06 19.54 -4.35
C GLU E 457 -38.35 20.41 -5.37
N GLN E 458 -38.62 20.21 -6.67
CA GLN E 458 -38.01 20.98 -7.74
C GLN E 458 -38.27 22.48 -7.62
N ALA E 459 -39.20 22.90 -6.77
CA ALA E 459 -39.46 24.31 -6.57
C ALA E 459 -38.40 24.99 -5.73
N PHE E 460 -37.65 24.24 -4.92
CA PHE E 460 -36.65 24.83 -4.04
C PHE E 460 -35.28 24.95 -4.69
N TYR E 461 -35.05 24.26 -5.81
CA TYR E 461 -33.75 24.27 -6.46
C TYR E 461 -33.42 25.66 -6.98
N MET E 462 -32.30 26.22 -6.51
CA MET E 462 -31.75 27.47 -7.03
C MET E 462 -32.75 28.63 -6.91
N VAL E 463 -33.09 28.96 -5.66
CA VAL E 463 -33.95 30.10 -5.38
C VAL E 463 -33.28 30.96 -4.31
N GLY E 464 -33.96 32.03 -3.94
CA GLY E 464 -33.52 32.89 -2.87
C GLY E 464 -34.14 32.46 -1.56
N PRO E 465 -34.90 33.36 -0.93
CA PRO E 465 -35.63 32.98 0.29
C PRO E 465 -36.82 32.09 -0.02
N ILE E 466 -37.63 31.76 0.99
CA ILE E 466 -38.73 30.83 0.80
C ILE E 466 -39.87 31.45 -0.01
N GLU E 467 -40.00 32.78 0.01
CA GLU E 467 -41.00 33.43 -0.81
C GLU E 467 -40.78 33.13 -2.29
N GLU E 468 -39.54 33.21 -2.75
CA GLU E 468 -39.26 32.85 -4.14
C GLU E 468 -39.51 31.37 -4.38
N ALA E 469 -39.35 30.54 -3.35
CA ALA E 469 -39.64 29.12 -3.50
C ALA E 469 -41.12 28.89 -3.77
N VAL E 470 -42.00 29.52 -3.01
CA VAL E 470 -43.42 29.33 -3.23
C VAL E 470 -43.87 30.00 -4.53
N ALA E 471 -43.22 31.12 -4.88
CA ALA E 471 -43.52 31.75 -6.16
C ALA E 471 -43.18 30.83 -7.32
N LYS E 472 -42.02 30.18 -7.27
CA LYS E 472 -41.65 29.23 -8.30
C LYS E 472 -42.59 28.03 -8.30
N ALA E 473 -42.99 27.57 -7.11
CA ALA E 473 -43.90 26.43 -7.03
C ALA E 473 -45.25 26.75 -7.68
N ASP E 474 -45.70 27.99 -7.57
CA ASP E 474 -46.89 28.42 -8.29
C ASP E 474 -46.62 28.52 -9.78
N LYS E 475 -45.46 29.06 -10.16
CA LYS E 475 -45.10 29.19 -11.56
C LYS E 475 -45.01 27.81 -12.24
N LEU E 476 -44.85 26.75 -11.45
CA LEU E 476 -44.83 25.39 -12.02
C LEU E 476 -46.16 25.02 -12.67
N ALA E 477 -47.17 25.87 -12.54
CA ALA E 477 -48.46 25.59 -13.16
C ALA E 477 -49.00 26.82 -13.88
N ALA F 12 36.34 -7.95 29.12
CA ALA F 12 37.06 -6.82 28.53
C ALA F 12 36.21 -5.55 28.59
N THR F 13 36.84 -4.41 28.37
CA THR F 13 36.14 -3.13 28.42
C THR F 13 36.09 -2.49 27.04
N GLY F 14 35.00 -1.75 26.82
CA GLY F 14 34.81 -1.00 25.59
C GLY F 14 34.18 0.34 25.91
N ARG F 15 34.19 1.23 24.93
CA ARG F 15 33.74 2.59 25.13
C ARG F 15 32.50 2.87 24.28
N ILE F 16 31.50 3.50 24.89
CA ILE F 16 30.36 3.99 24.13
C ILE F 16 30.82 5.06 23.16
N VAL F 17 30.47 4.88 21.88
CA VAL F 17 30.87 5.84 20.87
C VAL F 17 29.64 6.45 20.20
N ALA F 18 28.46 5.96 20.56
CA ALA F 18 27.23 6.52 19.99
C ALA F 18 26.04 6.07 20.84
N VAL F 19 25.08 6.97 21.00
CA VAL F 19 23.82 6.69 21.69
C VAL F 19 22.71 7.36 20.90
N ILE F 20 21.79 6.57 20.38
CA ILE F 20 20.66 7.08 19.59
C ILE F 20 19.41 6.42 20.12
N GLY F 21 18.71 7.10 21.02
CA GLY F 21 17.51 6.55 21.63
C GLY F 21 17.80 5.30 22.43
N ALA F 22 17.29 4.16 21.97
CA ALA F 22 17.53 2.89 22.64
C ALA F 22 18.66 2.09 22.02
N VAL F 23 19.32 2.64 20.99
CA VAL F 23 20.42 1.94 20.36
C VAL F 23 21.75 2.57 20.78
N VAL F 24 22.68 1.72 21.20
CA VAL F 24 23.97 2.17 21.72
C VAL F 24 25.08 1.47 20.95
N ASP F 25 25.99 2.26 20.41
CA ASP F 25 27.17 1.72 19.72
C ASP F 25 28.31 1.68 20.72
N VAL F 26 28.87 0.48 20.92
CA VAL F 26 30.04 0.30 21.76
C VAL F 26 31.21 -0.02 20.85
N GLN F 27 32.42 0.25 21.34
CA GLN F 27 33.61 -0.04 20.56
C GLN F 27 34.64 -0.72 21.45
N PHE F 28 35.10 -1.88 21.01
CA PHE F 28 36.22 -2.59 21.60
C PHE F 28 37.41 -2.51 20.65
N ASP F 29 38.53 -3.10 21.06
CA ASP F 29 39.68 -3.18 20.17
C ASP F 29 40.24 -4.58 20.15
N GLU F 30 40.04 -5.34 21.23
CA GLU F 30 40.59 -6.68 21.33
C GLU F 30 39.51 -7.76 21.30
N GLY F 31 38.54 -7.70 22.21
CA GLY F 31 37.46 -8.66 22.20
C GLY F 31 36.19 -8.13 21.58
N LEU F 32 35.93 -8.47 20.32
CA LEU F 32 34.67 -8.11 19.69
C LEU F 32 33.63 -9.16 20.04
N PRO F 33 32.70 -8.87 20.95
CA PRO F 33 31.78 -9.90 21.43
C PRO F 33 30.88 -10.39 20.31
N PRO F 34 30.40 -11.63 20.41
CA PRO F 34 29.42 -12.12 19.43
C PRO F 34 28.03 -11.61 19.77
N ILE F 35 27.13 -11.80 18.81
CA ILE F 35 25.75 -11.35 18.99
C ILE F 35 25.13 -12.04 20.20
N LEU F 36 24.17 -11.35 20.83
CA LEU F 36 23.48 -11.84 22.03
C LEU F 36 24.48 -12.09 23.16
N ASN F 37 25.08 -11.01 23.65
CA ASN F 37 25.94 -11.05 24.83
C ASN F 37 25.71 -9.78 25.65
N ALA F 38 25.25 -9.97 26.89
CA ALA F 38 24.99 -8.85 27.77
C ALA F 38 26.27 -8.10 28.11
N LEU F 39 26.36 -6.86 27.66
CA LEU F 39 27.35 -5.93 28.13
C LEU F 39 26.76 -5.11 29.27
N GLU F 40 27.57 -4.83 30.27
CA GLU F 40 27.10 -4.03 31.40
C GLU F 40 27.88 -2.72 31.48
N VAL F 41 27.12 -1.63 31.45
CA VAL F 41 27.68 -0.29 31.44
C VAL F 41 28.12 0.10 32.83
N GLN F 42 29.40 0.42 32.97
CA GLN F 42 29.98 0.83 34.23
C GLN F 42 29.58 2.26 34.57
N GLY F 43 29.82 2.65 35.81
CA GLY F 43 29.58 4.01 36.25
C GLY F 43 28.14 4.41 36.45
N ARG F 44 27.18 3.53 36.15
CA ARG F 44 25.79 3.92 36.24
C ARG F 44 25.22 3.58 37.61
N GLU F 45 24.22 4.35 38.03
CA GLU F 45 23.59 4.12 39.34
C GLU F 45 22.94 2.75 39.40
N THR F 46 21.91 2.53 38.58
CA THR F 46 21.26 1.23 38.49
C THR F 46 22.07 0.33 37.56
N ARG F 47 21.49 -0.81 37.18
CA ARG F 47 22.16 -1.75 36.31
C ARG F 47 21.56 -1.66 34.90
N LEU F 48 22.36 -1.15 33.97
CA LEU F 48 21.94 -1.08 32.57
C LEU F 48 22.70 -2.14 31.79
N VAL F 49 21.94 -2.94 31.04
CA VAL F 49 22.52 -4.05 30.28
C VAL F 49 22.19 -3.83 28.81
N LEU F 50 23.22 -3.65 27.99
CA LEU F 50 23.08 -3.65 26.55
C LEU F 50 23.18 -5.07 26.04
N GLU F 51 22.56 -5.33 24.90
CA GLU F 51 22.64 -6.65 24.27
C GLU F 51 23.16 -6.46 22.86
N VAL F 52 24.28 -7.12 22.55
CA VAL F 52 24.86 -7.02 21.22
C VAL F 52 23.85 -7.49 20.19
N ALA F 53 23.69 -6.71 19.13
CA ALA F 53 22.70 -7.01 18.10
C ALA F 53 23.23 -6.95 16.68
N GLN F 54 24.34 -6.26 16.43
CA GLN F 54 24.85 -6.17 15.07
C GLN F 54 26.33 -5.84 15.11
N HIS F 55 27.09 -6.48 14.24
CA HIS F 55 28.51 -6.17 14.08
C HIS F 55 28.70 -5.17 12.94
N LEU F 56 29.38 -4.08 13.27
CA LEU F 56 29.54 -2.97 12.33
C LEU F 56 30.97 -2.80 11.83
N GLY F 57 31.82 -3.82 11.90
CA GLY F 57 33.21 -3.65 11.57
C GLY F 57 33.89 -2.65 12.47
N GLU F 58 35.11 -2.28 12.10
CA GLU F 58 35.89 -1.27 12.81
C GLU F 58 36.05 -1.60 14.29
N SER F 59 35.86 -2.88 14.66
CA SER F 59 35.81 -3.32 16.05
C SER F 59 34.72 -2.57 16.81
N THR F 60 33.62 -2.29 16.12
CA THR F 60 32.47 -1.59 16.69
C THR F 60 31.27 -2.51 16.66
N VAL F 61 30.36 -2.30 17.60
CA VAL F 61 29.20 -3.16 17.80
C VAL F 61 27.98 -2.27 18.07
N ARG F 62 26.86 -2.61 17.46
CA ARG F 62 25.60 -1.91 17.69
C ARG F 62 24.71 -2.79 18.57
N THR F 63 24.26 -2.23 19.70
CA THR F 63 23.56 -2.98 20.72
C THR F 63 22.21 -2.33 20.98
N ILE F 64 21.25 -3.16 21.39
CA ILE F 64 19.96 -2.71 21.88
C ILE F 64 20.01 -2.72 23.39
N ALA F 65 19.37 -1.75 24.01
CA ALA F 65 19.49 -1.55 25.44
C ALA F 65 18.29 -2.11 26.19
N MET F 66 18.52 -2.57 27.42
CA MET F 66 17.45 -3.15 28.23
C MET F 66 16.91 -2.15 29.25
N ASP F 67 17.19 -0.87 29.08
CA ASP F 67 16.72 0.18 29.98
C ASP F 67 16.95 1.51 29.29
N GLY F 68 16.43 2.58 29.88
CA GLY F 68 16.61 3.90 29.29
C GLY F 68 18.06 4.31 29.23
N THR F 69 18.42 4.90 28.09
CA THR F 69 19.80 5.29 27.83
C THR F 69 20.06 6.76 28.13
N GLU F 70 19.16 7.44 28.81
CA GLU F 70 19.41 8.82 29.19
C GLU F 70 20.58 8.89 30.17
N GLY F 71 21.51 9.82 29.94
CA GLY F 71 22.66 9.94 30.78
C GLY F 71 23.92 9.28 30.27
N LEU F 72 23.81 8.37 29.31
CA LEU F 72 25.00 7.78 28.71
C LEU F 72 25.83 8.85 28.02
N VAL F 73 27.12 8.90 28.38
CA VAL F 73 28.03 9.87 27.80
C VAL F 73 29.09 9.14 26.99
N ARG F 74 29.33 9.61 25.77
CA ARG F 74 30.29 8.98 24.87
C ARG F 74 31.64 8.83 25.56
N GLY F 75 32.08 7.59 25.73
CA GLY F 75 33.35 7.32 26.37
C GLY F 75 33.23 6.50 27.63
N GLN F 76 32.01 6.25 28.08
CA GLN F 76 31.82 5.44 29.26
C GLN F 76 32.37 4.04 29.06
N LYS F 77 32.67 3.37 30.16
CA LYS F 77 33.25 2.04 30.14
C LYS F 77 32.16 0.98 30.12
N VAL F 78 32.20 0.11 29.12
CA VAL F 78 31.24 -0.98 28.96
C VAL F 78 32.01 -2.27 29.21
N LEU F 79 31.51 -3.08 30.15
CA LEU F 79 32.18 -4.29 30.57
C LEU F 79 31.50 -5.50 29.94
N ASP F 80 32.25 -6.27 29.18
CA ASP F 80 31.72 -7.46 28.53
C ASP F 80 31.48 -8.56 29.57
N SER F 81 30.73 -9.58 29.16
CA SER F 81 30.44 -10.71 30.03
C SER F 81 30.68 -12.04 29.35
N GLY F 82 30.56 -12.07 28.02
CA GLY F 82 30.75 -13.30 27.27
C GLY F 82 29.57 -14.25 27.27
N ALA F 83 28.57 -14.04 28.13
CA ALA F 83 27.36 -14.83 28.20
C ALA F 83 26.16 -14.01 27.74
N PRO F 84 25.16 -14.63 27.11
CA PRO F 84 24.07 -13.84 26.51
C PRO F 84 23.33 -12.98 27.52
N ILE F 85 22.68 -13.59 28.52
CA ILE F 85 22.18 -12.94 29.71
C ILE F 85 21.99 -14.03 30.74
N LYS F 86 22.48 -13.84 31.95
CA LYS F 86 22.38 -14.86 32.98
C LYS F 86 21.38 -14.44 34.04
N ILE F 87 20.27 -15.17 34.11
CA ILE F 87 19.23 -14.89 35.09
C ILE F 87 19.32 -15.90 36.23
N PRO F 88 19.15 -15.49 37.47
CA PRO F 88 19.19 -16.44 38.60
C PRO F 88 17.99 -17.38 38.52
N VAL F 89 18.26 -18.69 38.53
CA VAL F 89 17.20 -19.65 38.32
C VAL F 89 17.30 -20.74 39.37
N GLY F 90 16.20 -21.44 39.59
CA GLY F 90 16.11 -22.44 40.62
C GLY F 90 14.75 -22.39 41.30
N PRO F 91 14.63 -23.10 42.42
CA PRO F 91 13.35 -23.11 43.13
C PRO F 91 13.19 -21.91 44.04
N GLU F 92 14.20 -21.03 44.08
CA GLU F 92 14.12 -19.80 44.84
C GLU F 92 13.36 -18.70 44.12
N THR F 93 13.21 -18.79 42.80
CA THR F 93 12.49 -17.77 42.06
C THR F 93 10.98 -17.91 42.23
N LEU F 94 10.52 -19.01 42.82
CA LEU F 94 9.09 -19.27 42.95
C LEU F 94 8.44 -18.30 43.93
N GLY F 95 7.42 -17.59 43.48
CA GLY F 95 6.72 -16.61 44.29
C GLY F 95 7.36 -15.24 44.27
N ARG F 96 8.12 -14.91 43.23
CA ARG F 96 8.91 -13.70 43.18
C ARG F 96 8.81 -13.07 41.80
N ILE F 97 8.93 -11.74 41.76
CA ILE F 97 8.88 -10.97 40.53
C ILE F 97 10.30 -10.57 40.17
N MET F 98 10.64 -10.65 38.89
CA MET F 98 11.94 -10.22 38.41
C MET F 98 11.85 -9.80 36.95
N ASN F 99 12.65 -8.79 36.59
CA ASN F 99 12.58 -8.18 35.28
C ASN F 99 13.39 -9.00 34.27
N VAL F 100 13.65 -8.40 33.11
CA VAL F 100 14.33 -9.10 32.02
C VAL F 100 15.68 -9.65 32.49
N ILE F 101 16.50 -8.80 33.09
CA ILE F 101 17.83 -9.21 33.53
C ILE F 101 17.79 -10.14 34.72
N GLY F 102 16.60 -10.44 35.25
CA GLY F 102 16.49 -11.33 36.38
C GLY F 102 16.89 -10.68 37.68
N GLU F 103 16.41 -9.46 37.91
CA GLU F 103 16.67 -8.77 39.16
C GLU F 103 15.38 -8.60 39.92
N PRO F 104 15.40 -8.71 41.25
CA PRO F 104 14.15 -8.69 42.01
C PRO F 104 13.45 -7.35 41.91
N ILE F 105 12.15 -7.41 41.67
CA ILE F 105 11.32 -6.21 41.59
C ILE F 105 10.40 -6.05 42.78
N ASP F 106 9.98 -7.12 43.45
CA ASP F 106 9.01 -7.01 44.53
C ASP F 106 9.59 -6.43 45.81
N GLU F 107 10.82 -5.93 45.79
CA GLU F 107 11.45 -5.29 46.95
C GLU F 107 11.52 -6.25 48.13
N ARG F 108 12.01 -7.46 47.88
CA ARG F 108 12.14 -8.49 48.91
C ARG F 108 13.50 -9.15 48.84
N GLY F 109 14.55 -8.35 48.74
CA GLY F 109 15.90 -8.86 48.77
C GLY F 109 16.28 -9.61 47.50
N PRO F 110 17.56 -9.91 47.36
CA PRO F 110 18.04 -10.57 46.14
C PRO F 110 17.65 -12.03 46.07
N ILE F 111 17.65 -12.56 44.85
CA ILE F 111 17.32 -13.95 44.63
C ILE F 111 18.52 -14.82 44.99
N LYS F 112 18.48 -15.38 46.20
CA LYS F 112 19.57 -16.21 46.71
C LYS F 112 19.44 -17.60 46.10
N THR F 113 19.82 -17.75 44.84
CA THR F 113 19.74 -19.01 44.13
C THR F 113 21.13 -19.62 44.06
N LYS F 114 21.19 -20.89 43.67
CA LYS F 114 22.45 -21.62 43.55
C LYS F 114 23.03 -21.60 42.15
N GLN F 115 22.24 -21.25 41.13
CA GLN F 115 22.73 -21.33 39.76
C GLN F 115 22.04 -20.28 38.89
N PHE F 116 22.76 -19.88 37.84
CA PHE F 116 22.27 -18.91 36.87
C PHE F 116 22.14 -19.60 35.52
N ALA F 117 21.07 -19.29 34.80
CA ALA F 117 20.84 -19.88 33.50
C ALA F 117 20.90 -18.80 32.43
N PRO F 118 21.49 -19.11 31.27
CA PRO F 118 21.56 -18.13 30.18
C PRO F 118 20.27 -18.07 29.37
N ILE F 119 19.89 -16.83 29.03
CA ILE F 119 18.88 -16.59 28.01
C ILE F 119 19.51 -16.98 26.68
N HIS F 120 18.69 -17.16 25.64
CA HIS F 120 19.17 -17.61 24.33
C HIS F 120 19.86 -18.97 24.46
N ALA F 121 19.09 -19.98 24.85
CA ALA F 121 19.58 -21.35 24.86
C ALA F 121 19.31 -21.96 23.48
N GLU F 122 19.53 -23.27 23.36
CA GLU F 122 19.36 -23.96 22.09
C GLU F 122 18.06 -24.74 22.11
N ALA F 123 17.50 -24.92 20.92
CA ALA F 123 16.29 -25.70 20.77
C ALA F 123 16.59 -27.19 20.92
N PRO F 124 15.73 -27.94 21.62
CA PRO F 124 15.97 -29.37 21.79
C PRO F 124 15.95 -30.11 20.46
N GLU F 125 16.88 -31.06 20.31
CA GLU F 125 17.09 -31.72 19.04
C GLU F 125 15.87 -32.55 18.64
N PHE F 126 15.94 -33.12 17.44
CA PHE F 126 14.83 -33.92 16.92
C PHE F 126 14.66 -35.22 17.70
N MET F 127 15.78 -35.91 17.97
CA MET F 127 15.70 -37.15 18.73
C MET F 127 15.21 -36.94 20.16
N GLU F 128 15.22 -35.70 20.64
CA GLU F 128 14.84 -35.44 22.03
C GLU F 128 13.36 -35.15 22.18
N MET F 129 12.61 -35.12 21.08
CA MET F 129 11.19 -34.82 21.16
C MET F 129 10.41 -36.02 21.70
N SER F 130 9.12 -35.82 21.91
CA SER F 130 8.20 -36.90 22.23
C SER F 130 7.43 -37.26 20.97
N VAL F 131 7.65 -38.48 20.47
CA VAL F 131 7.14 -38.86 19.17
C VAL F 131 5.62 -38.93 19.17
N GLU F 132 5.04 -39.47 20.24
CA GLU F 132 3.59 -39.53 20.32
C GLU F 132 3.04 -38.29 21.04
N GLN F 133 1.86 -37.87 20.61
CA GLN F 133 1.15 -36.76 21.23
C GLN F 133 0.60 -37.21 22.56
N GLU F 134 0.38 -36.26 23.46
CA GLU F 134 -0.12 -36.59 24.79
C GLU F 134 -1.11 -35.53 25.22
N ILE F 135 -1.81 -35.78 26.32
CA ILE F 135 -2.79 -34.85 26.84
C ILE F 135 -2.39 -34.46 28.26
N LEU F 136 -2.48 -33.16 28.57
CA LEU F 136 -2.15 -32.65 29.89
C LEU F 136 -3.43 -32.55 30.70
N VAL F 137 -3.55 -33.36 31.75
CA VAL F 137 -4.76 -33.34 32.56
C VAL F 137 -4.65 -32.26 33.61
N THR F 138 -5.72 -31.47 33.76
CA THR F 138 -5.70 -30.31 34.63
C THR F 138 -6.59 -30.46 35.86
N GLY F 139 -7.55 -31.38 35.84
CA GLY F 139 -8.51 -31.50 36.91
C GLY F 139 -9.74 -30.64 36.74
N ILE F 140 -9.89 -30.00 35.57
CA ILE F 140 -11.08 -29.19 35.30
C ILE F 140 -12.01 -29.95 34.36
N LYS F 141 -13.28 -30.06 34.76
CA LYS F 141 -14.24 -30.87 34.02
C LYS F 141 -14.45 -30.35 32.59
N VAL F 142 -14.46 -29.04 32.39
CA VAL F 142 -14.91 -28.46 31.14
C VAL F 142 -13.81 -28.46 30.09
N VAL F 143 -12.56 -28.19 30.47
CA VAL F 143 -11.49 -28.12 29.48
C VAL F 143 -11.04 -29.52 29.08
N ASP F 144 -10.61 -30.33 30.04
CA ASP F 144 -10.04 -31.63 29.72
C ASP F 144 -11.07 -32.59 29.15
N LEU F 145 -12.33 -32.19 29.06
CA LEU F 145 -13.33 -33.01 28.39
C LEU F 145 -13.57 -32.55 26.96
N LEU F 146 -13.94 -31.28 26.80
CA LEU F 146 -14.37 -30.77 25.49
C LEU F 146 -13.19 -30.26 24.68
N ALA F 147 -12.45 -29.29 25.21
CA ALA F 147 -11.27 -28.73 24.56
C ALA F 147 -10.05 -29.03 25.41
N PRO F 148 -9.53 -30.25 25.36
CA PRO F 148 -8.42 -30.62 26.24
C PRO F 148 -7.11 -30.01 25.76
N TYR F 149 -6.19 -29.84 26.70
CA TYR F 149 -4.90 -29.24 26.42
C TYR F 149 -3.87 -30.32 26.09
N ALA F 150 -2.98 -29.99 25.17
CA ALA F 150 -1.94 -30.90 24.73
C ALA F 150 -0.65 -30.56 25.46
N LYS F 151 -0.10 -31.56 26.15
CA LYS F 151 1.23 -31.44 26.75
C LYS F 151 2.23 -30.91 25.72
N GLY F 152 3.01 -29.91 26.10
CA GLY F 152 3.98 -29.33 25.21
C GLY F 152 3.40 -28.54 24.06
N GLY F 153 2.14 -28.13 24.15
CA GLY F 153 1.53 -27.37 23.09
C GLY F 153 1.30 -25.93 23.48
N LYS F 154 0.74 -25.18 22.55
CA LYS F 154 0.43 -23.78 22.76
C LYS F 154 -1.08 -23.63 22.92
N ILE F 155 -1.47 -22.85 23.91
CA ILE F 155 -2.87 -22.71 24.29
C ILE F 155 -3.20 -21.23 24.38
N GLY F 156 -4.40 -20.87 23.95
CA GLY F 156 -4.85 -19.50 24.03
C GLY F 156 -6.18 -19.33 24.74
N LEU F 157 -6.21 -18.49 25.76
CA LEU F 157 -7.45 -18.17 26.45
C LEU F 157 -8.07 -16.95 25.79
N PHE F 158 -9.05 -17.18 24.92
CA PHE F 158 -9.75 -16.10 24.22
C PHE F 158 -10.82 -15.49 25.14
N GLY F 159 -10.39 -15.13 26.35
CA GLY F 159 -11.27 -14.59 27.36
C GLY F 159 -11.33 -13.08 27.33
N GLY F 160 -12.49 -12.54 27.68
CA GLY F 160 -12.64 -11.08 27.76
C GLY F 160 -12.32 -10.57 29.16
N GLY F 162 -14.04 -8.82 31.24
CA GLY F 162 -15.18 -9.06 32.16
C GLY F 162 -15.12 -10.44 32.78
N VAL F 163 -15.10 -11.48 31.97
CA VAL F 163 -15.10 -12.85 32.48
C VAL F 163 -13.88 -13.07 33.36
N GLY F 164 -14.09 -13.79 34.47
CA GLY F 164 -12.98 -14.11 35.36
C GLY F 164 -11.97 -15.02 34.69
N LYS F 165 -10.82 -14.45 34.33
CA LYS F 165 -9.79 -15.18 33.60
C LYS F 165 -8.59 -15.47 34.50
N THR F 166 -8.18 -14.48 35.29
CA THR F 166 -7.06 -14.68 36.20
C THR F 166 -7.38 -15.77 37.22
N VAL F 167 -8.66 -15.96 37.52
CA VAL F 167 -9.05 -17.07 38.39
C VAL F 167 -8.80 -18.39 37.70
N LEU F 168 -9.02 -18.45 36.38
CA LEU F 168 -8.76 -19.67 35.64
C LEU F 168 -7.26 -19.95 35.55
N ILE F 169 -6.46 -18.90 35.37
CA ILE F 169 -5.01 -19.06 35.33
C ILE F 169 -4.51 -19.56 36.69
N MET F 170 -4.98 -18.96 37.77
CA MET F 170 -4.58 -19.38 39.11
C MET F 170 -5.03 -20.80 39.40
N GLU F 171 -6.22 -21.17 38.90
CA GLU F 171 -6.71 -22.52 39.09
C GLU F 171 -5.86 -23.53 38.34
N LEU F 172 -5.50 -23.22 37.08
CA LEU F 172 -4.61 -24.09 36.33
C LEU F 172 -3.28 -24.25 37.04
N ILE F 173 -2.73 -23.14 37.55
CA ILE F 173 -1.46 -23.21 38.28
C ILE F 173 -1.58 -24.14 39.47
N ASN F 174 -2.59 -23.91 40.32
CA ASN F 174 -2.72 -24.69 41.55
C ASN F 174 -3.01 -26.15 41.25
N ASN F 175 -3.76 -26.41 40.20
CA ASN F 175 -4.14 -27.79 39.87
C ASN F 175 -2.96 -28.56 39.31
N VAL F 176 -2.18 -27.94 38.44
CA VAL F 176 -0.99 -28.62 37.93
C VAL F 176 0.03 -28.80 39.05
N ALA F 177 0.04 -27.89 40.02
CA ALA F 177 0.97 -28.02 41.13
C ALA F 177 0.54 -29.07 42.14
N LYS F 178 -0.76 -29.32 42.25
CA LYS F 178 -1.22 -30.33 43.20
C LYS F 178 -1.29 -31.71 42.56
N ALA F 179 -2.03 -31.85 41.46
CA ALA F 179 -2.12 -33.13 40.77
C ALA F 179 -0.74 -33.66 40.41
N HIS F 180 0.01 -32.89 39.63
CA HIS F 180 1.40 -33.22 39.30
C HIS F 180 2.32 -32.47 40.24
N GLY F 181 3.62 -32.67 40.08
CA GLY F 181 4.60 -31.99 40.90
C GLY F 181 5.24 -30.83 40.19
N GLY F 182 4.50 -30.17 39.30
CA GLY F 182 5.07 -29.16 38.44
C GLY F 182 4.77 -27.75 38.92
N TYR F 183 5.66 -26.82 38.62
CA TYR F 183 5.50 -25.42 38.97
C TYR F 183 5.08 -24.65 37.72
N SER F 184 5.04 -23.32 37.83
CA SER F 184 4.55 -22.50 36.72
C SER F 184 5.35 -21.21 36.67
N VAL F 185 5.48 -20.67 35.46
CA VAL F 185 6.13 -19.38 35.24
C VAL F 185 5.16 -18.49 34.47
N PHE F 186 4.98 -17.27 34.95
CA PHE F 186 4.09 -16.31 34.30
C PHE F 186 4.93 -15.19 33.70
N ALA F 187 5.03 -15.17 32.37
CA ALA F 187 5.69 -14.07 31.70
C ALA F 187 4.71 -12.92 31.50
N GLY F 188 5.17 -11.71 31.80
CA GLY F 188 4.33 -10.54 31.71
C GLY F 188 4.81 -9.59 30.63
N VAL F 189 5.15 -10.15 29.48
CA VAL F 189 5.80 -9.41 28.40
C VAL F 189 4.99 -8.20 27.95
N GLY F 190 5.57 -7.02 28.13
CA GLY F 190 4.97 -5.77 27.69
C GLY F 190 3.52 -5.60 28.07
N GLU F 191 3.22 -5.49 29.36
CA GLU F 191 1.84 -5.42 29.80
C GLU F 191 1.64 -4.32 30.84
N ARG F 192 0.41 -3.86 30.92
CA ARG F 192 0.04 -2.77 31.83
C ARG F 192 0.38 -3.13 33.27
N THR F 193 1.14 -2.25 33.92
CA THR F 193 1.58 -2.51 35.29
C THR F 193 0.39 -2.51 36.25
N ARG F 194 -0.70 -1.86 35.87
CA ARG F 194 -1.91 -1.94 36.67
C ARG F 194 -2.45 -3.37 36.69
N GLU F 195 -2.56 -3.98 35.50
CA GLU F 195 -2.99 -5.37 35.41
C GLU F 195 -1.99 -6.29 36.08
N GLY F 196 -0.70 -5.98 35.95
CA GLY F 196 0.31 -6.83 36.55
C GLY F 196 0.25 -6.82 38.06
N ASN F 197 0.07 -5.63 38.65
CA ASN F 197 -0.08 -5.54 40.08
C ASN F 197 -1.37 -6.20 40.54
N ASP F 198 -2.45 -6.01 39.79
CA ASP F 198 -3.70 -6.69 40.13
C ASP F 198 -3.51 -8.20 40.17
N LEU F 199 -2.84 -8.76 39.16
CA LEU F 199 -2.61 -10.20 39.15
C LEU F 199 -1.71 -10.63 40.30
N TYR F 200 -0.65 -9.87 40.57
CA TYR F 200 0.25 -10.22 41.67
C TYR F 200 -0.51 -10.28 42.99
N HIS F 201 -1.36 -9.28 43.25
CA HIS F 201 -2.11 -9.29 44.50
C HIS F 201 -3.14 -10.41 44.51
N GLU F 202 -3.88 -10.58 43.41
CA GLU F 202 -4.93 -11.61 43.37
C GLU F 202 -4.32 -12.99 43.54
N MET F 203 -3.06 -13.16 43.13
CA MET F 203 -2.37 -14.42 43.38
C MET F 203 -1.89 -14.53 44.81
N ILE F 204 -1.40 -13.44 45.39
CA ILE F 204 -0.98 -13.48 46.79
C ILE F 204 -2.14 -13.90 47.69
N GLU F 205 -3.31 -13.26 47.51
CA GLU F 205 -4.43 -13.60 48.38
C GLU F 205 -5.21 -14.81 47.89
N SER F 206 -4.66 -15.56 46.94
CA SER F 206 -5.25 -16.82 46.52
C SER F 206 -4.38 -18.02 46.83
N GLY F 207 -3.36 -17.86 47.69
CA GLY F 207 -2.54 -18.96 48.10
C GLY F 207 -1.51 -19.44 47.10
N VAL F 208 -1.59 -19.00 45.84
CA VAL F 208 -0.59 -19.41 44.85
C VAL F 208 0.79 -18.89 45.21
N ILE F 209 0.88 -17.72 45.83
CA ILE F 209 2.13 -17.14 46.28
C ILE F 209 2.03 -16.90 47.78
N ASN F 210 3.06 -17.26 48.52
CA ASN F 210 3.15 -16.99 49.95
C ASN F 210 4.40 -16.18 50.24
N LEU F 211 4.22 -14.98 50.77
CA LEU F 211 5.35 -14.11 51.03
C LEU F 211 6.09 -14.52 52.30
N LYS F 212 5.52 -15.43 53.08
CA LYS F 212 6.09 -15.84 54.35
C LYS F 212 6.42 -17.33 54.40
N ASP F 213 6.56 -17.95 53.23
CA ASP F 213 6.85 -19.38 53.12
C ASP F 213 7.82 -19.62 51.97
N ALA F 214 7.97 -20.89 51.61
CA ALA F 214 8.70 -21.31 50.42
C ALA F 214 7.88 -22.33 49.63
N THR F 215 6.55 -22.21 49.72
CA THR F 215 5.63 -23.14 49.08
C THR F 215 4.82 -22.46 47.99
N SER F 216 5.32 -21.37 47.43
CA SER F 216 4.64 -20.71 46.33
C SER F 216 4.75 -21.55 45.05
N LYS F 217 3.71 -21.46 44.22
CA LYS F 217 3.56 -22.37 43.09
C LYS F 217 3.78 -21.69 41.75
N VAL F 218 4.42 -20.53 41.73
CA VAL F 218 4.60 -19.78 40.48
C VAL F 218 5.77 -18.82 40.65
N ALA F 219 6.51 -18.62 39.56
CA ALA F 219 7.54 -17.62 39.47
C ALA F 219 7.14 -16.58 38.42
N LEU F 220 7.38 -15.31 38.73
CA LEU F 220 6.88 -14.23 37.89
C LEU F 220 8.03 -13.55 37.17
N VAL F 221 7.78 -13.20 35.92
CA VAL F 221 8.69 -12.39 35.12
C VAL F 221 7.88 -11.31 34.45
N TYR F 222 8.16 -10.05 34.78
CA TYR F 222 7.34 -8.93 34.31
C TYR F 222 8.21 -7.97 33.51
N GLY F 223 7.80 -7.72 32.27
CA GLY F 223 8.35 -6.65 31.49
C GLY F 223 7.26 -5.63 31.19
N GLN F 224 7.39 -4.42 31.73
CA GLN F 224 6.31 -3.45 31.66
C GLN F 224 6.37 -2.73 30.31
N MET F 225 5.31 -1.99 29.98
CA MET F 225 5.22 -1.30 28.71
C MET F 225 6.08 -0.05 28.65
N ASN F 226 6.52 0.47 29.79
CA ASN F 226 7.34 1.69 29.83
C ASN F 226 8.82 1.36 29.75
N GLU F 227 9.16 0.21 29.17
CA GLU F 227 10.54 -0.24 29.02
C GLU F 227 10.88 -0.34 27.54
N PRO F 228 12.15 -0.23 27.19
CA PRO F 228 12.54 -0.19 25.78
C PRO F 228 12.08 -1.42 25.04
N PRO F 229 12.02 -1.36 23.71
CA PRO F 229 11.65 -2.56 22.93
C PRO F 229 12.54 -3.75 23.20
N GLY F 230 13.83 -3.54 23.41
CA GLY F 230 14.71 -4.67 23.72
C GLY F 230 14.28 -5.42 24.96
N ALA F 231 13.90 -4.68 26.01
CA ALA F 231 13.40 -5.30 27.23
C ALA F 231 12.17 -6.14 26.91
N ARG F 232 11.08 -5.50 26.49
CA ARG F 232 9.84 -6.19 26.19
C ARG F 232 9.98 -7.26 25.13
N ALA F 233 11.10 -7.33 24.42
CA ALA F 233 11.31 -8.41 23.47
C ALA F 233 12.02 -9.58 24.13
N ARG F 234 13.01 -9.29 24.99
CA ARG F 234 13.76 -10.37 25.61
C ARG F 234 13.14 -10.85 26.93
N VAL F 235 12.07 -10.21 27.39
CA VAL F 235 11.43 -10.62 28.63
C VAL F 235 10.57 -11.86 28.45
N ALA F 236 10.29 -12.24 27.20
CA ALA F 236 9.61 -13.51 26.96
C ALA F 236 10.57 -14.67 27.15
N LEU F 237 11.83 -14.48 26.76
CA LEU F 237 12.82 -15.53 26.91
C LEU F 237 13.23 -15.73 28.36
N THR F 238 13.08 -14.70 29.21
CA THR F 238 13.47 -14.85 30.60
C THR F 238 12.57 -15.86 31.31
N GLY F 239 11.25 -15.70 31.21
CA GLY F 239 10.34 -16.68 31.79
C GLY F 239 10.48 -18.03 31.14
N LEU F 240 10.74 -18.04 29.83
CA LEU F 240 10.98 -19.30 29.15
C LEU F 240 12.16 -20.04 29.74
N THR F 241 13.23 -19.31 30.06
CA THR F 241 14.41 -19.95 30.66
C THR F 241 14.12 -20.42 32.08
N VAL F 242 13.39 -19.61 32.85
CA VAL F 242 13.00 -20.03 34.18
C VAL F 242 12.16 -21.29 34.17
N ALA F 243 11.34 -21.50 33.14
CA ALA F 243 10.60 -22.76 33.02
C ALA F 243 11.44 -23.87 32.43
N GLU F 244 12.39 -23.52 31.56
CA GLU F 244 13.30 -24.51 30.99
C GLU F 244 14.14 -25.18 32.07
N TYR F 245 14.53 -24.41 33.08
CA TYR F 245 15.26 -25.01 34.19
C TYR F 245 14.42 -26.09 34.86
N PHE F 246 13.20 -25.74 35.28
CA PHE F 246 12.34 -26.72 35.91
C PHE F 246 12.17 -27.96 35.04
N ARG F 247 11.88 -27.77 33.76
CA ARG F 247 11.68 -28.91 32.86
C ARG F 247 12.93 -29.77 32.78
N ASP F 248 14.02 -29.21 32.27
CA ASP F 248 15.23 -29.98 32.01
C ASP F 248 16.09 -30.21 33.23
N GLN F 249 15.60 -29.94 34.44
CA GLN F 249 16.36 -30.18 35.65
C GLN F 249 15.56 -30.97 36.69
N GLU F 250 14.24 -30.95 36.61
CA GLU F 250 13.43 -31.67 37.58
C GLU F 250 12.32 -32.50 36.93
N GLY F 251 12.27 -32.59 35.62
CA GLY F 251 11.35 -33.51 34.96
C GLY F 251 9.89 -33.15 35.13
N GLN F 252 9.60 -31.94 35.61
CA GLN F 252 8.23 -31.55 35.87
C GLN F 252 7.50 -31.33 34.55
N ASP F 253 6.22 -30.97 34.63
CA ASP F 253 5.43 -30.55 33.47
C ASP F 253 5.03 -29.10 33.76
N VAL F 254 5.93 -28.17 33.45
CA VAL F 254 5.71 -26.80 33.85
C VAL F 254 4.61 -26.16 32.99
N LEU F 255 4.05 -25.09 33.52
CA LEU F 255 2.96 -24.38 32.88
C LEU F 255 3.37 -22.92 32.73
N LEU F 256 3.74 -22.54 31.51
CA LEU F 256 4.32 -21.22 31.24
C LEU F 256 3.27 -20.35 30.59
N PHE F 257 2.95 -19.22 31.22
CA PHE F 257 2.00 -18.28 30.66
C PHE F 257 2.72 -17.09 30.04
N ILE F 258 2.22 -16.69 28.88
CA ILE F 258 2.71 -15.49 28.21
C ILE F 258 1.51 -14.59 27.96
N ASP F 259 1.48 -13.43 28.62
CA ASP F 259 0.26 -12.61 28.62
C ASP F 259 -0.13 -12.19 27.22
N ASN F 260 0.83 -11.96 26.33
CA ASN F 260 0.53 -11.74 24.93
C ASN F 260 1.74 -12.08 24.10
N ILE F 261 1.50 -12.77 23.00
CA ILE F 261 2.46 -12.89 21.91
C ILE F 261 2.42 -11.65 21.03
N PHE F 262 1.24 -11.04 20.90
CA PHE F 262 1.10 -9.77 20.20
C PHE F 262 2.07 -8.72 20.74
N ARG F 263 2.13 -8.57 22.06
CA ARG F 263 3.09 -7.64 22.64
C ARG F 263 4.52 -8.01 22.28
N PHE F 264 4.84 -9.30 22.34
CA PHE F 264 6.21 -9.73 22.07
C PHE F 264 6.58 -9.46 20.61
N THR F 265 5.67 -9.75 19.69
CA THR F 265 6.00 -9.58 18.27
C THR F 265 6.04 -8.11 17.90
N GLN F 266 5.20 -7.28 18.52
CA GLN F 266 5.29 -5.85 18.24
C GLN F 266 6.55 -5.25 18.86
N ALA F 267 7.00 -5.80 19.99
CA ALA F 267 8.26 -5.35 20.57
C ALA F 267 9.43 -5.75 19.67
N GLY F 268 9.39 -6.96 19.11
CA GLY F 268 10.42 -7.35 18.17
C GLY F 268 10.39 -6.52 16.91
N SER F 269 9.21 -6.11 16.46
CA SER F 269 9.10 -5.25 15.31
C SER F 269 9.72 -3.89 15.58
N GLU F 270 9.46 -3.34 16.78
CA GLU F 270 10.12 -2.09 17.16
C GLU F 270 11.62 -2.27 17.24
N VAL F 271 12.08 -3.41 17.77
CA VAL F 271 13.52 -3.66 17.88
C VAL F 271 14.16 -3.64 16.50
N SER F 272 13.54 -4.34 15.55
CA SER F 272 14.10 -4.38 14.20
C SER F 272 13.89 -3.07 13.44
N ALA F 273 12.96 -2.23 13.88
CA ALA F 273 12.82 -0.90 13.29
C ALA F 273 13.87 0.05 13.81
N LEU F 274 14.31 -0.12 15.06
CA LEU F 274 15.36 0.72 15.60
C LEU F 274 16.69 0.45 14.91
N LEU F 275 16.94 -0.83 14.59
CA LEU F 275 18.21 -1.22 13.92
C LEU F 275 18.12 -0.84 12.44
N GLY F 276 16.90 -0.56 11.96
CA GLY F 276 16.72 -0.14 10.55
C GLY F 276 17.48 -1.00 9.57
N ARG F 277 17.29 -2.32 9.64
CA ARG F 277 17.99 -3.26 8.72
C ARG F 277 16.93 -4.08 7.98
N ILE F 278 15.75 -4.26 8.59
CA ILE F 278 14.64 -5.03 7.96
C ILE F 278 13.42 -4.10 7.81
N PRO F 279 12.88 -3.93 6.59
CA PRO F 279 11.70 -3.09 6.40
C PRO F 279 10.62 -3.41 7.44
N SER F 280 9.83 -2.41 7.84
CA SER F 280 8.83 -2.62 8.92
C SER F 280 7.56 -3.29 8.36
N ALA F 281 7.70 -4.13 7.33
CA ALA F 281 6.54 -4.86 6.77
C ALA F 281 6.76 -6.35 6.98
N VAL F 282 7.86 -6.72 7.64
CA VAL F 282 8.16 -8.17 7.90
C VAL F 282 7.87 -8.47 9.38
N GLY F 283 7.99 -7.46 10.24
CA GLY F 283 7.72 -7.67 11.68
C GLY F 283 8.54 -8.82 12.23
N TYR F 284 7.99 -9.59 13.17
CA TYR F 284 8.69 -10.79 13.68
C TYR F 284 8.06 -12.02 13.02
N GLN F 285 8.89 -12.88 12.42
CA GLN F 285 8.36 -14.05 11.68
C GLN F 285 8.38 -15.30 12.58
N PRO F 286 7.22 -15.87 12.97
CA PRO F 286 7.19 -17.00 13.89
C PRO F 286 7.98 -18.23 13.38
N THR F 287 8.48 -18.18 12.16
CA THR F 287 9.17 -19.36 11.58
C THR F 287 10.68 -19.11 11.55
N LEU F 288 11.09 -17.84 11.46
CA LEU F 288 12.53 -17.51 11.38
C LEU F 288 13.14 -17.74 12.76
N ALA F 289 14.40 -18.20 12.82
CA ALA F 289 15.00 -18.54 14.13
C ALA F 289 15.66 -17.32 14.75
N THR F 290 15.63 -16.18 14.05
CA THR F 290 16.25 -14.94 14.59
C THR F 290 15.16 -14.10 15.27
N ASP F 291 13.93 -14.64 15.33
CA ASP F 291 12.79 -13.88 15.91
C ASP F 291 12.02 -14.73 16.92
N MET F 292 10.74 -15.03 16.63
CA MET F 292 9.89 -15.77 17.59
C MET F 292 10.09 -17.29 17.46
N GLY F 293 10.31 -17.79 16.23
CA GLY F 293 10.42 -19.25 16.05
C GLY F 293 11.34 -19.90 17.06
N THR F 294 12.60 -19.47 17.09
CA THR F 294 13.62 -20.05 18.00
C THR F 294 13.10 -20.01 19.43
N MET F 295 12.08 -19.19 19.71
CA MET F 295 11.54 -19.23 21.06
C MET F 295 10.39 -20.23 21.16
N GLN F 296 9.46 -20.17 20.20
CA GLN F 296 8.27 -20.99 20.27
C GLN F 296 8.59 -22.47 20.17
N GLU F 297 9.78 -22.83 19.71
CA GLU F 297 10.11 -24.24 19.55
C GLU F 297 10.72 -24.80 20.83
N ARG F 298 11.26 -23.93 21.69
CA ARG F 298 11.74 -24.37 22.99
C ARG F 298 10.60 -24.87 23.87
N ILE F 299 9.36 -24.50 23.57
CA ILE F 299 8.21 -24.93 24.34
C ILE F 299 7.63 -26.19 23.72
N THR F 300 8.19 -27.34 24.09
CA THR F 300 7.74 -28.62 23.53
C THR F 300 7.77 -29.68 24.64
N THR F 301 7.65 -30.94 24.24
CA THR F 301 7.70 -32.09 25.13
C THR F 301 9.03 -32.80 24.91
N THR F 302 10.05 -32.37 25.64
CA THR F 302 11.31 -33.09 25.69
C THR F 302 11.07 -34.49 26.27
N LYS F 303 12.04 -35.39 26.09
CA LYS F 303 12.01 -36.66 26.78
C LYS F 303 12.65 -36.55 28.16
N LYS F 304 12.68 -35.33 28.71
CA LYS F 304 13.01 -35.07 30.09
C LYS F 304 11.94 -34.27 30.82
N GLY F 305 10.91 -33.82 30.13
CA GLY F 305 9.90 -32.98 30.75
C GLY F 305 8.98 -32.38 29.70
N SER F 306 8.26 -31.34 30.11
CA SER F 306 7.25 -30.75 29.21
C SER F 306 6.94 -29.32 29.65
N ILE F 307 7.29 -28.35 28.81
CA ILE F 307 6.80 -26.99 28.96
C ILE F 307 5.53 -26.84 28.15
N THR F 308 4.54 -26.14 28.68
CA THR F 308 3.34 -25.83 27.92
C THR F 308 2.98 -24.38 28.16
N SER F 309 2.66 -23.68 27.07
CA SER F 309 2.50 -22.24 27.08
C SER F 309 1.05 -21.86 26.83
N VAL F 310 0.49 -21.16 27.81
CA VAL F 310 -0.85 -20.60 27.71
C VAL F 310 -0.71 -19.11 27.42
N GLN F 311 -1.33 -18.65 26.34
CA GLN F 311 -1.15 -17.28 25.87
C GLN F 311 -2.50 -16.60 25.79
N ALA F 312 -2.74 -15.63 26.67
CA ALA F 312 -3.91 -14.77 26.50
C ALA F 312 -3.83 -14.07 25.14
N ALA F 330 -2.35 -17.99 16.33
CA ALA F 330 -2.47 -18.67 15.03
C ALA F 330 -2.33 -20.19 15.22
N HIS F 331 -1.10 -20.67 15.39
CA HIS F 331 -0.88 -22.14 15.53
C HIS F 331 -1.15 -22.56 16.97
N LEU F 332 -2.36 -22.31 17.46
CA LEU F 332 -2.73 -22.66 18.85
C LEU F 332 -3.17 -24.13 18.91
N ASP F 333 -2.47 -24.96 19.68
CA ASP F 333 -2.81 -26.41 19.76
C ASP F 333 -4.02 -26.58 20.69
N ALA F 334 -4.80 -25.51 20.86
CA ALA F 334 -6.00 -25.57 21.72
C ALA F 334 -6.70 -24.22 21.63
N THR F 335 -7.85 -24.07 22.28
CA THR F 335 -8.53 -22.78 22.29
C THR F 335 -9.61 -22.83 23.35
N THR F 336 -9.41 -22.06 24.41
CA THR F 336 -10.40 -21.96 25.48
C THR F 336 -11.03 -20.57 25.46
N VAL F 337 -12.30 -20.52 25.09
CA VAL F 337 -13.04 -19.27 25.02
C VAL F 337 -13.94 -19.17 26.24
N LEU F 338 -13.76 -18.09 26.99
CA LEU F 338 -14.53 -17.83 28.20
C LEU F 338 -15.60 -16.80 27.84
N SER F 339 -16.72 -17.28 27.32
CA SER F 339 -17.81 -16.41 26.93
C SER F 339 -18.41 -15.72 28.16
N ARG F 340 -18.94 -14.52 27.93
CA ARG F 340 -19.63 -13.81 29.00
C ARG F 340 -21.08 -14.30 29.14
N ALA F 341 -21.57 -15.05 28.15
CA ALA F 341 -22.88 -15.68 28.27
C ALA F 341 -22.90 -16.65 29.45
N ILE F 342 -22.02 -17.65 29.42
CA ILE F 342 -21.93 -18.61 30.52
C ILE F 342 -21.61 -17.90 31.83
N ALA F 343 -20.92 -16.76 31.76
CA ALA F 343 -20.60 -16.01 32.96
C ALA F 343 -21.85 -15.40 33.59
N GLU F 344 -22.67 -14.73 32.77
CA GLU F 344 -23.89 -14.12 33.27
C GLU F 344 -24.97 -15.14 33.59
N LEU F 345 -24.90 -16.34 33.01
CA LEU F 345 -25.80 -17.42 33.37
C LEU F 345 -25.46 -18.06 34.71
N GLY F 346 -24.41 -17.60 35.38
CA GLY F 346 -24.06 -18.10 36.69
C GLY F 346 -23.47 -19.51 36.69
N ILE F 347 -22.58 -19.78 35.74
CA ILE F 347 -21.84 -21.03 35.70
C ILE F 347 -20.35 -20.72 35.71
N TYR F 348 -19.62 -21.28 36.67
CA TYR F 348 -18.20 -21.05 36.82
C TYR F 348 -17.47 -22.38 36.91
N PRO F 349 -16.35 -22.57 36.18
CA PRO F 349 -15.71 -21.62 35.27
C PRO F 349 -16.53 -21.33 34.03
N ALA F 350 -16.60 -20.04 33.66
CA ALA F 350 -17.47 -19.57 32.59
C ALA F 350 -16.80 -19.89 31.25
N VAL F 351 -16.60 -21.18 30.99
CA VAL F 351 -15.95 -21.65 29.77
C VAL F 351 -17.01 -21.99 28.74
N ASP F 352 -16.98 -21.28 27.62
CA ASP F 352 -17.90 -21.58 26.53
C ASP F 352 -17.57 -22.95 25.95
N PRO F 353 -18.54 -23.87 25.92
CA PRO F 353 -18.28 -25.24 25.46
C PRO F 353 -18.34 -25.45 23.95
N LEU F 354 -18.84 -24.48 23.18
CA LEU F 354 -19.01 -24.64 21.74
C LEU F 354 -17.81 -24.18 20.94
N ASP F 355 -17.35 -22.93 21.13
CA ASP F 355 -16.21 -22.40 20.38
C ASP F 355 -14.89 -22.83 21.00
N SER F 356 -14.92 -23.58 22.09
CA SER F 356 -13.72 -24.19 22.63
C SER F 356 -13.26 -25.27 21.67
N THR F 357 -11.95 -25.41 21.53
CA THR F 357 -11.39 -26.22 20.45
C THR F 357 -10.08 -26.83 20.92
N SER F 358 -9.73 -27.99 20.36
CA SER F 358 -8.43 -28.59 20.57
C SER F 358 -8.03 -29.38 19.33
N ARG F 359 -6.72 -29.45 19.09
CA ARG F 359 -6.22 -30.26 17.99
C ARG F 359 -5.95 -31.70 18.40
N ILE F 360 -6.17 -32.02 19.68
CA ILE F 360 -6.01 -33.43 20.13
C ILE F 360 -7.40 -34.08 20.12
N MET F 361 -8.38 -33.43 19.47
CA MET F 361 -9.74 -33.93 19.43
C MET F 361 -9.91 -35.09 18.46
N ASP F 362 -8.80 -35.65 17.97
CA ASP F 362 -8.88 -36.84 17.08
C ASP F 362 -9.08 -38.08 17.95
N PRO F 363 -9.84 -39.11 17.50
CA PRO F 363 -10.04 -40.33 18.30
C PRO F 363 -8.76 -41.06 18.63
N ASN F 364 -7.64 -40.72 17.98
CA ASN F 364 -6.46 -41.58 18.04
C ASN F 364 -5.61 -41.33 19.29
N ILE F 365 -5.57 -40.10 19.79
CA ILE F 365 -4.67 -39.75 20.88
C ILE F 365 -5.35 -39.70 22.24
N VAL F 366 -6.61 -39.27 22.31
CA VAL F 366 -7.32 -39.19 23.58
C VAL F 366 -8.10 -40.47 23.82
N GLY F 367 -8.00 -41.41 22.88
CA GLY F 367 -8.75 -42.65 22.98
C GLY F 367 -10.07 -42.57 22.23
N SER F 368 -10.77 -43.70 22.14
CA SER F 368 -12.03 -43.71 21.41
C SER F 368 -13.20 -43.34 22.32
N GLU F 369 -13.19 -43.84 23.55
CA GLU F 369 -14.26 -43.50 24.48
C GLU F 369 -14.30 -42.01 24.76
N HIS F 370 -13.14 -41.38 24.97
CA HIS F 370 -13.09 -39.95 25.22
C HIS F 370 -13.62 -39.16 24.04
N TYR F 371 -13.15 -39.49 22.83
CA TYR F 371 -13.56 -38.74 21.66
C TYR F 371 -15.05 -38.89 21.40
N ASP F 372 -15.57 -40.12 21.52
CA ASP F 372 -16.99 -40.32 21.25
C ASP F 372 -17.86 -39.67 22.31
N VAL F 373 -17.45 -39.71 23.58
CA VAL F 373 -18.22 -39.03 24.62
C VAL F 373 -18.22 -37.52 24.37
N ALA F 374 -17.06 -36.96 24.01
CA ALA F 374 -16.97 -35.53 23.76
C ALA F 374 -17.82 -35.13 22.55
N ARG F 375 -17.77 -35.93 21.48
CA ARG F 375 -18.57 -35.63 20.31
C ARG F 375 -20.05 -35.76 20.61
N GLY F 376 -20.42 -36.72 21.45
CA GLY F 376 -21.81 -36.86 21.82
C GLY F 376 -22.33 -35.68 22.64
N VAL F 377 -21.53 -35.23 23.60
CA VAL F 377 -21.98 -34.08 24.39
C VAL F 377 -21.96 -32.81 23.54
N GLN F 378 -21.04 -32.72 22.58
CA GLN F 378 -21.09 -31.61 21.63
C GLN F 378 -22.39 -31.64 20.81
N LYS F 379 -22.77 -32.82 20.32
CA LYS F 379 -23.99 -32.94 19.53
C LYS F 379 -25.23 -32.63 20.36
N ILE F 380 -25.25 -33.07 21.62
CA ILE F 380 -26.42 -32.84 22.45
C ILE F 380 -26.52 -31.36 22.83
N LEU F 381 -25.38 -30.69 22.98
CA LEU F 381 -25.42 -29.23 23.17
C LEU F 381 -25.93 -28.54 21.91
N GLN F 382 -25.50 -28.99 20.73
CA GLN F 382 -25.98 -28.37 19.50
C GLN F 382 -27.47 -28.61 19.31
N ASP F 383 -27.95 -29.79 19.69
CA ASP F 383 -29.38 -30.07 19.58
C ASP F 383 -30.17 -29.31 20.63
N TYR F 384 -29.58 -29.05 21.79
CA TYR F 384 -30.22 -28.18 22.77
C TYR F 384 -30.31 -26.75 22.24
N LYS F 385 -29.29 -26.31 21.50
CA LYS F 385 -29.34 -25.00 20.87
C LYS F 385 -30.43 -24.95 19.81
N SER F 386 -30.54 -26.00 19.02
CA SER F 386 -31.62 -26.09 18.04
C SER F 386 -32.98 -26.05 18.71
N LEU F 387 -33.11 -26.74 19.85
CA LEU F 387 -34.38 -26.74 20.58
C LEU F 387 -34.71 -25.35 21.10
N GLN F 388 -33.74 -24.67 21.73
CA GLN F 388 -33.96 -23.30 22.16
C GLN F 388 -34.33 -22.40 20.98
N ASP F 403 -37.45 -34.75 22.63
CA ASP F 403 -36.95 -33.40 22.64
C ASP F 403 -36.86 -32.85 24.06
N LYS F 404 -37.92 -33.04 24.85
CA LYS F 404 -37.85 -32.67 26.26
C LYS F 404 -36.82 -33.53 27.00
N LEU F 405 -36.65 -34.79 26.57
CA LEU F 405 -35.59 -35.61 27.14
C LEU F 405 -34.21 -35.00 26.88
N THR F 406 -33.96 -34.63 25.63
CA THR F 406 -32.70 -33.99 25.27
C THR F 406 -32.52 -32.68 26.03
N VAL F 407 -33.61 -31.93 26.23
CA VAL F 407 -33.52 -30.68 26.98
C VAL F 407 -33.10 -30.95 28.42
N SER F 408 -33.68 -31.98 29.02
CA SER F 408 -33.34 -32.32 30.41
C SER F 408 -31.88 -32.75 30.51
N ARG F 409 -31.47 -33.70 29.66
CA ARG F 409 -30.07 -34.15 29.67
C ARG F 409 -29.12 -32.98 29.45
N ALA F 410 -29.45 -32.09 28.52
CA ALA F 410 -28.54 -31.03 28.14
C ALA F 410 -28.44 -29.98 29.24
N ARG F 411 -29.56 -29.60 29.86
CA ARG F 411 -29.49 -28.67 30.98
C ARG F 411 -28.70 -29.29 32.13
N LYS F 412 -28.90 -30.59 32.38
CA LYS F 412 -28.18 -31.24 33.47
C LYS F 412 -26.68 -31.24 33.22
N ILE F 413 -26.25 -31.55 31.99
CA ILE F 413 -24.82 -31.60 31.72
C ILE F 413 -24.22 -30.20 31.72
N GLN F 414 -24.90 -29.24 31.06
CA GLN F 414 -24.37 -27.89 30.99
C GLN F 414 -24.34 -27.20 32.35
N ARG F 415 -25.10 -27.71 33.31
CA ARG F 415 -24.88 -27.28 34.69
C ARG F 415 -23.81 -28.12 35.39
N PHE F 416 -23.66 -29.40 35.01
CA PHE F 416 -22.72 -30.30 35.64
C PHE F 416 -21.27 -29.85 35.48
N LEU F 417 -20.87 -29.40 34.28
CA LEU F 417 -19.50 -28.96 34.07
C LEU F 417 -19.28 -27.55 34.61
N SER F 418 -19.69 -27.35 35.85
CA SER F 418 -19.39 -26.15 36.62
C SER F 418 -18.64 -26.62 37.86
N GLN F 419 -17.47 -26.05 38.10
CA GLN F 419 -16.66 -26.69 39.12
C GLN F 419 -16.31 -25.71 40.24
N PRO F 420 -16.16 -26.18 41.48
CA PRO F 420 -15.62 -25.33 42.54
C PRO F 420 -14.10 -25.28 42.44
N PHE F 421 -13.54 -24.07 42.48
CA PHE F 421 -12.11 -23.89 42.37
C PHE F 421 -11.50 -23.57 43.73
N GLN F 422 -10.40 -24.26 44.04
CA GLN F 422 -9.74 -24.05 45.32
C GLN F 422 -9.25 -22.63 45.49
N VAL F 423 -8.76 -22.02 44.40
CA VAL F 423 -8.24 -20.65 44.47
C VAL F 423 -9.33 -19.69 44.94
N ALA F 424 -10.58 -19.93 44.53
CA ALA F 424 -11.71 -19.16 45.04
C ALA F 424 -12.36 -19.91 46.20
N GLU F 425 -11.52 -20.25 47.18
CA GLU F 425 -11.93 -21.06 48.31
C GLU F 425 -12.38 -20.24 49.52
N VAL F 426 -11.66 -19.16 49.85
CA VAL F 426 -12.09 -18.30 50.96
C VAL F 426 -13.24 -17.42 50.54
N PHE F 427 -13.40 -17.16 49.25
CA PHE F 427 -14.45 -16.28 48.75
C PHE F 427 -15.84 -16.85 48.92
N THR F 428 -15.96 -18.17 49.13
CA THR F 428 -17.23 -18.79 49.46
C THR F 428 -16.93 -20.13 50.13
N GLY F 429 -17.67 -20.44 51.19
CA GLY F 429 -17.35 -21.57 52.06
C GLY F 429 -17.24 -22.93 51.40
N HIS F 430 -17.61 -23.01 50.12
CA HIS F 430 -17.42 -24.24 49.37
C HIS F 430 -15.94 -24.59 49.27
N MET F 431 -15.66 -25.85 48.96
CA MET F 431 -14.30 -26.32 48.77
C MET F 431 -14.06 -26.58 47.29
N GLY F 432 -12.87 -26.22 46.82
CA GLY F 432 -12.51 -26.43 45.44
C GLY F 432 -12.06 -27.86 45.20
N LYS F 433 -12.77 -28.58 44.34
CA LYS F 433 -12.51 -30.00 44.11
C LYS F 433 -12.14 -30.17 42.63
N LEU F 434 -10.90 -30.61 42.39
CA LEU F 434 -10.50 -30.96 41.04
C LEU F 434 -10.91 -32.40 40.74
N VAL F 435 -11.01 -32.71 39.45
CA VAL F 435 -11.55 -33.99 39.01
C VAL F 435 -10.61 -34.64 37.99
N PRO F 436 -10.09 -35.83 38.28
CA PRO F 436 -9.25 -36.52 37.29
C PRO F 436 -10.01 -36.83 36.02
N LEU F 437 -9.27 -37.28 35.01
CA LEU F 437 -9.85 -37.45 33.68
C LEU F 437 -10.90 -38.55 33.66
N LYS F 438 -10.57 -39.73 34.22
CA LYS F 438 -11.50 -40.86 34.14
C LYS F 438 -12.79 -40.55 34.88
N GLU F 439 -12.73 -39.76 35.96
CA GLU F 439 -13.96 -39.39 36.66
C GLU F 439 -14.90 -38.61 35.75
N THR F 440 -14.39 -37.58 35.08
CA THR F 440 -15.22 -36.78 34.19
C THR F 440 -15.74 -37.60 33.01
N ILE F 441 -14.87 -38.43 32.43
CA ILE F 441 -15.28 -39.18 31.24
C ILE F 441 -16.33 -40.22 31.61
N LYS F 442 -16.19 -40.84 32.79
CA LYS F 442 -17.18 -41.78 33.26
C LYS F 442 -18.50 -41.07 33.55
N GLY F 443 -18.44 -39.95 34.28
CA GLY F 443 -19.66 -39.21 34.58
C GLY F 443 -20.40 -38.77 33.33
N PHE F 444 -19.66 -38.40 32.29
CA PHE F 444 -20.33 -37.88 31.10
C PHE F 444 -20.85 -39.01 30.21
N GLN F 445 -20.09 -40.10 30.07
CA GLN F 445 -20.66 -41.30 29.46
C GLN F 445 -21.93 -41.71 30.19
N GLN F 446 -21.94 -41.60 31.52
CA GLN F 446 -23.07 -42.06 32.32
C GLN F 446 -24.28 -41.17 32.10
N ILE F 447 -24.11 -39.85 32.22
CA ILE F 447 -25.23 -38.95 32.04
C ILE F 447 -25.72 -38.93 30.59
N LEU F 448 -24.84 -39.25 29.63
CA LEU F 448 -25.29 -39.38 28.25
C LEU F 448 -25.99 -40.72 28.03
N ALA F 449 -25.75 -41.69 28.92
CA ALA F 449 -26.48 -42.94 28.83
C ALA F 449 -27.93 -42.80 29.28
N GLY F 450 -28.29 -41.66 29.88
CA GLY F 450 -29.65 -41.39 30.25
C GLY F 450 -30.05 -41.82 31.65
N GLU F 451 -29.10 -41.98 32.57
CA GLU F 451 -29.42 -42.56 33.86
C GLU F 451 -29.97 -41.52 34.82
N TYR F 452 -29.25 -40.42 35.01
CA TYR F 452 -29.60 -39.46 36.06
C TYR F 452 -30.69 -38.49 35.62
N ASP F 453 -31.91 -39.00 35.40
CA ASP F 453 -33.04 -38.10 35.20
C ASP F 453 -34.00 -38.15 36.38
N HIS F 454 -34.02 -39.26 37.10
CA HIS F 454 -34.64 -39.26 38.42
C HIS F 454 -33.92 -38.29 39.35
N LEU F 455 -32.69 -37.94 39.00
CA LEU F 455 -31.98 -36.87 39.67
C LEU F 455 -32.61 -35.53 39.28
N PRO F 456 -32.68 -34.56 40.19
CA PRO F 456 -33.22 -33.25 39.81
C PRO F 456 -32.28 -32.53 38.85
N GLU F 457 -32.78 -31.42 38.30
CA GLU F 457 -31.95 -30.62 37.41
C GLU F 457 -30.80 -29.96 38.17
N GLN F 458 -31.11 -29.35 39.32
CA GLN F 458 -30.12 -28.58 40.05
C GLN F 458 -29.27 -29.42 40.99
N ALA F 459 -29.23 -30.73 40.79
CA ALA F 459 -28.33 -31.59 41.55
C ALA F 459 -26.91 -31.57 41.02
N PHE F 460 -26.66 -30.82 39.95
CA PHE F 460 -25.40 -30.82 39.23
C PHE F 460 -24.81 -29.43 39.17
N TYR F 461 -24.80 -28.71 40.29
CA TYR F 461 -24.30 -27.34 40.26
C TYR F 461 -23.28 -27.15 41.38
N MET F 462 -22.18 -26.48 41.05
CA MET F 462 -21.14 -26.12 42.00
C MET F 462 -20.62 -27.35 42.74
N VAL F 463 -20.45 -28.44 41.97
CA VAL F 463 -20.00 -29.72 42.51
C VAL F 463 -18.95 -30.30 41.58
N GLY F 464 -18.16 -31.21 42.13
CA GLY F 464 -17.14 -31.90 41.37
C GLY F 464 -17.71 -33.14 40.70
N PRO F 465 -17.17 -34.31 41.03
CA PRO F 465 -17.64 -35.55 40.40
C PRO F 465 -19.09 -35.85 40.79
N ILE F 466 -19.65 -36.85 40.11
CA ILE F 466 -21.04 -37.25 40.33
C ILE F 466 -21.33 -37.62 41.77
N GLU F 467 -20.30 -37.91 42.57
CA GLU F 467 -20.49 -38.20 43.99
C GLU F 467 -21.13 -37.01 44.71
N GLU F 468 -20.55 -35.82 44.57
CA GLU F 468 -21.14 -34.64 45.18
C GLU F 468 -22.55 -34.39 44.63
N ALA F 469 -22.78 -34.77 43.37
CA ALA F 469 -24.11 -34.60 42.77
C ALA F 469 -25.14 -35.45 43.49
N VAL F 470 -24.84 -36.74 43.69
CA VAL F 470 -25.80 -37.60 44.36
C VAL F 470 -25.92 -37.21 45.83
N ALA F 471 -24.88 -36.60 46.40
CA ALA F 471 -25.00 -36.11 47.77
C ALA F 471 -25.97 -34.93 47.86
N LYS F 472 -25.86 -33.99 46.92
CA LYS F 472 -26.82 -32.88 46.88
C LYS F 472 -28.23 -33.41 46.64
N ALA F 473 -28.35 -34.47 45.83
CA ALA F 473 -29.66 -35.08 45.64
C ALA F 473 -30.19 -35.70 46.92
N ASP F 474 -29.33 -36.41 47.65
CA ASP F 474 -29.73 -36.96 48.94
C ASP F 474 -30.26 -35.88 49.86
N LYS F 475 -29.54 -34.76 49.98
CA LYS F 475 -30.02 -33.71 50.88
C LYS F 475 -30.89 -32.68 50.15
N LEU F 476 -31.45 -33.04 48.99
CA LEU F 476 -32.49 -32.22 48.39
C LEU F 476 -33.71 -32.13 49.29
N ALA F 477 -33.86 -33.09 50.21
CA ALA F 477 -35.00 -33.12 51.12
C ALA F 477 -34.93 -31.98 52.12
N THR G 2 -11.09 2.50 2.88
CA THR G 2 -10.30 1.48 3.55
C THR G 2 -10.64 0.09 2.99
N LEU G 3 -9.59 -0.70 2.74
CA LEU G 3 -9.77 -2.02 2.12
C LEU G 3 -10.73 -2.89 2.92
N LYS G 4 -10.55 -2.96 4.24
CA LYS G 4 -11.37 -3.86 5.05
C LYS G 4 -12.80 -3.33 5.18
N ASP G 5 -12.98 -2.03 5.34
CA ASP G 5 -14.33 -1.48 5.40
C ASP G 5 -15.04 -1.60 4.06
N ILE G 6 -14.28 -1.47 2.96
CA ILE G 6 -14.84 -1.72 1.64
C ILE G 6 -15.31 -3.15 1.52
N THR G 7 -14.51 -4.11 1.99
CA THR G 7 -14.95 -5.50 1.98
C THR G 7 -16.18 -5.69 2.86
N ARG G 8 -16.25 -4.97 3.98
CA ARG G 8 -17.43 -5.04 4.85
C ARG G 8 -18.68 -4.63 4.10
N ARG G 9 -18.66 -3.44 3.51
CA ARG G 9 -19.85 -2.95 2.81
C ARG G 9 -20.18 -3.81 1.60
N LEU G 10 -19.16 -4.31 0.91
CA LEU G 10 -19.40 -5.12 -0.28
C LEU G 10 -20.00 -6.47 0.10
N LYS G 11 -19.60 -7.00 1.26
CA LYS G 11 -20.21 -8.24 1.75
C LYS G 11 -21.63 -8.00 2.21
N SER G 12 -21.90 -6.85 2.85
CA SER G 12 -23.27 -6.49 3.19
C SER G 12 -24.16 -6.48 1.95
N ILE G 13 -23.70 -5.79 0.91
CA ILE G 13 -24.51 -5.68 -0.30
C ILE G 13 -24.64 -7.03 -1.00
N LYS G 14 -23.59 -7.85 -0.99
CA LYS G 14 -23.70 -9.20 -1.53
C LYS G 14 -24.74 -10.01 -0.77
N ASN G 15 -24.72 -9.92 0.56
CA ASN G 15 -25.72 -10.59 1.39
C ASN G 15 -27.12 -10.24 0.93
N ILE G 16 -27.46 -8.95 0.93
CA ILE G 16 -28.84 -8.58 0.62
C ILE G 16 -29.15 -8.85 -0.85
N GLN G 17 -28.13 -8.83 -1.71
CA GLN G 17 -28.33 -9.15 -3.12
C GLN G 17 -28.81 -10.58 -3.29
N LYS G 18 -28.07 -11.53 -2.70
CA LYS G 18 -28.46 -12.92 -2.87
C LYS G 18 -29.72 -13.24 -2.06
N ILE G 19 -29.98 -12.45 -1.01
CA ILE G 19 -31.26 -12.58 -0.31
C ILE G 19 -32.42 -12.25 -1.23
N THR G 20 -32.36 -11.10 -1.91
CA THR G 20 -33.43 -10.77 -2.86
C THR G 20 -33.47 -11.75 -4.01
N LYS G 21 -32.33 -12.35 -4.38
CA LYS G 21 -32.36 -13.40 -5.40
C LYS G 21 -33.18 -14.60 -4.93
N SER G 22 -32.90 -15.08 -3.72
CA SER G 22 -33.68 -16.18 -3.16
C SER G 22 -35.16 -15.83 -3.06
N MET G 23 -35.47 -14.62 -2.60
CA MET G 23 -36.87 -14.24 -2.42
C MET G 23 -37.56 -14.08 -3.76
N LYS G 24 -36.85 -13.61 -4.78
CA LYS G 24 -37.41 -13.54 -6.12
C LYS G 24 -37.75 -14.92 -6.64
N MET G 25 -36.83 -15.88 -6.51
CA MET G 25 -37.10 -17.20 -7.07
C MET G 25 -38.20 -17.90 -6.27
N VAL G 26 -38.30 -17.61 -4.97
CA VAL G 26 -39.39 -18.16 -4.17
C VAL G 26 -40.72 -17.59 -4.61
N ALA G 27 -40.80 -16.27 -4.80
CA ALA G 27 -42.04 -15.65 -5.23
C ALA G 27 -42.38 -16.04 -6.66
N ALA G 28 -41.39 -16.44 -7.45
CA ALA G 28 -41.66 -16.98 -8.78
C ALA G 28 -42.16 -18.40 -8.72
N ALA G 29 -41.73 -19.16 -7.70
CA ALA G 29 -42.36 -20.47 -7.44
C ALA G 29 -43.82 -20.30 -7.06
N LYS G 30 -44.10 -19.40 -6.11
CA LYS G 30 -45.48 -19.16 -5.71
C LYS G 30 -46.32 -18.53 -6.81
N TYR G 31 -45.75 -18.29 -7.98
CA TYR G 31 -46.47 -17.82 -9.16
C TYR G 31 -47.10 -18.98 -9.94
N ALA G 32 -47.29 -20.12 -9.29
CA ALA G 32 -47.92 -21.27 -9.92
C ALA G 32 -48.65 -22.13 -8.89
N SER G 223 -51.20 -12.18 -8.65
CA SER G 223 -50.91 -10.79 -8.89
C SER G 223 -49.77 -10.29 -8.01
N GLU G 224 -50.03 -10.26 -6.70
CA GLU G 224 -49.00 -9.85 -5.74
C GLU G 224 -47.70 -10.62 -5.92
N GLN G 225 -47.78 -11.92 -6.20
CA GLN G 225 -46.56 -12.71 -6.34
C GLN G 225 -45.76 -12.29 -7.55
N SER G 226 -46.42 -11.96 -8.66
CA SER G 226 -45.70 -11.49 -9.84
C SER G 226 -45.04 -10.14 -9.58
N ALA G 227 -45.74 -9.25 -8.87
CA ALA G 227 -45.15 -7.97 -8.51
C ALA G 227 -43.94 -8.16 -7.61
N ARG G 228 -44.03 -9.09 -6.65
CA ARG G 228 -42.89 -9.39 -5.79
C ARG G 228 -41.72 -9.92 -6.60
N MET G 229 -42.02 -10.78 -7.59
CA MET G 229 -40.97 -11.32 -8.45
C MET G 229 -40.24 -10.21 -9.19
N THR G 230 -40.98 -9.31 -9.83
CA THR G 230 -40.33 -8.26 -10.60
C THR G 230 -39.61 -7.26 -9.70
N ALA G 231 -40.20 -6.93 -8.55
CA ALA G 231 -39.57 -6.00 -7.63
C ALA G 231 -38.26 -6.57 -7.10
N MET G 232 -38.23 -7.85 -6.76
CA MET G 232 -37.00 -8.45 -6.29
C MET G 232 -35.98 -8.60 -7.41
N ASP G 233 -36.43 -8.82 -8.64
CA ASP G 233 -35.51 -8.79 -9.77
C ASP G 233 -34.82 -7.43 -9.88
N ASN G 234 -35.60 -6.37 -9.79
CA ASN G 234 -35.02 -5.02 -9.88
C ASN G 234 -34.09 -4.75 -8.71
N ALA G 235 -34.46 -5.23 -7.51
CA ALA G 235 -33.59 -5.02 -6.36
C ALA G 235 -32.27 -5.76 -6.52
N SER G 236 -32.32 -6.98 -7.07
CA SER G 236 -31.08 -7.72 -7.31
C SER G 236 -30.21 -7.03 -8.35
N LYS G 237 -30.81 -6.46 -9.40
CA LYS G 237 -29.99 -5.78 -10.40
C LYS G 237 -29.40 -4.49 -9.84
N ASN G 238 -30.15 -3.80 -8.98
CA ASN G 238 -29.60 -2.61 -8.31
C ASN G 238 -28.42 -2.99 -7.42
N ALA G 239 -28.58 -4.04 -6.61
CA ALA G 239 -27.49 -4.46 -5.74
C ALA G 239 -26.29 -4.93 -6.56
N SER G 240 -26.52 -5.52 -7.73
CA SER G 240 -25.41 -5.93 -8.57
C SER G 240 -24.64 -4.73 -9.12
N GLU G 241 -25.34 -3.69 -9.56
CA GLU G 241 -24.62 -2.52 -10.05
C GLU G 241 -23.88 -1.82 -8.91
N MET G 242 -24.44 -1.85 -7.70
CA MET G 242 -23.70 -1.33 -6.55
C MET G 242 -22.47 -2.19 -6.26
N ILE G 243 -22.57 -3.50 -6.47
CA ILE G 243 -21.42 -4.37 -6.29
C ILE G 243 -20.33 -4.03 -7.29
N ASP G 244 -20.71 -3.68 -8.52
CA ASP G 244 -19.71 -3.30 -9.52
C ASP G 244 -19.04 -1.99 -9.15
N LYS G 245 -19.82 -1.01 -8.69
CA LYS G 245 -19.22 0.24 -8.18
C LYS G 245 -18.24 -0.03 -7.06
N LEU G 246 -18.65 -0.84 -6.08
CA LEU G 246 -17.78 -1.14 -4.95
C LEU G 246 -16.55 -1.93 -5.38
N THR G 247 -16.66 -2.76 -6.41
CA THR G 247 -15.49 -3.46 -6.91
C THR G 247 -14.49 -2.50 -7.54
N LEU G 248 -14.98 -1.52 -8.29
CA LEU G 248 -14.08 -0.49 -8.82
C LEU G 248 -13.37 0.23 -7.68
N THR G 249 -14.13 0.67 -6.67
CA THR G 249 -13.52 1.37 -5.54
C THR G 249 -12.53 0.48 -4.81
N PHE G 250 -12.85 -0.81 -4.69
CA PHE G 250 -11.97 -1.73 -3.98
C PHE G 250 -10.66 -1.91 -4.72
N ASN G 251 -10.72 -2.04 -6.04
CA ASN G 251 -9.49 -2.18 -6.82
C ASN G 251 -8.64 -0.93 -6.71
N ARG G 252 -9.28 0.25 -6.73
CA ARG G 252 -8.55 1.50 -6.56
C ARG G 252 -7.85 1.54 -5.20
N THR G 253 -8.57 1.18 -4.15
CA THR G 253 -7.99 1.21 -2.81
C THR G 253 -6.88 0.18 -2.65
N ARG G 254 -7.02 -0.98 -3.29
CA ARG G 254 -5.99 -2.01 -3.24
C ARG G 254 -4.71 -1.53 -3.90
N GLN G 255 -4.82 -0.93 -5.08
CA GLN G 255 -3.64 -0.36 -5.72
C GLN G 255 -3.00 0.70 -4.83
N ALA G 256 -3.82 1.56 -4.22
CA ALA G 256 -3.28 2.60 -3.36
C ALA G 256 -2.53 2.01 -2.18
N VAL G 257 -3.07 0.94 -1.58
CA VAL G 257 -2.42 0.33 -0.43
C VAL G 257 -1.09 -0.30 -0.81
N ILE G 258 -1.05 -1.01 -1.95
CA ILE G 258 0.20 -1.61 -2.37
C ILE G 258 1.25 -0.54 -2.64
N THR G 259 0.86 0.54 -3.32
CA THR G 259 1.81 1.61 -3.59
C THR G 259 2.31 2.26 -2.30
N LYS G 260 1.42 2.47 -1.34
CA LYS G 260 1.83 3.10 -0.09
C LYS G 260 2.82 2.22 0.67
N GLU G 261 2.56 0.92 0.74
CA GLU G 261 3.47 0.04 1.46
C GLU G 261 4.82 -0.04 0.75
N LEU G 262 4.83 -0.05 -0.59
CA LEU G 262 6.10 0.01 -1.30
C LEU G 262 6.86 1.28 -0.99
N ILE G 263 6.16 2.41 -0.93
CA ILE G 263 6.84 3.67 -0.64
C ILE G 263 7.43 3.63 0.75
N GLU G 264 6.69 3.10 1.72
CA GLU G 264 7.24 2.94 3.07
C GLU G 264 8.49 2.09 3.06
N ILE G 265 8.45 0.94 2.39
CA ILE G 265 9.60 0.04 2.38
C ILE G 265 10.82 0.72 1.76
N ILE G 266 10.65 1.34 0.60
CA ILE G 266 11.80 1.90 -0.11
C ILE G 266 12.33 3.13 0.61
N SER G 267 11.47 3.89 1.29
CA SER G 267 11.95 5.07 1.99
C SER G 267 12.59 4.70 3.32
N GLY G 268 12.21 3.55 3.88
CA GLY G 268 12.93 3.05 5.04
C GLY G 268 14.27 2.44 4.68
N ALA G 269 14.36 1.84 3.48
CA ALA G 269 15.62 1.25 3.05
C ALA G 269 16.60 2.30 2.50
N ALA G 270 16.08 3.39 1.94
CA ALA G 270 16.94 4.38 1.30
C ALA G 270 17.55 5.38 2.27
N ALA G 271 17.20 5.32 3.55
CA ALA G 271 17.76 6.22 4.54
C ALA G 271 19.14 5.79 5.02
N LEU G 272 19.60 4.61 4.63
CA LEU G 272 20.92 4.13 5.03
C LEU G 272 22.00 4.60 4.08
N ALA H 2 41.34 8.02 -20.92
CA ALA H 2 42.57 7.85 -20.17
C ALA H 2 42.66 6.45 -19.59
N LYS H 3 43.65 5.68 -20.05
CA LYS H 3 43.80 4.31 -19.58
C LYS H 3 44.60 4.27 -18.29
N LEU H 4 44.17 3.42 -17.37
CA LEU H 4 44.80 3.27 -16.07
C LEU H 4 45.46 1.90 -15.95
N VAL H 5 46.55 1.85 -15.19
CA VAL H 5 47.29 0.63 -14.94
C VAL H 5 47.00 0.20 -13.50
N ARG H 6 46.27 -0.89 -13.36
CA ARG H 6 45.82 -1.34 -12.05
C ARG H 6 46.94 -2.11 -11.35
N PRO H 7 47.13 -1.89 -10.04
CA PRO H 7 48.11 -2.66 -9.29
C PRO H 7 47.71 -4.12 -9.19
N PRO H 8 48.65 -5.01 -8.87
CA PRO H 8 48.29 -6.45 -8.81
C PRO H 8 47.27 -6.76 -7.73
N VAL H 9 47.33 -6.10 -6.58
CA VAL H 9 46.30 -6.21 -5.56
C VAL H 9 45.53 -4.90 -5.51
N GLN H 10 44.26 -4.99 -5.13
CA GLN H 10 43.37 -3.84 -5.10
C GLN H 10 42.96 -3.54 -3.66
N VAL H 11 42.93 -2.25 -3.34
CA VAL H 11 42.36 -1.76 -2.09
C VAL H 11 41.14 -0.92 -2.46
N TYR H 12 40.14 -0.90 -1.57
CA TYR H 12 38.86 -0.28 -1.89
C TYR H 12 38.56 0.87 -0.94
N GLY H 13 37.36 1.42 -1.11
CA GLY H 13 37.00 2.66 -0.44
C GLY H 13 37.66 3.85 -1.09
N ILE H 14 37.58 4.98 -0.41
CA ILE H 14 38.31 6.16 -0.86
C ILE H 14 39.81 5.94 -0.67
N GLU H 15 40.18 5.21 0.39
CA GLU H 15 41.57 4.85 0.61
C GLU H 15 42.17 4.19 -0.61
N GLY H 16 41.56 3.09 -1.06
CA GLY H 16 42.10 2.36 -2.19
C GLY H 16 41.99 3.13 -3.49
N ARG H 17 40.95 3.95 -3.65
CA ARG H 17 40.83 4.74 -4.85
C ARG H 17 41.98 5.72 -4.99
N TYR H 18 42.29 6.46 -3.92
CA TYR H 18 43.43 7.38 -3.99
C TYR H 18 44.74 6.61 -4.10
N ALA H 19 44.83 5.45 -3.45
CA ALA H 19 46.06 4.67 -3.53
C ALA H 19 46.34 4.20 -4.96
N THR H 20 45.31 3.69 -5.64
CA THR H 20 45.52 3.21 -7.01
C THR H 20 45.69 4.37 -7.98
N ALA H 21 45.03 5.50 -7.71
CA ALA H 21 45.27 6.69 -8.52
C ALA H 21 46.74 7.09 -8.46
N LEU H 22 47.31 7.14 -7.25
CA LEU H 22 48.71 7.50 -7.13
C LEU H 22 49.62 6.42 -7.71
N TYR H 23 49.25 5.15 -7.53
CA TYR H 23 50.06 4.07 -8.09
C TYR H 23 50.16 4.20 -9.61
N SER H 24 49.03 4.44 -10.28
CA SER H 24 49.07 4.60 -11.73
C SER H 24 49.79 5.89 -12.12
N ALA H 25 49.58 6.98 -11.38
CA ALA H 25 50.24 8.23 -11.71
C ALA H 25 51.74 8.15 -11.52
N ALA H 26 52.21 7.21 -10.69
CA ALA H 26 53.63 7.03 -10.50
C ALA H 26 54.22 6.03 -11.49
N SER H 27 53.50 4.94 -11.77
CA SER H 27 53.98 3.98 -12.75
C SER H 27 53.92 4.52 -14.17
N LYS H 28 53.19 5.62 -14.40
CA LYS H 28 53.19 6.20 -15.73
C LYS H 28 54.41 7.09 -15.97
N GLN H 29 55.11 7.50 -14.91
CA GLN H 29 56.34 8.26 -15.06
C GLN H 29 57.47 7.70 -14.21
N ASN H 30 57.32 6.48 -13.68
CA ASN H 30 58.41 5.71 -13.09
C ASN H 30 59.00 6.39 -11.85
N LYS H 31 58.17 6.52 -10.81
CA LYS H 31 58.61 7.09 -9.54
C LYS H 31 58.02 6.32 -8.36
N LEU H 32 57.84 5.01 -8.48
CA LEU H 32 57.21 4.25 -7.41
C LEU H 32 57.98 4.37 -6.11
N GLU H 33 59.28 4.09 -6.13
CA GLU H 33 60.09 4.11 -4.92
C GLU H 33 60.14 5.51 -4.32
N GLN H 34 60.34 6.52 -5.17
CA GLN H 34 60.42 7.89 -4.68
C GLN H 34 59.14 8.31 -3.98
N VAL H 35 58.00 8.17 -4.67
CA VAL H 35 56.74 8.59 -4.09
C VAL H 35 56.41 7.73 -2.87
N GLU H 36 56.88 6.49 -2.84
CA GLU H 36 56.62 5.61 -1.71
C GLU H 36 57.33 6.12 -0.45
N LYS H 37 58.64 6.35 -0.53
CA LYS H 37 59.36 6.82 0.64
C LYS H 37 58.90 8.22 1.04
N GLU H 38 58.64 9.09 0.06
CA GLU H 38 58.14 10.41 0.41
C GLU H 38 56.74 10.35 0.99
N LEU H 39 55.95 9.35 0.61
CA LEU H 39 54.64 9.14 1.23
C LEU H 39 54.77 8.74 2.69
N LEU H 40 55.66 7.80 2.99
CA LEU H 40 55.80 7.39 4.39
C LEU H 40 56.33 8.55 5.23
N ARG H 41 57.23 9.36 4.65
CA ARG H 41 57.76 10.49 5.39
C ARG H 41 56.70 11.58 5.57
N VAL H 42 55.87 11.83 4.55
CA VAL H 42 54.83 12.84 4.71
C VAL H 42 53.75 12.33 5.66
N ALA H 43 53.58 11.01 5.77
CA ALA H 43 52.70 10.46 6.79
C ALA H 43 53.26 10.71 8.18
N GLN H 44 54.56 10.52 8.34
CA GLN H 44 55.21 10.90 9.60
C GLN H 44 55.04 12.39 9.88
N ILE H 45 55.11 13.23 8.85
CA ILE H 45 54.97 14.67 9.03
C ILE H 45 53.55 15.01 9.47
N LEU H 46 52.55 14.38 8.85
CA LEU H 46 51.16 14.71 9.16
C LEU H 46 50.72 14.08 10.47
N LYS H 47 51.55 13.23 11.07
CA LYS H 47 51.19 12.66 12.36
C LYS H 47 51.92 13.32 13.54
N GLU H 48 52.70 14.36 13.30
CA GLU H 48 53.27 15.09 14.42
C GLU H 48 52.17 15.91 15.10
N PRO H 49 52.07 15.85 16.43
CA PRO H 49 50.85 16.35 17.11
C PRO H 49 50.40 17.72 16.67
N LYS H 50 51.32 18.59 16.25
CA LYS H 50 50.94 19.94 15.82
C LYS H 50 50.01 19.90 14.62
N VAL H 51 50.54 19.50 13.46
CA VAL H 51 49.72 19.47 12.25
C VAL H 51 48.75 18.29 12.29
N ALA H 52 49.09 17.24 13.04
CA ALA H 52 48.15 16.14 13.22
C ALA H 52 46.87 16.62 13.89
N ALA H 53 46.99 17.54 14.86
CA ALA H 53 45.82 18.16 15.44
C ALA H 53 45.19 19.16 14.48
N SER H 54 45.99 20.05 13.90
CA SER H 54 45.46 21.05 12.98
C SER H 54 44.63 20.45 11.85
N VAL H 55 45.05 19.31 11.30
CA VAL H 55 44.52 18.81 10.03
C VAL H 55 43.07 18.31 10.14
N LEU H 56 42.62 17.88 11.33
CA LEU H 56 41.26 17.37 11.43
C LEU H 56 40.27 18.39 11.94
N ASN H 57 40.72 19.53 12.47
CA ASN H 57 39.82 20.55 12.97
C ASN H 57 38.79 20.91 11.90
N PRO H 58 37.49 20.70 12.14
CA PRO H 58 36.52 20.77 11.03
C PRO H 58 36.17 22.16 10.56
N TYR H 59 36.61 23.23 11.23
CA TYR H 59 36.26 24.57 10.77
C TYR H 59 37.38 25.27 10.04
N VAL H 60 38.63 24.80 10.16
CA VAL H 60 39.72 25.43 9.44
C VAL H 60 39.41 25.41 7.95
N LYS H 61 39.45 26.58 7.33
CA LYS H 61 39.01 26.75 5.94
C LYS H 61 39.75 25.79 5.03
N ARG H 62 39.07 25.34 3.97
CA ARG H 62 39.68 24.38 3.06
C ARG H 62 40.83 25.00 2.27
N SER H 63 40.64 26.21 1.75
CA SER H 63 41.70 26.87 0.99
C SER H 63 42.89 27.23 1.88
N ILE H 64 42.61 27.81 3.05
CA ILE H 64 43.70 28.20 3.94
C ILE H 64 44.46 26.98 4.42
N LYS H 65 43.74 25.88 4.72
CA LYS H 65 44.43 24.69 5.21
C LYS H 65 45.22 24.00 4.10
N VAL H 66 44.69 23.97 2.87
CA VAL H 66 45.45 23.35 1.80
C VAL H 66 46.69 24.18 1.49
N LYS H 67 46.60 25.51 1.59
CA LYS H 67 47.80 26.31 1.34
C LYS H 67 48.80 26.17 2.47
N SER H 68 48.34 26.06 3.71
CA SER H 68 49.25 25.82 4.83
C SER H 68 49.97 24.49 4.65
N LEU H 69 49.23 23.43 4.30
CA LEU H 69 49.85 22.12 4.12
C LEU H 69 50.77 22.10 2.90
N ASN H 70 50.41 22.83 1.84
CA ASN H 70 51.29 22.92 0.68
C ASN H 70 52.60 23.61 1.05
N ASP H 71 52.51 24.69 1.82
CA ASP H 71 53.70 25.33 2.36
C ASP H 71 54.55 24.35 3.15
N ILE H 72 53.94 23.62 4.08
CA ILE H 72 54.71 22.72 4.94
C ILE H 72 55.31 21.56 4.17
N THR H 73 54.64 21.06 3.12
CA THR H 73 55.18 19.93 2.38
C THR H 73 56.21 20.36 1.34
N ALA H 74 56.08 21.57 0.80
CA ALA H 74 56.98 22.01 -0.27
C ALA H 74 58.41 22.20 0.20
N LYS H 75 58.65 22.28 1.50
CA LYS H 75 60.00 22.49 2.01
C LYS H 75 60.83 21.21 2.05
N GLU H 76 60.19 20.03 2.04
CA GLU H 76 60.91 18.77 2.04
C GLU H 76 61.42 18.38 0.66
N ARG H 77 61.29 19.26 -0.34
CA ARG H 77 61.69 18.98 -1.72
C ARG H 77 60.91 17.78 -2.27
N PHE H 78 59.59 17.95 -2.27
CA PHE H 78 58.69 16.95 -2.85
C PHE H 78 58.71 17.05 -4.37
N SER H 79 58.60 15.88 -4.99
CA SER H 79 58.36 15.81 -6.42
C SER H 79 56.91 16.17 -6.70
N PRO H 80 56.60 16.65 -7.91
CA PRO H 80 55.24 17.19 -8.16
C PRO H 80 54.12 16.18 -7.93
N LEU H 81 54.40 14.87 -8.04
CA LEU H 81 53.33 13.90 -7.90
C LEU H 81 52.83 13.80 -6.47
N THR H 82 53.74 13.84 -5.50
CA THR H 82 53.34 13.71 -4.10
C THR H 82 52.56 14.93 -3.64
N THR H 83 53.03 16.14 -4.00
CA THR H 83 52.30 17.34 -3.62
C THR H 83 51.00 17.45 -4.40
N ASN H 84 50.94 16.87 -5.61
CA ASN H 84 49.67 16.78 -6.32
C ASN H 84 48.67 15.91 -5.56
N LEU H 85 49.09 14.73 -5.11
CA LEU H 85 48.23 13.89 -4.29
C LEU H 85 47.78 14.63 -3.04
N ILE H 86 48.71 15.34 -2.38
CA ILE H 86 48.37 16.05 -1.16
C ILE H 86 47.33 17.13 -1.44
N ASN H 87 47.53 17.93 -2.49
CA ASN H 87 46.59 19.00 -2.79
C ASN H 87 45.24 18.43 -3.22
N LEU H 88 45.22 17.28 -3.89
CA LEU H 88 43.95 16.67 -4.26
C LEU H 88 43.19 16.19 -3.02
N LEU H 89 43.86 15.44 -2.15
CA LEU H 89 43.23 15.01 -0.90
C LEU H 89 42.78 16.21 -0.07
N ALA H 90 43.49 17.33 -0.17
CA ALA H 90 43.15 18.48 0.66
C ALA H 90 41.95 19.24 0.12
N GLU H 91 42.01 19.69 -1.14
CA GLU H 91 40.87 20.42 -1.68
C GLU H 91 39.65 19.52 -1.87
N ASN H 92 39.85 18.20 -1.81
CA ASN H 92 38.72 17.28 -1.72
C ASN H 92 38.36 16.95 -0.27
N GLY H 93 39.05 17.54 0.70
CA GLY H 93 38.73 17.34 2.10
C GLY H 93 39.01 15.96 2.64
N ARG H 94 39.88 15.19 1.98
CA ARG H 94 40.18 13.82 2.40
C ARG H 94 41.53 13.72 3.13
N LEU H 95 41.91 14.76 3.87
CA LEU H 95 43.21 14.77 4.51
C LEU H 95 43.30 13.78 5.67
N SER H 96 42.21 13.65 6.45
CA SER H 96 42.25 12.75 7.61
C SER H 96 42.54 11.32 7.21
N ASN H 97 42.32 10.97 5.95
CA ASN H 97 42.56 9.63 5.44
C ASN H 97 43.99 9.40 5.00
N THR H 98 44.80 10.46 4.90
CA THR H 98 46.12 10.41 4.26
C THR H 98 46.92 9.20 4.68
N GLN H 99 47.22 9.09 5.98
CA GLN H 99 48.06 8.00 6.47
C GLN H 99 47.52 6.65 6.05
N GLY H 100 46.21 6.45 6.19
CA GLY H 100 45.58 5.22 5.74
C GLY H 100 45.93 4.94 4.29
N VAL H 101 45.69 5.92 3.43
CA VAL H 101 46.10 5.81 2.03
C VAL H 101 47.56 5.38 1.94
N VAL H 102 48.43 6.09 2.66
CA VAL H 102 49.86 5.75 2.66
C VAL H 102 50.04 4.29 3.01
N SER H 103 49.39 3.86 4.11
CA SER H 103 49.43 2.46 4.48
C SER H 103 49.06 1.57 3.30
N ALA H 104 47.90 1.83 2.70
CA ALA H 104 47.50 1.12 1.48
C ALA H 104 48.64 1.11 0.47
N PHE H 105 49.14 2.31 0.14
CA PHE H 105 50.20 2.41 -0.85
C PHE H 105 51.40 1.57 -0.45
N SER H 106 51.76 1.62 0.84
CA SER H 106 52.86 0.78 1.33
C SER H 106 52.57 -0.69 1.01
N THR H 107 51.41 -1.17 1.45
CA THR H 107 51.02 -2.53 1.13
C THR H 107 50.93 -2.74 -0.37
N MET H 108 50.57 -1.68 -1.12
CA MET H 108 50.65 -1.73 -2.57
C MET H 108 52.03 -2.21 -3.01
N MET H 109 53.07 -1.47 -2.59
CA MET H 109 54.43 -1.88 -2.89
C MET H 109 54.78 -3.24 -2.30
N SER H 110 54.11 -3.64 -1.22
CA SER H 110 54.36 -4.96 -0.63
C SER H 110 54.04 -6.07 -1.62
N VAL H 111 53.28 -5.76 -2.67
CA VAL H 111 53.03 -6.75 -3.70
C VAL H 111 53.87 -6.50 -4.95
N HIS H 112 54.35 -5.27 -5.16
CA HIS H 112 55.17 -5.00 -6.32
C HIS H 112 56.55 -5.64 -6.18
N ARG H 113 57.09 -5.66 -4.96
CA ARG H 113 58.35 -6.35 -4.71
C ARG H 113 58.17 -7.86 -4.56
N GLY H 114 56.95 -8.37 -4.66
CA GLY H 114 56.70 -9.77 -4.48
C GLY H 114 56.60 -10.23 -3.04
N GLU H 115 56.62 -9.30 -2.08
CA GLU H 115 56.56 -9.66 -0.67
C GLU H 115 55.25 -10.39 -0.37
N VAL H 116 55.37 -11.68 -0.08
CA VAL H 116 54.22 -12.50 0.29
C VAL H 116 54.22 -12.64 1.80
N PRO H 117 53.23 -12.09 2.50
CA PRO H 117 53.17 -12.28 3.96
C PRO H 117 52.62 -13.65 4.30
N CYS H 118 53.34 -14.38 5.14
CA CYS H 118 52.89 -15.71 5.55
C CYS H 118 53.11 -15.87 7.05
N THR H 119 52.14 -16.47 7.73
CA THR H 119 52.20 -16.72 9.15
C THR H 119 52.41 -18.20 9.41
N VAL H 120 53.32 -18.51 10.34
CA VAL H 120 53.52 -19.87 10.82
C VAL H 120 53.39 -19.84 12.34
N THR H 121 52.18 -20.08 12.82
CA THR H 121 51.91 -19.97 14.26
C THR H 121 51.89 -21.34 14.91
N SER H 122 52.55 -21.45 16.06
CA SER H 122 52.69 -22.73 16.76
C SER H 122 52.40 -22.52 18.25
N ALA H 123 52.60 -23.59 19.02
CA ALA H 123 52.34 -23.54 20.46
C ALA H 123 53.19 -22.50 21.16
N SER H 124 54.51 -22.64 21.09
CA SER H 124 55.45 -21.78 21.79
C SER H 124 56.51 -21.29 20.82
N PRO H 125 57.17 -20.15 21.13
CA PRO H 125 58.18 -19.59 20.22
C PRO H 125 59.21 -20.61 19.75
N LEU H 126 59.62 -20.50 18.50
CA LEU H 126 60.57 -21.45 17.92
C LEU H 126 61.99 -20.90 17.94
N GLU H 127 62.95 -21.82 17.88
CA GLU H 127 64.35 -21.46 17.68
C GLU H 127 64.68 -21.45 16.20
N GLU H 128 65.60 -20.56 15.82
CA GLU H 128 65.66 -20.12 14.42
C GLU H 128 66.39 -21.10 13.51
N ALA H 129 66.85 -22.25 14.01
CA ALA H 129 67.37 -23.27 13.12
C ALA H 129 66.23 -23.94 12.34
N THR H 130 65.28 -24.51 13.08
CA THR H 130 64.05 -24.99 12.46
C THR H 130 63.29 -23.87 11.77
N LEU H 131 63.34 -22.66 12.31
CA LEU H 131 62.66 -21.54 11.65
C LEU H 131 63.32 -21.21 10.30
N SER H 132 64.63 -21.37 10.20
CA SER H 132 65.30 -21.13 8.93
C SER H 132 65.01 -22.24 7.93
N GLU H 133 65.05 -23.50 8.38
CA GLU H 133 64.72 -24.59 7.47
C GLU H 133 63.25 -24.52 7.07
N LEU H 134 62.43 -23.91 7.93
CA LEU H 134 61.02 -23.70 7.61
C LEU H 134 60.83 -22.56 6.63
N LYS H 135 61.62 -21.49 6.76
CA LYS H 135 61.70 -20.47 5.73
C LYS H 135 61.99 -21.13 4.38
N THR H 136 62.97 -22.03 4.37
CA THR H 136 63.27 -22.79 3.17
C THR H 136 62.06 -23.60 2.70
N VAL H 137 61.37 -24.26 3.63
CA VAL H 137 60.27 -25.16 3.27
C VAL H 137 59.09 -24.40 2.67
N LEU H 138 58.74 -23.24 3.22
CA LEU H 138 57.60 -22.50 2.70
C LEU H 138 58.02 -21.50 1.62
N LYS H 139 59.32 -21.36 1.37
CA LYS H 139 59.78 -20.64 0.19
C LYS H 139 59.82 -21.60 -0.98
N SER H 140 59.70 -22.90 -0.69
CA SER H 140 59.79 -23.90 -1.74
C SER H 140 58.61 -23.85 -2.70
N PHE H 141 57.41 -23.59 -2.18
CA PHE H 141 56.20 -23.59 -3.00
C PHE H 141 56.11 -22.40 -3.95
N LEU H 142 56.85 -21.33 -3.69
CA LEU H 142 56.71 -20.09 -4.43
C LEU H 142 57.17 -20.23 -5.87
N SER H 143 56.76 -19.26 -6.70
CA SER H 143 57.09 -19.24 -8.12
C SER H 143 58.35 -18.43 -8.38
N GLN H 144 58.59 -18.11 -9.64
CA GLN H 144 59.76 -17.31 -10.02
C GLN H 144 59.63 -15.89 -9.52
N GLY H 145 60.68 -15.41 -8.86
CA GLY H 145 60.79 -14.01 -8.49
C GLY H 145 59.86 -13.56 -7.39
N GLN H 146 60.03 -14.10 -6.19
CA GLN H 146 59.29 -13.66 -5.02
C GLN H 146 60.22 -13.47 -3.82
N VAL H 147 59.73 -12.69 -2.86
CA VAL H 147 60.36 -12.52 -1.56
C VAL H 147 59.27 -12.69 -0.51
N LEU H 148 59.61 -13.30 0.62
CA LEU H 148 58.61 -13.65 1.61
C LEU H 148 58.80 -12.86 2.90
N LYS H 149 57.71 -12.71 3.65
CA LYS H 149 57.70 -11.98 4.93
C LYS H 149 57.08 -12.90 5.99
N LEU H 150 57.90 -13.37 6.91
CA LEU H 150 57.45 -14.23 8.01
C LEU H 150 57.02 -13.38 9.20
N GLU H 151 55.80 -13.65 9.69
CA GLU H 151 55.29 -13.04 10.91
C GLU H 151 54.69 -14.18 11.74
N ALA H 152 55.53 -14.83 12.55
CA ALA H 152 55.10 -15.96 13.36
C ALA H 152 54.65 -15.48 14.73
N LYS H 153 53.51 -15.96 15.20
CA LYS H 153 53.02 -15.71 16.55
C LYS H 153 52.79 -17.03 17.27
N THR H 154 52.77 -16.97 18.60
CA THR H 154 52.75 -18.16 19.44
C THR H 154 51.46 -18.18 20.26
N ASP H 155 50.77 -19.31 20.27
CA ASP H 155 49.57 -19.50 21.09
C ASP H 155 49.52 -20.93 21.59
N PRO H 156 49.46 -21.15 22.92
CA PRO H 156 49.31 -22.52 23.43
C PRO H 156 47.89 -23.05 23.32
N SER H 157 46.94 -22.25 22.86
CA SER H 157 45.57 -22.71 22.69
C SER H 157 45.45 -23.81 21.65
N ILE H 158 46.35 -23.85 20.66
CA ILE H 158 46.41 -24.95 19.71
C ILE H 158 47.21 -26.13 20.26
N LEU H 159 47.86 -25.95 21.41
CA LEU H 159 48.51 -27.02 22.18
C LEU H 159 49.38 -27.93 21.34
N GLY H 160 49.92 -27.43 20.24
CA GLY H 160 50.86 -28.20 19.46
C GLY H 160 50.68 -27.96 17.98
N GLY H 161 51.50 -28.66 17.20
CA GLY H 161 51.46 -28.55 15.76
C GLY H 161 51.91 -27.19 15.27
N MET H 162 51.40 -26.84 14.09
CA MET H 162 51.68 -25.55 13.47
C MET H 162 50.61 -25.22 12.45
N ILE H 163 50.42 -23.94 12.21
CA ILE H 163 49.45 -23.43 11.24
C ILE H 163 50.22 -22.57 10.25
N VAL H 164 50.16 -22.92 8.98
CA VAL H 164 50.81 -22.13 7.93
C VAL H 164 49.71 -21.46 7.10
N ARG H 165 49.55 -20.16 7.32
CA ARG H 165 48.64 -19.32 6.54
C ARG H 165 49.52 -18.47 5.64
N ILE H 166 49.76 -18.96 4.43
CA ILE H 166 50.61 -18.27 3.46
C ILE H 166 49.67 -17.62 2.45
N GLY H 167 49.51 -16.30 2.57
CA GLY H 167 48.58 -15.60 1.70
C GLY H 167 47.17 -16.07 1.91
N GLU H 168 46.63 -16.80 0.94
CA GLU H 168 45.33 -17.43 1.08
C GLU H 168 45.41 -18.93 1.29
N LYS H 169 46.54 -19.56 0.97
CA LYS H 169 46.71 -20.97 1.29
C LYS H 169 46.82 -21.14 2.80
N TYR H 170 46.30 -22.25 3.30
CA TYR H 170 46.13 -22.41 4.74
C TYR H 170 46.14 -23.89 5.09
N VAL H 171 47.25 -24.36 5.66
CA VAL H 171 47.35 -25.71 6.19
C VAL H 171 47.31 -25.64 7.71
N ASP H 172 46.50 -26.50 8.32
CA ASP H 172 46.33 -26.56 9.76
C ASP H 172 46.78 -27.93 10.25
N MET H 173 48.08 -28.08 10.48
CA MET H 173 48.64 -29.31 11.02
C MET H 173 48.65 -29.33 12.54
N SER H 174 47.99 -28.37 13.19
CA SER H 174 48.00 -28.32 14.64
C SER H 174 47.22 -29.48 15.24
N VAL H 175 47.62 -29.88 16.45
CA VAL H 175 46.96 -30.98 17.13
C VAL H 175 45.55 -30.62 17.58
N LYS H 176 45.20 -29.33 17.63
CA LYS H 176 43.83 -28.95 17.92
C LYS H 176 42.87 -29.44 16.84
N THR H 177 43.16 -29.10 15.57
CA THR H 177 42.35 -29.60 14.49
C THR H 177 42.42 -31.12 14.42
N LYS H 178 43.55 -31.70 14.80
CA LYS H 178 43.66 -33.16 14.84
C LYS H 178 42.68 -33.77 15.82
N ILE H 179 42.64 -33.26 17.05
CA ILE H 179 41.76 -33.85 18.05
C ILE H 179 40.31 -33.53 17.75
N GLN H 180 40.03 -32.39 17.11
CA GLN H 180 38.65 -32.12 16.69
C GLN H 180 38.21 -33.09 15.61
N LYS H 181 39.09 -33.38 14.64
CA LYS H 181 38.80 -34.40 13.66
C LYS H 181 38.59 -35.76 14.32
N LEU H 182 39.43 -36.09 15.31
CA LEU H 182 39.27 -37.34 16.04
C LEU H 182 37.90 -37.43 16.69
N GLY H 183 37.48 -36.37 17.37
CA GLY H 183 36.19 -36.40 18.04
C GLY H 183 35.03 -36.48 17.07
N ARG H 184 35.07 -35.67 16.00
CA ARG H 184 33.98 -35.70 15.02
C ARG H 184 33.91 -37.04 14.30
N ALA H 185 35.05 -37.73 14.19
CA ALA H 185 35.04 -39.04 13.54
C ALA H 185 34.57 -40.14 14.49
N MET H 186 34.98 -40.08 15.76
CA MET H 186 34.59 -41.12 16.71
C MET H 186 33.14 -40.96 17.14
N ARG H 187 32.57 -39.76 16.99
CA ARG H 187 31.15 -39.58 17.19
C ARG H 187 30.34 -39.89 15.93
N GLU H 188 30.97 -39.88 14.76
CA GLU H 188 30.27 -40.17 13.51
C GLU H 188 30.99 -41.27 12.73
PG ATP I . -1.03 -26.05 10.06
O1G ATP I . -0.43 -26.11 11.44
O2G ATP I . -1.76 -24.74 9.88
O3G ATP I . 0.07 -26.16 9.02
PB ATP I . -2.75 -27.66 8.41
O1B ATP I . -1.73 -28.34 7.55
O2B ATP I . -3.22 -26.41 7.76
O3B ATP I . -2.08 -27.30 9.86
PA ATP I . -3.95 -30.11 9.47
O1A ATP I . -3.58 -31.21 8.51
O2A ATP I . -2.90 -30.01 10.55
O3A ATP I . -4.06 -28.68 8.64
O5' ATP I . -5.41 -30.44 10.17
C5' ATP I . -5.75 -29.74 11.37
C4' ATP I . -6.64 -30.61 12.20
O4' ATP I . -7.84 -31.01 11.39
C3' ATP I . -5.90 -31.82 12.59
O3' ATP I . -5.97 -32.01 14.04
C2' ATP I . -6.53 -32.95 11.93
O2' ATP I . -6.68 -34.05 12.89
C1' ATP I . -7.86 -32.52 11.47
N9 ATP I . -8.13 -33.08 10.21
C8 ATP I . -7.32 -32.99 9.24
N7 ATP I . -7.84 -33.60 8.19
C5 ATP I . -9.06 -34.10 8.57
C6 ATP I . -10.07 -34.83 7.97
N6 ATP I . -9.96 -35.23 6.57
N1 ATP I . -11.13 -35.14 8.67
C2 ATP I . -11.25 -34.77 9.94
N3 ATP I . -10.31 -34.08 10.57
C4 ATP I . -9.21 -33.72 9.93
MG MG J . 0.28 -28.07 8.48
PG ATP K . -7.43 6.72 -27.78
O1G ATP K . -7.52 6.60 -26.30
O2G ATP K . -7.05 5.38 -28.39
O3G ATP K . -6.36 7.75 -28.15
PB ATP K . -9.38 8.78 -28.28
O1B ATP K . -8.24 9.67 -28.64
O2B ATP K . -9.83 9.06 -26.88
O3B ATP K . -8.89 7.22 -28.39
PA ATP K . -10.71 8.49 -30.88
O1A ATP K . -9.50 7.65 -31.16
O2A ATP K . -10.72 9.64 -31.85
O3A ATP K . -10.64 9.06 -29.33
O5' ATP K . -12.08 7.61 -31.08
C5' ATP K . -12.00 6.19 -31.14
C4' ATP K . -12.85 5.70 -32.25
O4' ATP K . -14.27 6.16 -32.04
C3' ATP K . -12.35 6.27 -33.53
O3' ATP K . -11.94 5.19 -34.42
C2' ATP K . -13.43 7.00 -34.14
O2' ATP K . -13.58 6.56 -35.53
C1' ATP K . -14.67 6.71 -33.39
N9 ATP K . -15.39 7.91 -33.23
C8 ATP K . -15.06 8.78 -32.37
N7 ATP K . -15.93 9.78 -32.46
C5 ATP K . -16.83 9.46 -33.45
C6 ATP K . -17.94 10.06 -34.02
N6 ATP K . -18.40 11.37 -33.55
N1 ATP K . -18.58 9.44 -34.97
C2 ATP K . -18.17 8.25 -35.40
N3 ATP K . -17.12 7.64 -34.91
C4 ATP K . -16.42 8.20 -33.93
MG MG L . -6.02 9.88 -28.69
PG ATP M . -11.01 19.45 16.99
O1G ATP M . -10.14 19.48 18.20
O2G ATP M . -10.30 18.73 15.86
O3G ATP M . -11.33 20.87 16.57
PB ATP M . -12.90 18.08 18.79
O1B ATP M . -12.02 18.64 19.87
O2B ATP M . -12.81 16.59 18.78
O3B ATP M . -12.43 18.66 17.32
PA ATP M . -14.89 19.88 19.93
O1A ATP M . -15.34 19.49 21.31
O2A ATP M . -13.69 20.80 20.06
O3A ATP M . -14.47 18.53 19.07
O5' ATP M . -16.10 20.67 19.16
C5' ATP M . -17.04 19.92 18.41
C4' ATP M . -18.29 20.71 18.26
O4' ATP M . -19.46 19.86 18.67
C3' ATP M . -18.23 21.88 19.16
O3' ATP M . -18.84 23.05 18.51
C2' ATP M . -19.03 21.54 20.32
O2' ATP M . -19.65 22.75 20.85
C1' ATP M . -20.04 20.59 19.86
N9 ATP M . -20.33 19.67 20.88
C8 ATP M . -19.44 18.90 21.38
N7 ATP M . -20.02 18.16 22.31
C5 ATP M . -21.35 18.51 22.35
C6 ATP M . -22.47 18.12 23.07
N6 ATP M . -22.36 17.08 24.09
N1 ATP M . -23.61 18.70 22.84
C2 ATP M . -23.73 19.65 21.91
N3 ATP M . -22.69 20.06 21.19
C4 ATP M . -21.51 19.52 21.38
MG MG N . -9.49 19.12 20.17
PB ADP O . -11.80 25.53 -8.09
O1B ADP O . -12.08 24.98 -6.69
O2B ADP O . -10.82 24.65 -8.79
O3B ADP O . -11.22 26.92 -7.98
PA ADP O . -14.06 27.00 -9.16
O1A ADP O . -14.23 27.74 -7.81
O2A ADP O . -13.32 27.90 -10.17
O3A ADP O . -13.20 25.60 -8.93
O5' ADP O . -15.57 26.61 -9.79
C5' ADP O . -15.81 26.94 -11.14
C4' ADP O . -16.82 26.02 -11.68
O4' ADP O . -17.60 25.39 -10.53
C3' ADP O . -17.76 26.77 -12.51
O3' ADP O . -17.42 26.57 -13.91
C2' ADP O . -19.08 26.21 -12.25
O2' ADP O . -19.36 25.18 -13.23
C1' ADP O . -19.04 25.59 -10.91
N9 ADP O . -19.67 26.44 -9.93
C8 ADP O . -19.04 26.86 -8.90
N7 ADP O . -19.88 27.62 -8.18
C5 ADP O . -21.07 27.66 -8.83
C6 ADP O . -22.27 28.24 -8.64
N6 ADP O . -22.50 29.09 -7.42
N1 ADP O . -23.25 28.04 -9.52
C2 ADP O . -23.05 27.28 -10.61
N3 ADP O . -21.92 26.70 -10.85
C4 ADP O . -20.89 26.85 -10.02
MG MG P . -9.67 27.85 -6.78
PB ADP Q . -4.85 -15.75 21.93
O1B ADP Q . -5.26 -17.18 22.07
O2B ADP Q . -5.13 -15.28 20.49
O3B ADP Q . -3.39 -15.60 22.23
PA ADP Q . -6.02 -13.24 22.72
O1A ADP Q . -6.81 -13.07 21.40
O2A ADP Q . -4.67 -12.48 22.63
O3A ADP Q . -5.72 -14.85 22.98
O5' ADP Q . -6.93 -12.64 24.00
C5' ADP Q . -7.05 -11.23 24.10
C4' ADP Q . -8.43 -10.92 24.50
O4' ADP Q . -8.49 -10.74 26.00
C3' ADP Q . -8.86 -9.67 23.89
O3' ADP Q . -9.61 -9.95 22.67
C2' ADP Q . -9.71 -9.00 24.87
O2' ADP Q . -11.12 -9.17 24.51
C1' ADP Q . -9.47 -9.62 26.18
N9 ADP Q . -8.92 -8.68 27.12
C8 ADP Q . -7.68 -8.33 27.11
N7 ADP Q . -7.50 -7.45 28.11
C5 ADP Q . -8.70 -7.28 28.73
C6 ADP Q . -9.17 -6.56 29.77
N6 ADP Q . -8.25 -5.66 30.54
N1 ADP Q . -10.45 -6.65 30.11
C2 ADP Q . -11.29 -7.46 29.43
N3 ADP Q . -10.90 -8.18 28.42
C4 ADP Q . -9.63 -8.14 28.03
MG MG R . -2.10 -12.95 21.51
#